data_7EG3
#
_entry.id   7EG3
#
_cell.length_a   90.800
_cell.length_b   98.020
_cell.length_c   121.420
_cell.angle_alpha   77.630
_cell.angle_beta   73.230
_cell.angle_gamma   75.220
#
_symmetry.space_group_name_H-M   'P 1'
#
loop_
_entity.id
_entity.type
_entity.pdbx_description
1 polymer Aequorin-2
2 non-polymer (2~{S})-6-(4-hydroxyphenyl)-2-[(4-hydroxyphenyl)methyl]-4-(phenylmethyl)-2,3-dihydroinden-1-one
3 water water
#
_entity_poly.entity_id   1
_entity_poly.type   'polypeptide(L)'
_entity_poly.pdbx_seq_one_letter_code
;ANSHHHHHHGKLTSDFDNPRWIGRHKHMFNFLDVNHNGKISLDEMVYKASDIVINNLGATPEQAKRHKDAVEAFFGGAGM
KYGVETDWPAYIEGWKKLATDELEKYAKNEPTLIRIWGDALFDIVDKDQNGAITLDEWKAYTKAAGIIQSSEDCEETFRV
CDIDESGQLDVDEMTRQHLGFWYTMDPACEKLYGGAVP
;
_entity_poly.pdbx_strand_id   A,B,C,D,E,F,G,H,I,J,K,L,M,N,O,P
#
loop_
_chem_comp.id
_chem_comp.type
_chem_comp.name
_chem_comp.formula
J2U non-polymer (2~{S})-6-(4-hydroxyphenyl)-2-[(4-hydroxyphenyl)methyl]-4-(phenylmethyl)-2,3-dihydroinden-1-one 'C29 H24 O3'
#
# COMPACT_ATOMS: atom_id res chain seq x y z
N GLY A 10 -15.94 -42.58 -16.24
CA GLY A 10 -14.68 -42.38 -16.94
C GLY A 10 -13.99 -43.67 -17.33
N LYS A 11 -12.69 -43.59 -17.58
CA LYS A 11 -11.92 -44.77 -17.99
C LYS A 11 -10.46 -44.50 -17.64
N LEU A 12 -9.91 -45.27 -16.71
CA LEU A 12 -8.52 -45.15 -16.29
C LEU A 12 -7.70 -46.38 -16.65
N THR A 13 -8.13 -47.14 -17.65
CA THR A 13 -7.39 -48.28 -18.16
C THR A 13 -6.86 -47.97 -19.55
N SER A 14 -5.63 -48.39 -19.81
CA SER A 14 -5.04 -48.19 -21.13
C SER A 14 -5.61 -49.20 -22.13
N ASP A 15 -5.36 -48.94 -23.41
CA ASP A 15 -5.82 -49.81 -24.48
C ASP A 15 -4.82 -49.72 -25.64
N PHE A 16 -3.54 -49.98 -25.33
CA PHE A 16 -2.47 -49.78 -26.30
C PHE A 16 -2.48 -50.81 -27.43
N ASP A 17 -3.12 -51.96 -27.22
CA ASP A 17 -3.23 -52.95 -28.29
C ASP A 17 -4.39 -52.65 -29.24
N ASN A 18 -5.22 -51.67 -28.93
CA ASN A 18 -6.29 -51.26 -29.83
C ASN A 18 -5.68 -50.68 -31.10
N PRO A 19 -5.92 -51.28 -32.27
CA PRO A 19 -5.33 -50.73 -33.50
C PRO A 19 -5.79 -49.32 -33.83
N ARG A 20 -6.94 -48.89 -33.32
CA ARG A 20 -7.39 -47.52 -33.54
C ARG A 20 -6.69 -46.53 -32.63
N TRP A 21 -6.12 -46.98 -31.52
CA TRP A 21 -5.27 -46.12 -30.71
C TRP A 21 -3.92 -45.91 -31.39
N ILE A 22 -3.33 -47.00 -31.89
CA ILE A 22 -2.10 -46.90 -32.69
C ILE A 22 -2.33 -46.02 -33.91
N GLY A 23 -3.47 -46.23 -34.59
CA GLY A 23 -3.76 -45.46 -35.78
C GLY A 23 -4.03 -43.99 -35.51
N ARG A 24 -4.59 -43.69 -34.33
CA ARG A 24 -4.82 -42.29 -33.97
C ARG A 24 -3.51 -41.54 -33.84
N HIS A 25 -2.53 -42.13 -33.13
CA HIS A 25 -1.25 -41.47 -32.93
C HIS A 25 -0.35 -41.58 -34.16
N LYS A 26 -0.50 -42.66 -34.95
CA LYS A 26 0.21 -42.72 -36.21
C LYS A 26 -0.25 -41.61 -37.15
N HIS A 27 -1.55 -41.33 -37.16
CA HIS A 27 -2.06 -40.17 -37.90
C HIS A 27 -1.39 -38.90 -37.40
N MET A 28 -1.30 -38.72 -36.09
CA MET A 28 -0.67 -37.53 -35.54
C MET A 28 0.82 -37.49 -35.89
N PHE A 29 1.50 -38.63 -35.80
CA PHE A 29 2.92 -38.68 -36.13
C PHE A 29 3.17 -38.24 -37.57
N ASN A 30 2.40 -38.79 -38.51
CA ASN A 30 2.55 -38.38 -39.90
C ASN A 30 2.15 -36.92 -40.11
N PHE A 31 1.20 -36.43 -39.32
CA PHE A 31 0.84 -35.02 -39.38
C PHE A 31 1.96 -34.13 -38.87
N LEU A 32 2.67 -34.59 -37.84
CA LEU A 32 3.78 -33.84 -37.28
C LEU A 32 5.05 -33.93 -38.12
N ASP A 33 5.20 -35.00 -38.90
CA ASP A 33 6.39 -35.20 -39.74
C ASP A 33 6.18 -34.52 -41.09
N VAL A 34 6.15 -33.18 -41.05
CA VAL A 34 5.79 -32.41 -42.23
C VAL A 34 6.83 -32.52 -43.34
N ASN A 35 8.08 -32.86 -43.01
CA ASN A 35 9.12 -33.01 -44.02
C ASN A 35 9.37 -34.47 -44.38
N HIS A 36 8.48 -35.37 -43.98
CA HIS A 36 8.49 -36.78 -44.39
C HIS A 36 9.87 -37.42 -44.13
N ASN A 37 10.40 -37.17 -42.94
CA ASN A 37 11.68 -37.76 -42.55
C ASN A 37 11.52 -39.09 -41.84
N GLY A 38 10.29 -39.51 -41.55
CA GLY A 38 10.06 -40.68 -40.74
C GLY A 38 10.45 -40.51 -39.29
N LYS A 39 10.84 -39.31 -38.87
CA LYS A 39 11.27 -39.07 -37.50
C LYS A 39 11.09 -37.59 -37.19
N ILE A 40 10.72 -37.31 -35.94
CA ILE A 40 10.50 -35.96 -35.46
C ILE A 40 11.29 -35.75 -34.18
N SER A 41 11.60 -34.49 -33.89
CA SER A 41 12.42 -34.13 -32.76
C SER A 41 11.65 -33.23 -31.81
N LEU A 42 12.13 -33.14 -30.56
CA LEU A 42 11.52 -32.22 -29.61
C LEU A 42 11.73 -30.78 -30.03
N ASP A 43 12.84 -30.48 -30.73
CA ASP A 43 13.05 -29.15 -31.27
C ASP A 43 11.91 -28.76 -32.20
N GLU A 44 11.51 -29.68 -33.09
CA GLU A 44 10.45 -29.37 -34.05
C GLU A 44 9.11 -29.14 -33.34
N MET A 45 8.79 -29.98 -32.35
CA MET A 45 7.49 -29.89 -31.69
C MET A 45 7.36 -28.60 -30.90
N VAL A 46 8.40 -28.26 -30.12
CA VAL A 46 8.34 -27.03 -29.33
C VAL A 46 8.39 -25.80 -30.23
N TYR A 47 9.09 -25.88 -31.37
CA TYR A 47 9.08 -24.75 -32.29
C TYR A 47 7.69 -24.53 -32.86
N LYS A 48 7.06 -25.59 -33.39
CA LYS A 48 5.70 -25.47 -33.92
C LYS A 48 4.76 -24.88 -32.88
N ALA A 49 4.80 -25.43 -31.66
CA ALA A 49 3.89 -24.97 -30.61
C ALA A 49 4.11 -23.49 -30.29
N SER A 50 5.36 -23.10 -30.07
CA SER A 50 5.66 -21.71 -29.72
C SER A 50 5.41 -20.77 -30.90
N ASP A 51 5.64 -21.23 -32.14
CA ASP A 51 5.38 -20.39 -33.30
C ASP A 51 3.91 -20.01 -33.37
N ILE A 52 3.01 -20.94 -33.03
CA ILE A 52 1.58 -20.69 -33.10
C ILE A 52 1.18 -19.58 -32.12
N VAL A 53 1.50 -19.77 -30.84
CA VAL A 53 0.96 -18.85 -29.83
C VAL A 53 1.63 -17.48 -29.93
N ILE A 54 2.88 -17.42 -30.40
CA ILE A 54 3.59 -16.15 -30.45
C ILE A 54 3.25 -15.40 -31.73
N ASN A 55 3.31 -16.08 -32.88
CA ASN A 55 3.20 -15.42 -34.16
C ASN A 55 1.80 -15.44 -34.77
N ASN A 56 0.91 -16.30 -34.27
CA ASN A 56 -0.48 -16.31 -34.74
C ASN A 56 -1.47 -15.80 -33.70
N LEU A 57 -1.22 -16.06 -32.42
CA LEU A 57 -2.18 -15.75 -31.37
C LEU A 57 -1.73 -14.63 -30.45
N GLY A 58 -0.57 -14.02 -30.71
CA GLY A 58 -0.14 -12.85 -29.97
C GLY A 58 0.11 -13.08 -28.49
N ALA A 59 0.76 -14.19 -28.15
CA ALA A 59 1.08 -14.48 -26.76
C ALA A 59 2.15 -13.53 -26.25
N THR A 60 2.00 -13.07 -25.01
CA THR A 60 3.02 -12.29 -24.37
C THR A 60 4.21 -13.20 -24.01
N PRO A 61 5.41 -12.63 -23.85
CA PRO A 61 6.56 -13.47 -23.49
C PRO A 61 6.34 -14.30 -22.24
N GLU A 62 5.63 -13.75 -21.25
CA GLU A 62 5.32 -14.52 -20.06
C GLU A 62 4.43 -15.71 -20.39
N GLN A 63 3.36 -15.47 -21.17
CA GLN A 63 2.47 -16.56 -21.58
C GLN A 63 3.21 -17.59 -22.41
N ALA A 64 4.07 -17.13 -23.32
CA ALA A 64 4.78 -18.04 -24.21
C ALA A 64 5.73 -18.94 -23.43
N LYS A 65 6.40 -18.40 -22.42
CA LYS A 65 7.31 -19.19 -21.61
C LYS A 65 6.56 -20.29 -20.86
N ARG A 66 5.44 -19.92 -20.22
CA ARG A 66 4.59 -20.92 -19.57
C ARG A 66 4.14 -21.98 -20.55
N HIS A 67 3.62 -21.56 -21.70
CA HIS A 67 3.17 -22.51 -22.72
C HIS A 67 4.32 -23.37 -23.23
N LYS A 68 5.52 -22.78 -23.36
CA LYS A 68 6.67 -23.53 -23.86
C LYS A 68 7.05 -24.66 -22.91
N ASP A 69 7.11 -24.36 -21.61
CA ASP A 69 7.46 -25.39 -20.63
C ASP A 69 6.43 -26.52 -20.63
N ALA A 70 5.16 -26.20 -20.92
CA ALA A 70 4.11 -27.21 -20.88
C ALA A 70 4.21 -28.14 -22.08
N VAL A 71 4.37 -27.57 -23.28
CA VAL A 71 4.55 -28.39 -24.48
C VAL A 71 5.80 -29.23 -24.37
N GLU A 72 6.89 -28.63 -23.90
CA GLU A 72 8.15 -29.34 -23.72
C GLU A 72 7.95 -30.54 -22.79
N ALA A 73 7.27 -30.34 -21.67
CA ALA A 73 7.03 -31.44 -20.74
C ALA A 73 6.15 -32.51 -21.39
N PHE A 74 5.11 -32.10 -22.12
CA PHE A 74 4.16 -33.04 -22.69
C PHE A 74 4.86 -33.99 -23.68
N PHE A 75 5.50 -33.42 -24.70
CA PHE A 75 6.20 -34.27 -25.66
C PHE A 75 7.42 -34.94 -25.05
N GLY A 76 8.04 -34.30 -24.05
CA GLY A 76 9.10 -34.96 -23.32
C GLY A 76 8.60 -36.15 -22.54
N GLY A 77 7.34 -36.12 -22.11
CA GLY A 77 6.74 -37.28 -21.47
C GLY A 77 6.58 -38.45 -22.40
N ALA A 78 6.55 -38.22 -23.72
CA ALA A 78 6.52 -39.28 -24.71
C ALA A 78 7.92 -39.73 -25.12
N GLY A 79 8.95 -39.33 -24.39
CA GLY A 79 10.30 -39.77 -24.64
C GLY A 79 11.09 -38.91 -25.60
N MET A 80 10.48 -37.90 -26.21
CA MET A 80 11.21 -37.04 -27.14
C MET A 80 12.17 -36.13 -26.38
N LYS A 81 13.30 -35.85 -27.01
CA LYS A 81 14.36 -35.06 -26.39
C LYS A 81 14.93 -34.09 -27.42
N TYR A 82 15.48 -32.98 -26.93
CA TYR A 82 16.13 -32.01 -27.81
C TYR A 82 17.36 -32.64 -28.46
N GLY A 83 17.50 -32.41 -29.77
CA GLY A 83 18.61 -32.97 -30.52
C GLY A 83 18.47 -34.43 -30.88
N VAL A 84 17.35 -35.07 -30.53
CA VAL A 84 17.11 -36.48 -30.83
C VAL A 84 15.96 -36.57 -31.81
N GLU A 85 16.16 -37.35 -32.88
CA GLU A 85 15.11 -37.63 -33.85
C GLU A 85 14.41 -38.92 -33.46
N THR A 86 13.09 -38.85 -33.28
CA THR A 86 12.29 -39.97 -32.79
C THR A 86 11.52 -40.57 -33.97
N ASP A 87 11.87 -41.80 -34.34
CA ASP A 87 11.17 -42.49 -35.42
C ASP A 87 9.85 -43.07 -34.88
N TRP A 88 9.05 -43.63 -35.80
CA TRP A 88 7.74 -44.12 -35.42
C TRP A 88 7.78 -45.24 -34.37
N PRO A 89 8.63 -46.27 -34.49
CA PRO A 89 8.66 -47.28 -33.42
C PRO A 89 8.99 -46.70 -32.05
N ALA A 90 10.01 -45.86 -31.95
CA ALA A 90 10.32 -45.25 -30.66
C ALA A 90 9.25 -44.24 -30.26
N TYR A 91 8.56 -43.66 -31.23
CA TYR A 91 7.50 -42.70 -30.93
C TYR A 91 6.34 -43.36 -30.21
N ILE A 92 5.74 -44.38 -30.82
CA ILE A 92 4.58 -45.02 -30.22
C ILE A 92 4.94 -45.73 -28.93
N GLU A 93 6.17 -46.27 -28.85
CA GLU A 93 6.63 -46.86 -27.59
C GLU A 93 6.70 -45.80 -26.50
N GLY A 94 7.20 -44.60 -26.84
CA GLY A 94 7.22 -43.53 -25.88
C GLY A 94 5.84 -43.00 -25.53
N TRP A 95 4.90 -43.09 -26.48
CA TRP A 95 3.55 -42.63 -26.20
C TRP A 95 2.81 -43.57 -25.24
N LYS A 96 3.17 -44.86 -25.24
CA LYS A 96 2.61 -45.76 -24.24
C LYS A 96 3.07 -45.35 -22.84
N LYS A 97 4.33 -44.95 -22.71
CA LYS A 97 4.83 -44.48 -21.41
C LYS A 97 4.19 -43.16 -21.01
N LEU A 98 3.93 -42.28 -21.98
CA LEU A 98 3.26 -41.02 -21.66
C LEU A 98 1.84 -41.25 -21.18
N ALA A 99 1.08 -42.06 -21.92
CA ALA A 99 -0.29 -42.37 -21.50
C ALA A 99 -0.31 -43.03 -20.14
N THR A 100 0.65 -43.92 -19.88
CA THR A 100 0.71 -44.59 -18.59
C THR A 100 0.99 -43.61 -17.46
N ASP A 101 1.90 -42.66 -17.69
CA ASP A 101 2.19 -41.65 -16.68
C ASP A 101 1.03 -40.69 -16.50
N GLU A 102 0.37 -40.32 -17.59
CA GLU A 102 -0.81 -39.46 -17.50
C GLU A 102 -1.95 -40.16 -16.76
N LEU A 103 -2.14 -41.46 -17.04
CA LEU A 103 -3.18 -42.20 -16.34
C LEU A 103 -2.89 -42.35 -14.85
N GLU A 104 -1.61 -42.44 -14.47
CA GLU A 104 -1.27 -42.44 -13.05
C GLU A 104 -1.57 -41.09 -12.41
N LYS A 105 -1.34 -40.00 -13.15
CA LYS A 105 -1.66 -38.67 -12.60
C LYS A 105 -3.16 -38.48 -12.47
N TYR A 106 -3.92 -38.88 -13.50
CA TYR A 106 -5.38 -38.85 -13.40
C TYR A 106 -5.87 -39.57 -12.15
N ALA A 107 -5.33 -40.77 -11.89
CA ALA A 107 -5.78 -41.56 -10.77
C ALA A 107 -5.40 -40.93 -9.44
N LYS A 108 -4.20 -40.35 -9.36
CA LYS A 108 -3.76 -39.66 -8.15
C LYS A 108 -4.35 -38.26 -8.01
N ASN A 109 -5.22 -37.84 -8.93
CA ASN A 109 -5.77 -36.49 -8.94
C ASN A 109 -4.67 -35.44 -8.88
N GLU A 110 -3.60 -35.70 -9.61
CA GLU A 110 -2.37 -34.96 -9.86
C GLU A 110 -2.49 -34.20 -11.16
N PRO A 111 -2.02 -32.95 -11.23
CA PRO A 111 -2.10 -32.19 -12.49
C PRO A 111 -1.38 -32.92 -13.60
N THR A 112 -2.13 -33.27 -14.64
CA THR A 112 -1.55 -34.00 -15.77
C THR A 112 -0.85 -33.04 -16.72
N LEU A 113 0.04 -33.61 -17.54
CA LEU A 113 0.73 -32.81 -18.54
C LEU A 113 -0.23 -32.23 -19.55
N ILE A 114 -1.30 -32.95 -19.87
CA ILE A 114 -2.25 -32.45 -20.86
C ILE A 114 -3.09 -31.31 -20.28
N ARG A 115 -3.38 -31.35 -18.98
CA ARG A 115 -4.06 -30.23 -18.34
C ARG A 115 -3.15 -29.01 -18.27
N ILE A 116 -1.88 -29.22 -17.90
CA ILE A 116 -0.96 -28.09 -17.75
C ILE A 116 -0.76 -27.38 -19.08
N TRP A 117 -0.73 -28.14 -20.18
CA TRP A 117 -0.64 -27.52 -21.50
C TRP A 117 -1.91 -26.73 -21.81
N GLY A 118 -3.08 -27.32 -21.53
CA GLY A 118 -4.33 -26.63 -21.80
C GLY A 118 -4.44 -25.32 -21.04
N ASP A 119 -4.16 -25.36 -19.74
CA ASP A 119 -4.21 -24.14 -18.93
C ASP A 119 -3.31 -23.05 -19.50
N ALA A 120 -2.07 -23.41 -19.83
CA ALA A 120 -1.16 -22.43 -20.41
C ALA A 120 -1.64 -21.96 -21.77
N LEU A 121 -2.21 -22.87 -22.57
CA LEU A 121 -2.66 -22.50 -23.91
C LEU A 121 -3.93 -21.66 -23.86
N PHE A 122 -4.93 -22.09 -23.08
CA PHE A 122 -6.19 -21.36 -23.05
C PHE A 122 -6.02 -19.96 -22.52
N ASP A 123 -5.02 -19.73 -21.66
CA ASP A 123 -4.74 -18.37 -21.23
C ASP A 123 -4.36 -17.48 -22.42
N ILE A 124 -3.77 -18.07 -23.45
CA ILE A 124 -3.46 -17.31 -24.67
C ILE A 124 -4.67 -17.26 -25.59
N VAL A 125 -5.32 -18.40 -25.82
CA VAL A 125 -6.38 -18.46 -26.82
C VAL A 125 -7.60 -17.67 -26.35
N ASP A 126 -7.89 -17.70 -25.06
CA ASP A 126 -9.00 -16.91 -24.50
C ASP A 126 -8.59 -15.45 -24.40
N LYS A 127 -9.27 -14.59 -25.16
CA LYS A 127 -8.94 -13.17 -25.13
C LYS A 127 -9.21 -12.55 -23.77
N ASP A 128 -10.18 -13.08 -23.02
CA ASP A 128 -10.43 -12.61 -21.67
C ASP A 128 -9.51 -13.25 -20.65
N GLN A 129 -8.75 -14.27 -21.04
CA GLN A 129 -7.79 -14.94 -20.17
C GLN A 129 -8.45 -15.46 -18.90
N ASN A 130 -9.58 -16.15 -19.08
CA ASN A 130 -10.32 -16.75 -17.97
C ASN A 130 -10.41 -18.26 -18.09
N GLY A 131 -9.62 -18.87 -18.96
CA GLY A 131 -9.63 -20.32 -19.10
C GLY A 131 -10.87 -20.87 -19.78
N ALA A 132 -11.43 -20.13 -20.75
CA ALA A 132 -12.57 -20.61 -21.50
C ALA A 132 -12.56 -19.96 -22.88
N ILE A 133 -12.57 -20.77 -23.93
CA ILE A 133 -12.44 -20.27 -25.29
C ILE A 133 -13.74 -20.47 -26.06
N THR A 134 -14.02 -19.53 -26.96
CA THR A 134 -15.19 -19.60 -27.82
C THR A 134 -14.91 -20.53 -29.00
N LEU A 135 -15.93 -20.71 -29.84
CA LEU A 135 -15.77 -21.54 -31.02
C LEU A 135 -14.85 -20.87 -32.04
N ASP A 136 -14.97 -19.55 -32.22
CA ASP A 136 -14.09 -18.85 -33.14
C ASP A 136 -12.65 -18.92 -32.69
N GLU A 137 -12.41 -18.84 -31.38
CA GLU A 137 -11.05 -18.96 -30.86
C GLU A 137 -10.51 -20.37 -31.03
N TRP A 138 -11.38 -21.39 -30.91
CA TRP A 138 -10.94 -22.76 -31.14
C TRP A 138 -10.66 -23.01 -32.61
N LYS A 139 -11.45 -22.39 -33.49
CA LYS A 139 -11.14 -22.44 -34.93
C LYS A 139 -9.82 -21.74 -35.22
N ALA A 140 -9.55 -20.64 -34.51
CA ALA A 140 -8.29 -19.91 -34.72
C ALA A 140 -7.10 -20.77 -34.37
N TYR A 141 -7.14 -21.45 -33.22
CA TYR A 141 -5.97 -22.22 -32.79
C TYR A 141 -5.79 -23.48 -33.64
N THR A 142 -6.85 -24.29 -33.76
CA THR A 142 -6.71 -25.58 -34.43
C THR A 142 -6.36 -25.43 -35.91
N LYS A 143 -6.80 -24.35 -36.55
CA LYS A 143 -6.43 -24.15 -37.95
C LYS A 143 -4.99 -23.65 -38.07
N ALA A 144 -4.54 -22.80 -37.15
CA ALA A 144 -3.13 -22.41 -37.14
C ALA A 144 -2.23 -23.60 -36.82
N ALA A 145 -2.66 -24.47 -35.90
CA ALA A 145 -1.91 -25.69 -35.63
C ALA A 145 -2.00 -26.70 -36.77
N GLY A 146 -3.01 -26.59 -37.62
CA GLY A 146 -3.24 -27.56 -38.66
C GLY A 146 -3.90 -28.85 -38.20
N ILE A 147 -4.11 -29.03 -36.90
CA ILE A 147 -4.69 -30.29 -36.43
C ILE A 147 -6.13 -30.42 -36.93
N ILE A 148 -6.82 -29.31 -37.15
CA ILE A 148 -8.13 -29.30 -37.78
C ILE A 148 -8.08 -28.33 -38.96
N GLN A 149 -8.65 -28.73 -40.09
CA GLN A 149 -8.64 -27.92 -41.30
C GLN A 149 -9.97 -27.22 -41.56
N SER A 150 -11.09 -27.91 -41.37
CA SER A 150 -12.39 -27.35 -41.71
C SER A 150 -13.08 -26.79 -40.47
N SER A 151 -13.89 -25.75 -40.68
CA SER A 151 -14.73 -25.23 -39.61
C SER A 151 -15.77 -26.24 -39.16
N GLU A 152 -16.15 -27.19 -40.03
CA GLU A 152 -17.10 -28.21 -39.65
C GLU A 152 -16.53 -29.12 -38.56
N ASP A 153 -15.26 -29.51 -38.70
CA ASP A 153 -14.64 -30.35 -37.67
C ASP A 153 -14.43 -29.59 -36.37
N CYS A 154 -14.22 -28.27 -36.44
CA CYS A 154 -14.11 -27.48 -35.22
C CYS A 154 -15.43 -27.44 -34.45
N GLU A 155 -16.56 -27.43 -35.17
CA GLU A 155 -17.86 -27.42 -34.52
C GLU A 155 -18.15 -28.75 -33.83
N GLU A 156 -17.64 -29.86 -34.37
CA GLU A 156 -17.82 -31.15 -33.72
C GLU A 156 -17.21 -31.18 -32.33
N THR A 157 -16.12 -30.42 -32.11
CA THR A 157 -15.53 -30.35 -30.78
C THR A 157 -16.53 -29.83 -29.76
N PHE A 158 -17.21 -28.73 -30.09
CA PHE A 158 -18.18 -28.14 -29.17
C PHE A 158 -19.46 -28.96 -29.05
N ARG A 159 -19.66 -29.94 -29.94
CA ARG A 159 -20.75 -30.89 -29.76
C ARG A 159 -20.35 -32.00 -28.80
N VAL A 160 -19.13 -32.53 -28.95
CA VAL A 160 -18.67 -33.60 -28.06
C VAL A 160 -18.45 -33.08 -26.65
N CYS A 161 -17.89 -31.88 -26.52
CA CYS A 161 -17.52 -31.34 -25.21
C CYS A 161 -18.75 -30.76 -24.50
N ASP A 162 -18.75 -30.91 -23.17
CA ASP A 162 -19.77 -30.30 -22.33
C ASP A 162 -19.44 -28.82 -22.17
N ILE A 163 -19.92 -28.03 -23.13
CA ILE A 163 -19.69 -26.59 -23.12
C ILE A 163 -20.49 -25.94 -22.01
N ASP A 164 -19.95 -24.85 -21.43
CA ASP A 164 -20.66 -24.14 -20.37
C ASP A 164 -21.76 -23.27 -20.97
N GLU A 165 -22.39 -22.44 -20.14
CA GLU A 165 -23.56 -21.68 -20.56
C GLU A 165 -23.24 -20.48 -21.44
N SER A 166 -21.95 -20.18 -21.67
CA SER A 166 -21.60 -18.97 -22.41
C SER A 166 -22.02 -19.02 -23.88
N GLY A 167 -21.67 -20.07 -24.63
CA GLY A 167 -20.96 -21.26 -24.20
C GLY A 167 -19.52 -21.37 -24.68
N GLN A 168 -18.61 -21.55 -23.73
CA GLN A 168 -17.19 -21.67 -24.01
C GLN A 168 -16.66 -23.01 -23.50
N LEU A 169 -15.49 -23.38 -24.03
CA LEU A 169 -14.81 -24.61 -23.64
C LEU A 169 -13.69 -24.28 -22.66
N ASP A 170 -13.66 -24.98 -21.54
CA ASP A 170 -12.62 -24.78 -20.55
C ASP A 170 -11.68 -25.98 -20.49
N VAL A 171 -10.60 -25.83 -19.72
CA VAL A 171 -9.59 -26.88 -19.63
C VAL A 171 -10.11 -28.09 -18.87
N ASP A 172 -10.97 -27.87 -17.87
CA ASP A 172 -11.57 -28.98 -17.14
C ASP A 172 -12.26 -29.96 -18.09
N GLU A 173 -13.17 -29.45 -18.92
CA GLU A 173 -13.89 -30.30 -19.85
C GLU A 173 -12.95 -30.90 -20.90
N MET A 174 -12.01 -30.09 -21.41
CA MET A 174 -11.13 -30.59 -22.46
C MET A 174 -10.17 -31.64 -21.92
N THR A 175 -9.71 -31.49 -20.68
CA THR A 175 -8.86 -32.51 -20.06
C THR A 175 -9.63 -33.82 -19.94
N ARG A 176 -10.93 -33.74 -19.63
CA ARG A 176 -11.76 -34.94 -19.56
C ARG A 176 -11.88 -35.60 -20.94
N GLN A 177 -12.13 -34.80 -21.98
CA GLN A 177 -12.21 -35.36 -23.32
C GLN A 177 -10.88 -35.92 -23.79
N HIS A 178 -9.78 -35.21 -23.48
CA HIS A 178 -8.47 -35.67 -23.92
C HIS A 178 -8.04 -36.95 -23.22
N LEU A 179 -8.50 -37.16 -21.98
CA LEU A 179 -8.25 -38.42 -21.30
C LEU A 179 -8.73 -39.60 -22.13
N GLY A 180 -9.97 -39.52 -22.63
CA GLY A 180 -10.50 -40.61 -23.43
C GLY A 180 -10.07 -40.60 -24.88
N PHE A 181 -9.61 -39.46 -25.39
CA PHE A 181 -9.29 -39.37 -26.81
C PHE A 181 -7.83 -39.71 -27.10
N TRP A 182 -6.89 -39.25 -26.26
CA TRP A 182 -5.49 -39.56 -26.49
C TRP A 182 -5.02 -40.79 -25.74
N TYR A 183 -5.63 -41.13 -24.61
CA TYR A 183 -5.06 -42.10 -23.67
C TYR A 183 -5.83 -43.40 -23.58
N THR A 184 -7.15 -43.38 -23.47
CA THR A 184 -7.90 -44.59 -23.14
C THR A 184 -8.88 -45.06 -24.22
N MET A 185 -9.04 -44.31 -25.31
CA MET A 185 -9.94 -44.69 -26.41
C MET A 185 -11.40 -44.80 -25.94
N ASP A 186 -11.82 -43.80 -25.17
CA ASP A 186 -13.20 -43.77 -24.68
C ASP A 186 -14.16 -43.59 -25.85
N PRO A 187 -15.11 -44.49 -26.07
CA PRO A 187 -16.03 -44.33 -27.21
C PRO A 187 -16.80 -43.01 -27.19
N ALA A 188 -17.12 -42.49 -26.00
CA ALA A 188 -17.85 -41.24 -25.89
C ALA A 188 -17.02 -40.03 -26.32
N CYS A 189 -15.70 -40.17 -26.43
CA CYS A 189 -14.83 -39.08 -26.83
C CYS A 189 -14.49 -39.11 -28.32
N GLU A 190 -15.15 -39.96 -29.09
CA GLU A 190 -14.92 -40.00 -30.53
C GLU A 190 -15.32 -38.67 -31.17
N LYS A 191 -14.69 -38.38 -32.30
CA LYS A 191 -14.94 -37.17 -33.09
C LYS A 191 -14.62 -35.89 -32.32
N LEU A 192 -13.74 -35.97 -31.32
CA LEU A 192 -13.40 -34.79 -30.53
C LEU A 192 -12.80 -33.69 -31.41
N TYR A 193 -12.03 -34.07 -32.43
CA TYR A 193 -11.53 -33.14 -33.43
C TYR A 193 -12.25 -33.33 -34.77
N GLY A 194 -13.53 -33.68 -34.72
CA GLY A 194 -14.28 -33.94 -35.93
C GLY A 194 -13.75 -35.15 -36.66
N GLY A 195 -13.74 -35.08 -37.99
CA GLY A 195 -13.12 -36.08 -38.81
C GLY A 195 -11.68 -35.81 -39.13
N ALA A 196 -11.08 -34.78 -38.51
CA ALA A 196 -9.70 -34.43 -38.82
C ALA A 196 -8.72 -35.42 -38.21
N VAL A 197 -9.05 -35.98 -37.05
CA VAL A 197 -8.20 -36.95 -36.36
C VAL A 197 -9.02 -38.22 -36.15
N PRO A 198 -8.63 -39.35 -36.75
CA PRO A 198 -9.35 -40.62 -36.63
C PRO A 198 -9.27 -41.21 -35.23
N GLY B 10 -38.63 -4.05 -26.63
CA GLY B 10 -37.43 -3.97 -27.45
C GLY B 10 -36.74 -5.32 -27.65
N LYS B 11 -35.54 -5.27 -28.20
CA LYS B 11 -34.77 -6.47 -28.50
C LYS B 11 -33.32 -6.20 -28.15
N LEU B 12 -32.75 -7.06 -27.29
CA LEU B 12 -31.36 -6.93 -26.86
C LEU B 12 -30.49 -8.07 -27.37
N THR B 13 -30.99 -8.90 -28.28
CA THR B 13 -30.25 -10.04 -28.80
C THR B 13 -29.68 -9.68 -30.17
N SER B 14 -28.39 -9.94 -30.34
CA SER B 14 -27.74 -9.67 -31.62
C SER B 14 -28.22 -10.68 -32.67
N ASP B 15 -27.95 -10.35 -33.92
CA ASP B 15 -28.36 -11.19 -35.05
C ASP B 15 -27.38 -10.94 -36.21
N PHE B 16 -26.09 -11.15 -35.93
CA PHE B 16 -25.06 -10.81 -36.92
C PHE B 16 -25.03 -11.80 -38.08
N ASP B 17 -25.54 -13.02 -37.91
CA ASP B 17 -25.63 -13.97 -39.00
C ASP B 17 -26.82 -13.72 -39.92
N ASN B 18 -27.69 -12.77 -39.56
CA ASN B 18 -28.82 -12.42 -40.43
C ASN B 18 -28.28 -11.79 -41.71
N PRO B 19 -28.61 -12.35 -42.88
CA PRO B 19 -28.11 -11.75 -44.13
C PRO B 19 -28.64 -10.36 -44.38
N ARG B 20 -29.82 -10.02 -43.87
CA ARG B 20 -30.35 -8.67 -44.04
C ARG B 20 -29.64 -7.66 -43.15
N TRP B 21 -29.05 -8.11 -42.04
CA TRP B 21 -28.20 -7.22 -41.24
C TRP B 21 -26.89 -6.94 -41.98
N ILE B 22 -26.33 -7.95 -42.64
CA ILE B 22 -25.13 -7.74 -43.44
C ILE B 22 -25.42 -6.79 -44.59
N GLY B 23 -26.51 -7.06 -45.33
CA GLY B 23 -26.84 -6.22 -46.47
C GLY B 23 -27.23 -4.81 -46.11
N ARG B 24 -27.82 -4.62 -44.92
CA ARG B 24 -28.16 -3.27 -44.47
C ARG B 24 -26.90 -2.43 -44.27
N HIS B 25 -25.92 -2.96 -43.56
CA HIS B 25 -24.66 -2.25 -43.36
C HIS B 25 -23.77 -2.30 -44.59
N LYS B 26 -23.97 -3.30 -45.48
CA LYS B 26 -23.29 -3.27 -46.76
C LYS B 26 -23.82 -2.12 -47.62
N HIS B 27 -25.14 -1.89 -47.57
CA HIS B 27 -25.71 -0.74 -48.27
C HIS B 27 -25.12 0.58 -47.76
N MET B 28 -24.99 0.71 -46.43
CA MET B 28 -24.41 1.92 -45.86
C MET B 28 -22.94 2.06 -46.25
N PHE B 29 -22.20 0.95 -46.27
CA PHE B 29 -20.79 1.00 -46.62
C PHE B 29 -20.60 1.53 -48.04
N ASN B 30 -21.36 1.00 -49.00
CA ASN B 30 -21.27 1.51 -50.37
C ASN B 30 -21.76 2.94 -50.46
N PHE B 31 -22.77 3.31 -49.68
CA PHE B 31 -23.23 4.69 -49.64
C PHE B 31 -22.15 5.61 -49.09
N LEU B 32 -21.37 5.13 -48.12
CA LEU B 32 -20.29 5.94 -47.57
C LEU B 32 -19.08 5.99 -48.49
N ASP B 33 -18.88 4.95 -49.31
CA ASP B 33 -17.75 4.91 -50.25
C ASP B 33 -18.12 5.65 -51.52
N VAL B 34 -18.13 6.99 -51.41
CA VAL B 34 -18.56 7.82 -52.53
C VAL B 34 -17.53 7.85 -53.65
N ASN B 35 -16.27 7.54 -53.36
CA ASN B 35 -15.23 7.50 -54.38
C ASN B 35 -14.91 6.09 -54.84
N HIS B 36 -15.69 5.09 -54.41
CA HIS B 36 -15.59 3.72 -54.91
C HIS B 36 -14.20 3.12 -54.68
N ASN B 37 -13.61 3.41 -53.53
CA ASN B 37 -12.29 2.90 -53.20
C ASN B 37 -12.33 1.51 -52.56
N GLY B 38 -13.51 0.99 -52.25
CA GLY B 38 -13.61 -0.22 -51.46
C GLY B 38 -13.17 -0.06 -50.02
N LYS B 39 -12.77 1.14 -49.61
CA LYS B 39 -12.34 1.41 -48.25
C LYS B 39 -12.87 2.78 -47.83
N ILE B 40 -13.08 2.94 -46.53
CA ILE B 40 -13.43 4.23 -45.95
C ILE B 40 -12.59 4.41 -44.69
N SER B 41 -12.35 5.67 -44.34
CA SER B 41 -11.53 6.01 -43.18
C SER B 41 -12.32 6.88 -42.21
N LEU B 42 -11.89 6.87 -40.95
CA LEU B 42 -12.49 7.75 -39.96
C LEU B 42 -12.34 9.22 -40.37
N ASP B 43 -11.22 9.55 -41.04
CA ASP B 43 -11.05 10.92 -41.55
C ASP B 43 -12.21 11.33 -42.43
N GLU B 44 -12.64 10.43 -43.33
CA GLU B 44 -13.72 10.76 -44.25
C GLU B 44 -15.05 10.85 -43.51
N MET B 45 -15.35 9.88 -42.66
CA MET B 45 -16.64 9.87 -41.96
C MET B 45 -16.80 11.10 -41.09
N VAL B 46 -15.77 11.45 -40.33
CA VAL B 46 -15.86 12.62 -39.46
C VAL B 46 -15.88 13.90 -40.27
N TYR B 47 -15.16 13.93 -41.40
CA TYR B 47 -15.26 15.08 -42.29
C TYR B 47 -16.69 15.24 -42.78
N LYS B 48 -17.26 14.17 -43.34
CA LYS B 48 -18.63 14.22 -43.83
C LYS B 48 -19.59 14.68 -42.73
N ALA B 49 -19.46 14.10 -41.54
CA ALA B 49 -20.35 14.45 -40.44
C ALA B 49 -20.24 15.93 -40.08
N SER B 50 -19.00 16.43 -39.97
CA SER B 50 -18.81 17.82 -39.59
C SER B 50 -19.12 18.78 -40.74
N ASP B 51 -18.88 18.38 -41.99
CA ASP B 51 -19.24 19.23 -43.11
C ASP B 51 -20.74 19.49 -43.13
N ILE B 52 -21.53 18.46 -42.80
CA ILE B 52 -22.99 18.60 -42.80
C ILE B 52 -23.44 19.63 -41.78
N VAL B 53 -23.05 19.45 -40.52
CA VAL B 53 -23.62 20.29 -39.47
C VAL B 53 -23.04 21.71 -39.51
N ILE B 54 -21.79 21.87 -39.91
CA ILE B 54 -21.18 23.19 -39.93
C ILE B 54 -21.63 23.97 -41.16
N ASN B 55 -21.59 23.34 -42.32
CA ASN B 55 -21.78 24.05 -43.58
C ASN B 55 -23.19 23.93 -44.14
N ASN B 56 -23.95 22.91 -43.77
CA ASN B 56 -25.33 22.78 -44.21
C ASN B 56 -26.34 23.17 -43.14
N LEU B 57 -26.06 22.87 -41.87
CA LEU B 57 -27.03 23.05 -40.80
C LEU B 57 -26.69 24.20 -39.86
N GLY B 58 -25.61 24.94 -40.12
CA GLY B 58 -25.30 26.13 -39.34
C GLY B 58 -25.03 25.87 -37.86
N ALA B 59 -24.19 24.90 -37.57
CA ALA B 59 -23.86 24.58 -36.18
C ALA B 59 -22.84 25.57 -35.63
N THR B 60 -22.96 25.85 -34.34
CA THR B 60 -21.97 26.67 -33.66
C THR B 60 -20.71 25.85 -33.42
N PRO B 61 -19.57 26.51 -33.22
CA PRO B 61 -18.34 25.76 -32.92
C PRO B 61 -18.46 24.84 -31.72
N GLU B 62 -19.25 25.22 -30.72
CA GLU B 62 -19.47 24.35 -29.57
C GLU B 62 -20.29 23.12 -29.96
N GLN B 63 -21.37 23.34 -30.70
CA GLN B 63 -22.20 22.22 -31.16
C GLN B 63 -21.41 21.29 -32.05
N ALA B 64 -20.67 21.85 -33.01
CA ALA B 64 -19.90 21.04 -33.95
C ALA B 64 -18.86 20.20 -33.22
N LYS B 65 -18.20 20.78 -32.22
CA LYS B 65 -17.22 20.03 -31.44
C LYS B 65 -17.89 18.87 -30.71
N ARG B 66 -19.01 19.14 -30.04
CA ARG B 66 -19.76 18.07 -29.39
C ARG B 66 -20.19 17.00 -30.39
N HIS B 67 -20.75 17.43 -31.53
CA HIS B 67 -21.16 16.50 -32.56
C HIS B 67 -19.96 15.74 -33.14
N LYS B 68 -18.82 16.43 -33.28
CA LYS B 68 -17.63 15.77 -33.82
C LYS B 68 -17.17 14.64 -32.91
N ASP B 69 -17.09 14.91 -31.60
CA ASP B 69 -16.70 13.86 -30.66
C ASP B 69 -17.66 12.68 -30.71
N ALA B 70 -18.96 12.96 -30.86
CA ALA B 70 -19.95 11.89 -30.86
C ALA B 70 -19.83 11.01 -32.11
N VAL B 71 -19.66 11.62 -33.28
CA VAL B 71 -19.49 10.82 -34.49
C VAL B 71 -18.14 10.13 -34.49
N GLU B 72 -17.12 10.78 -33.94
CA GLU B 72 -15.80 10.16 -33.82
C GLU B 72 -15.87 8.87 -33.02
N ALA B 73 -16.59 8.90 -31.88
CA ALA B 73 -16.70 7.71 -31.05
C ALA B 73 -17.58 6.65 -31.70
N PHE B 74 -18.58 7.05 -32.48
CA PHE B 74 -19.49 6.08 -33.09
C PHE B 74 -18.76 5.22 -34.11
N PHE B 75 -18.20 5.84 -35.15
CA PHE B 75 -17.43 5.07 -36.13
C PHE B 75 -16.16 4.49 -35.53
N GLY B 76 -15.57 5.20 -34.55
CA GLY B 76 -14.46 4.61 -33.81
C GLY B 76 -14.85 3.35 -33.07
N GLY B 77 -16.08 3.31 -32.55
CA GLY B 77 -16.60 2.10 -31.94
C GLY B 77 -16.70 0.94 -32.91
N ALA B 78 -16.71 1.21 -34.21
CA ALA B 78 -16.73 0.19 -35.24
C ALA B 78 -15.32 -0.19 -35.70
N GLY B 79 -14.29 0.23 -34.98
CA GLY B 79 -12.92 -0.11 -35.32
C GLY B 79 -12.23 0.82 -36.28
N MET B 80 -12.92 1.83 -36.80
CA MET B 80 -12.30 2.77 -37.73
C MET B 80 -11.40 3.74 -36.96
N LYS B 81 -10.25 4.07 -37.58
CA LYS B 81 -9.27 4.93 -36.94
C LYS B 81 -8.75 5.96 -37.94
N TYR B 82 -8.32 7.10 -37.42
CA TYR B 82 -7.73 8.13 -38.26
C TYR B 82 -6.47 7.61 -38.92
N GLY B 83 -6.35 7.85 -40.23
CA GLY B 83 -5.20 7.40 -40.98
C GLY B 83 -5.26 5.96 -41.44
N VAL B 84 -6.37 5.26 -41.17
CA VAL B 84 -6.51 3.85 -41.54
C VAL B 84 -7.71 3.72 -42.47
N GLU B 85 -7.50 3.05 -43.61
CA GLU B 85 -8.57 2.77 -44.56
C GLU B 85 -9.19 1.41 -44.23
N THR B 86 -10.48 1.42 -43.93
CA THR B 86 -11.19 0.22 -43.50
C THR B 86 -11.92 -0.39 -44.69
N ASP B 87 -11.53 -1.61 -45.08
CA ASP B 87 -12.24 -2.29 -46.13
C ASP B 87 -13.46 -3.02 -45.57
N TRP B 88 -14.26 -3.60 -46.47
CA TRP B 88 -15.52 -4.22 -46.05
C TRP B 88 -15.34 -5.35 -45.04
N PRO B 89 -14.39 -6.29 -45.19
CA PRO B 89 -14.24 -7.32 -44.15
C PRO B 89 -13.94 -6.75 -42.77
N ALA B 90 -12.97 -5.85 -42.67
CA ALA B 90 -12.70 -5.20 -41.39
C ALA B 90 -13.83 -4.28 -40.97
N TYR B 91 -14.65 -3.81 -41.91
CA TYR B 91 -15.75 -2.92 -41.56
C TYR B 91 -16.89 -3.67 -40.88
N ILE B 92 -17.36 -4.76 -41.50
CA ILE B 92 -18.51 -5.47 -40.95
C ILE B 92 -18.12 -6.19 -39.67
N GLU B 93 -16.87 -6.66 -39.56
CA GLU B 93 -16.43 -7.28 -38.32
C GLU B 93 -16.37 -6.26 -37.18
N GLY B 94 -15.86 -5.06 -37.46
CA GLY B 94 -15.89 -4.01 -36.47
C GLY B 94 -17.29 -3.57 -36.10
N TRP B 95 -18.22 -3.64 -37.05
CA TRP B 95 -19.62 -3.34 -36.75
C TRP B 95 -20.25 -4.38 -35.84
N LYS B 96 -19.72 -5.61 -35.83
CA LYS B 96 -20.19 -6.58 -34.85
C LYS B 96 -19.75 -6.18 -33.44
N LYS B 97 -18.50 -5.71 -33.31
CA LYS B 97 -18.00 -5.27 -32.01
C LYS B 97 -18.71 -4.00 -31.55
N LEU B 98 -19.01 -3.09 -32.49
CA LEU B 98 -19.76 -1.89 -32.14
C LEU B 98 -21.15 -2.23 -31.65
N ALA B 99 -21.87 -3.07 -32.40
CA ALA B 99 -23.21 -3.46 -32.00
C ALA B 99 -23.20 -4.20 -30.66
N THR B 100 -22.18 -5.04 -30.44
CA THR B 100 -22.08 -5.77 -29.18
C THR B 100 -21.81 -4.82 -28.01
N ASP B 101 -20.90 -3.87 -28.19
CA ASP B 101 -20.62 -2.90 -27.13
C ASP B 101 -21.82 -2.02 -26.86
N GLU B 102 -22.57 -1.66 -27.89
CA GLU B 102 -23.76 -0.84 -27.72
C GLU B 102 -24.85 -1.59 -26.95
N LEU B 103 -24.99 -2.90 -27.23
CA LEU B 103 -26.01 -3.68 -26.54
C LEU B 103 -25.67 -3.86 -25.06
N GLU B 104 -24.39 -3.95 -24.73
CA GLU B 104 -24.00 -3.98 -23.32
C GLU B 104 -24.31 -2.66 -22.64
N LYS B 105 -24.16 -1.55 -23.35
CA LYS B 105 -24.56 -0.25 -22.81
C LYS B 105 -26.08 -0.17 -22.65
N TYR B 106 -26.82 -0.74 -23.60
CA TYR B 106 -28.27 -0.80 -23.47
C TYR B 106 -28.67 -1.60 -22.24
N ALA B 107 -28.07 -2.77 -22.05
CA ALA B 107 -28.42 -3.63 -20.92
C ALA B 107 -28.09 -2.96 -19.59
N LYS B 108 -26.91 -2.34 -19.49
CA LYS B 108 -26.51 -1.63 -18.29
C LYS B 108 -27.15 -0.25 -18.17
N ASN B 109 -28.05 0.10 -19.10
CA ASN B 109 -28.73 1.40 -19.10
C ASN B 109 -27.73 2.56 -19.18
N GLU B 110 -26.56 2.30 -19.77
CA GLU B 110 -25.58 3.33 -19.99
C GLU B 110 -25.90 4.12 -21.26
N PRO B 111 -25.53 5.40 -21.32
CA PRO B 111 -25.69 6.17 -22.56
C PRO B 111 -24.89 5.53 -23.69
N THR B 112 -25.58 5.16 -24.75
CA THR B 112 -24.95 4.50 -25.89
C THR B 112 -24.33 5.53 -26.83
N LEU B 113 -23.46 5.03 -27.73
CA LEU B 113 -22.83 5.92 -28.69
C LEU B 113 -23.85 6.52 -29.65
N ILE B 114 -24.82 5.71 -30.09
CA ILE B 114 -25.85 6.22 -30.98
C ILE B 114 -26.72 7.24 -30.26
N ARG B 115 -26.87 7.10 -28.94
CA ARG B 115 -27.62 8.08 -28.17
C ARG B 115 -26.87 9.41 -28.10
N ILE B 116 -25.59 9.36 -27.79
CA ILE B 116 -24.79 10.58 -27.65
C ILE B 116 -24.72 11.32 -28.99
N TRP B 117 -24.62 10.57 -30.09
CA TRP B 117 -24.64 11.20 -31.41
C TRP B 117 -25.97 11.89 -31.65
N GLY B 118 -27.08 11.24 -31.31
CA GLY B 118 -28.39 11.84 -31.52
C GLY B 118 -28.58 13.12 -30.73
N ASP B 119 -28.26 13.08 -29.44
CA ASP B 119 -28.38 14.28 -28.61
C ASP B 119 -27.54 15.43 -29.16
N ALA B 120 -26.29 15.14 -29.53
CA ALA B 120 -25.45 16.18 -30.12
C ALA B 120 -26.01 16.65 -31.46
N LEU B 121 -26.53 15.73 -32.27
CA LEU B 121 -27.06 16.09 -33.57
C LEU B 121 -28.36 16.87 -33.44
N PHE B 122 -29.32 16.33 -32.67
CA PHE B 122 -30.62 16.98 -32.56
C PHE B 122 -30.52 18.38 -31.95
N ASP B 123 -29.49 18.63 -31.14
CA ASP B 123 -29.27 19.98 -30.66
C ASP B 123 -28.94 20.94 -31.80
N ILE B 124 -28.39 20.43 -32.90
CA ILE B 124 -28.10 21.25 -34.06
C ILE B 124 -29.30 21.33 -35.00
N VAL B 125 -29.94 20.20 -35.27
CA VAL B 125 -31.00 20.16 -36.27
C VAL B 125 -32.26 20.86 -35.75
N ASP B 126 -32.53 20.77 -34.46
CA ASP B 126 -33.70 21.42 -33.87
C ASP B 126 -33.42 22.90 -33.66
N LYS B 127 -34.21 23.76 -34.31
CA LYS B 127 -34.04 25.19 -34.15
C LYS B 127 -34.32 25.63 -32.72
N ASP B 128 -35.27 24.96 -32.05
CA ASP B 128 -35.58 25.27 -30.66
C ASP B 128 -34.59 24.64 -29.69
N GLN B 129 -33.79 23.67 -30.15
CA GLN B 129 -32.81 22.97 -29.32
C GLN B 129 -33.47 22.29 -28.13
N ASN B 130 -34.68 21.74 -28.35
CA ASN B 130 -35.40 20.99 -27.35
C ASN B 130 -35.26 19.48 -27.54
N GLY B 131 -34.28 19.06 -28.33
CA GLY B 131 -34.10 17.64 -28.59
C GLY B 131 -35.22 16.99 -29.36
N ALA B 132 -35.89 17.74 -30.24
CA ALA B 132 -36.97 17.20 -31.06
C ALA B 132 -36.99 17.96 -32.39
N ILE B 133 -37.04 17.23 -33.49
CA ILE B 133 -37.00 17.83 -34.82
C ILE B 133 -38.32 17.56 -35.54
N THR B 134 -38.69 18.49 -36.41
CA THR B 134 -39.88 18.34 -37.23
C THR B 134 -39.58 17.47 -38.46
N LEU B 135 -40.59 17.29 -39.30
CA LEU B 135 -40.39 16.51 -40.52
C LEU B 135 -39.48 17.27 -41.49
N ASP B 136 -39.68 18.58 -41.62
CA ASP B 136 -38.83 19.36 -42.51
C ASP B 136 -37.38 19.31 -42.08
N GLU B 137 -37.13 19.39 -40.77
CA GLU B 137 -35.76 19.31 -40.27
C GLU B 137 -35.17 17.92 -40.47
N TRP B 138 -36.00 16.88 -40.36
CA TRP B 138 -35.51 15.53 -40.67
C TRP B 138 -35.20 15.39 -42.15
N LYS B 139 -36.01 16.02 -43.02
CA LYS B 139 -35.72 16.03 -44.45
C LYS B 139 -34.47 16.84 -44.75
N ALA B 140 -34.26 17.94 -44.03
CA ALA B 140 -33.10 18.77 -44.27
C ALA B 140 -31.81 18.04 -43.93
N TYR B 141 -31.80 17.28 -42.83
CA TYR B 141 -30.57 16.59 -42.43
C TYR B 141 -30.30 15.37 -43.32
N THR B 142 -31.31 14.50 -43.50
CA THR B 142 -31.07 13.25 -44.22
C THR B 142 -30.75 13.50 -45.70
N LYS B 143 -31.33 14.53 -46.30
CA LYS B 143 -31.00 14.84 -47.68
C LYS B 143 -29.61 15.46 -47.79
N ALA B 144 -29.25 16.30 -46.82
CA ALA B 144 -27.88 16.85 -46.78
C ALA B 144 -26.86 15.74 -46.59
N ALA B 145 -27.16 14.78 -45.71
CA ALA B 145 -26.28 13.63 -45.55
C ALA B 145 -26.39 12.67 -46.73
N GLY B 146 -27.50 12.69 -47.46
CA GLY B 146 -27.72 11.76 -48.54
C GLY B 146 -28.19 10.39 -48.14
N ILE B 147 -28.38 10.14 -46.83
CA ILE B 147 -28.86 8.83 -46.40
C ILE B 147 -30.28 8.58 -46.89
N ILE B 148 -31.06 9.66 -47.06
CA ILE B 148 -32.37 9.59 -47.71
C ILE B 148 -32.38 10.61 -48.84
N GLN B 149 -32.95 10.24 -49.98
CA GLN B 149 -33.02 11.12 -51.13
C GLN B 149 -34.42 11.71 -51.34
N SER B 150 -35.47 10.91 -51.20
CA SER B 150 -36.83 11.36 -51.48
C SER B 150 -37.56 11.71 -50.21
N SER B 151 -38.53 12.63 -50.34
CA SER B 151 -39.38 12.98 -49.21
C SER B 151 -40.30 11.84 -48.80
N GLU B 152 -40.56 10.89 -49.70
CA GLU B 152 -41.40 9.75 -49.36
C GLU B 152 -40.78 8.92 -48.23
N ASP B 153 -39.48 8.65 -48.34
CA ASP B 153 -38.81 7.84 -47.31
C ASP B 153 -38.67 8.61 -46.00
N CYS B 154 -38.58 9.94 -46.07
CA CYS B 154 -38.53 10.73 -44.84
C CYS B 154 -39.83 10.62 -44.05
N GLU B 155 -40.97 10.62 -44.75
CA GLU B 155 -42.25 10.48 -44.07
C GLU B 155 -42.45 9.08 -43.50
N GLU B 156 -41.79 8.08 -44.09
CA GLU B 156 -41.85 6.73 -43.53
C GLU B 156 -41.19 6.66 -42.16
N THR B 157 -40.15 7.49 -41.93
CA THR B 157 -39.53 7.55 -40.62
C THR B 157 -40.54 7.94 -39.55
N PHE B 158 -41.40 8.91 -39.85
CA PHE B 158 -42.41 9.33 -38.88
C PHE B 158 -43.54 8.31 -38.76
N ARG B 159 -43.78 7.51 -39.80
CA ARG B 159 -44.76 6.44 -39.69
C ARG B 159 -44.27 5.33 -38.76
N VAL B 160 -42.97 5.06 -38.79
CA VAL B 160 -42.41 3.99 -37.96
C VAL B 160 -42.22 4.46 -36.52
N CYS B 161 -41.78 5.71 -36.34
CA CYS B 161 -41.51 6.21 -35.00
C CYS B 161 -42.79 6.65 -34.31
N ASP B 162 -42.72 6.72 -32.98
CA ASP B 162 -43.81 7.24 -32.15
C ASP B 162 -43.68 8.77 -32.12
N ILE B 163 -44.34 9.43 -33.05
CA ILE B 163 -44.30 10.87 -33.14
C ILE B 163 -45.24 11.48 -32.11
N ASP B 164 -44.80 12.57 -31.48
CA ASP B 164 -45.57 13.17 -30.40
C ASP B 164 -46.68 14.08 -30.92
N GLU B 165 -47.00 15.12 -30.14
CA GLU B 165 -48.17 15.93 -30.41
C GLU B 165 -47.90 16.98 -31.50
N SER B 166 -46.83 17.74 -31.34
CA SER B 166 -46.46 18.76 -32.32
C SER B 166 -45.89 18.18 -33.61
N GLY B 167 -45.95 16.87 -33.79
CA GLY B 167 -45.40 16.25 -34.98
C GLY B 167 -43.88 16.26 -35.03
N GLN B 168 -43.23 15.98 -33.89
CA GLN B 168 -41.78 16.02 -33.81
C GLN B 168 -41.24 14.68 -33.31
N LEU B 169 -39.97 14.44 -33.64
CA LEU B 169 -39.27 13.23 -33.27
C LEU B 169 -38.11 13.60 -32.35
N ASP B 170 -37.98 12.90 -31.23
CA ASP B 170 -36.93 13.19 -30.26
C ASP B 170 -35.91 12.06 -30.23
N VAL B 171 -34.81 12.33 -29.52
CA VAL B 171 -33.70 11.38 -29.46
C VAL B 171 -34.12 10.11 -28.73
N ASP B 172 -35.05 10.21 -27.76
CA ASP B 172 -35.50 9.02 -27.04
C ASP B 172 -36.14 8.02 -27.98
N GLU B 173 -37.16 8.46 -28.73
CA GLU B 173 -37.84 7.55 -29.64
C GLU B 173 -36.91 7.09 -30.76
N MET B 174 -36.02 7.97 -31.21
CA MET B 174 -35.12 7.61 -32.31
C MET B 174 -34.05 6.63 -31.85
N THR B 175 -33.62 6.73 -30.58
CA THR B 175 -32.61 5.80 -30.08
C THR B 175 -33.15 4.38 -30.03
N ARG B 176 -34.43 4.21 -29.68
CA ARG B 176 -35.03 2.87 -29.69
C ARG B 176 -35.12 2.33 -31.11
N GLN B 177 -35.47 3.19 -32.08
CA GLN B 177 -35.58 2.73 -33.45
C GLN B 177 -34.22 2.33 -34.02
N HIS B 178 -33.17 3.10 -33.69
CA HIS B 178 -31.83 2.74 -34.13
C HIS B 178 -31.32 1.49 -33.43
N LEU B 179 -31.77 1.26 -32.18
CA LEU B 179 -31.44 0.00 -31.50
C LEU B 179 -31.88 -1.19 -32.33
N GLY B 180 -33.10 -1.15 -32.85
CA GLY B 180 -33.62 -2.26 -33.63
C GLY B 180 -33.25 -2.24 -35.08
N PHE B 181 -32.87 -1.07 -35.60
CA PHE B 181 -32.59 -0.95 -37.03
C PHE B 181 -31.13 -1.22 -37.37
N TRP B 182 -30.19 -0.74 -36.55
CA TRP B 182 -28.78 -0.94 -36.85
C TRP B 182 -28.18 -2.14 -36.15
N TYR B 183 -28.70 -2.50 -34.97
CA TYR B 183 -28.05 -3.47 -34.10
C TYR B 183 -28.73 -4.84 -34.10
N THR B 184 -30.03 -4.90 -33.83
CA THR B 184 -30.70 -6.15 -33.50
C THR B 184 -31.65 -6.66 -34.57
N MET B 185 -31.86 -5.91 -35.65
CA MET B 185 -32.80 -6.29 -36.70
C MET B 185 -34.20 -6.54 -36.14
N ASP B 186 -34.69 -5.59 -35.35
CA ASP B 186 -36.03 -5.68 -34.80
C ASP B 186 -37.04 -5.53 -35.93
N PRO B 187 -37.95 -6.48 -36.13
CA PRO B 187 -38.94 -6.34 -37.21
C PRO B 187 -39.82 -5.10 -37.07
N ALA B 188 -40.00 -4.59 -35.85
CA ALA B 188 -40.83 -3.41 -35.67
C ALA B 188 -40.16 -2.14 -36.18
N CYS B 189 -38.86 -2.17 -36.44
CA CYS B 189 -38.12 -1.01 -36.89
C CYS B 189 -37.89 -0.99 -38.39
N GLU B 190 -38.53 -1.90 -39.14
CA GLU B 190 -38.36 -1.92 -40.58
C GLU B 190 -38.87 -0.62 -41.21
N LYS B 191 -38.25 -0.26 -42.34
CA LYS B 191 -38.60 0.95 -43.10
C LYS B 191 -38.37 2.23 -42.31
N LEU B 192 -37.46 2.20 -41.34
CA LEU B 192 -37.16 3.39 -40.56
C LEU B 192 -36.65 4.52 -41.43
N TYR B 193 -35.90 4.19 -42.49
CA TYR B 193 -35.45 5.16 -43.47
C TYR B 193 -36.15 4.96 -44.81
N GLY B 194 -37.40 4.48 -44.77
CA GLY B 194 -38.14 4.21 -45.98
C GLY B 194 -37.49 3.11 -46.80
N GLY B 195 -37.57 3.25 -48.11
CA GLY B 195 -36.86 2.37 -49.02
C GLY B 195 -35.45 2.79 -49.33
N ALA B 196 -34.92 3.78 -48.60
CA ALA B 196 -33.56 4.26 -48.86
C ALA B 196 -32.50 3.35 -48.26
N VAL B 197 -32.81 2.68 -47.15
CA VAL B 197 -31.92 1.73 -46.50
C VAL B 197 -32.66 0.41 -46.36
N PRO B 198 -32.15 -0.70 -46.93
CA PRO B 198 -32.79 -2.01 -46.84
C PRO B 198 -32.81 -2.55 -45.42
N HIS C 9 28.07 -24.80 -14.43
CA HIS C 9 29.01 -24.41 -13.37
C HIS C 9 28.42 -23.34 -12.47
N GLY C 10 27.45 -22.60 -13.00
CA GLY C 10 26.80 -21.56 -12.23
C GLY C 10 26.22 -20.51 -13.15
N LYS C 11 25.60 -19.52 -12.51
CA LYS C 11 24.97 -18.40 -13.19
C LYS C 11 25.64 -17.10 -12.77
N LEU C 12 25.87 -16.21 -13.74
CA LEU C 12 26.44 -14.90 -13.46
C LEU C 12 25.45 -13.77 -13.74
N THR C 13 24.18 -14.09 -13.94
CA THR C 13 23.15 -13.10 -14.22
C THR C 13 22.32 -12.86 -12.96
N SER C 14 22.08 -11.60 -12.64
CA SER C 14 21.34 -11.25 -11.44
C SER C 14 19.86 -11.61 -11.60
N ASP C 15 19.17 -11.62 -10.46
CA ASP C 15 17.73 -11.89 -10.40
C ASP C 15 17.16 -11.06 -9.25
N PHE C 16 17.31 -9.74 -9.34
CA PHE C 16 16.91 -8.86 -8.25
C PHE C 16 15.40 -8.72 -8.14
N ASP C 17 14.66 -8.98 -9.21
CA ASP C 17 13.19 -8.93 -9.17
C ASP C 17 12.58 -10.22 -8.63
N ASN C 18 13.40 -11.20 -8.26
CA ASN C 18 12.87 -12.44 -7.71
C ASN C 18 12.36 -12.18 -6.29
N PRO C 19 11.10 -12.47 -5.99
CA PRO C 19 10.60 -12.26 -4.62
C PRO C 19 11.32 -13.12 -3.60
N ARG C 20 11.87 -14.26 -4.01
CA ARG C 20 12.62 -15.11 -3.08
C ARG C 20 14.04 -14.59 -2.86
N TRP C 21 14.57 -13.77 -3.76
CA TRP C 21 15.84 -13.11 -3.49
C TRP C 21 15.65 -11.94 -2.53
N ILE C 22 14.55 -11.19 -2.69
CA ILE C 22 14.24 -10.12 -1.75
C ILE C 22 13.96 -10.70 -0.37
N GLY C 23 13.17 -11.77 -0.32
CA GLY C 23 12.81 -12.36 0.96
C GLY C 23 13.97 -13.06 1.65
N ARG C 24 14.96 -13.52 0.88
CA ARG C 24 16.13 -14.14 1.49
C ARG C 24 16.96 -13.11 2.26
N HIS C 25 17.14 -11.92 1.68
CA HIS C 25 17.88 -10.87 2.37
C HIS C 25 17.00 -10.09 3.35
N LYS C 26 15.68 -10.12 3.16
CA LYS C 26 14.78 -9.60 4.20
C LYS C 26 14.87 -10.45 5.46
N HIS C 27 14.89 -11.77 5.30
CA HIS C 27 15.10 -12.65 6.45
C HIS C 27 16.42 -12.37 7.14
N MET C 28 17.47 -12.10 6.36
CA MET C 28 18.77 -11.78 6.95
C MET C 28 18.74 -10.41 7.62
N PHE C 29 18.04 -9.44 7.02
CA PHE C 29 17.95 -8.12 7.61
C PHE C 29 17.27 -8.16 8.98
N ASN C 30 16.15 -8.89 9.07
CA ASN C 30 15.47 -9.03 10.35
C ASN C 30 16.31 -9.83 11.35
N PHE C 31 17.06 -10.83 10.86
CA PHE C 31 17.95 -11.57 11.74
C PHE C 31 19.07 -10.69 12.28
N LEU C 32 19.57 -9.76 11.47
CA LEU C 32 20.60 -8.83 11.91
C LEU C 32 20.04 -7.70 12.76
N ASP C 33 18.74 -7.42 12.66
CA ASP C 33 18.10 -6.36 13.45
C ASP C 33 17.59 -6.98 14.75
N VAL C 34 18.52 -7.26 15.66
CA VAL C 34 18.18 -7.96 16.89
C VAL C 34 17.42 -7.07 17.87
N ASN C 35 17.48 -5.76 17.70
CA ASN C 35 16.77 -4.83 18.57
C ASN C 35 15.47 -4.32 17.97
N HIS C 36 15.10 -4.79 16.78
CA HIS C 36 13.85 -4.41 16.11
C HIS C 36 13.76 -2.90 15.93
N ASN C 37 14.84 -2.31 15.44
CA ASN C 37 14.88 -0.89 15.14
C ASN C 37 14.49 -0.56 13.71
N GLY C 38 14.33 -1.57 12.85
CA GLY C 38 14.13 -1.34 11.43
C GLY C 38 15.33 -0.76 10.71
N LYS C 39 16.45 -0.56 11.40
CA LYS C 39 17.67 -0.03 10.83
C LYS C 39 18.86 -0.69 11.48
N ILE C 40 19.90 -0.96 10.70
CA ILE C 40 21.15 -1.52 11.19
C ILE C 40 22.31 -0.72 10.62
N SER C 41 23.43 -0.73 11.34
CA SER C 41 24.59 0.06 10.98
C SER C 41 25.80 -0.85 10.76
N LEU C 42 26.82 -0.29 10.09
CA LEU C 42 28.06 -1.02 9.91
C LEU C 42 28.78 -1.25 11.22
N ASP C 43 28.62 -0.33 12.18
CA ASP C 43 29.19 -0.53 13.50
C ASP C 43 28.66 -1.81 14.14
N GLU C 44 27.36 -2.07 13.98
CA GLU C 44 26.77 -3.26 14.57
C GLU C 44 27.24 -4.53 13.87
N MET C 45 27.33 -4.49 12.54
CA MET C 45 27.70 -5.68 11.78
C MET C 45 29.16 -6.06 12.03
N VAL C 46 30.06 -5.07 12.00
CA VAL C 46 31.46 -5.35 12.25
C VAL C 46 31.67 -5.78 13.71
N TYR C 47 30.92 -5.19 14.63
CA TYR C 47 31.01 -5.62 16.02
C TYR C 47 30.54 -7.06 16.17
N LYS C 48 29.39 -7.38 15.56
CA LYS C 48 28.89 -8.75 15.61
C LYS C 48 29.92 -9.73 15.06
N ALA C 49 30.48 -9.42 13.89
CA ALA C 49 31.40 -10.36 13.25
C ALA C 49 32.68 -10.54 14.07
N SER C 50 33.23 -9.45 14.60
CA SER C 50 34.47 -9.55 15.37
C SER C 50 34.22 -10.22 16.72
N ASP C 51 33.08 -9.94 17.34
CA ASP C 51 32.78 -10.57 18.64
C ASP C 51 32.76 -12.09 18.51
N ILE C 52 32.23 -12.61 17.41
CA ILE C 52 32.17 -14.06 17.21
C ILE C 52 33.57 -14.65 17.13
N VAL C 53 34.42 -14.08 16.27
CA VAL C 53 35.73 -14.68 16.02
C VAL C 53 36.66 -14.46 17.21
N ILE C 54 36.57 -13.30 17.86
CA ILE C 54 37.47 -12.99 18.97
C ILE C 54 37.02 -13.68 20.24
N ASN C 55 35.74 -13.53 20.60
CA ASN C 55 35.26 -13.96 21.90
C ASN C 55 34.63 -15.35 21.92
N ASN C 56 34.38 -15.95 20.75
CA ASN C 56 33.86 -17.31 20.69
C ASN C 56 34.76 -18.30 19.99
N LEU C 57 35.67 -17.86 19.13
CA LEU C 57 36.54 -18.75 18.39
C LEU C 57 38.02 -18.50 18.63
N GLY C 58 38.38 -17.58 19.53
CA GLY C 58 39.76 -17.38 19.92
C GLY C 58 40.69 -16.94 18.82
N ALA C 59 40.27 -15.97 18.02
CA ALA C 59 41.10 -15.47 16.94
C ALA C 59 42.25 -14.64 17.49
N THR C 60 43.41 -14.73 16.85
CA THR C 60 44.53 -13.89 17.21
C THR C 60 44.26 -12.45 16.78
N PRO C 61 45.00 -11.48 17.35
CA PRO C 61 44.83 -10.09 16.89
C PRO C 61 45.07 -9.91 15.40
N GLU C 62 45.98 -10.68 14.80
CA GLU C 62 46.22 -10.56 13.37
C GLU C 62 45.09 -11.19 12.57
N GLN C 63 44.59 -12.35 13.02
CA GLN C 63 43.44 -12.96 12.36
C GLN C 63 42.21 -12.08 12.50
N ALA C 64 42.02 -11.47 13.67
CA ALA C 64 40.86 -10.59 13.87
C ALA C 64 40.94 -9.36 12.99
N LYS C 65 42.13 -8.80 12.82
CA LYS C 65 42.29 -7.62 11.96
C LYS C 65 41.97 -7.97 10.50
N ARG C 66 42.52 -9.08 10.02
CA ARG C 66 42.24 -9.49 8.64
C ARG C 66 40.77 -9.80 8.44
N HIS C 67 40.15 -10.46 9.41
CA HIS C 67 38.72 -10.76 9.29
C HIS C 67 37.88 -9.50 9.40
N LYS C 68 38.28 -8.57 10.26
CA LYS C 68 37.52 -7.32 10.41
C LYS C 68 37.49 -6.53 9.10
N ASP C 69 38.64 -6.42 8.43
CA ASP C 69 38.68 -5.69 7.16
C ASP C 69 37.77 -6.34 6.12
N ALA C 70 37.75 -7.67 6.07
CA ALA C 70 36.92 -8.35 5.07
C ALA C 70 35.44 -8.16 5.35
N VAL C 71 35.03 -8.28 6.62
CA VAL C 71 33.63 -8.04 6.97
C VAL C 71 33.27 -6.59 6.74
N GLU C 72 34.15 -5.67 7.16
CA GLU C 72 33.94 -4.25 6.91
C GLU C 72 33.72 -3.98 5.43
N ALA C 73 34.52 -4.63 4.57
CA ALA C 73 34.39 -4.41 3.14
C ALA C 73 33.11 -5.04 2.60
N PHE C 74 32.72 -6.21 3.14
CA PHE C 74 31.57 -6.91 2.60
C PHE C 74 30.28 -6.13 2.82
N PHE C 75 30.00 -5.76 4.08
CA PHE C 75 28.81 -4.96 4.35
C PHE C 75 28.94 -3.55 3.80
N GLY C 76 30.15 -2.99 3.80
CA GLY C 76 30.36 -1.71 3.15
C GLY C 76 30.02 -1.75 1.67
N GLY C 77 30.23 -2.89 1.02
CA GLY C 77 29.84 -3.05 -0.36
C GLY C 77 28.34 -3.05 -0.58
N ALA C 78 27.56 -3.25 0.48
CA ALA C 78 26.11 -3.14 0.41
C ALA C 78 25.60 -1.77 0.82
N GLY C 79 26.49 -0.77 0.90
CA GLY C 79 26.11 0.59 1.18
C GLY C 79 26.19 1.00 2.64
N MET C 80 26.37 0.05 3.56
CA MET C 80 26.40 0.39 4.97
C MET C 80 27.69 1.12 5.33
N LYS C 81 27.56 2.16 6.15
CA LYS C 81 28.68 2.99 6.58
C LYS C 81 28.67 3.11 8.09
N TYR C 82 29.81 3.53 8.64
CA TYR C 82 29.92 3.73 10.08
C TYR C 82 29.12 4.96 10.50
N GLY C 83 28.40 4.83 11.60
CA GLY C 83 27.56 5.91 12.10
C GLY C 83 26.33 6.20 11.29
N VAL C 84 25.95 5.31 10.36
CA VAL C 84 24.79 5.48 9.52
C VAL C 84 23.86 4.30 9.73
N GLU C 85 22.57 4.59 9.91
CA GLU C 85 21.55 3.56 10.09
C GLU C 85 20.87 3.29 8.77
N THR C 86 20.94 2.04 8.31
CA THR C 86 20.40 1.65 7.01
C THR C 86 19.07 0.93 7.23
N ASP C 87 17.99 1.54 6.75
CA ASP C 87 16.68 0.91 6.83
C ASP C 87 16.53 -0.14 5.73
N TRP C 88 15.39 -0.82 5.71
CA TRP C 88 15.18 -1.88 4.73
C TRP C 88 15.24 -1.40 3.28
N PRO C 89 14.64 -0.27 2.89
CA PRO C 89 14.79 0.17 1.49
C PRO C 89 16.23 0.45 1.09
N ALA C 90 16.96 1.23 1.90
CA ALA C 90 18.35 1.52 1.59
C ALA C 90 19.24 0.30 1.72
N TYR C 91 18.79 -0.73 2.42
CA TYR C 91 19.58 -1.95 2.58
C TYR C 91 19.43 -2.86 1.37
N ILE C 92 18.19 -3.14 0.95
CA ILE C 92 17.96 -3.97 -0.22
C ILE C 92 18.43 -3.28 -1.49
N GLU C 93 18.46 -1.94 -1.50
CA GLU C 93 19.02 -1.22 -2.63
C GLU C 93 20.54 -1.39 -2.69
N GLY C 94 21.20 -1.36 -1.54
CA GLY C 94 22.64 -1.55 -1.51
C GLY C 94 23.08 -2.97 -1.79
N TRP C 95 22.25 -3.94 -1.40
CA TRP C 95 22.58 -5.33 -1.70
C TRP C 95 22.49 -5.62 -3.19
N LYS C 96 21.66 -4.86 -3.92
CA LYS C 96 21.66 -4.97 -5.37
C LYS C 96 22.98 -4.49 -5.96
N LYS C 97 23.56 -3.44 -5.38
CA LYS C 97 24.87 -2.98 -5.81
C LYS C 97 25.99 -3.90 -5.33
N LEU C 98 25.84 -4.47 -4.12
CA LEU C 98 26.83 -5.43 -3.63
C LEU C 98 26.87 -6.67 -4.52
N ALA C 99 25.69 -7.21 -4.85
CA ALA C 99 25.65 -8.39 -5.72
C ALA C 99 26.16 -8.07 -7.11
N THR C 100 25.89 -6.85 -7.59
CA THR C 100 26.40 -6.45 -8.91
C THR C 100 27.91 -6.39 -8.92
N ASP C 101 28.50 -5.75 -7.91
CA ASP C 101 29.96 -5.66 -7.84
C ASP C 101 30.59 -7.02 -7.63
N GLU C 102 29.90 -7.93 -6.92
CA GLU C 102 30.44 -9.28 -6.74
C GLU C 102 30.36 -10.07 -8.04
N LEU C 103 29.24 -9.97 -8.76
CA LEU C 103 29.12 -10.66 -10.04
C LEU C 103 30.14 -10.16 -11.04
N GLU C 104 30.48 -8.87 -11.00
CA GLU C 104 31.56 -8.36 -11.85
C GLU C 104 32.90 -8.97 -11.48
N LYS C 105 33.16 -9.14 -10.18
CA LYS C 105 34.41 -9.74 -9.76
C LYS C 105 34.47 -11.23 -10.11
N TYR C 106 33.32 -11.92 -10.12
CA TYR C 106 33.30 -13.31 -10.54
C TYR C 106 33.72 -13.43 -12.00
N ALA C 107 33.07 -12.67 -12.89
CA ALA C 107 33.37 -12.76 -14.31
C ALA C 107 34.80 -12.34 -14.60
N LYS C 108 35.29 -11.31 -13.92
CA LYS C 108 36.67 -10.87 -14.08
C LYS C 108 37.67 -11.80 -13.41
N ASN C 109 37.21 -12.85 -12.74
CA ASN C 109 38.08 -13.76 -12.00
C ASN C 109 38.94 -13.00 -10.99
N GLU C 110 38.37 -11.94 -10.43
CA GLU C 110 38.87 -11.05 -9.39
C GLU C 110 38.45 -11.57 -8.01
N PRO C 111 39.32 -11.48 -7.02
CA PRO C 111 38.92 -11.91 -5.66
C PRO C 111 37.69 -11.17 -5.19
N THR C 112 36.63 -11.92 -4.91
CA THR C 112 35.37 -11.35 -4.46
C THR C 112 35.42 -11.06 -2.97
N LEU C 113 34.55 -10.15 -2.54
CA LEU C 113 34.48 -9.81 -1.12
C LEU C 113 34.05 -11.01 -0.29
N ILE C 114 33.09 -11.79 -0.79
CA ILE C 114 32.63 -12.97 -0.05
C ILE C 114 33.75 -14.01 0.03
N ARG C 115 34.63 -14.08 -0.96
CA ARG C 115 35.78 -14.98 -0.88
C ARG C 115 36.78 -14.49 0.17
N ILE C 116 37.11 -13.20 0.12
CA ILE C 116 38.07 -12.63 1.06
C ILE C 116 37.58 -12.81 2.48
N TRP C 117 36.29 -12.63 2.71
CA TRP C 117 35.72 -12.91 4.03
C TRP C 117 35.86 -14.39 4.37
N GLY C 118 35.55 -15.26 3.41
CA GLY C 118 35.66 -16.69 3.66
C GLY C 118 37.07 -17.12 4.01
N ASP C 119 38.04 -16.69 3.20
CA ASP C 119 39.43 -17.03 3.46
C ASP C 119 39.87 -16.53 4.84
N ALA C 120 39.50 -15.29 5.18
CA ALA C 120 39.85 -14.76 6.49
C ALA C 120 39.10 -15.45 7.60
N LEU C 121 37.87 -15.92 7.34
CA LEU C 121 37.08 -16.56 8.37
C LEU C 121 37.50 -18.01 8.61
N PHE C 122 37.68 -18.78 7.52
CA PHE C 122 38.06 -20.18 7.67
C PHE C 122 39.44 -20.34 8.28
N ASP C 123 40.32 -19.34 8.14
CA ASP C 123 41.59 -19.39 8.84
C ASP C 123 41.41 -19.35 10.35
N ILE C 124 40.29 -18.79 10.81
CA ILE C 124 39.95 -18.78 12.23
C ILE C 124 39.15 -20.01 12.62
N VAL C 125 38.18 -20.40 11.80
CA VAL C 125 37.30 -21.51 12.16
C VAL C 125 38.05 -22.83 12.14
N ASP C 126 38.92 -23.03 11.14
CA ASP C 126 39.72 -24.25 11.06
C ASP C 126 40.89 -24.17 12.02
N LYS C 127 40.97 -25.14 12.94
CA LYS C 127 42.07 -25.15 13.90
C LYS C 127 43.41 -25.45 13.24
N ASP C 128 43.40 -26.18 12.11
CA ASP C 128 44.62 -26.45 11.38
C ASP C 128 45.08 -25.27 10.55
N GLN C 129 44.21 -24.28 10.32
CA GLN C 129 44.54 -23.07 9.57
C GLN C 129 45.04 -23.40 8.17
N ASN C 130 44.40 -24.37 7.52
CA ASN C 130 44.72 -24.74 6.15
C ASN C 130 43.59 -24.42 5.18
N GLY C 131 42.55 -23.75 5.63
CA GLY C 131 41.47 -23.32 4.76
C GLY C 131 40.35 -24.32 4.57
N ALA C 132 40.17 -25.27 5.48
CA ALA C 132 39.10 -26.26 5.38
C ALA C 132 38.57 -26.54 6.77
N ILE C 133 37.25 -26.50 6.92
CA ILE C 133 36.61 -26.66 8.22
C ILE C 133 35.78 -27.93 8.23
N THR C 134 35.68 -28.55 9.40
CA THR C 134 34.89 -29.75 9.58
C THR C 134 33.43 -29.38 9.86
N LEU C 135 32.59 -30.40 10.04
CA LEU C 135 31.18 -30.16 10.31
C LEU C 135 30.98 -29.54 11.69
N ASP C 136 31.73 -30.01 12.69
CA ASP C 136 31.62 -29.43 14.03
C ASP C 136 32.07 -27.98 14.05
N GLU C 137 33.12 -27.66 13.28
CA GLU C 137 33.57 -26.27 13.19
C GLU C 137 32.55 -25.41 12.45
N TRP C 138 31.84 -25.98 11.48
CA TRP C 138 30.77 -25.24 10.82
C TRP C 138 29.57 -25.07 11.73
N LYS C 139 29.29 -26.07 12.57
CA LYS C 139 28.22 -25.91 13.56
C LYS C 139 28.59 -24.87 14.61
N ALA C 140 29.85 -24.86 15.04
CA ALA C 140 30.28 -23.93 16.09
C ALA C 140 30.19 -22.48 15.61
N TYR C 141 30.51 -22.23 14.34
CA TYR C 141 30.45 -20.85 13.85
C TYR C 141 29.02 -20.41 13.60
N THR C 142 28.27 -21.17 12.81
CA THR C 142 26.93 -20.74 12.42
C THR C 142 26.00 -20.61 13.62
N LYS C 143 26.20 -21.44 14.66
CA LYS C 143 25.40 -21.30 15.86
C LYS C 143 25.85 -20.11 16.71
N ALA C 144 27.16 -19.87 16.77
CA ALA C 144 27.64 -18.68 17.46
C ALA C 144 27.23 -17.40 16.74
N ALA C 145 27.14 -17.45 15.40
CA ALA C 145 26.68 -16.30 14.64
C ALA C 145 25.16 -16.17 14.67
N GLY C 146 24.44 -17.26 14.86
CA GLY C 146 22.99 -17.25 14.89
C GLY C 146 22.33 -17.48 13.55
N ILE C 147 23.10 -17.52 12.45
CA ILE C 147 22.49 -17.72 11.14
C ILE C 147 21.87 -19.11 11.04
N ILE C 148 22.38 -20.08 11.79
CA ILE C 148 21.83 -21.43 11.86
C ILE C 148 21.65 -21.79 13.33
N GLN C 149 20.54 -22.43 13.65
CA GLN C 149 20.24 -22.84 15.02
C GLN C 149 20.33 -24.34 15.24
N SER C 150 19.81 -25.15 14.33
CA SER C 150 19.76 -26.59 14.50
C SER C 150 20.92 -27.26 13.77
N SER C 151 21.36 -28.40 14.31
CA SER C 151 22.47 -29.13 13.72
C SER C 151 22.09 -29.77 12.38
N GLU C 152 20.81 -30.01 12.13
CA GLU C 152 20.41 -30.63 10.87
C GLU C 152 20.54 -29.66 9.70
N ASP C 153 20.42 -28.36 9.95
CA ASP C 153 20.64 -27.38 8.89
C ASP C 153 22.12 -27.25 8.55
N CYS C 154 22.99 -27.40 9.53
CA CYS C 154 24.43 -27.44 9.26
C CYS C 154 24.79 -28.65 8.41
N GLU C 155 24.10 -29.78 8.61
CA GLU C 155 24.34 -30.96 7.80
C GLU C 155 23.81 -30.77 6.39
N GLU C 156 22.78 -29.94 6.21
CA GLU C 156 22.31 -29.61 4.87
C GLU C 156 23.35 -28.83 4.08
N THR C 157 24.19 -28.06 4.78
CA THR C 157 25.27 -27.34 4.10
C THR C 157 26.25 -28.31 3.45
N PHE C 158 26.70 -29.31 4.19
CA PHE C 158 27.61 -30.30 3.65
C PHE C 158 26.96 -31.18 2.58
N ARG C 159 25.64 -31.30 2.59
CA ARG C 159 24.95 -32.06 1.55
C ARG C 159 24.92 -31.27 0.24
N VAL C 160 24.56 -29.99 0.30
CA VAL C 160 24.51 -29.16 -0.90
C VAL C 160 25.91 -29.00 -1.49
N CYS C 161 26.93 -28.94 -0.65
CA CYS C 161 28.31 -28.84 -1.12
C CYS C 161 28.88 -30.18 -1.56
N ASP C 162 28.10 -31.27 -1.47
CA ASP C 162 28.55 -32.61 -1.83
C ASP C 162 29.80 -33.00 -1.05
N ILE C 163 29.73 -32.88 0.27
CA ILE C 163 30.84 -33.19 1.16
C ILE C 163 30.32 -34.06 2.30
N ASP C 164 31.05 -35.13 2.60
CA ASP C 164 30.67 -36.03 3.69
C ASP C 164 30.85 -35.32 5.03
N GLU C 165 30.09 -35.80 6.03
CA GLU C 165 30.16 -35.22 7.37
C GLU C 165 31.58 -35.30 7.94
N SER C 166 32.33 -36.35 7.60
CA SER C 166 33.71 -36.49 8.03
C SER C 166 34.68 -35.67 7.21
N GLY C 167 34.27 -35.19 6.04
CA GLY C 167 35.13 -34.39 5.19
C GLY C 167 35.26 -32.96 5.71
N GLN C 168 35.78 -32.10 4.84
CA GLN C 168 36.00 -30.71 5.18
C GLN C 168 35.49 -29.80 4.07
N LEU C 169 35.06 -28.60 4.45
CA LEU C 169 34.52 -27.61 3.53
C LEU C 169 35.53 -26.47 3.39
N ASP C 170 35.91 -26.15 2.17
CA ASP C 170 36.85 -25.08 1.88
C ASP C 170 36.12 -23.87 1.31
N VAL C 171 36.85 -22.74 1.26
CA VAL C 171 36.26 -21.50 0.77
C VAL C 171 35.92 -21.60 -0.71
N ASP C 172 36.75 -22.31 -1.48
CA ASP C 172 36.50 -22.44 -2.91
C ASP C 172 35.12 -23.01 -3.19
N GLU C 173 34.75 -24.09 -2.50
CA GLU C 173 33.44 -24.69 -2.70
C GLU C 173 32.34 -23.78 -2.16
N MET C 174 32.56 -23.18 -1.00
CA MET C 174 31.55 -22.31 -0.41
C MET C 174 31.36 -21.03 -1.22
N THR C 175 32.43 -20.55 -1.86
CA THR C 175 32.29 -19.37 -2.71
C THR C 175 31.43 -19.66 -3.93
N ARG C 176 31.52 -20.87 -4.46
CA ARG C 176 30.63 -21.27 -5.55
C ARG C 176 29.18 -21.31 -5.09
N GLN C 177 28.93 -21.83 -3.88
CA GLN C 177 27.57 -21.93 -3.38
C GLN C 177 26.99 -20.56 -3.07
N HIS C 178 27.78 -19.68 -2.44
CA HIS C 178 27.30 -18.33 -2.14
C HIS C 178 27.05 -17.53 -3.41
N LEU C 179 27.76 -17.85 -4.50
CA LEU C 179 27.47 -17.22 -5.78
C LEU C 179 26.01 -17.41 -6.17
N GLY C 180 25.49 -18.61 -5.99
CA GLY C 180 24.11 -18.90 -6.34
C GLY C 180 23.13 -18.68 -5.21
N PHE C 181 23.63 -18.66 -3.97
CA PHE C 181 22.73 -18.52 -2.83
C PHE C 181 22.46 -17.05 -2.48
N TRP C 182 23.51 -16.22 -2.43
CA TRP C 182 23.34 -14.83 -2.06
C TRP C 182 23.15 -13.90 -3.24
N TYR C 183 23.58 -14.29 -4.44
CA TYR C 183 23.69 -13.35 -5.55
C TYR C 183 22.72 -13.62 -6.70
N THR C 184 22.61 -14.88 -7.17
CA THR C 184 21.92 -15.16 -8.41
C THR C 184 20.69 -16.05 -8.27
N MET C 185 20.44 -16.62 -7.09
CA MET C 185 19.31 -17.54 -6.88
C MET C 185 19.42 -18.77 -7.77
N ASP C 186 20.58 -19.43 -7.71
CA ASP C 186 20.78 -20.68 -8.44
C ASP C 186 19.99 -21.79 -7.77
N PRO C 187 19.08 -22.45 -8.48
CA PRO C 187 18.28 -23.53 -7.85
C PRO C 187 19.14 -24.64 -7.25
N ALA C 188 20.31 -24.91 -7.80
CA ALA C 188 21.19 -25.94 -7.24
C ALA C 188 21.82 -25.52 -5.92
N CYS C 189 21.69 -24.26 -5.53
CA CYS C 189 22.25 -23.77 -4.27
C CYS C 189 21.20 -23.62 -3.18
N GLU C 190 19.99 -24.15 -3.39
CA GLU C 190 18.96 -24.09 -2.37
C GLU C 190 19.35 -24.93 -1.16
N LYS C 191 18.81 -24.55 0.00
CA LYS C 191 19.05 -25.24 1.27
C LYS C 191 20.53 -25.26 1.64
N LEU C 192 21.28 -24.24 1.22
CA LEU C 192 22.68 -24.14 1.60
C LEU C 192 22.83 -23.97 3.11
N TYR C 193 21.87 -23.29 3.75
CA TYR C 193 21.84 -23.12 5.19
C TYR C 193 20.65 -23.85 5.82
N GLY C 194 20.25 -24.97 5.23
CA GLY C 194 19.11 -25.72 5.74
C GLY C 194 17.83 -24.90 5.64
N GLY C 195 16.97 -25.06 6.63
CA GLY C 195 15.76 -24.28 6.71
C GLY C 195 15.90 -22.96 7.43
N ALA C 196 17.11 -22.63 7.90
CA ALA C 196 17.31 -21.40 8.64
C ALA C 196 17.23 -20.16 7.75
N VAL C 197 17.59 -20.28 6.48
CA VAL C 197 17.59 -19.18 5.54
C VAL C 197 16.74 -19.56 4.34
N PRO C 198 15.62 -18.87 4.08
CA PRO C 198 14.73 -19.14 2.94
C PRO C 198 15.37 -18.78 1.60
N HIS D 9 3.05 15.47 -25.14
CA HIS D 9 4.18 15.90 -24.32
C HIS D 9 3.79 16.99 -23.33
N GLY D 10 3.10 18.01 -23.80
CA GLY D 10 2.70 19.09 -22.93
C GLY D 10 1.82 20.11 -23.63
N LYS D 11 1.76 21.29 -23.04
CA LYS D 11 0.90 22.36 -23.51
C LYS D 11 1.53 23.69 -23.14
N LEU D 12 1.69 24.58 -24.12
CA LEU D 12 2.32 25.88 -23.92
C LEU D 12 1.39 27.03 -24.28
N THR D 13 0.08 26.82 -24.16
CA THR D 13 -0.92 27.84 -24.45
C THR D 13 -1.67 28.16 -23.17
N SER D 14 -1.71 29.45 -22.82
CA SER D 14 -2.40 29.86 -21.61
C SER D 14 -3.91 29.75 -21.78
N ASP D 15 -4.61 29.75 -20.65
CA ASP D 15 -6.06 29.63 -20.62
C ASP D 15 -6.58 30.46 -19.44
N PHE D 16 -6.26 31.75 -19.45
CA PHE D 16 -6.54 32.60 -18.30
C PHE D 16 -8.03 32.91 -18.18
N ASP D 17 -8.77 32.89 -19.29
CA ASP D 17 -10.21 33.12 -19.24
C ASP D 17 -10.99 31.88 -18.83
N ASN D 18 -10.33 30.74 -18.66
CA ASN D 18 -10.99 29.52 -18.22
C ASN D 18 -11.48 29.71 -16.79
N PRO D 19 -12.78 29.52 -16.52
CA PRO D 19 -13.26 29.69 -15.14
C PRO D 19 -12.64 28.72 -14.14
N ARG D 20 -12.18 27.55 -14.60
CA ARG D 20 -11.55 26.59 -13.70
C ARG D 20 -10.10 26.93 -13.41
N TRP D 21 -9.45 27.73 -14.25
CA TRP D 21 -8.14 28.25 -13.92
C TRP D 21 -8.23 29.35 -12.88
N ILE D 22 -9.23 30.23 -13.03
CA ILE D 22 -9.47 31.26 -12.01
C ILE D 22 -9.87 30.63 -10.70
N GLY D 23 -10.75 29.62 -10.75
CA GLY D 23 -11.19 28.96 -9.54
C GLY D 23 -10.09 28.16 -8.86
N ARG D 24 -9.18 27.59 -9.65
CA ARG D 24 -8.05 26.87 -9.06
C ARG D 24 -7.16 27.81 -8.24
N HIS D 25 -6.89 29.00 -8.77
CA HIS D 25 -6.07 29.96 -8.04
C HIS D 25 -6.87 30.75 -7.02
N LYS D 26 -8.19 30.87 -7.19
CA LYS D 26 -9.01 31.45 -6.14
C LYS D 26 -9.08 30.53 -4.93
N HIS D 27 -9.16 29.22 -5.18
CA HIS D 27 -9.08 28.25 -4.08
C HIS D 27 -7.74 28.35 -3.36
N MET D 28 -6.65 28.48 -4.12
CA MET D 28 -5.34 28.64 -3.49
C MET D 28 -5.22 29.98 -2.79
N PHE D 29 -5.82 31.03 -3.35
CA PHE D 29 -5.80 32.34 -2.71
C PHE D 29 -6.48 32.29 -1.34
N ASN D 30 -7.64 31.64 -1.27
CA ASN D 30 -8.34 31.53 0.01
C ASN D 30 -7.58 30.64 0.99
N PHE D 31 -7.00 29.54 0.48
CA PHE D 31 -6.20 28.68 1.33
C PHE D 31 -4.99 29.40 1.90
N LEU D 32 -4.39 30.31 1.11
CA LEU D 32 -3.28 31.11 1.60
C LEU D 32 -3.73 32.22 2.54
N ASP D 33 -5.00 32.64 2.48
CA ASP D 33 -5.53 33.69 3.34
C ASP D 33 -6.12 33.06 4.60
N VAL D 34 -5.21 32.58 5.45
CA VAL D 34 -5.63 31.86 6.65
C VAL D 34 -6.34 32.75 7.65
N ASN D 35 -6.10 34.06 7.61
CA ASN D 35 -6.72 34.99 8.53
C ASN D 35 -7.93 35.71 7.95
N HIS D 36 -8.34 35.36 6.72
CA HIS D 36 -9.54 35.91 6.09
C HIS D 36 -9.49 37.43 6.05
N ASN D 37 -8.38 37.96 5.53
CA ASN D 37 -8.22 39.39 5.38
C ASN D 37 -8.54 39.90 3.99
N GLY D 38 -8.90 39.02 3.05
CA GLY D 38 -9.03 39.40 1.67
C GLY D 38 -7.76 39.88 1.03
N LYS D 39 -6.62 39.65 1.68
CA LYS D 39 -5.34 40.12 1.21
C LYS D 39 -4.24 39.24 1.78
N ILE D 40 -3.20 39.00 0.98
CA ILE D 40 -2.03 38.27 1.42
C ILE D 40 -0.78 39.03 1.01
N SER D 41 0.30 38.85 1.76
CA SER D 41 1.53 39.56 1.50
C SER D 41 2.65 38.57 1.15
N LEU D 42 3.69 39.09 0.52
CA LEU D 42 4.87 38.26 0.26
C LEU D 42 5.53 37.86 1.58
N ASP D 43 5.47 38.73 2.60
CA ASP D 43 6.01 38.38 3.90
C ASP D 43 5.36 37.11 4.45
N GLU D 44 4.04 37.00 4.31
CA GLU D 44 3.33 35.83 4.83
C GLU D 44 3.67 34.57 4.05
N MET D 45 3.69 34.68 2.72
CA MET D 45 4.00 33.52 1.88
C MET D 45 5.40 32.99 2.17
N VAL D 46 6.39 33.88 2.22
CA VAL D 46 7.76 33.44 2.47
C VAL D 46 7.90 32.91 3.90
N TYR D 47 7.21 33.53 4.85
CA TYR D 47 7.25 33.01 6.23
C TYR D 47 6.70 31.60 6.28
N LYS D 48 5.52 31.39 5.71
CA LYS D 48 4.92 30.06 5.67
C LYS D 48 5.86 29.04 5.04
N ALA D 49 6.41 29.39 3.87
CA ALA D 49 7.29 28.46 3.15
C ALA D 49 8.50 28.08 3.99
N SER D 50 9.16 29.07 4.60
CA SER D 50 10.36 28.78 5.37
C SER D 50 10.04 28.06 6.66
N ASP D 51 8.95 28.43 7.32
CA ASP D 51 8.56 27.75 8.55
C ASP D 51 8.39 26.25 8.33
N ILE D 52 7.77 25.87 7.20
CA ILE D 52 7.60 24.45 6.87
C ILE D 52 8.94 23.74 6.82
N VAL D 53 9.85 24.24 5.97
CA VAL D 53 11.10 23.53 5.74
C VAL D 53 12.02 23.60 6.95
N ILE D 54 12.00 24.72 7.67
CA ILE D 54 12.91 24.88 8.81
C ILE D 54 12.38 24.15 10.03
N ASN D 55 11.12 24.39 10.38
CA ASN D 55 10.58 23.93 11.66
C ASN D 55 9.87 22.58 11.58
N ASN D 56 9.56 22.09 10.39
CA ASN D 56 8.90 20.80 10.25
C ASN D 56 9.72 19.75 9.51
N LEU D 57 10.56 20.15 8.56
CA LEU D 57 11.29 19.21 7.72
C LEU D 57 12.79 19.23 7.97
N GLY D 58 13.25 19.96 8.99
CA GLY D 58 14.65 19.95 9.38
C GLY D 58 15.61 20.37 8.29
N ALA D 59 15.38 21.53 7.68
CA ALA D 59 16.28 22.04 6.65
C ALA D 59 17.47 22.74 7.29
N THR D 60 18.65 22.57 6.68
CA THR D 60 19.83 23.30 7.10
C THR D 60 19.65 24.78 6.77
N PRO D 61 20.44 25.66 7.41
CA PRO D 61 20.36 27.09 7.04
C PRO D 61 20.65 27.34 5.57
N GLU D 62 21.59 26.59 4.97
CA GLU D 62 21.89 26.77 3.56
C GLU D 62 20.74 26.28 2.69
N GLN D 63 20.18 25.10 3.02
CA GLN D 63 19.02 24.62 2.30
C GLN D 63 17.84 25.57 2.44
N ALA D 64 17.64 26.13 3.63
CA ALA D 64 16.53 27.04 3.85
C ALA D 64 16.72 28.36 3.11
N LYS D 65 17.97 28.83 3.02
CA LYS D 65 18.25 30.06 2.28
C LYS D 65 17.98 29.87 0.80
N ARG D 66 18.51 28.80 0.21
CA ARG D 66 18.24 28.51 -1.19
C ARG D 66 16.75 28.31 -1.44
N HIS D 67 16.07 27.68 -0.49
CA HIS D 67 14.63 27.48 -0.63
C HIS D 67 13.88 28.81 -0.51
N LYS D 68 14.34 29.69 0.38
CA LYS D 68 13.66 30.98 0.56
C LYS D 68 13.75 31.82 -0.69
N ASP D 69 14.94 31.90 -1.31
CA ASP D 69 15.09 32.67 -2.54
C ASP D 69 14.13 32.19 -3.62
N ALA D 70 13.96 30.87 -3.73
CA ALA D 70 13.09 30.32 -4.78
C ALA D 70 11.63 30.67 -4.54
N VAL D 71 11.17 30.55 -3.28
CA VAL D 71 9.78 30.88 -2.98
C VAL D 71 9.54 32.37 -3.14
N GLU D 72 10.48 33.18 -2.66
CA GLU D 72 10.41 34.63 -2.84
C GLU D 72 10.25 35.00 -4.30
N ALA D 73 11.13 34.45 -5.15
CA ALA D 73 11.04 34.73 -6.58
C ALA D 73 9.76 34.19 -7.20
N PHE D 74 9.27 33.05 -6.72
CA PHE D 74 8.07 32.46 -7.30
C PHE D 74 6.84 33.34 -7.05
N PHE D 75 6.56 33.64 -5.79
CA PHE D 75 5.44 34.54 -5.49
C PHE D 75 5.73 35.97 -5.92
N GLY D 76 7.00 36.38 -5.88
CA GLY D 76 7.36 37.69 -6.39
C GLY D 76 7.10 37.83 -7.88
N GLY D 77 7.12 36.71 -8.61
CA GLY D 77 6.76 36.74 -10.02
C GLY D 77 5.28 36.92 -10.26
N ALA D 78 4.46 36.70 -9.24
CA ALA D 78 3.02 36.95 -9.33
C ALA D 78 2.65 38.36 -8.87
N GLY D 79 3.62 39.26 -8.79
CA GLY D 79 3.36 40.64 -8.42
C GLY D 79 3.41 40.93 -6.94
N MET D 80 3.58 39.92 -6.09
CA MET D 80 3.60 40.13 -4.66
C MET D 80 4.94 40.73 -4.22
N LYS D 81 4.88 41.56 -3.18
CA LYS D 81 6.06 42.27 -2.69
C LYS D 81 6.02 42.33 -1.17
N TYR D 82 7.20 42.47 -0.58
CA TYR D 82 7.30 42.64 0.87
C TYR D 82 6.65 43.95 1.30
N GLY D 83 5.94 43.91 2.42
CA GLY D 83 5.24 45.07 2.92
C GLY D 83 4.04 45.50 2.12
N VAL D 84 3.71 44.79 1.04
CA VAL D 84 2.56 45.10 0.20
C VAL D 84 1.53 44.00 0.37
N GLU D 85 0.27 44.39 0.59
CA GLU D 85 -0.83 43.45 0.75
C GLU D 85 -1.57 43.31 -0.58
N THR D 86 -1.71 42.08 -1.05
CA THR D 86 -2.23 41.78 -2.38
C THR D 86 -3.64 41.24 -2.24
N ASP D 87 -4.63 41.98 -2.74
CA ASP D 87 -6.00 41.51 -2.76
C ASP D 87 -6.22 40.58 -3.94
N TRP D 88 -7.43 40.03 -4.06
CA TRP D 88 -7.71 39.07 -5.12
C TRP D 88 -7.60 39.65 -6.53
N PRO D 89 -8.12 40.86 -6.83
CA PRO D 89 -7.94 41.37 -8.20
C PRO D 89 -6.49 41.53 -8.62
N ALA D 90 -5.65 42.11 -7.76
CA ALA D 90 -4.24 42.22 -8.07
C ALA D 90 -3.53 40.87 -8.05
N TYR D 91 -4.11 39.88 -7.36
CA TYR D 91 -3.48 38.58 -7.25
C TYR D 91 -3.66 37.76 -8.53
N ILE D 92 -4.90 37.63 -9.00
CA ILE D 92 -5.15 36.81 -10.19
C ILE D 92 -4.55 37.46 -11.43
N GLU D 93 -4.52 38.78 -11.49
CA GLU D 93 -3.85 39.45 -12.60
C GLU D 93 -2.34 39.27 -12.51
N GLY D 94 -1.80 39.24 -11.29
CA GLY D 94 -0.38 38.95 -11.13
C GLY D 94 -0.04 37.51 -11.44
N TRP D 95 -0.98 36.59 -11.23
CA TRP D 95 -0.76 35.20 -11.59
C TRP D 95 -0.82 34.99 -13.11
N LYS D 96 -1.57 35.84 -13.81
CA LYS D 96 -1.55 35.81 -15.26
C LYS D 96 -0.16 36.13 -15.80
N LYS D 97 0.48 37.16 -15.23
CA LYS D 97 1.83 37.52 -15.65
C LYS D 97 2.82 36.44 -15.23
N LEU D 98 2.68 35.89 -14.02
CA LEU D 98 3.56 34.81 -13.59
C LEU D 98 3.49 33.63 -14.54
N ALA D 99 2.26 33.16 -14.84
CA ALA D 99 2.11 32.05 -15.76
C ALA D 99 2.62 32.40 -17.15
N THR D 100 2.40 33.64 -17.59
CA THR D 100 2.90 34.07 -18.90
C THR D 100 4.42 34.03 -18.95
N ASP D 101 5.07 34.53 -17.89
CA ASP D 101 6.53 34.48 -17.85
C ASP D 101 7.03 33.05 -17.74
N GLU D 102 6.33 32.21 -16.98
CA GLU D 102 6.73 30.81 -16.85
C GLU D 102 6.60 30.08 -18.17
N LEU D 103 5.49 30.30 -18.88
CA LEU D 103 5.32 29.67 -20.19
C LEU D 103 6.38 30.14 -21.18
N GLU D 104 6.80 31.39 -21.08
CA GLU D 104 7.88 31.88 -21.93
C GLU D 104 9.18 31.16 -21.61
N LYS D 105 9.43 30.87 -20.33
CA LYS D 105 10.65 30.16 -19.96
C LYS D 105 10.60 28.69 -20.39
N TYR D 106 9.42 28.06 -20.29
CA TYR D 106 9.25 26.70 -20.80
C TYR D 106 9.63 26.62 -22.28
N ALA D 107 9.06 27.51 -23.09
CA ALA D 107 9.33 27.49 -24.53
C ALA D 107 10.78 27.81 -24.84
N LYS D 108 11.37 28.75 -24.10
CA LYS D 108 12.78 29.08 -24.28
C LYS D 108 13.71 28.08 -23.61
N ASN D 109 13.18 27.04 -22.96
CA ASN D 109 13.97 26.03 -22.27
C ASN D 109 14.89 26.68 -21.25
N GLU D 110 14.38 27.69 -20.56
CA GLU D 110 14.93 28.48 -19.47
C GLU D 110 14.43 27.93 -18.13
N PRO D 111 15.30 27.86 -17.12
CA PRO D 111 14.86 27.36 -15.80
C PRO D 111 13.69 28.18 -15.27
N THR D 112 12.54 27.52 -15.10
CA THR D 112 11.34 28.19 -14.62
C THR D 112 11.42 28.40 -13.11
N LEU D 113 10.61 29.34 -12.63
CA LEU D 113 10.56 29.61 -11.20
C LEU D 113 10.04 28.39 -10.44
N ILE D 114 9.02 27.72 -10.98
CA ILE D 114 8.48 26.54 -10.31
C ILE D 114 9.51 25.41 -10.30
N ARG D 115 10.38 25.35 -11.31
CA ARG D 115 11.46 24.37 -11.30
C ARG D 115 12.49 24.69 -10.23
N ILE D 116 12.90 25.97 -10.15
CA ILE D 116 13.90 26.36 -9.17
C ILE D 116 13.40 26.11 -7.75
N TRP D 117 12.10 26.35 -7.51
CA TRP D 117 11.53 26.02 -6.21
C TRP D 117 11.59 24.52 -5.94
N GLY D 118 11.19 23.72 -6.93
CA GLY D 118 11.15 22.28 -6.73
C GLY D 118 12.52 21.70 -6.39
N ASP D 119 13.56 22.16 -7.07
CA ASP D 119 14.90 21.65 -6.81
C ASP D 119 15.34 21.99 -5.37
N ALA D 120 15.08 23.23 -4.94
CA ALA D 120 15.45 23.61 -3.58
C ALA D 120 14.60 22.87 -2.55
N LEU D 121 13.32 22.65 -2.86
CA LEU D 121 12.44 21.99 -1.90
C LEU D 121 12.75 20.50 -1.79
N PHE D 122 12.92 19.82 -2.93
CA PHE D 122 13.15 18.39 -2.89
C PHE D 122 14.49 18.04 -2.26
N ASP D 123 15.47 18.96 -2.32
CA ASP D 123 16.72 18.72 -1.61
C ASP D 123 16.49 18.63 -0.11
N ILE D 124 15.46 19.30 0.39
CA ILE D 124 15.08 19.23 1.80
C ILE D 124 14.19 18.03 2.08
N VAL D 125 13.19 17.79 1.24
CA VAL D 125 12.22 16.73 1.51
C VAL D 125 12.86 15.37 1.31
N ASP D 126 13.75 15.24 0.34
CA ASP D 126 14.50 14.00 0.14
C ASP D 126 15.57 13.91 1.22
N LYS D 127 15.43 12.93 2.11
CA LYS D 127 16.44 12.72 3.15
C LYS D 127 17.77 12.25 2.57
N ASP D 128 17.76 11.69 1.36
CA ASP D 128 19.01 11.35 0.68
C ASP D 128 19.60 12.53 -0.07
N GLN D 129 18.82 13.60 -0.29
CA GLN D 129 19.27 14.79 -0.99
C GLN D 129 19.73 14.46 -2.41
N ASN D 130 18.86 13.77 -3.16
CA ASN D 130 19.11 13.43 -4.55
C ASN D 130 18.01 13.90 -5.48
N GLY D 131 17.11 14.76 -5.01
CA GLY D 131 16.03 15.26 -5.85
C GLY D 131 14.98 14.22 -6.18
N ALA D 132 14.66 13.35 -5.23
CA ALA D 132 13.62 12.34 -5.43
C ALA D 132 13.02 12.02 -4.07
N ILE D 133 11.71 12.21 -3.93
CA ILE D 133 11.03 12.04 -2.65
C ILE D 133 10.12 10.84 -2.73
N THR D 134 9.94 10.18 -1.59
CA THR D 134 9.05 9.04 -1.49
C THR D 134 7.62 9.50 -1.25
N LEU D 135 6.70 8.54 -1.20
CA LEU D 135 5.31 8.88 -0.93
C LEU D 135 5.13 9.43 0.48
N ASP D 136 5.80 8.83 1.46
CA ASP D 136 5.72 9.35 2.82
C ASP D 136 6.35 10.73 2.95
N GLU D 137 7.39 11.01 2.15
CA GLU D 137 7.99 12.34 2.17
C GLU D 137 7.10 13.37 1.49
N TRP D 138 6.40 12.97 0.42
CA TRP D 138 5.44 13.86 -0.22
C TRP D 138 4.27 14.15 0.71
N LYS D 139 3.77 13.12 1.41
CA LYS D 139 2.72 13.33 2.41
C LYS D 139 3.19 14.30 3.49
N ALA D 140 4.41 14.10 4.00
CA ALA D 140 4.92 14.93 5.08
C ALA D 140 4.94 16.40 4.70
N TYR D 141 5.38 16.72 3.48
CA TYR D 141 5.47 18.12 3.09
C TYR D 141 4.09 18.73 2.82
N THR D 142 3.27 18.05 2.02
CA THR D 142 1.99 18.63 1.62
C THR D 142 1.05 18.78 2.82
N LYS D 143 1.11 17.87 3.78
CA LYS D 143 0.31 18.03 4.99
C LYS D 143 0.85 19.16 5.85
N ALA D 144 2.18 19.27 5.96
CA ALA D 144 2.78 20.39 6.69
C ALA D 144 2.41 21.72 6.06
N ALA D 145 2.41 21.77 4.72
CA ALA D 145 1.97 22.98 4.04
C ALA D 145 0.47 23.18 4.17
N GLY D 146 -0.30 22.09 4.30
CA GLY D 146 -1.73 22.16 4.31
C GLY D 146 -2.37 22.15 2.93
N ILE D 147 -1.57 22.12 1.86
CA ILE D 147 -2.15 22.10 0.52
C ILE D 147 -2.90 20.80 0.29
N ILE D 148 -2.48 19.72 0.93
CA ILE D 148 -3.22 18.47 0.95
C ILE D 148 -3.40 18.05 2.40
N GLN D 149 -4.62 17.61 2.74
CA GLN D 149 -4.96 17.20 4.10
C GLN D 149 -5.00 15.68 4.27
N SER D 150 -5.57 14.96 3.31
CA SER D 150 -5.76 13.52 3.43
C SER D 150 -4.67 12.76 2.69
N SER D 151 -4.36 11.56 3.20
CA SER D 151 -3.36 10.72 2.56
C SER D 151 -3.81 10.23 1.19
N GLU D 152 -5.12 10.09 0.98
CA GLU D 152 -5.62 9.59 -0.30
C GLU D 152 -5.29 10.57 -1.43
N ASP D 153 -5.37 11.87 -1.17
CA ASP D 153 -5.04 12.85 -2.20
C ASP D 153 -3.54 12.87 -2.50
N CYS D 154 -2.71 12.56 -1.52
CA CYS D 154 -1.27 12.46 -1.77
C CYS D 154 -0.95 11.29 -2.70
N GLU D 155 -1.69 10.19 -2.55
CA GLU D 155 -1.45 9.04 -3.41
C GLU D 155 -1.91 9.29 -4.84
N GLU D 156 -2.88 10.18 -5.02
CA GLU D 156 -3.31 10.53 -6.38
C GLU D 156 -2.23 11.29 -7.14
N THR D 157 -1.35 11.99 -6.41
CA THR D 157 -0.22 12.65 -7.07
C THR D 157 0.67 11.64 -7.76
N PHE D 158 1.00 10.54 -7.07
CA PHE D 158 1.84 9.51 -7.66
C PHE D 158 1.13 8.77 -8.79
N ARG D 159 -0.20 8.69 -8.73
CA ARG D 159 -0.94 8.08 -9.82
C ARG D 159 -0.93 8.97 -11.06
N VAL D 160 -1.07 10.29 -10.86
CA VAL D 160 -1.07 11.22 -11.99
C VAL D 160 0.31 11.28 -12.63
N CYS D 161 1.37 11.31 -11.82
CA CYS D 161 2.74 11.31 -12.32
C CYS D 161 3.20 9.96 -12.81
N ASP D 162 2.33 8.94 -12.74
CA ASP D 162 2.65 7.58 -13.19
C ASP D 162 3.85 7.01 -12.44
N ILE D 163 3.79 7.06 -11.11
CA ILE D 163 4.84 6.56 -10.24
C ILE D 163 4.20 5.64 -9.21
N ASP D 164 4.81 4.47 -8.99
CA ASP D 164 4.31 3.56 -7.98
C ASP D 164 4.48 4.16 -6.59
N GLU D 165 3.67 3.66 -5.64
CA GLU D 165 3.74 4.16 -4.28
C GLU D 165 5.06 3.80 -3.60
N SER D 166 5.79 2.80 -4.11
CA SER D 166 7.11 2.50 -3.62
C SER D 166 8.21 3.29 -4.34
N GLY D 167 7.89 3.86 -5.50
CA GLY D 167 8.84 4.67 -6.23
C GLY D 167 8.98 6.07 -5.66
N GLN D 168 9.75 6.89 -6.37
CA GLN D 168 10.04 8.25 -5.95
C GLN D 168 9.60 9.25 -7.00
N LEU D 169 9.30 10.47 -6.55
CA LEU D 169 8.88 11.57 -7.40
C LEU D 169 10.03 12.58 -7.49
N ASP D 170 10.34 13.01 -8.70
CA ASP D 170 11.44 13.93 -8.95
C ASP D 170 10.93 15.27 -9.48
N VAL D 171 11.82 16.26 -9.48
CA VAL D 171 11.45 17.61 -9.89
C VAL D 171 11.18 17.68 -11.39
N ASP D 172 11.91 16.88 -12.20
CA ASP D 172 11.68 16.88 -13.64
C ASP D 172 10.23 16.53 -13.96
N GLU D 173 9.73 15.43 -13.38
CA GLU D 173 8.36 15.02 -13.65
C GLU D 173 7.36 16.00 -13.04
N MET D 174 7.62 16.47 -11.83
CA MET D 174 6.70 17.39 -11.17
C MET D 174 6.64 18.73 -11.90
N THR D 175 7.76 19.17 -12.47
CA THR D 175 7.76 20.43 -13.22
C THR D 175 6.86 20.34 -14.44
N ARG D 176 6.84 19.18 -15.11
CA ARG D 176 5.96 19.01 -16.27
C ARG D 176 4.50 18.94 -15.84
N GLN D 177 4.23 18.34 -14.69
CA GLN D 177 2.85 18.30 -14.20
C GLN D 177 2.38 19.69 -13.80
N HIS D 178 3.24 20.44 -13.10
CA HIS D 178 2.87 21.80 -12.72
C HIS D 178 2.70 22.71 -13.92
N LEU D 179 3.37 22.40 -15.03
CA LEU D 179 3.12 23.12 -16.28
C LEU D 179 1.64 23.06 -16.64
N GLY D 180 1.05 21.86 -16.59
CA GLY D 180 -0.34 21.70 -16.93
C GLY D 180 -1.32 22.00 -15.82
N PHE D 181 -0.88 21.92 -14.56
CA PHE D 181 -1.80 22.08 -13.45
C PHE D 181 -1.96 23.55 -13.04
N TRP D 182 -0.85 24.28 -12.92
CA TRP D 182 -0.93 25.68 -12.50
C TRP D 182 -1.03 26.66 -13.65
N TYR D 183 -0.51 26.31 -14.83
CA TYR D 183 -0.32 27.28 -15.90
C TYR D 183 -1.26 27.13 -17.07
N THR D 184 -1.50 25.91 -17.58
CA THR D 184 -2.16 25.74 -18.87
C THR D 184 -3.48 24.98 -18.80
N MET D 185 -3.87 24.46 -17.65
CA MET D 185 -5.12 23.71 -17.51
C MET D 185 -5.14 22.48 -18.42
N ASP D 186 -4.01 21.78 -18.47
CA ASP D 186 -3.93 20.54 -19.23
C ASP D 186 -4.81 19.48 -18.58
N PRO D 187 -5.81 18.92 -19.27
CA PRO D 187 -6.68 17.92 -18.64
C PRO D 187 -5.94 16.67 -18.17
N ALA D 188 -4.76 16.38 -18.74
CA ALA D 188 -3.99 15.23 -18.28
C ALA D 188 -3.36 15.45 -16.92
N CYS D 189 -3.33 16.69 -16.43
CA CYS D 189 -2.75 17.00 -15.12
C CYS D 189 -3.79 17.19 -14.03
N GLU D 190 -5.05 16.85 -14.31
CA GLU D 190 -6.10 16.98 -13.30
C GLU D 190 -5.81 16.05 -12.12
N LYS D 191 -6.31 16.45 -10.95
CA LYS D 191 -6.16 15.67 -9.72
C LYS D 191 -4.69 15.46 -9.34
N LEU D 192 -3.82 16.37 -9.78
CA LEU D 192 -2.42 16.29 -9.37
C LEU D 192 -2.28 16.36 -7.86
N TYR D 193 -3.13 17.14 -7.20
CA TYR D 193 -3.20 17.19 -5.74
C TYR D 193 -4.48 16.53 -5.22
N GLY D 194 -5.02 15.59 -5.99
CA GLY D 194 -6.23 14.89 -5.57
C GLY D 194 -7.43 15.82 -5.58
N GLY D 195 -8.32 15.63 -4.61
CA GLY D 195 -9.44 16.52 -4.43
C GLY D 195 -9.15 17.77 -3.63
N ALA D 196 -7.94 17.87 -3.07
CA ALA D 196 -7.61 19.02 -2.23
C ALA D 196 -7.59 20.32 -3.03
N VAL D 197 -7.19 20.26 -4.30
CA VAL D 197 -7.10 21.44 -5.14
C VAL D 197 -7.93 21.21 -6.40
N PRO D 198 -8.96 22.02 -6.67
CA PRO D 198 -9.81 21.87 -7.86
C PRO D 198 -9.03 22.12 -9.15
N HIS E 5 31.65 -8.52 68.52
CA HIS E 5 31.57 -9.31 67.29
C HIS E 5 30.86 -8.54 66.18
N HIS E 6 31.37 -8.68 64.96
CA HIS E 6 30.80 -8.06 63.78
C HIS E 6 30.78 -9.09 62.65
N HIS E 7 29.63 -9.31 62.04
CA HIS E 7 29.49 -10.18 60.89
C HIS E 7 29.30 -9.33 59.63
N HIS E 8 30.10 -9.60 58.62
CA HIS E 8 30.14 -8.78 57.40
C HIS E 8 29.22 -9.39 56.35
N HIS E 9 28.12 -8.70 56.05
CA HIS E 9 27.18 -9.18 55.05
C HIS E 9 27.44 -8.58 53.67
N GLY E 10 28.07 -7.41 53.59
CA GLY E 10 28.33 -6.78 52.31
C GLY E 10 29.11 -5.50 52.50
N LYS E 11 29.43 -4.87 51.37
CA LYS E 11 30.21 -3.65 51.34
C LYS E 11 29.43 -2.58 50.60
N LEU E 12 29.30 -1.40 51.21
CA LEU E 12 28.60 -0.27 50.61
C LEU E 12 29.51 0.89 50.25
N THR E 13 30.75 0.90 50.76
CA THR E 13 31.67 2.00 50.50
C THR E 13 32.31 1.82 49.12
N SER E 14 32.35 2.91 48.35
CA SER E 14 32.97 2.88 47.04
C SER E 14 34.49 2.91 47.17
N ASP E 15 35.16 2.64 46.06
CA ASP E 15 36.62 2.60 46.01
C ASP E 15 37.06 2.93 44.58
N PHE E 16 36.76 4.15 44.15
CA PHE E 16 36.95 4.53 42.75
C PHE E 16 38.40 4.91 42.43
N ASP E 17 39.18 5.30 43.43
CA ASP E 17 40.60 5.54 43.23
C ASP E 17 41.45 4.29 43.45
N ASN E 18 40.80 3.15 43.72
CA ASN E 18 41.53 1.89 43.80
C ASN E 18 42.12 1.57 42.43
N PRO E 19 43.42 1.31 42.33
CA PRO E 19 43.99 0.91 41.03
C PRO E 19 43.37 -0.36 40.47
N ARG E 20 43.20 -1.39 41.29
CA ARG E 20 42.64 -2.64 40.80
C ARG E 20 41.17 -2.52 40.41
N TRP E 21 40.50 -1.43 40.80
CA TRP E 21 39.13 -1.21 40.36
C TRP E 21 39.08 -0.55 38.99
N ILE E 22 39.96 0.42 38.76
CA ILE E 22 40.07 1.03 37.44
C ILE E 22 40.50 -0.02 36.41
N GLY E 23 41.44 -0.88 36.79
CA GLY E 23 41.92 -1.90 35.87
C GLY E 23 40.89 -2.98 35.58
N ARG E 24 40.01 -3.25 36.54
CA ARG E 24 38.95 -4.24 36.31
C ARG E 24 38.01 -3.77 35.20
N HIS E 25 37.61 -2.50 35.25
CA HIS E 25 36.77 -1.94 34.20
C HIS E 25 37.57 -1.54 32.97
N LYS E 26 38.88 -1.36 33.11
CA LYS E 26 39.73 -1.19 31.93
C LYS E 26 39.83 -2.49 31.15
N HIS E 27 39.93 -3.62 31.86
CA HIS E 27 39.87 -4.92 31.20
C HIS E 27 38.54 -5.12 30.50
N MET E 28 37.43 -4.82 31.19
CA MET E 28 36.12 -4.95 30.57
C MET E 28 35.96 -4.03 29.38
N PHE E 29 36.56 -2.84 29.44
CA PHE E 29 36.51 -1.93 28.29
C PHE E 29 37.21 -2.53 27.08
N ASN E 30 38.38 -3.13 27.28
CA ASN E 30 39.11 -3.73 26.17
C ASN E 30 38.35 -4.94 25.61
N PHE E 31 37.74 -5.73 26.49
CA PHE E 31 36.95 -6.88 26.04
C PHE E 31 35.74 -6.43 25.23
N LEU E 32 35.11 -5.32 25.63
CA LEU E 32 33.99 -4.77 24.87
C LEU E 32 34.45 -4.04 23.61
N ASP E 33 35.70 -3.59 23.57
CA ASP E 33 36.25 -2.89 22.40
C ASP E 33 36.87 -3.93 21.46
N VAL E 34 35.99 -4.70 20.82
CA VAL E 34 36.45 -5.82 20.00
C VAL E 34 37.15 -5.34 18.74
N ASN E 35 36.80 -4.16 18.25
CA ASN E 35 37.36 -3.64 17.01
C ASN E 35 38.49 -2.64 17.22
N HIS E 36 38.98 -2.51 18.46
CA HIS E 36 40.11 -1.66 18.80
C HIS E 36 39.90 -0.22 18.35
N ASN E 37 38.65 0.23 18.31
CA ASN E 37 38.35 1.62 17.97
C ASN E 37 38.64 2.57 19.12
N GLY E 38 38.97 2.06 20.30
CA GLY E 38 39.13 2.89 21.48
C GLY E 38 37.85 3.51 21.98
N LYS E 39 36.73 3.32 21.28
CA LYS E 39 35.44 3.89 21.65
C LYS E 39 34.37 2.82 21.46
N ILE E 40 33.39 2.79 22.37
CA ILE E 40 32.26 1.89 22.26
C ILE E 40 30.98 2.72 22.42
N SER E 41 29.90 2.23 21.83
CA SER E 41 28.62 2.93 21.84
C SER E 41 27.57 2.07 22.53
N LEU E 42 26.47 2.73 22.93
CA LEU E 42 25.34 2.00 23.46
C LEU E 42 24.72 1.09 22.41
N ASP E 43 24.79 1.49 21.13
CA ASP E 43 24.32 0.63 20.05
C ASP E 43 25.06 -0.70 20.04
N GLU E 44 26.38 -0.66 20.23
CA GLU E 44 27.17 -1.89 20.23
C GLU E 44 26.87 -2.75 21.46
N MET E 45 26.75 -2.11 22.63
CA MET E 45 26.54 -2.86 23.86
C MET E 45 25.17 -3.53 23.86
N VAL E 46 24.13 -2.80 23.46
CA VAL E 46 22.79 -3.37 23.44
C VAL E 46 22.67 -4.42 22.34
N TYR E 47 23.36 -4.22 21.22
CA TYR E 47 23.35 -5.23 20.17
C TYR E 47 23.97 -6.53 20.66
N LYS E 48 25.12 -6.43 21.34
CA LYS E 48 25.80 -7.63 21.83
C LYS E 48 24.95 -8.38 22.83
N ALA E 49 24.28 -7.66 23.73
CA ALA E 49 23.44 -8.32 24.73
C ALA E 49 22.25 -9.02 24.07
N SER E 50 21.57 -8.32 23.16
CA SER E 50 20.39 -8.90 22.53
C SER E 50 20.75 -10.02 21.57
N ASP E 51 21.92 -9.94 20.92
CA ASP E 51 22.35 -11.00 20.01
C ASP E 51 22.55 -12.31 20.78
N ILE E 52 23.10 -12.23 21.99
CA ILE E 52 23.34 -13.43 22.79
C ILE E 52 22.02 -14.10 23.16
N VAL E 53 21.09 -13.33 23.74
CA VAL E 53 19.89 -13.95 24.29
C VAL E 53 18.96 -14.42 23.18
N ILE E 54 18.95 -13.75 22.03
CA ILE E 54 18.03 -14.12 20.95
C ILE E 54 18.61 -15.23 20.08
N ASN E 55 19.86 -15.09 19.66
CA ASN E 55 20.43 -16.00 18.66
C ASN E 55 21.26 -17.13 19.27
N ASN E 56 21.61 -17.06 20.54
CA ASN E 56 22.37 -18.12 21.19
C ASN E 56 21.62 -18.81 22.31
N LEU E 57 20.66 -18.13 22.96
CA LEU E 57 19.95 -18.70 24.10
C LEU E 57 18.48 -18.95 23.84
N GLY E 58 17.97 -18.53 22.67
CA GLY E 58 16.60 -18.81 22.29
C GLY E 58 15.56 -18.12 23.16
N ALA E 59 15.71 -16.82 23.36
CA ALA E 59 14.77 -16.07 24.18
C ALA E 59 13.54 -15.68 23.36
N THR E 60 12.39 -15.65 24.04
CA THR E 60 11.17 -15.20 23.40
C THR E 60 11.24 -13.69 23.14
N PRO E 61 10.42 -13.19 22.22
CA PRO E 61 10.44 -11.74 21.95
C PRO E 61 10.14 -10.90 23.17
N GLU E 62 9.34 -11.40 24.11
CA GLU E 62 9.07 -10.65 25.32
C GLU E 62 10.22 -10.73 26.33
N GLN E 63 10.90 -11.88 26.38
CA GLN E 63 12.09 -12.00 27.23
C GLN E 63 13.22 -11.12 26.70
N ALA E 64 13.35 -11.02 25.37
CA ALA E 64 14.40 -10.19 24.79
C ALA E 64 14.14 -8.72 25.06
N LYS E 65 12.87 -8.29 24.99
CA LYS E 65 12.56 -6.88 25.22
C LYS E 65 12.78 -6.50 26.68
N ARG E 66 12.41 -7.39 27.61
CA ARG E 66 12.68 -7.13 29.02
C ARG E 66 14.17 -7.09 29.29
N HIS E 67 14.93 -8.01 28.69
CA HIS E 67 16.38 -8.02 28.85
C HIS E 67 17.03 -6.81 28.20
N LYS E 68 16.50 -6.38 27.05
CA LYS E 68 17.08 -5.23 26.34
C LYS E 68 16.96 -3.96 27.17
N ASP E 69 15.77 -3.72 27.75
CA ASP E 69 15.60 -2.53 28.58
C ASP E 69 16.51 -2.56 29.80
N ALA E 70 16.84 -3.75 30.28
CA ALA E 70 17.72 -3.85 31.45
C ALA E 70 19.16 -3.53 31.09
N VAL E 71 19.64 -4.00 29.94
CA VAL E 71 20.99 -3.69 29.51
C VAL E 71 21.09 -2.24 29.08
N GLU E 72 20.08 -1.74 28.38
CA GLU E 72 20.05 -0.33 27.97
C GLU E 72 20.17 0.58 29.19
N ALA E 73 19.40 0.30 30.24
CA ALA E 73 19.47 1.10 31.45
C ALA E 73 20.79 0.90 32.19
N PHE E 74 21.39 -0.29 32.08
CA PHE E 74 22.63 -0.57 32.79
C PHE E 74 23.79 0.26 32.24
N PHE E 75 24.09 0.08 30.94
CA PHE E 75 25.14 0.88 30.33
C PHE E 75 24.71 2.33 30.16
N GLY E 76 23.41 2.57 29.97
CA GLY E 76 22.92 3.94 29.95
C GLY E 76 23.16 4.66 31.26
N GLY E 77 23.12 3.93 32.38
CA GLY E 77 23.47 4.51 33.66
C GLY E 77 24.92 4.89 33.79
N ALA E 78 25.78 4.38 32.89
CA ALA E 78 27.18 4.73 32.85
C ALA E 78 27.48 5.86 31.88
N GLY E 79 26.45 6.52 31.35
CA GLY E 79 26.61 7.65 30.46
C GLY E 79 26.55 7.32 28.99
N MET E 80 26.59 6.04 28.62
CA MET E 80 26.56 5.66 27.22
C MET E 80 25.18 5.90 26.62
N LYS E 81 25.16 6.45 25.41
CA LYS E 81 23.93 6.78 24.71
C LYS E 81 24.00 6.29 23.27
N TYR E 82 22.82 6.06 22.69
CA TYR E 82 22.76 5.66 21.29
C TYR E 82 23.30 6.76 20.39
N GLY E 83 24.02 6.36 19.35
CA GLY E 83 24.64 7.31 18.45
C GLY E 83 25.86 8.01 18.97
N VAL E 84 26.19 7.84 20.26
CA VAL E 84 27.35 8.48 20.87
C VAL E 84 28.43 7.43 21.04
N GLU E 85 29.66 7.78 20.67
CA GLU E 85 30.81 6.90 20.82
C GLU E 85 31.58 7.29 22.08
N THR E 86 31.66 6.37 23.03
CA THR E 86 32.21 6.64 24.35
C THR E 86 33.63 6.13 24.41
N ASP E 87 34.59 7.04 24.57
CA ASP E 87 35.98 6.66 24.73
C ASP E 87 36.24 6.25 26.18
N TRP E 88 37.46 5.81 26.46
CA TRP E 88 37.79 5.34 27.80
C TRP E 88 37.65 6.42 28.89
N PRO E 89 38.10 7.67 28.70
CA PRO E 89 37.91 8.66 29.77
C PRO E 89 36.44 8.89 30.12
N ALA E 90 35.57 9.08 29.13
CA ALA E 90 34.16 9.27 29.39
C ALA E 90 33.48 7.99 29.88
N TYR E 91 34.13 6.84 29.71
CA TYR E 91 33.58 5.56 30.15
C TYR E 91 33.87 5.27 31.62
N ILE E 92 35.10 5.50 32.07
CA ILE E 92 35.45 5.20 33.45
C ILE E 92 34.84 6.23 34.40
N GLU E 93 34.76 7.50 33.97
CA GLU E 93 34.10 8.50 34.80
C GLU E 93 32.59 8.32 34.77
N GLY E 94 32.05 7.93 33.61
CA GLY E 94 30.64 7.60 33.54
C GLY E 94 30.28 6.38 34.37
N TRP E 95 31.22 5.45 34.53
CA TRP E 95 30.97 4.30 35.39
C TRP E 95 30.94 4.72 36.85
N LYS E 96 31.75 5.70 37.24
CA LYS E 96 31.66 6.23 38.60
C LYS E 96 30.28 6.77 38.90
N LYS E 97 29.62 7.36 37.90
CA LYS E 97 28.23 7.78 38.06
C LYS E 97 27.32 6.57 38.25
N LEU E 98 27.60 5.47 37.55
CA LEU E 98 26.77 4.28 37.66
C LEU E 98 26.94 3.63 39.04
N ALA E 99 28.18 3.38 39.45
CA ALA E 99 28.41 2.72 40.73
C ALA E 99 27.93 3.57 41.89
N THR E 100 28.02 4.90 41.77
CA THR E 100 27.52 5.77 42.83
C THR E 100 26.00 5.71 42.90
N ASP E 101 25.34 5.79 41.75
CA ASP E 101 23.88 5.66 41.74
C ASP E 101 23.43 4.27 42.15
N GLU E 102 24.23 3.24 41.83
CA GLU E 102 23.87 1.88 42.21
C GLU E 102 23.99 1.68 43.73
N LEU E 103 25.05 2.22 44.33
CA LEU E 103 25.21 2.13 45.77
C LEU E 103 24.20 2.97 46.53
N GLU E 104 23.68 4.03 45.89
CA GLU E 104 22.61 4.82 46.50
C GLU E 104 21.31 4.01 46.57
N LYS E 105 20.95 3.35 45.47
CA LYS E 105 19.80 2.45 45.49
C LYS E 105 20.08 1.23 46.36
N TYR E 106 21.34 0.80 46.43
CA TYR E 106 21.72 -0.32 47.29
C TYR E 106 21.43 0.00 48.76
N ALA E 107 21.87 1.19 49.21
CA ALA E 107 21.67 1.56 50.61
C ALA E 107 20.20 1.79 50.93
N LYS E 108 19.41 2.24 49.95
CA LYS E 108 17.99 2.46 50.15
C LYS E 108 17.15 1.19 49.99
N ASN E 109 17.79 0.04 49.79
CA ASN E 109 17.09 -1.22 49.55
C ASN E 109 16.12 -1.10 48.38
N GLU E 110 16.56 -0.40 47.34
CA GLU E 110 15.84 -0.29 46.09
C GLU E 110 16.43 -1.24 45.05
N PRO E 111 15.62 -1.69 44.08
CA PRO E 111 16.17 -2.56 43.03
C PRO E 111 17.25 -1.84 42.23
N THR E 112 18.45 -2.43 42.23
CA THR E 112 19.55 -1.88 41.47
C THR E 112 19.41 -2.23 39.98
N LEU E 113 20.11 -1.48 39.14
CA LEU E 113 20.10 -1.77 37.71
C LEU E 113 20.71 -3.13 37.42
N ILE E 114 21.71 -3.55 38.21
CA ILE E 114 22.33 -4.85 37.99
C ILE E 114 21.40 -5.98 38.40
N ARG E 115 20.51 -5.73 39.37
CA ARG E 115 19.54 -6.75 39.72
C ARG E 115 18.48 -6.91 38.63
N ILE E 116 18.00 -5.79 38.09
CA ILE E 116 16.99 -5.86 37.03
C ILE E 116 17.53 -6.60 35.83
N TRP E 117 18.83 -6.41 35.53
CA TRP E 117 19.46 -7.16 34.46
C TRP E 117 19.54 -8.64 34.80
N GLY E 118 19.94 -8.97 36.03
CA GLY E 118 20.05 -10.37 36.43
C GLY E 118 18.72 -11.09 36.36
N ASP E 119 17.67 -10.48 36.91
CA ASP E 119 16.34 -11.09 36.86
C ASP E 119 15.88 -11.28 35.42
N ALA E 120 16.09 -10.28 34.56
CA ALA E 120 15.70 -10.41 33.16
C ALA E 120 16.54 -11.46 32.44
N LEU E 121 17.79 -11.65 32.85
CA LEU E 121 18.66 -12.60 32.15
C LEU E 121 18.41 -14.03 32.63
N PHE E 122 18.34 -14.24 33.95
CA PHE E 122 18.17 -15.60 34.46
C PHE E 122 16.84 -16.21 34.06
N ASP E 123 15.82 -15.39 33.76
CA ASP E 123 14.59 -15.92 33.20
C ASP E 123 14.81 -16.55 31.83
N ILE E 124 15.87 -16.14 31.13
CA ILE E 124 16.20 -16.71 29.83
C ILE E 124 17.15 -17.89 29.96
N VAL E 125 18.21 -17.72 30.76
CA VAL E 125 19.24 -18.75 30.85
C VAL E 125 18.70 -20.01 31.52
N ASP E 126 17.85 -19.84 32.53
CA ASP E 126 17.27 -20.99 33.23
C ASP E 126 16.10 -21.54 32.42
N LYS E 127 16.17 -22.83 32.07
CA LYS E 127 15.10 -23.44 31.31
C LYS E 127 13.82 -23.58 32.13
N ASP E 128 13.94 -23.63 33.46
CA ASP E 128 12.78 -23.76 34.33
C ASP E 128 12.13 -22.41 34.63
N GLN E 129 12.84 -21.31 34.41
CA GLN E 129 12.33 -19.96 34.66
C GLN E 129 11.93 -19.79 36.13
N ASN E 130 12.88 -20.07 37.02
CA ASN E 130 12.68 -19.86 38.45
C ASN E 130 13.76 -18.98 39.07
N GLY E 131 14.59 -18.33 38.26
CA GLY E 131 15.62 -17.46 38.78
C GLY E 131 16.85 -18.16 39.29
N ALA E 132 17.13 -19.37 38.82
CA ALA E 132 18.31 -20.12 39.25
C ALA E 132 18.85 -20.92 38.07
N ILE E 133 20.15 -20.80 37.82
CA ILE E 133 20.78 -21.42 36.66
C ILE E 133 21.79 -22.45 37.15
N THR E 134 21.97 -23.50 36.34
CA THR E 134 22.94 -24.54 36.66
C THR E 134 24.33 -24.11 36.20
N LEU E 135 25.32 -24.98 36.44
CA LEU E 135 26.68 -24.68 36.03
C LEU E 135 26.83 -24.73 34.52
N ASP E 136 26.11 -25.65 33.87
CA ASP E 136 26.15 -25.70 32.41
C ASP E 136 25.49 -24.47 31.80
N GLU E 137 24.39 -24.00 32.39
CA GLU E 137 23.73 -22.81 31.88
C GLU E 137 24.57 -21.56 32.09
N TRP E 138 25.34 -21.51 33.18
CA TRP E 138 26.25 -20.39 33.39
C TRP E 138 27.44 -20.46 32.43
N LYS E 139 27.93 -21.67 32.16
CA LYS E 139 28.95 -21.84 31.13
C LYS E 139 28.42 -21.42 29.77
N ALA E 140 27.16 -21.74 29.49
CA ALA E 140 26.58 -21.44 28.18
C ALA E 140 26.48 -19.94 27.94
N TYR E 141 26.02 -19.18 28.94
CA TYR E 141 25.85 -17.75 28.74
C TYR E 141 27.19 -17.02 28.71
N THR E 142 28.08 -17.35 29.65
CA THR E 142 29.34 -16.62 29.74
C THR E 142 30.22 -16.87 28.51
N LYS E 143 30.22 -18.10 27.99
CA LYS E 143 31.00 -18.38 26.79
C LYS E 143 30.36 -17.74 25.57
N ALA E 144 29.02 -17.73 25.50
CA ALA E 144 28.35 -17.04 24.40
C ALA E 144 28.57 -15.54 24.46
N ALA E 145 28.72 -14.99 25.68
CA ALA E 145 29.05 -13.58 25.84
C ALA E 145 30.54 -13.31 25.67
N GLY E 146 31.39 -14.31 25.87
CA GLY E 146 32.82 -14.13 25.80
C GLY E 146 33.47 -13.65 27.08
N ILE E 147 32.68 -13.33 28.11
CA ILE E 147 33.26 -12.84 29.35
C ILE E 147 34.09 -13.93 30.04
N ILE E 148 33.73 -15.19 29.84
CA ILE E 148 34.50 -16.32 30.32
C ILE E 148 34.77 -17.25 29.14
N GLN E 149 36.00 -17.73 29.03
CA GLN E 149 36.41 -18.62 27.95
C GLN E 149 36.54 -20.06 28.40
N SER E 150 37.20 -20.29 29.54
CA SER E 150 37.47 -21.64 30.04
C SER E 150 36.47 -22.00 31.12
N SER E 151 36.09 -23.29 31.15
CA SER E 151 35.12 -23.76 32.14
C SER E 151 35.68 -23.76 33.56
N GLU E 152 37.00 -23.65 33.72
CA GLU E 152 37.56 -23.57 35.07
C GLU E 152 37.17 -22.26 35.75
N ASP E 153 37.02 -21.18 34.98
CA ASP E 153 36.60 -19.91 35.57
C ASP E 153 35.11 -19.89 35.90
N CYS E 154 34.29 -20.64 35.15
CA CYS E 154 32.88 -20.74 35.47
C CYS E 154 32.67 -21.47 36.79
N GLU E 155 33.44 -22.54 37.02
CA GLU E 155 33.35 -23.24 38.30
C GLU E 155 33.85 -22.37 39.44
N GLU E 156 34.78 -21.45 39.16
CA GLU E 156 35.23 -20.51 40.18
C GLU E 156 34.11 -19.56 40.60
N THR E 157 33.15 -19.31 39.71
CA THR E 157 32.01 -18.46 40.07
C THR E 157 31.13 -19.15 41.10
N PHE E 158 30.85 -20.44 40.93
CA PHE E 158 30.06 -21.18 41.89
C PHE E 158 30.80 -21.36 43.21
N ARG E 159 32.14 -21.35 43.18
CA ARG E 159 32.91 -21.49 44.40
C ARG E 159 32.87 -20.20 45.22
N VAL E 160 32.92 -19.04 44.56
CA VAL E 160 32.85 -17.78 45.28
C VAL E 160 31.44 -17.55 45.82
N CYS E 161 30.42 -17.90 45.04
CA CYS E 161 29.04 -17.79 45.48
C CYS E 161 28.65 -18.87 46.50
N ASP E 162 29.55 -19.80 46.80
CA ASP E 162 29.30 -20.89 47.75
C ASP E 162 28.07 -21.70 47.33
N ILE E 163 28.16 -22.32 46.17
CA ILE E 163 27.10 -23.17 45.62
C ILE E 163 27.77 -24.35 44.92
N ASP E 164 27.30 -25.57 45.23
CA ASP E 164 27.86 -26.76 44.62
C ASP E 164 27.68 -26.74 43.11
N GLU E 165 28.59 -27.41 42.41
CA GLU E 165 28.55 -27.44 40.95
C GLU E 165 27.27 -28.11 40.44
N SER E 166 26.70 -29.02 41.22
CA SER E 166 25.42 -29.63 40.87
C SER E 166 24.24 -28.77 41.30
N GLY E 167 24.46 -27.73 42.08
CA GLY E 167 23.40 -26.83 42.51
C GLY E 167 23.11 -25.76 41.47
N GLN E 168 22.39 -24.73 41.93
CA GLN E 168 21.99 -23.64 41.06
C GLN E 168 22.38 -22.31 41.67
N LEU E 169 22.55 -21.31 40.80
CA LEU E 169 22.96 -19.97 41.18
C LEU E 169 21.78 -19.03 40.95
N ASP E 170 21.38 -18.32 42.00
CA ASP E 170 20.21 -17.45 41.95
C ASP E 170 20.61 -16.00 41.76
N VAL E 171 19.64 -15.19 41.31
CA VAL E 171 19.89 -13.77 41.07
C VAL E 171 20.23 -13.06 42.37
N ASP E 172 19.60 -13.46 43.47
CA ASP E 172 19.80 -12.78 44.75
C ASP E 172 21.25 -12.86 45.19
N GLU E 173 21.82 -14.06 45.21
CA GLU E 173 23.21 -14.22 45.61
C GLU E 173 24.15 -13.60 44.56
N MET E 174 23.82 -13.75 43.28
CA MET E 174 24.66 -13.16 42.24
C MET E 174 24.63 -11.65 42.27
N THR E 175 23.50 -11.05 42.66
CA THR E 175 23.42 -9.60 42.76
C THR E 175 24.39 -9.07 43.82
N ARG E 176 24.46 -9.75 44.97
CA ARG E 176 25.39 -9.33 46.02
C ARG E 176 26.83 -9.46 45.56
N GLN E 177 27.15 -10.54 44.84
CA GLN E 177 28.51 -10.72 44.35
C GLN E 177 28.89 -9.63 43.34
N HIS E 178 27.94 -9.25 42.49
CA HIS E 178 28.23 -8.24 41.48
C HIS E 178 28.40 -6.86 42.10
N LEU E 179 27.60 -6.54 43.13
CA LEU E 179 27.76 -5.27 43.82
C LEU E 179 29.12 -5.17 44.48
N GLY E 180 29.68 -6.30 44.92
CA GLY E 180 30.99 -6.31 45.53
C GLY E 180 32.11 -6.43 44.51
N PHE E 181 31.81 -7.00 43.34
CA PHE E 181 32.81 -7.22 42.31
C PHE E 181 32.93 -6.03 41.37
N TRP E 182 31.81 -5.42 40.99
CA TRP E 182 31.84 -4.32 40.03
C TRP E 182 31.84 -2.94 40.67
N TYR E 183 31.37 -2.80 41.91
CA TYR E 183 31.13 -1.49 42.49
C TYR E 183 32.02 -1.17 43.68
N THR E 184 32.22 -2.12 44.60
CA THR E 184 32.85 -1.82 45.88
C THR E 184 34.20 -2.48 46.08
N MET E 185 34.60 -3.40 45.19
CA MET E 185 35.86 -4.15 45.33
C MET E 185 35.91 -4.89 46.66
N ASP E 186 34.83 -5.60 46.97
CA ASP E 186 34.79 -6.41 48.18
C ASP E 186 35.77 -7.57 48.06
N PRO E 187 36.78 -7.66 48.93
CA PRO E 187 37.76 -8.75 48.81
C PRO E 187 37.14 -10.14 48.85
N ALA E 188 35.96 -10.30 49.45
CA ALA E 188 35.29 -11.59 49.48
C ALA E 188 34.70 -11.95 48.12
N CYS E 189 34.51 -10.98 47.23
CA CYS E 189 33.97 -11.22 45.91
C CYS E 189 35.04 -11.40 44.84
N GLU E 190 36.31 -11.52 45.24
CA GLU E 190 37.38 -11.72 44.28
C GLU E 190 37.20 -13.05 43.55
N LYS E 191 37.76 -13.13 42.35
CA LYS E 191 37.73 -14.34 41.52
C LYS E 191 36.30 -14.77 41.20
N LEU E 192 35.38 -13.80 41.16
CA LEU E 192 34.00 -14.14 40.83
C LEU E 192 33.87 -14.66 39.40
N TYR E 193 34.77 -14.24 38.51
CA TYR E 193 34.84 -14.77 37.17
C TYR E 193 36.13 -15.55 36.92
N GLY E 194 36.73 -16.08 37.99
CA GLY E 194 37.99 -16.80 37.83
C GLY E 194 39.11 -15.86 37.41
N GLY E 195 39.96 -16.35 36.50
CA GLY E 195 41.00 -15.55 35.91
C GLY E 195 40.59 -14.76 34.71
N ALA E 196 39.33 -14.87 34.28
CA ALA E 196 38.88 -14.14 33.09
C ALA E 196 38.81 -12.64 33.33
N VAL E 197 38.55 -12.21 34.57
CA VAL E 197 38.44 -10.81 34.91
C VAL E 197 39.39 -10.51 36.06
N PRO E 198 40.33 -9.56 35.92
CA PRO E 198 41.27 -9.21 36.98
C PRO E 198 40.59 -8.59 38.20
N HIS F 8 4.44 28.00 48.43
CA HIS F 8 4.94 28.32 47.09
C HIS F 8 4.07 27.67 46.01
N HIS F 9 3.11 28.46 45.52
CA HIS F 9 2.26 28.00 44.43
C HIS F 9 2.62 28.66 43.10
N GLY F 10 3.34 29.76 43.14
CA GLY F 10 3.77 30.44 41.94
C GLY F 10 4.70 31.58 42.30
N LYS F 11 5.08 32.34 41.28
CA LYS F 11 5.98 33.46 41.44
C LYS F 11 5.41 34.64 40.66
N LEU F 12 5.15 35.75 41.33
CA LEU F 12 4.60 36.94 40.71
C LEU F 12 5.61 38.05 40.52
N THR F 13 6.85 37.86 40.94
CA THR F 13 7.88 38.89 40.79
C THR F 13 8.65 38.64 39.49
N SER F 14 8.82 39.72 38.71
CA SER F 14 9.57 39.62 37.48
C SER F 14 11.06 39.41 37.76
N ASP F 15 11.79 39.02 36.72
CA ASP F 15 13.22 38.82 36.80
C ASP F 15 13.84 39.21 35.46
N PHE F 16 13.54 40.44 35.03
CA PHE F 16 13.87 40.87 33.68
C PHE F 16 15.37 41.06 33.45
N ASP F 17 16.16 41.23 34.51
CA ASP F 17 17.60 41.38 34.38
C ASP F 17 18.33 40.04 34.43
N ASN F 18 17.60 38.94 34.60
CA ASN F 18 18.19 37.62 34.55
C ASN F 18 18.61 37.32 33.11
N PRO F 19 19.90 37.09 32.84
CA PRO F 19 20.31 36.78 31.46
C PRO F 19 19.64 35.54 30.90
N ARG F 20 19.17 34.63 31.75
CA ARG F 20 18.45 33.47 31.26
C ARG F 20 17.02 33.81 30.84
N TRP F 21 16.46 34.90 31.35
CA TRP F 21 15.15 35.34 30.85
C TRP F 21 15.28 36.01 29.50
N ILE F 22 16.24 36.92 29.36
CA ILE F 22 16.53 37.52 28.06
C ILE F 22 16.84 36.45 27.03
N GLY F 23 17.67 35.47 27.42
CA GLY F 23 18.09 34.44 26.48
C GLY F 23 16.98 33.46 26.15
N ARG F 24 16.02 33.28 27.06
CA ARG F 24 14.87 32.42 26.76
C ARG F 24 14.04 33.02 25.63
N HIS F 25 13.80 34.33 25.68
CA HIS F 25 13.04 34.99 24.63
C HIS F 25 13.90 35.28 23.40
N LYS F 26 15.22 35.41 23.58
CA LYS F 26 16.11 35.51 22.43
C LYS F 26 16.04 34.23 21.59
N HIS F 27 16.11 33.07 22.25
CA HIS F 27 15.88 31.81 21.57
C HIS F 27 14.55 31.81 20.83
N MET F 28 13.50 32.29 21.49
CA MET F 28 12.19 32.35 20.86
C MET F 28 12.17 33.35 19.71
N PHE F 29 12.87 34.48 19.86
CA PHE F 29 12.95 35.45 18.78
C PHE F 29 13.58 34.83 17.53
N ASN F 30 14.73 34.14 17.71
CA ASN F 30 15.37 33.49 16.57
C ASN F 30 14.48 32.43 15.96
N PHE F 31 13.76 31.69 16.81
CA PHE F 31 12.83 30.68 16.31
C PHE F 31 11.74 31.30 15.46
N LEU F 32 11.24 32.48 15.87
CA LEU F 32 10.19 33.16 15.12
C LEU F 32 10.72 33.85 13.86
N ASP F 33 12.01 34.21 13.84
CA ASP F 33 12.60 34.86 12.66
C ASP F 33 13.15 33.79 11.72
N VAL F 34 12.20 33.08 11.10
CA VAL F 34 12.58 31.93 10.25
C VAL F 34 13.32 32.39 9.01
N ASN F 35 13.10 33.62 8.56
CA ASN F 35 13.73 34.13 7.35
C ASN F 35 14.99 34.93 7.64
N HIS F 36 15.46 34.93 8.89
CA HIS F 36 16.72 35.56 9.27
C HIS F 36 16.74 37.03 8.89
N ASN F 37 15.64 37.72 9.12
CA ASN F 37 15.55 39.15 8.84
C ASN F 37 15.93 40.02 10.03
N GLY F 38 16.10 39.43 11.22
CA GLY F 38 16.28 40.24 12.42
C GLY F 38 15.09 41.09 12.77
N LYS F 39 13.95 40.82 12.15
CA LYS F 39 12.72 41.58 12.35
C LYS F 39 11.54 40.65 12.14
N ILE F 40 10.55 40.73 13.02
CA ILE F 40 9.33 39.95 12.88
C ILE F 40 8.13 40.88 13.04
N SER F 41 7.02 40.50 12.44
CA SER F 41 5.82 41.32 12.43
C SER F 41 4.66 40.55 13.04
N LEU F 42 3.65 41.31 13.50
CA LEU F 42 2.43 40.67 13.98
C LEU F 42 1.74 39.91 12.85
N ASP F 43 1.83 40.40 11.62
CA ASP F 43 1.28 39.67 10.48
C ASP F 43 1.86 38.27 10.40
N GLU F 44 3.17 38.13 10.60
CA GLU F 44 3.80 36.82 10.52
C GLU F 44 3.40 35.95 11.71
N MET F 45 3.33 36.52 12.90
CA MET F 45 2.98 35.74 14.09
C MET F 45 1.57 35.19 13.99
N VAL F 46 0.61 36.04 13.61
CA VAL F 46 -0.78 35.58 13.53
C VAL F 46 -0.96 34.62 12.36
N TYR F 47 -0.21 34.82 11.27
CA TYR F 47 -0.27 33.87 10.16
C TYR F 47 0.20 32.49 10.61
N LYS F 48 1.35 32.42 11.27
CA LYS F 48 1.90 31.15 11.72
C LYS F 48 0.92 30.41 12.62
N ALA F 49 0.33 31.13 13.58
CA ALA F 49 -0.56 30.49 14.54
C ALA F 49 -1.81 29.95 13.84
N SER F 50 -2.43 30.75 12.99
CA SER F 50 -3.65 30.31 12.30
C SER F 50 -3.34 29.17 11.35
N ASP F 51 -2.22 29.24 10.64
CA ASP F 51 -1.82 28.18 9.72
C ASP F 51 -1.75 26.84 10.45
N ILE F 52 -1.23 26.85 11.68
CA ILE F 52 -1.12 25.61 12.45
C ILE F 52 -2.50 25.04 12.75
N VAL F 53 -3.38 25.86 13.32
CA VAL F 53 -4.67 25.33 13.77
C VAL F 53 -5.61 25.06 12.60
N ILE F 54 -5.51 25.83 11.52
CA ILE F 54 -6.44 25.64 10.40
C ILE F 54 -5.96 24.51 9.49
N ASN F 55 -4.70 24.53 9.09
CA ASN F 55 -4.19 23.64 8.07
C ASN F 55 -3.49 22.40 8.62
N ASN F 56 -3.16 22.37 9.91
CA ASN F 56 -2.51 21.21 10.51
C ASN F 56 -3.33 20.52 11.59
N LEU F 57 -4.24 21.24 12.26
CA LEU F 57 -4.98 20.68 13.39
C LEU F 57 -6.49 20.64 13.17
N GLY F 58 -6.98 21.09 12.01
CA GLY F 58 -8.40 20.96 11.70
C GLY F 58 -9.33 21.82 12.53
N ALA F 59 -8.98 23.08 12.76
CA ALA F 59 -9.86 23.98 13.48
C ALA F 59 -10.98 24.49 12.59
N THR F 60 -12.19 24.57 13.15
CA THR F 60 -13.32 25.13 12.45
C THR F 60 -13.16 26.65 12.34
N PRO F 61 -13.96 27.31 11.50
CA PRO F 61 -13.81 28.77 11.36
C PRO F 61 -13.98 29.55 12.66
N GLU F 62 -14.99 29.20 13.48
CA GLU F 62 -15.20 29.94 14.72
C GLU F 62 -14.09 29.68 15.71
N GLN F 63 -13.61 28.43 15.80
CA GLN F 63 -12.45 28.12 16.62
C GLN F 63 -11.24 28.91 16.17
N ALA F 64 -11.03 29.01 14.86
CA ALA F 64 -9.88 29.73 14.33
C ALA F 64 -9.97 31.23 14.64
N LYS F 65 -11.18 31.78 14.58
CA LYS F 65 -11.37 33.20 14.89
C LYS F 65 -11.07 33.48 16.36
N ARG F 66 -11.58 32.63 17.25
CA ARG F 66 -11.31 32.80 18.67
C ARG F 66 -9.83 32.62 18.98
N HIS F 67 -9.17 31.68 18.29
CA HIS F 67 -7.74 31.49 18.47
C HIS F 67 -6.96 32.64 17.86
N LYS F 68 -7.43 33.17 16.73
CA LYS F 68 -6.74 34.30 16.09
C LYS F 68 -6.75 35.52 17.00
N ASP F 69 -7.89 35.82 17.62
CA ASP F 69 -7.95 36.97 18.51
C ASP F 69 -7.09 36.77 19.75
N ALA F 70 -6.96 35.54 20.23
CA ALA F 70 -6.12 35.29 21.40
C ALA F 70 -4.64 35.47 21.07
N VAL F 71 -4.21 34.93 19.92
CA VAL F 71 -2.81 35.08 19.51
C VAL F 71 -2.52 36.54 19.18
N GLU F 72 -3.44 37.20 18.47
CA GLU F 72 -3.27 38.61 18.14
C GLU F 72 -3.10 39.46 19.40
N ALA F 73 -3.94 39.22 20.41
CA ALA F 73 -3.83 39.96 21.66
C ALA F 73 -2.52 39.64 22.39
N PHE F 74 -2.10 38.37 22.36
CA PHE F 74 -0.90 37.96 23.09
C PHE F 74 0.34 38.65 22.54
N PHE F 75 0.58 38.52 21.23
CA PHE F 75 1.76 39.16 20.64
C PHE F 75 1.57 40.68 20.54
N GLY F 76 0.33 41.15 20.47
CA GLY F 76 0.09 42.58 20.53
C GLY F 76 0.43 43.17 21.89
N GLY F 77 0.26 42.38 22.95
CA GLY F 77 0.66 42.82 24.27
C GLY F 77 2.15 43.03 24.42
N ALA F 78 2.96 42.33 23.63
CA ALA F 78 4.40 42.51 23.62
C ALA F 78 4.85 43.65 22.70
N GLY F 79 3.91 44.48 22.24
CA GLY F 79 4.24 45.63 21.43
C GLY F 79 4.27 45.39 19.94
N MET F 80 3.96 44.19 19.47
CA MET F 80 3.96 43.91 18.04
C MET F 80 2.69 44.42 17.40
N LYS F 81 2.82 44.95 16.19
CA LYS F 81 1.70 45.56 15.48
C LYS F 81 1.68 45.09 14.02
N TYR F 82 0.49 45.06 13.45
CA TYR F 82 0.35 44.72 12.04
C TYR F 82 1.09 45.74 11.18
N GLY F 83 1.77 45.24 10.16
CA GLY F 83 2.52 46.11 9.27
C GLY F 83 3.75 46.75 9.87
N VAL F 84 4.17 46.32 11.06
CA VAL F 84 5.33 46.88 11.74
C VAL F 84 6.35 45.77 11.94
N GLU F 85 7.61 46.07 11.63
CA GLU F 85 8.70 45.12 11.83
C GLU F 85 9.34 45.38 13.20
N THR F 86 9.33 44.36 14.05
CA THR F 86 9.86 44.46 15.40
C THR F 86 11.25 43.83 15.44
N ASP F 87 12.28 44.65 15.69
CA ASP F 87 13.62 44.10 15.84
C ASP F 87 13.83 43.60 17.26
N TRP F 88 14.98 42.97 17.49
CA TRP F 88 15.24 42.36 18.79
C TRP F 88 15.18 43.34 19.96
N PRO F 89 15.78 44.54 19.89
CA PRO F 89 15.66 45.45 21.05
C PRO F 89 14.23 45.87 21.34
N ALA F 90 13.44 46.21 20.32
CA ALA F 90 12.04 46.53 20.55
C ALA F 90 11.25 45.31 20.99
N TYR F 91 11.70 44.12 20.58
CA TYR F 91 10.99 42.90 20.91
C TYR F 91 11.12 42.56 22.39
N ILE F 92 12.36 42.56 22.90
CA ILE F 92 12.57 42.17 24.29
C ILE F 92 12.05 43.26 25.23
N GLU F 93 12.07 44.52 24.79
CA GLU F 93 11.47 45.58 25.61
C GLU F 93 9.96 45.42 25.69
N GLY F 94 9.32 45.10 24.56
CA GLY F 94 7.90 44.84 24.59
C GLY F 94 7.53 43.61 25.41
N TRP F 95 8.42 42.62 25.45
CA TRP F 95 8.14 41.44 26.27
C TRP F 95 8.22 41.76 27.76
N LYS F 96 9.05 42.72 28.15
CA LYS F 96 9.00 43.20 29.53
C LYS F 96 7.64 43.81 29.82
N LYS F 97 7.11 44.62 28.90
CA LYS F 97 5.79 45.20 29.09
C LYS F 97 4.71 44.13 29.12
N LEU F 98 4.79 43.14 28.22
CA LEU F 98 3.80 42.07 28.19
C LEU F 98 3.81 41.29 29.51
N ALA F 99 4.99 40.90 29.98
CA ALA F 99 5.08 40.15 31.23
C ALA F 99 4.56 40.97 32.39
N THR F 100 4.92 42.26 32.45
CA THR F 100 4.46 43.11 33.54
C THR F 100 2.95 43.26 33.52
N ASP F 101 2.37 43.48 32.34
CA ASP F 101 0.92 43.61 32.24
C ASP F 101 0.22 42.28 32.52
N GLU F 102 0.86 41.16 32.17
CA GLU F 102 0.29 39.86 32.51
C GLU F 102 0.35 39.60 34.00
N LEU F 103 1.43 40.02 34.66
CA LEU F 103 1.57 39.79 36.10
C LEU F 103 0.53 40.56 36.91
N GLU F 104 0.11 41.73 36.40
CA GLU F 104 -0.98 42.45 37.06
C GLU F 104 -2.28 41.67 36.98
N LYS F 105 -2.55 41.04 35.84
CA LYS F 105 -3.77 40.25 35.71
C LYS F 105 -3.72 39.00 36.58
N TYR F 106 -2.54 38.39 36.73
CA TYR F 106 -2.38 37.27 37.65
C TYR F 106 -2.77 37.68 39.07
N ALA F 107 -2.23 38.81 39.53
CA ALA F 107 -2.48 39.25 40.91
C ALA F 107 -3.95 39.60 41.12
N LYS F 108 -4.59 40.19 40.12
CA LYS F 108 -6.00 40.53 40.20
C LYS F 108 -6.91 39.33 39.98
N ASN F 109 -6.36 38.15 39.75
CA ASN F 109 -7.13 36.94 39.43
C ASN F 109 -8.02 37.20 38.21
N GLU F 110 -7.52 37.98 37.27
CA GLU F 110 -8.07 38.38 35.98
C GLU F 110 -7.57 37.44 34.90
N PRO F 111 -8.41 37.08 33.92
CA PRO F 111 -7.94 36.23 32.82
C PRO F 111 -6.76 36.86 32.09
N THR F 112 -5.62 36.19 32.14
CA THR F 112 -4.44 36.65 31.43
C THR F 112 -4.57 36.38 29.93
N LEU F 113 -3.70 37.02 29.15
CA LEU F 113 -3.67 36.74 27.72
C LEU F 113 -3.18 35.32 27.45
N ILE F 114 -2.25 34.82 28.27
CA ILE F 114 -1.71 33.50 28.04
C ILE F 114 -2.74 32.42 28.40
N ARG F 115 -3.65 32.71 29.35
CA ARG F 115 -4.74 31.77 29.60
C ARG F 115 -5.75 31.78 28.46
N ILE F 116 -6.10 32.96 27.96
CA ILE F 116 -7.10 33.05 26.90
C ILE F 116 -6.59 32.37 25.63
N TRP F 117 -5.29 32.49 25.35
CA TRP F 117 -4.72 31.73 24.25
C TRP F 117 -4.78 30.24 24.52
N GLY F 118 -4.40 29.82 25.73
CA GLY F 118 -4.44 28.41 26.07
C GLY F 118 -5.83 27.81 25.97
N ASP F 119 -6.84 28.55 26.45
CA ASP F 119 -8.21 28.06 26.37
C ASP F 119 -8.65 27.91 24.92
N ALA F 120 -8.42 28.94 24.10
CA ALA F 120 -8.80 28.86 22.70
C ALA F 120 -8.03 27.78 21.97
N LEU F 121 -6.78 27.53 22.36
CA LEU F 121 -5.95 26.56 21.66
C LEU F 121 -6.30 25.13 22.06
N PHE F 122 -6.40 24.85 23.36
CA PHE F 122 -6.71 23.50 23.79
C PHE F 122 -8.08 23.06 23.31
N ASP F 123 -8.99 24.01 23.07
CA ASP F 123 -10.27 23.66 22.48
C ASP F 123 -10.11 23.09 21.08
N ILE F 124 -9.03 23.45 20.39
CA ILE F 124 -8.72 22.89 19.08
C ILE F 124 -7.87 21.63 19.19
N VAL F 125 -6.86 21.65 20.05
CA VAL F 125 -5.94 20.52 20.15
C VAL F 125 -6.63 19.31 20.80
N ASP F 126 -7.44 19.55 21.82
CA ASP F 126 -8.21 18.48 22.44
C ASP F 126 -9.38 18.09 21.54
N LYS F 127 -9.38 16.84 21.09
CA LYS F 127 -10.47 16.38 20.21
C LYS F 127 -11.79 16.29 20.97
N ASP F 128 -11.75 16.10 22.29
CA ASP F 128 -12.97 16.05 23.08
C ASP F 128 -13.49 17.43 23.44
N GLN F 129 -12.65 18.46 23.30
CA GLN F 129 -13.04 19.86 23.53
C GLN F 129 -13.53 20.08 24.96
N ASN F 130 -12.66 19.73 25.92
CA ASN F 130 -12.94 20.04 27.32
C ASN F 130 -11.71 20.59 28.04
N GLY F 131 -10.76 21.16 27.30
CA GLY F 131 -9.60 21.79 27.91
C GLY F 131 -8.57 20.85 28.49
N ALA F 132 -8.36 19.71 27.84
CA ALA F 132 -7.37 18.75 28.32
C ALA F 132 -6.82 17.98 27.12
N ILE F 133 -5.50 17.98 26.95
CA ILE F 133 -4.87 17.36 25.80
C ILE F 133 -4.00 16.20 26.26
N THR F 134 -3.92 15.17 25.42
CA THR F 134 -3.06 14.02 25.68
C THR F 134 -1.62 14.34 25.29
N LEU F 135 -0.72 13.39 25.56
CA LEU F 135 0.67 13.58 25.18
C LEU F 135 0.85 13.60 23.67
N ASP F 136 0.14 12.72 22.96
CA ASP F 136 0.22 12.73 21.50
C ASP F 136 -0.33 14.02 20.91
N GLU F 137 -1.33 14.61 21.56
CA GLU F 137 -1.85 15.90 21.09
C GLU F 137 -0.86 17.02 21.37
N TRP F 138 -0.17 16.97 22.52
CA TRP F 138 0.87 17.95 22.80
C TRP F 138 2.05 17.79 21.86
N LYS F 139 2.40 16.54 21.51
CA LYS F 139 3.41 16.31 20.49
C LYS F 139 2.97 16.87 19.15
N ALA F 140 1.71 16.66 18.78
CA ALA F 140 1.23 17.10 17.48
C ALA F 140 1.27 18.61 17.34
N TYR F 141 0.83 19.34 18.37
CA TYR F 141 0.81 20.79 18.27
C TYR F 141 2.22 21.37 18.28
N THR F 142 3.05 20.96 19.25
CA THR F 142 4.37 21.55 19.39
C THR F 142 5.27 21.22 18.20
N LYS F 143 5.09 20.05 17.59
CA LYS F 143 5.87 19.72 16.41
C LYS F 143 5.35 20.43 15.17
N ALA F 144 4.04 20.68 15.08
CA ALA F 144 3.51 21.47 13.98
C ALA F 144 3.93 22.93 14.11
N ALA F 145 3.96 23.44 15.34
CA ALA F 145 4.48 24.79 15.58
C ALA F 145 5.99 24.85 15.43
N GLY F 146 6.69 23.74 15.63
CA GLY F 146 8.13 23.72 15.61
C GLY F 146 8.81 24.13 16.89
N ILE F 147 8.04 24.53 17.91
CA ILE F 147 8.66 24.97 19.17
C ILE F 147 9.36 23.80 19.85
N ILE F 148 8.86 22.58 19.65
CA ILE F 148 9.53 21.35 20.09
C ILE F 148 9.71 20.46 18.88
N GLN F 149 10.88 19.84 18.76
CA GLN F 149 11.20 18.96 17.64
C GLN F 149 11.17 17.49 18.01
N SER F 150 11.80 17.11 19.12
CA SER F 150 11.88 15.71 19.52
C SER F 150 10.74 15.37 20.46
N SER F 151 10.24 14.12 20.34
CA SER F 151 9.17 13.67 21.22
C SER F 151 9.62 13.56 22.67
N GLU F 152 10.92 13.40 22.92
CA GLU F 152 11.40 13.32 24.30
C GLU F 152 11.21 14.63 25.04
N ASP F 153 11.33 15.76 24.34
CA ASP F 153 11.10 17.05 25.00
C ASP F 153 9.64 17.25 25.36
N CYS F 154 8.71 16.75 24.52
CA CYS F 154 7.30 16.83 24.85
C CYS F 154 6.98 16.03 26.12
N GLU F 155 7.63 14.87 26.28
CA GLU F 155 7.43 14.08 27.49
C GLU F 155 7.95 14.80 28.72
N GLU F 156 9.00 15.61 28.56
CA GLU F 156 9.50 16.40 29.68
C GLU F 156 8.46 17.40 30.17
N THR F 157 7.63 17.92 29.26
CA THR F 157 6.57 18.84 29.65
C THR F 157 5.61 18.21 30.63
N PHE F 158 5.16 16.99 30.33
CA PHE F 158 4.25 16.29 31.23
C PHE F 158 4.91 15.97 32.55
N ARG F 159 6.23 15.78 32.56
CA ARG F 159 6.94 15.53 33.80
C ARG F 159 7.03 16.79 34.66
N VAL F 160 7.22 17.94 34.02
CA VAL F 160 7.29 19.20 34.76
C VAL F 160 5.92 19.56 35.33
N CYS F 161 4.85 19.27 34.60
CA CYS F 161 3.50 19.51 35.07
C CYS F 161 3.01 18.44 36.04
N ASP F 162 3.85 17.44 36.36
CA ASP F 162 3.49 16.35 37.25
C ASP F 162 2.23 15.63 36.77
N ILE F 163 2.24 15.25 35.49
CA ILE F 163 1.14 14.56 34.87
C ILE F 163 1.68 13.33 34.14
N ASP F 164 1.06 12.18 34.36
CA ASP F 164 1.48 10.95 33.72
C ASP F 164 1.26 11.03 32.22
N GLU F 165 2.09 10.32 31.46
CA GLU F 165 2.01 10.34 30.01
C GLU F 165 0.68 9.82 29.50
N SER F 166 0.00 8.96 30.27
CA SER F 166 -1.35 8.55 29.92
C SER F 166 -2.39 9.58 30.30
N GLY F 167 -2.08 10.46 31.24
CA GLY F 167 -3.00 11.50 31.65
C GLY F 167 -3.11 12.61 30.63
N GLN F 168 -3.91 13.61 30.97
CA GLN F 168 -4.15 14.75 30.11
C GLN F 168 -3.60 16.03 30.73
N LEU F 169 -3.48 17.05 29.88
CA LEU F 169 -2.85 18.31 30.23
C LEU F 169 -3.87 19.43 30.06
N ASP F 170 -4.13 20.18 31.12
CA ASP F 170 -5.17 21.21 31.11
C ASP F 170 -4.55 22.60 31.09
N VAL F 171 -5.38 23.57 30.70
CA VAL F 171 -4.93 24.96 30.60
C VAL F 171 -4.60 25.52 31.99
N ASP F 172 -5.33 25.10 33.02
CA ASP F 172 -5.09 25.60 34.37
C ASP F 172 -3.65 25.34 34.81
N GLU F 173 -3.24 24.07 34.77
CA GLU F 173 -1.86 23.73 35.14
C GLU F 173 -0.85 24.40 34.22
N MET F 174 -1.14 24.42 32.91
CA MET F 174 -0.20 24.99 31.96
C MET F 174 -0.07 26.51 32.11
N THR F 175 -1.14 27.19 32.54
CA THR F 175 -1.06 28.63 32.76
C THR F 175 -0.09 28.94 33.90
N ARG F 176 -0.06 28.10 34.93
CA ARG F 176 0.87 28.31 36.04
C ARG F 176 2.30 28.06 35.61
N GLN F 177 2.52 27.02 34.79
CA GLN F 177 3.87 26.74 34.29
C GLN F 177 4.35 27.87 33.38
N HIS F 178 3.46 28.41 32.55
CA HIS F 178 3.84 29.51 31.67
C HIS F 178 4.13 30.79 32.46
N LEU F 179 3.42 31.00 33.57
CA LEU F 179 3.74 32.10 34.46
C LEU F 179 5.21 32.05 34.87
N GLY F 180 5.66 30.89 35.33
CA GLY F 180 7.04 30.76 35.76
C GLY F 180 8.04 30.62 34.63
N PHE F 181 7.60 30.07 33.50
CA PHE F 181 8.53 29.83 32.39
C PHE F 181 8.73 31.07 31.54
N TRP F 182 7.64 31.75 31.17
CA TRP F 182 7.74 32.90 30.26
C TRP F 182 7.90 34.22 30.99
N TYR F 183 7.38 34.36 32.21
CA TYR F 183 7.27 35.67 32.84
C TYR F 183 8.20 35.87 34.02
N THR F 184 8.39 34.87 34.90
CA THR F 184 9.04 35.13 36.18
C THR F 184 10.27 34.27 36.47
N MET F 185 10.64 33.35 35.58
CA MET F 185 11.83 32.52 35.78
C MET F 185 11.73 31.70 37.08
N ASP F 186 10.57 31.11 37.30
CA ASP F 186 10.37 30.25 38.46
C ASP F 186 11.21 28.97 38.32
N PRO F 187 12.16 28.71 39.22
CA PRO F 187 13.00 27.51 39.06
C PRO F 187 12.21 26.21 39.01
N ALA F 188 10.98 26.20 39.54
CA ALA F 188 10.14 25.01 39.48
C ALA F 188 9.53 24.78 38.11
N CYS F 189 9.64 25.75 37.20
CA CYS F 189 9.06 25.64 35.87
C CYS F 189 10.11 25.41 34.79
N GLU F 190 11.35 25.11 35.18
CA GLU F 190 12.40 24.84 34.20
C GLU F 190 12.06 23.60 33.39
N LYS F 191 12.66 23.53 32.19
CA LYS F 191 12.52 22.39 31.28
C LYS F 191 11.08 22.14 30.86
N LEU F 192 10.24 23.17 30.91
CA LEU F 192 8.83 23.00 30.54
C LEU F 192 8.69 22.53 29.10
N TYR F 193 9.62 22.92 28.23
CA TYR F 193 9.67 22.42 26.86
C TYR F 193 10.88 21.51 26.64
N GLY F 194 11.34 20.85 27.70
CA GLY F 194 12.51 20.01 27.59
C GLY F 194 13.75 20.81 27.24
N GLY F 195 14.55 20.25 26.33
CA GLY F 195 15.71 20.94 25.82
C GLY F 195 15.45 21.83 24.63
N ALA F 196 14.18 21.96 24.22
CA ALA F 196 13.86 22.75 23.04
C ALA F 196 14.00 24.24 23.31
N VAL F 197 13.66 24.68 24.51
CA VAL F 197 13.73 26.09 24.89
C VAL F 197 14.61 26.21 26.11
N PRO F 198 15.67 27.05 26.09
CA PRO F 198 16.53 27.28 27.24
C PRO F 198 15.80 28.03 28.34
N HIS G 9 -4.73 -48.66 -13.02
CA HIS G 9 -4.38 -47.34 -12.50
C HIS G 9 -5.39 -46.86 -11.47
N GLY G 10 -6.67 -46.94 -11.85
CA GLY G 10 -7.73 -46.50 -10.95
C GLY G 10 -9.08 -46.93 -11.47
N LYS G 11 -10.11 -46.49 -10.75
CA LYS G 11 -11.49 -46.85 -11.09
C LYS G 11 -12.33 -45.60 -10.96
N LEU G 12 -13.02 -45.24 -12.04
CA LEU G 12 -13.92 -44.07 -12.06
C LEU G 12 -15.39 -44.47 -12.13
N THR G 13 -15.70 -45.74 -11.89
CA THR G 13 -17.08 -46.22 -11.89
C THR G 13 -17.57 -46.35 -10.46
N SER G 14 -18.70 -45.71 -10.15
CA SER G 14 -19.29 -45.84 -8.83
C SER G 14 -19.90 -47.23 -8.66
N ASP G 15 -20.19 -47.56 -7.40
CA ASP G 15 -20.73 -48.87 -7.04
C ASP G 15 -21.53 -48.71 -5.76
N PHE G 16 -22.63 -47.96 -5.84
CA PHE G 16 -23.38 -47.60 -4.65
C PHE G 16 -24.32 -48.71 -4.19
N ASP G 17 -24.80 -49.55 -5.11
CA ASP G 17 -25.64 -50.68 -4.75
C ASP G 17 -24.85 -51.84 -4.14
N ASN G 18 -23.53 -51.75 -4.12
CA ASN G 18 -22.71 -52.76 -3.47
C ASN G 18 -22.95 -52.69 -1.97
N PRO G 19 -23.37 -53.77 -1.32
CA PRO G 19 -23.57 -53.72 0.15
C PRO G 19 -22.30 -53.42 0.92
N ARG G 20 -21.12 -53.71 0.37
CA ARG G 20 -19.88 -53.38 1.05
C ARG G 20 -19.52 -51.90 0.94
N TRP G 21 -20.09 -51.19 -0.03
CA TRP G 21 -19.93 -49.74 -0.05
C TRP G 21 -20.84 -49.08 0.98
N ILE G 22 -22.07 -49.58 1.11
CA ILE G 22 -22.95 -49.12 2.18
C ILE G 22 -22.35 -49.46 3.54
N GLY G 23 -21.82 -50.68 3.68
CA GLY G 23 -21.30 -51.11 4.96
C GLY G 23 -20.03 -50.40 5.37
N ARG G 24 -19.20 -50.03 4.40
CA ARG G 24 -17.98 -49.29 4.72
C ARG G 24 -18.30 -47.94 5.35
N HIS G 25 -19.22 -47.19 4.74
CA HIS G 25 -19.60 -45.89 5.28
C HIS G 25 -20.56 -46.01 6.46
N LYS G 26 -21.30 -47.12 6.56
CA LYS G 26 -22.05 -47.39 7.79
C LYS G 26 -21.11 -47.55 8.97
N HIS G 27 -20.02 -48.29 8.77
CA HIS G 27 -19.00 -48.40 9.81
C HIS G 27 -18.43 -47.03 10.17
N MET G 28 -18.12 -46.22 9.15
CA MET G 28 -17.61 -44.88 9.40
C MET G 28 -18.65 -44.02 10.09
N PHE G 29 -19.91 -44.16 9.70
CA PHE G 29 -21.00 -43.45 10.38
C PHE G 29 -21.02 -43.79 11.86
N ASN G 30 -20.98 -45.09 12.20
CA ASN G 30 -20.97 -45.50 13.59
C ASN G 30 -19.74 -44.97 14.32
N PHE G 31 -18.58 -45.03 13.66
CA PHE G 31 -17.36 -44.48 14.24
C PHE G 31 -17.49 -43.00 14.52
N LEU G 32 -18.15 -42.26 13.62
CA LEU G 32 -18.33 -40.83 13.83
C LEU G 32 -19.38 -40.53 14.89
N ASP G 33 -20.38 -41.40 15.05
CA ASP G 33 -21.45 -41.20 16.03
C ASP G 33 -21.01 -41.79 17.37
N VAL G 34 -20.07 -41.09 18.01
CA VAL G 34 -19.47 -41.58 19.25
C VAL G 34 -20.48 -41.61 20.38
N ASN G 35 -21.50 -40.73 20.33
CA ASN G 35 -22.48 -40.63 21.40
C ASN G 35 -23.74 -41.43 21.12
N HIS G 36 -23.73 -42.28 20.09
CA HIS G 36 -24.83 -43.20 19.80
C HIS G 36 -26.16 -42.47 19.65
N ASN G 37 -26.13 -41.31 19.00
CA ASN G 37 -27.33 -40.52 18.75
C ASN G 37 -28.05 -40.92 17.47
N GLY G 38 -27.44 -41.77 16.64
CA GLY G 38 -28.00 -42.06 15.33
C GLY G 38 -27.98 -40.89 14.37
N LYS G 39 -27.27 -39.82 14.71
CA LYS G 39 -27.23 -38.61 13.90
C LYS G 39 -25.94 -37.87 14.21
N ILE G 40 -25.36 -37.24 13.19
CA ILE G 40 -24.16 -36.44 13.35
C ILE G 40 -24.33 -35.13 12.61
N SER G 41 -23.56 -34.13 13.03
CA SER G 41 -23.67 -32.78 12.49
C SER G 41 -22.31 -32.32 11.98
N LEU G 42 -22.33 -31.35 11.08
CA LEU G 42 -21.08 -30.76 10.60
C LEU G 42 -20.32 -30.10 11.73
N ASP G 43 -21.04 -29.59 12.74
CA ASP G 43 -20.37 -29.04 13.92
C ASP G 43 -19.48 -30.07 14.59
N GLU G 44 -19.97 -31.31 14.69
CA GLU G 44 -19.19 -32.38 15.33
C GLU G 44 -18.02 -32.81 14.46
N MET G 45 -18.24 -32.91 13.14
CA MET G 45 -17.16 -33.34 12.25
C MET G 45 -16.04 -32.31 12.20
N VAL G 46 -16.38 -31.04 12.09
CA VAL G 46 -15.35 -30.00 12.02
C VAL G 46 -14.66 -29.83 13.37
N TYR G 47 -15.39 -30.01 14.48
CA TYR G 47 -14.76 -29.94 15.79
C TYR G 47 -13.74 -31.06 15.95
N LYS G 48 -14.13 -32.29 15.63
CA LYS G 48 -13.23 -33.43 15.75
C LYS G 48 -11.97 -33.24 14.91
N ALA G 49 -12.13 -32.74 13.69
CA ALA G 49 -10.98 -32.58 12.80
C ALA G 49 -10.01 -31.54 13.33
N SER G 50 -10.54 -30.38 13.76
CA SER G 50 -9.68 -29.31 14.25
C SER G 50 -9.08 -29.65 15.61
N ASP G 51 -9.80 -30.38 16.45
CA ASP G 51 -9.26 -30.80 17.74
C ASP G 51 -8.04 -31.69 17.54
N ILE G 52 -8.06 -32.53 16.51
CA ILE G 52 -6.93 -33.42 16.23
C ILE G 52 -5.69 -32.62 15.86
N VAL G 53 -5.83 -31.69 14.91
CA VAL G 53 -4.64 -31.03 14.37
C VAL G 53 -4.10 -29.97 15.33
N ILE G 54 -4.96 -29.32 16.10
CA ILE G 54 -4.51 -28.26 16.99
C ILE G 54 -3.97 -28.84 18.30
N ASN G 55 -4.74 -29.73 18.93
CA ASN G 55 -4.44 -30.20 20.28
C ASN G 55 -3.64 -31.50 20.31
N ASN G 56 -3.49 -32.19 19.18
CA ASN G 56 -2.71 -33.42 19.14
C ASN G 56 -1.51 -33.36 18.20
N LEU G 57 -1.59 -32.60 17.11
CA LEU G 57 -0.54 -32.58 16.10
C LEU G 57 0.21 -31.27 16.03
N GLY G 58 -0.19 -30.26 16.80
CA GLY G 58 0.55 -29.01 16.87
C GLY G 58 0.47 -28.16 15.62
N ALA G 59 -0.72 -28.05 15.02
CA ALA G 59 -0.87 -27.22 13.84
C ALA G 59 -0.84 -25.74 14.20
N THR G 60 -0.30 -24.93 13.29
CA THR G 60 -0.36 -23.50 13.44
C THR G 60 -1.77 -23.02 13.16
N PRO G 61 -2.11 -21.80 13.58
CA PRO G 61 -3.44 -21.25 13.22
C PRO G 61 -3.68 -21.23 11.72
N GLU G 62 -2.65 -20.95 10.93
CA GLU G 62 -2.80 -20.96 9.48
C GLU G 62 -3.01 -22.38 8.96
N GLN G 63 -2.26 -23.35 9.49
CA GLN G 63 -2.45 -24.74 9.08
C GLN G 63 -3.83 -25.25 9.48
N ALA G 64 -4.29 -24.86 10.67
CA ALA G 64 -5.60 -25.33 11.13
C ALA G 64 -6.73 -24.71 10.34
N LYS G 65 -6.57 -23.46 9.91
CA LYS G 65 -7.61 -22.80 9.11
C LYS G 65 -7.76 -23.49 7.76
N ARG G 66 -6.64 -23.76 7.08
CA ARG G 66 -6.68 -24.48 5.82
C ARG G 66 -7.27 -25.87 6.01
N HIS G 67 -6.82 -26.58 7.04
CA HIS G 67 -7.35 -27.92 7.31
C HIS G 67 -8.84 -27.88 7.64
N LYS G 68 -9.28 -26.87 8.39
CA LYS G 68 -10.68 -26.77 8.77
C LYS G 68 -11.57 -26.54 7.56
N ASP G 69 -11.16 -25.65 6.65
CA ASP G 69 -11.95 -25.41 5.45
C ASP G 69 -12.06 -26.66 4.59
N ALA G 70 -10.99 -27.46 4.56
CA ALA G 70 -10.99 -28.67 3.72
C ALA G 70 -11.91 -29.73 4.30
N VAL G 71 -11.88 -29.93 5.61
CA VAL G 71 -12.80 -30.88 6.24
C VAL G 71 -14.24 -30.39 6.11
N GLU G 72 -14.45 -29.08 6.30
CA GLU G 72 -15.78 -28.50 6.16
C GLU G 72 -16.36 -28.79 4.79
N ALA G 73 -15.57 -28.55 3.73
CA ALA G 73 -16.05 -28.79 2.38
C ALA G 73 -16.25 -30.29 2.12
N PHE G 74 -15.40 -31.12 2.70
CA PHE G 74 -15.49 -32.56 2.48
C PHE G 74 -16.81 -33.12 3.00
N PHE G 75 -17.05 -32.97 4.30
CA PHE G 75 -18.31 -33.45 4.87
C PHE G 75 -19.49 -32.60 4.39
N GLY G 76 -19.27 -31.32 4.11
CA GLY G 76 -20.31 -30.52 3.50
C GLY G 76 -20.70 -31.01 2.12
N GLY G 77 -19.75 -31.65 1.42
CA GLY G 77 -20.07 -32.26 0.14
C GLY G 77 -20.98 -33.46 0.24
N ALA G 78 -21.01 -34.11 1.40
CA ALA G 78 -21.93 -35.21 1.65
C ALA G 78 -23.28 -34.76 2.17
N GLY G 79 -23.55 -33.46 2.14
CA GLY G 79 -24.83 -32.93 2.57
C GLY G 79 -24.90 -32.48 4.02
N MET G 80 -23.84 -32.67 4.79
CA MET G 80 -23.85 -32.26 6.18
C MET G 80 -23.77 -30.74 6.29
N LYS G 81 -24.49 -30.18 7.27
CA LYS G 81 -24.57 -28.74 7.45
C LYS G 81 -24.45 -28.40 8.92
N TYR G 82 -23.99 -27.17 9.19
CA TYR G 82 -23.89 -26.70 10.56
C TYR G 82 -25.28 -26.57 11.17
N GLY G 83 -25.41 -26.98 12.43
CA GLY G 83 -26.68 -26.93 13.11
C GLY G 83 -27.71 -27.92 12.62
N VAL G 84 -27.35 -28.79 11.67
CA VAL G 84 -28.27 -29.77 11.10
C VAL G 84 -27.79 -31.15 11.48
N GLU G 85 -28.71 -31.99 11.94
CA GLU G 85 -28.40 -33.35 12.36
C GLU G 85 -28.70 -34.32 11.24
N THR G 86 -27.70 -35.11 10.86
CA THR G 86 -27.77 -36.01 9.72
C THR G 86 -27.90 -37.44 10.23
N ASP G 87 -29.06 -38.06 10.01
CA ASP G 87 -29.24 -39.45 10.38
C ASP G 87 -28.63 -40.36 9.31
N TRP G 88 -28.68 -41.67 9.53
CA TRP G 88 -28.06 -42.60 8.60
C TRP G 88 -28.66 -42.54 7.19
N PRO G 89 -29.98 -42.57 7.00
CA PRO G 89 -30.49 -42.50 5.62
C PRO G 89 -30.06 -41.26 4.86
N ALA G 90 -30.19 -40.08 5.47
CA ALA G 90 -29.75 -38.86 4.80
C ALA G 90 -28.23 -38.83 4.63
N TYR G 91 -27.51 -39.54 5.50
CA TYR G 91 -26.05 -39.55 5.43
C TYR G 91 -25.56 -40.36 4.25
N ILE G 92 -26.09 -41.57 4.07
CA ILE G 92 -25.63 -42.43 2.99
C ILE G 92 -26.11 -41.92 1.64
N GLU G 93 -27.28 -41.26 1.61
CA GLU G 93 -27.72 -40.62 0.37
C GLU G 93 -26.81 -39.48 -0.02
N GLY G 94 -26.42 -38.65 0.95
CA GLY G 94 -25.51 -37.56 0.67
C GLY G 94 -24.12 -38.03 0.30
N TRP G 95 -23.73 -39.22 0.74
CA TRP G 95 -22.41 -39.75 0.37
C TRP G 95 -22.40 -40.23 -1.06
N LYS G 96 -23.54 -40.70 -1.58
CA LYS G 96 -23.62 -40.98 -3.01
C LYS G 96 -23.36 -39.71 -3.82
N LYS G 97 -23.94 -38.58 -3.38
CA LYS G 97 -23.70 -37.32 -4.08
C LYS G 97 -22.25 -36.88 -3.98
N LEU G 98 -21.66 -37.00 -2.78
CA LEU G 98 -20.26 -36.63 -2.61
C LEU G 98 -19.36 -37.46 -3.51
N ALA G 99 -19.60 -38.76 -3.59
CA ALA G 99 -18.76 -39.63 -4.41
C ALA G 99 -18.91 -39.30 -5.89
N THR G 100 -20.14 -39.11 -6.36
CA THR G 100 -20.35 -38.78 -7.77
C THR G 100 -19.71 -37.44 -8.12
N ASP G 101 -19.86 -36.44 -7.26
CA ASP G 101 -19.26 -35.14 -7.52
C ASP G 101 -17.73 -35.20 -7.46
N GLU G 102 -17.19 -36.04 -6.57
CA GLU G 102 -15.75 -36.24 -6.55
C GLU G 102 -15.27 -36.95 -7.82
N LEU G 103 -16.04 -37.92 -8.29
CA LEU G 103 -15.64 -38.67 -9.49
C LEU G 103 -15.63 -37.79 -10.73
N GLU G 104 -16.54 -36.81 -10.80
CA GLU G 104 -16.49 -35.85 -11.90
C GLU G 104 -15.20 -35.04 -11.86
N LYS G 105 -14.75 -34.66 -10.66
CA LYS G 105 -13.50 -33.92 -10.54
C LYS G 105 -12.30 -34.79 -10.86
N TYR G 106 -12.37 -36.09 -10.55
CA TYR G 106 -11.31 -37.01 -10.97
C TYR G 106 -11.21 -37.07 -12.49
N ALA G 107 -12.35 -37.21 -13.16
CA ALA G 107 -12.35 -37.34 -14.62
C ALA G 107 -11.85 -36.07 -15.29
N LYS G 108 -12.16 -34.91 -14.72
CA LYS G 108 -11.70 -33.64 -15.27
C LYS G 108 -10.30 -33.27 -14.80
N ASN G 109 -9.63 -34.13 -14.04
CA ASN G 109 -8.30 -33.84 -13.50
C ASN G 109 -8.30 -32.53 -12.73
N GLU G 110 -9.39 -32.28 -12.00
CA GLU G 110 -9.75 -31.18 -11.12
C GLU G 110 -9.45 -31.57 -9.66
N PRO G 111 -8.89 -30.66 -8.88
CA PRO G 111 -8.61 -30.98 -7.46
C PRO G 111 -9.88 -31.42 -6.73
N THR G 112 -9.85 -32.65 -6.22
CA THR G 112 -10.99 -33.19 -5.49
C THR G 112 -10.98 -32.69 -4.05
N LEU G 113 -12.10 -32.89 -3.37
CA LEU G 113 -12.19 -32.51 -1.97
C LEU G 113 -11.28 -33.36 -1.11
N ILE G 114 -11.14 -34.65 -1.43
CA ILE G 114 -10.26 -35.53 -0.67
C ILE G 114 -8.80 -35.15 -0.91
N ARG G 115 -8.50 -34.61 -2.10
CA ARG G 115 -7.17 -34.09 -2.36
C ARG G 115 -6.86 -32.89 -1.47
N ILE G 116 -7.76 -31.92 -1.44
CA ILE G 116 -7.53 -30.69 -0.70
C ILE G 116 -7.41 -30.97 0.79
N TRP G 117 -8.15 -31.95 1.29
CA TRP G 117 -8.00 -32.37 2.68
C TRP G 117 -6.63 -33.01 2.90
N GLY G 118 -6.23 -33.92 2.02
CA GLY G 118 -4.94 -34.58 2.18
C GLY G 118 -3.79 -33.59 2.23
N ASP G 119 -3.76 -32.65 1.29
CA ASP G 119 -2.67 -31.67 1.25
C ASP G 119 -2.66 -30.80 2.50
N ALA G 120 -3.83 -30.33 2.93
CA ALA G 120 -3.90 -29.50 4.13
C ALA G 120 -3.52 -30.29 5.38
N LEU G 121 -3.81 -31.60 5.40
CA LEU G 121 -3.52 -32.43 6.56
C LEU G 121 -2.07 -32.87 6.59
N PHE G 122 -1.55 -33.33 5.45
CA PHE G 122 -0.17 -33.79 5.39
C PHE G 122 0.81 -32.67 5.69
N ASP G 123 0.44 -31.42 5.39
CA ASP G 123 1.30 -30.30 5.75
C ASP G 123 1.44 -30.18 7.26
N ILE G 124 0.50 -30.73 8.02
CA ILE G 124 0.59 -30.73 9.48
C ILE G 124 1.26 -31.99 10.01
N VAL G 125 0.91 -33.14 9.46
CA VAL G 125 1.42 -34.42 9.98
C VAL G 125 2.90 -34.58 9.65
N ASP G 126 3.32 -34.13 8.49
CA ASP G 126 4.73 -34.18 8.11
C ASP G 126 5.48 -33.08 8.84
N LYS G 127 6.52 -33.46 9.60
CA LYS G 127 7.32 -32.47 10.30
C LYS G 127 8.14 -31.62 9.32
N ASP G 128 8.47 -32.17 8.16
CA ASP G 128 9.25 -31.44 7.17
C ASP G 128 8.39 -30.61 6.22
N GLN G 129 7.09 -30.88 6.17
CA GLN G 129 6.14 -30.13 5.34
C GLN G 129 6.53 -30.19 3.87
N ASN G 130 6.64 -31.42 3.36
CA ASN G 130 6.87 -31.66 1.94
C ASN G 130 5.85 -32.59 1.32
N GLY G 131 4.76 -32.90 2.05
CA GLY G 131 3.74 -33.78 1.52
C GLY G 131 4.03 -35.24 1.64
N ALA G 132 4.93 -35.64 2.55
CA ALA G 132 5.29 -37.03 2.75
C ALA G 132 5.39 -37.31 4.24
N ILE G 133 4.64 -38.32 4.70
CA ILE G 133 4.62 -38.67 6.12
C ILE G 133 5.21 -40.06 6.30
N THR G 134 5.86 -40.26 7.44
CA THR G 134 6.45 -41.55 7.76
C THR G 134 5.39 -42.48 8.34
N LEU G 135 5.81 -43.70 8.69
CA LEU G 135 4.88 -44.64 9.30
C LEU G 135 4.49 -44.20 10.71
N ASP G 136 5.46 -43.70 11.49
CA ASP G 136 5.15 -43.21 12.82
C ASP G 136 4.24 -41.97 12.76
N GLU G 137 4.41 -41.14 11.73
CA GLU G 137 3.52 -40.00 11.57
C GLU G 137 2.13 -40.43 11.13
N TRP G 138 2.04 -41.48 10.31
CA TRP G 138 0.74 -42.04 9.96
C TRP G 138 0.09 -42.72 11.15
N LYS G 139 0.89 -43.41 11.98
CA LYS G 139 0.39 -43.98 13.22
C LYS G 139 -0.14 -42.89 14.15
N ALA G 140 0.57 -41.76 14.24
CA ALA G 140 0.17 -40.71 15.15
C ALA G 140 -1.18 -40.12 14.77
N TYR G 141 -1.37 -39.79 13.49
CA TYR G 141 -2.63 -39.17 13.08
C TYR G 141 -3.79 -40.15 13.21
N THR G 142 -3.62 -41.37 12.68
CA THR G 142 -4.75 -42.30 12.64
C THR G 142 -5.17 -42.75 14.03
N LYS G 143 -4.22 -42.88 14.96
CA LYS G 143 -4.59 -43.22 16.33
C LYS G 143 -5.20 -42.04 17.05
N ALA G 144 -4.72 -40.82 16.77
CA ALA G 144 -5.34 -39.63 17.33
C ALA G 144 -6.76 -39.45 16.81
N ALA G 145 -6.95 -39.64 15.50
CA ALA G 145 -8.29 -39.59 14.94
C ALA G 145 -9.15 -40.77 15.39
N GLY G 146 -8.53 -41.88 15.76
CA GLY G 146 -9.26 -43.08 16.16
C GLY G 146 -9.68 -43.98 15.02
N ILE G 147 -9.42 -43.58 13.77
CA ILE G 147 -9.83 -44.40 12.63
C ILE G 147 -9.03 -45.69 12.57
N ILE G 148 -7.81 -45.69 13.11
CA ILE G 148 -7.00 -46.89 13.25
C ILE G 148 -6.54 -46.98 14.70
N GLN G 149 -6.63 -48.18 15.28
CA GLN G 149 -6.24 -48.41 16.67
C GLN G 149 -4.90 -49.12 16.80
N SER G 150 -4.70 -50.20 16.03
CA SER G 150 -3.50 -51.01 16.17
C SER G 150 -2.44 -50.58 15.16
N SER G 151 -1.16 -50.70 15.57
CA SER G 151 -0.05 -50.39 14.68
C SER G 151 0.02 -51.34 13.50
N GLU G 152 -0.60 -52.52 13.60
CA GLU G 152 -0.58 -53.46 12.48
C GLU G 152 -1.42 -52.95 11.32
N ASP G 153 -2.50 -52.23 11.60
CA ASP G 153 -3.34 -51.69 10.53
C ASP G 153 -2.68 -50.51 9.84
N CYS G 154 -1.85 -49.75 10.58
CA CYS G 154 -1.10 -48.67 9.95
C CYS G 154 -0.06 -49.20 8.99
N GLU G 155 0.53 -50.37 9.29
CA GLU G 155 1.49 -50.98 8.38
C GLU G 155 0.82 -51.51 7.13
N GLU G 156 -0.44 -51.93 7.24
CA GLU G 156 -1.19 -52.37 6.05
C GLU G 156 -1.41 -51.22 5.07
N THR G 157 -1.52 -49.99 5.57
CA THR G 157 -1.71 -48.84 4.69
C THR G 157 -0.51 -48.68 3.76
N PHE G 158 0.69 -48.76 4.31
CA PHE G 158 1.90 -48.63 3.49
C PHE G 158 2.05 -49.82 2.54
N ARG G 159 1.60 -51.00 2.94
CA ARG G 159 1.64 -52.16 2.05
C ARG G 159 0.69 -51.97 0.88
N VAL G 160 -0.53 -51.48 1.14
CA VAL G 160 -1.49 -51.25 0.07
C VAL G 160 -1.01 -50.13 -0.85
N CYS G 161 -0.33 -49.12 -0.30
CA CYS G 161 0.26 -48.06 -1.12
C CYS G 161 1.59 -48.47 -1.74
N ASP G 162 2.07 -49.68 -1.47
CA ASP G 162 3.33 -50.18 -2.01
C ASP G 162 4.49 -49.25 -1.65
N ILE G 163 4.66 -49.03 -0.35
CA ILE G 163 5.69 -48.16 0.20
C ILE G 163 6.36 -48.87 1.36
N ASP G 164 7.69 -48.88 1.38
CA ASP G 164 8.43 -49.49 2.47
C ASP G 164 8.13 -48.77 3.78
N GLU G 165 8.15 -49.53 4.88
CA GLU G 165 7.85 -48.96 6.18
C GLU G 165 8.83 -47.85 6.56
N SER G 166 10.07 -47.95 6.09
CA SER G 166 11.04 -46.87 6.31
C SER G 166 10.85 -45.72 5.34
N GLY G 167 10.01 -45.87 4.32
CA GLY G 167 9.74 -44.82 3.37
C GLY G 167 8.71 -43.84 3.87
N GLN G 168 8.18 -43.04 2.95
CA GLN G 168 7.21 -42.02 3.28
C GLN G 168 5.98 -42.16 2.39
N LEU G 169 4.85 -41.67 2.91
CA LEU G 169 3.56 -41.74 2.24
C LEU G 169 3.16 -40.33 1.78
N ASP G 170 2.72 -40.22 0.54
CA ASP G 170 2.41 -38.93 -0.07
C ASP G 170 0.92 -38.81 -0.36
N VAL G 171 0.48 -37.56 -0.51
CA VAL G 171 -0.92 -37.28 -0.80
C VAL G 171 -1.31 -37.82 -2.17
N ASP G 172 -0.39 -37.78 -3.14
CA ASP G 172 -0.69 -38.28 -4.47
C ASP G 172 -1.14 -39.73 -4.43
N GLU G 173 -0.32 -40.60 -3.84
CA GLU G 173 -0.67 -42.01 -3.73
C GLU G 173 -1.94 -42.21 -2.92
N MET G 174 -2.04 -41.53 -1.77
CA MET G 174 -3.21 -41.69 -0.92
C MET G 174 -4.48 -41.22 -1.60
N THR G 175 -4.38 -40.20 -2.45
CA THR G 175 -5.57 -39.75 -3.19
C THR G 175 -6.08 -40.82 -4.14
N ARG G 176 -5.17 -41.58 -4.76
CA ARG G 176 -5.60 -42.69 -5.59
C ARG G 176 -6.21 -43.81 -4.76
N GLN G 177 -5.62 -44.11 -3.60
CA GLN G 177 -6.16 -45.16 -2.76
C GLN G 177 -7.53 -44.78 -2.22
N HIS G 178 -7.70 -43.54 -1.78
CA HIS G 178 -9.00 -43.10 -1.29
C HIS G 178 -10.06 -43.11 -2.38
N LEU G 179 -9.66 -42.84 -3.63
CA LEU G 179 -10.57 -42.96 -4.76
C LEU G 179 -11.21 -44.34 -4.78
N GLY G 180 -10.38 -45.39 -4.75
CA GLY G 180 -10.91 -46.74 -4.76
C GLY G 180 -11.47 -47.21 -3.43
N PHE G 181 -11.09 -46.57 -2.34
CA PHE G 181 -11.53 -47.02 -1.02
C PHE G 181 -12.85 -46.36 -0.59
N TRP G 182 -12.95 -45.04 -0.74
CA TRP G 182 -14.15 -44.35 -0.29
C TRP G 182 -15.21 -44.23 -1.39
N TYR G 183 -14.81 -44.14 -2.65
CA TYR G 183 -15.73 -43.74 -3.72
C TYR G 183 -16.16 -44.88 -4.64
N THR G 184 -15.25 -45.76 -5.06
CA THR G 184 -15.56 -46.69 -6.15
C THR G 184 -15.44 -48.17 -5.78
N MET G 185 -15.02 -48.50 -4.56
CA MET G 185 -14.89 -49.89 -4.11
C MET G 185 -13.92 -50.67 -5.00
N ASP G 186 -12.77 -50.07 -5.27
CA ASP G 186 -11.74 -50.75 -6.06
C ASP G 186 -11.18 -51.92 -5.27
N PRO G 187 -11.24 -53.15 -5.78
CA PRO G 187 -10.65 -54.28 -5.05
C PRO G 187 -9.17 -54.11 -4.77
N ALA G 188 -8.46 -53.36 -5.61
CA ALA G 188 -7.03 -53.15 -5.40
C ALA G 188 -6.74 -52.30 -4.16
N CYS G 189 -7.74 -51.57 -3.66
CA CYS G 189 -7.56 -50.68 -2.52
C CYS G 189 -8.10 -51.25 -1.21
N GLU G 190 -8.42 -52.55 -1.19
CA GLU G 190 -8.91 -53.15 0.04
C GLU G 190 -7.83 -53.11 1.12
N LYS G 191 -8.28 -53.16 2.37
CA LYS G 191 -7.40 -53.18 3.54
C LYS G 191 -6.51 -51.94 3.61
N LEU G 192 -6.98 -50.83 3.05
CA LEU G 192 -6.19 -49.59 3.09
C LEU G 192 -5.99 -49.11 4.52
N TYR G 193 -6.96 -49.34 5.39
CA TYR G 193 -6.82 -49.08 6.82
C TYR G 193 -6.73 -50.38 7.61
N GLY G 194 -6.17 -51.43 6.99
CA GLY G 194 -6.06 -52.70 7.66
C GLY G 194 -7.42 -53.31 7.95
N GLY G 195 -7.55 -53.90 9.14
CA GLY G 195 -8.82 -54.40 9.60
C GLY G 195 -9.67 -53.39 10.33
N ALA G 196 -9.22 -52.13 10.38
CA ALA G 196 -9.95 -51.12 11.14
C ALA G 196 -11.21 -50.66 10.40
N VAL G 197 -11.17 -50.63 9.07
CA VAL G 197 -12.29 -50.20 8.25
C VAL G 197 -12.63 -51.33 7.28
N PRO G 198 -13.87 -51.85 7.29
CA PRO G 198 -14.28 -52.94 6.40
C PRO G 198 -14.37 -52.47 4.95
N HIS H 9 -28.04 -10.36 -24.41
CA HIS H 9 -27.46 -9.29 -23.61
C HIS H 9 -28.36 -8.91 -22.44
N GLY H 10 -29.66 -9.16 -22.59
CA GLY H 10 -30.61 -8.82 -21.55
C GLY H 10 -32.02 -9.14 -21.97
N LYS H 11 -32.96 -8.76 -21.11
CA LYS H 11 -34.37 -9.02 -21.32
C LYS H 11 -35.14 -7.71 -21.28
N LEU H 12 -35.98 -7.47 -22.30
CA LEU H 12 -36.78 -6.26 -22.38
C LEU H 12 -38.27 -6.53 -22.36
N THR H 13 -38.71 -7.77 -22.20
CA THR H 13 -40.13 -8.10 -22.18
C THR H 13 -40.60 -8.29 -20.74
N SER H 14 -41.75 -7.71 -20.42
CA SER H 14 -42.32 -7.88 -19.10
C SER H 14 -42.85 -9.30 -18.92
N ASP H 15 -43.07 -9.67 -17.66
CA ASP H 15 -43.54 -11.01 -17.30
C ASP H 15 -44.48 -10.89 -16.11
N PHE H 16 -45.50 -10.03 -16.24
CA PHE H 16 -46.36 -9.70 -15.11
C PHE H 16 -47.28 -10.84 -14.71
N ASP H 17 -47.51 -11.81 -15.59
CA ASP H 17 -48.33 -12.97 -15.27
C ASP H 17 -47.56 -14.08 -14.59
N ASN H 18 -46.23 -13.99 -14.54
CA ASN H 18 -45.43 -14.93 -13.78
C ASN H 18 -45.76 -14.81 -12.31
N PRO H 19 -46.26 -15.86 -11.65
CA PRO H 19 -46.52 -15.76 -10.21
C PRO H 19 -45.28 -15.47 -9.38
N ARG H 20 -44.10 -15.79 -9.90
CA ARG H 20 -42.87 -15.45 -9.16
C ARG H 20 -42.55 -13.97 -9.26
N TRP H 21 -43.02 -13.27 -10.29
CA TRP H 21 -42.87 -11.82 -10.33
C TRP H 21 -43.82 -11.17 -9.34
N ILE H 22 -45.08 -11.60 -9.33
CA ILE H 22 -46.03 -11.13 -8.32
C ILE H 22 -45.51 -11.42 -6.92
N GLY H 23 -44.96 -12.62 -6.72
CA GLY H 23 -44.52 -13.02 -5.39
C GLY H 23 -43.25 -12.34 -4.94
N ARG H 24 -42.38 -11.97 -5.88
CA ARG H 24 -41.19 -11.20 -5.53
C ARG H 24 -41.56 -9.85 -4.96
N HIS H 25 -42.50 -9.16 -5.61
CA HIS H 25 -42.96 -7.86 -5.11
C HIS H 25 -43.93 -7.98 -3.95
N LYS H 26 -44.61 -9.13 -3.81
CA LYS H 26 -45.37 -9.38 -2.59
C LYS H 26 -44.46 -9.53 -1.38
N HIS H 27 -43.34 -10.25 -1.55
CA HIS H 27 -42.36 -10.31 -0.48
C HIS H 27 -41.84 -8.93 -0.11
N MET H 28 -41.63 -8.07 -1.12
CA MET H 28 -41.14 -6.74 -0.84
C MET H 28 -42.21 -5.88 -0.18
N PHE H 29 -43.47 -6.06 -0.57
CA PHE H 29 -44.57 -5.37 0.11
C PHE H 29 -44.63 -5.77 1.58
N ASN H 30 -44.58 -7.09 1.85
CA ASN H 30 -44.58 -7.57 3.23
C ASN H 30 -43.41 -6.97 4.02
N PHE H 31 -42.22 -6.95 3.41
CA PHE H 31 -41.04 -6.40 4.08
C PHE H 31 -41.22 -4.91 4.38
N LEU H 32 -41.85 -4.17 3.47
CA LEU H 32 -42.05 -2.74 3.67
C LEU H 32 -43.16 -2.42 4.65
N ASP H 33 -44.12 -3.34 4.84
CA ASP H 33 -45.22 -3.12 5.78
C ASP H 33 -44.82 -3.66 7.15
N VAL H 34 -43.84 -2.98 7.76
CA VAL H 34 -43.27 -3.42 9.03
C VAL H 34 -44.31 -3.39 10.15
N ASN H 35 -45.34 -2.56 10.05
CA ASN H 35 -46.34 -2.43 11.10
C ASN H 35 -47.58 -3.25 10.82
N HIS H 36 -47.55 -4.11 9.80
CA HIS H 36 -48.65 -5.04 9.51
C HIS H 36 -49.98 -4.31 9.34
N ASN H 37 -49.94 -3.18 8.62
CA ASN H 37 -51.16 -2.43 8.32
C ASN H 37 -51.84 -2.92 7.05
N GLY H 38 -51.18 -3.75 6.25
CA GLY H 38 -51.70 -4.06 4.92
C GLY H 38 -51.66 -2.90 3.96
N LYS H 39 -51.04 -1.79 4.35
CA LYS H 39 -50.96 -0.58 3.54
C LYS H 39 -49.66 0.13 3.84
N ILE H 40 -49.10 0.80 2.82
CA ILE H 40 -47.89 1.60 2.98
C ILE H 40 -48.06 2.90 2.20
N SER H 41 -47.33 3.92 2.63
CA SER H 41 -47.42 5.26 2.07
C SER H 41 -46.06 5.72 1.57
N LEU H 42 -46.09 6.71 0.67
CA LEU H 42 -44.84 7.30 0.20
C LEU H 42 -44.11 8.00 1.34
N ASP H 43 -44.85 8.49 2.34
CA ASP H 43 -44.22 9.10 3.50
C ASP H 43 -43.33 8.10 4.23
N GLU H 44 -43.80 6.87 4.38
CA GLU H 44 -43.01 5.84 5.07
C GLU H 44 -41.82 5.41 4.23
N MET H 45 -42.01 5.26 2.92
CA MET H 45 -40.92 4.80 2.05
C MET H 45 -39.78 5.80 2.03
N VAL H 46 -40.10 7.08 1.80
CA VAL H 46 -39.06 8.11 1.76
C VAL H 46 -38.41 8.29 3.13
N TYR H 47 -39.20 8.15 4.20
CA TYR H 47 -38.61 8.25 5.55
C TYR H 47 -37.57 7.16 5.77
N LYS H 48 -37.97 5.90 5.54
CA LYS H 48 -37.04 4.78 5.68
C LYS H 48 -35.77 5.00 4.86
N ALA H 49 -35.93 5.41 3.60
CA ALA H 49 -34.78 5.60 2.72
C ALA H 49 -33.85 6.69 3.25
N SER H 50 -34.41 7.86 3.56
CA SER H 50 -33.58 8.96 4.05
C SER H 50 -32.99 8.66 5.41
N ASP H 51 -33.72 7.93 6.27
CA ASP H 51 -33.18 7.57 7.57
C ASP H 51 -31.94 6.69 7.45
N ILE H 52 -31.93 5.79 6.47
CA ILE H 52 -30.79 4.90 6.28
C ILE H 52 -29.55 5.70 5.90
N VAL H 53 -29.68 6.59 4.91
CA VAL H 53 -28.49 7.27 4.40
C VAL H 53 -28.02 8.36 5.35
N ILE H 54 -28.93 8.98 6.10
CA ILE H 54 -28.53 10.05 7.01
C ILE H 54 -28.02 9.49 8.33
N ASN H 55 -28.85 8.66 8.98
CA ASN H 55 -28.58 8.22 10.35
C ASN H 55 -27.72 6.96 10.43
N ASN H 56 -27.55 6.22 9.33
CA ASN H 56 -26.74 5.02 9.34
C ASN H 56 -25.52 5.10 8.43
N LEU H 57 -25.62 5.77 7.29
CA LEU H 57 -24.52 5.84 6.33
C LEU H 57 -23.83 7.20 6.31
N GLY H 58 -24.28 8.15 7.12
CA GLY H 58 -23.62 9.43 7.24
C GLY H 58 -23.55 10.24 5.96
N ALA H 59 -24.68 10.38 5.27
CA ALA H 59 -24.73 11.17 4.06
C ALA H 59 -24.79 12.66 4.38
N THR H 60 -24.25 13.46 3.48
CA THR H 60 -24.36 14.91 3.59
C THR H 60 -25.76 15.36 3.23
N PRO H 61 -26.17 16.56 3.66
CA PRO H 61 -27.50 17.06 3.27
C PRO H 61 -27.69 17.13 1.77
N GLU H 62 -26.62 17.36 1.00
CA GLU H 62 -26.73 17.41 -0.45
C GLU H 62 -26.90 16.00 -1.03
N GLN H 63 -26.12 15.04 -0.53
CA GLN H 63 -26.32 13.66 -0.95
C GLN H 63 -27.69 13.14 -0.54
N ALA H 64 -28.14 13.51 0.65
CA ALA H 64 -29.43 13.02 1.14
C ALA H 64 -30.58 13.59 0.32
N LYS H 65 -30.50 14.86 -0.06
CA LYS H 65 -31.54 15.45 -0.89
C LYS H 65 -31.57 14.81 -2.28
N ARG H 66 -30.39 14.58 -2.86
CA ARG H 66 -30.34 13.91 -4.15
C ARG H 66 -30.86 12.48 -4.06
N HIS H 67 -30.51 11.77 -2.98
CA HIS H 67 -31.03 10.43 -2.77
C HIS H 67 -32.53 10.44 -2.51
N LYS H 68 -33.02 11.47 -1.81
CA LYS H 68 -34.44 11.54 -1.47
C LYS H 68 -35.29 11.70 -2.73
N ASP H 69 -34.87 12.56 -3.65
CA ASP H 69 -35.65 12.77 -4.87
C ASP H 69 -35.67 11.52 -5.74
N ALA H 70 -34.60 10.73 -5.72
CA ALA H 70 -34.57 9.51 -6.52
C ALA H 70 -35.49 8.44 -5.95
N VAL H 71 -35.50 8.28 -4.62
CA VAL H 71 -36.41 7.32 -4.00
C VAL H 71 -37.85 7.79 -4.14
N GLU H 72 -38.09 9.07 -3.91
CA GLU H 72 -39.42 9.64 -4.10
C GLU H 72 -39.93 9.36 -5.53
N ALA H 73 -39.06 9.55 -6.53
CA ALA H 73 -39.47 9.29 -7.90
C ALA H 73 -39.65 7.81 -8.16
N PHE H 74 -38.81 6.97 -7.55
CA PHE H 74 -38.89 5.52 -7.79
C PHE H 74 -40.21 4.96 -7.26
N PHE H 75 -40.51 5.17 -5.97
CA PHE H 75 -41.77 4.70 -5.43
C PHE H 75 -42.94 5.52 -5.94
N GLY H 76 -42.71 6.78 -6.30
CA GLY H 76 -43.74 7.55 -6.98
C GLY H 76 -44.09 6.98 -8.34
N GLY H 77 -43.12 6.37 -9.02
CA GLY H 77 -43.38 5.71 -10.29
C GLY H 77 -44.24 4.46 -10.17
N ALA H 78 -44.42 3.94 -8.96
CA ALA H 78 -45.31 2.81 -8.72
C ALA H 78 -46.68 3.25 -8.20
N GLY H 79 -47.00 4.54 -8.32
CA GLY H 79 -48.30 5.05 -7.94
C GLY H 79 -48.44 5.54 -6.52
N MET H 80 -47.41 5.40 -5.70
CA MET H 80 -47.49 5.82 -4.30
C MET H 80 -47.40 7.33 -4.19
N LYS H 81 -48.16 7.90 -3.25
CA LYS H 81 -48.25 9.35 -3.07
C LYS H 81 -48.16 9.68 -1.59
N TYR H 82 -47.71 10.90 -1.31
CA TYR H 82 -47.69 11.37 0.08
C TYR H 82 -49.12 11.49 0.60
N GLY H 83 -49.32 11.05 1.84
CA GLY H 83 -50.62 11.08 2.45
C GLY H 83 -51.60 10.05 1.95
N VAL H 84 -51.16 9.11 1.12
CA VAL H 84 -52.02 8.09 0.55
C VAL H 84 -51.52 6.72 0.99
N GLU H 85 -52.43 5.88 1.49
CA GLU H 85 -52.10 4.53 1.92
C GLU H 85 -52.35 3.57 0.75
N THR H 86 -51.29 2.90 0.31
CA THR H 86 -51.38 1.97 -0.81
C THR H 86 -51.49 0.55 -0.28
N ASP H 87 -52.63 -0.09 -0.55
CA ASP H 87 -52.80 -1.49 -0.17
C ASP H 87 -52.16 -2.39 -1.24
N TRP H 88 -52.17 -3.69 -0.99
CA TRP H 88 -51.51 -4.63 -1.91
C TRP H 88 -52.06 -4.56 -3.34
N PRO H 89 -53.38 -4.59 -3.58
CA PRO H 89 -53.86 -4.51 -4.96
C PRO H 89 -53.44 -3.24 -5.67
N ALA H 90 -53.55 -2.09 -5.00
CA ALA H 90 -53.08 -0.85 -5.60
C ALA H 90 -51.57 -0.84 -5.76
N TYR H 91 -50.87 -1.58 -4.89
CA TYR H 91 -49.42 -1.61 -4.93
C TYR H 91 -48.91 -2.41 -6.12
N ILE H 92 -49.44 -3.62 -6.31
CA ILE H 92 -48.96 -4.46 -7.40
C ILE H 92 -49.42 -3.91 -8.74
N GLU H 93 -50.55 -3.22 -8.78
CA GLU H 93 -50.98 -2.58 -10.02
C GLU H 93 -50.03 -1.46 -10.42
N GLY H 94 -49.66 -0.61 -9.44
CA GLY H 94 -48.72 0.45 -9.73
C GLY H 94 -47.34 -0.04 -10.08
N TRP H 95 -46.94 -1.20 -9.56
CA TRP H 95 -45.64 -1.75 -9.91
C TRP H 95 -45.63 -2.27 -11.34
N LYS H 96 -46.78 -2.72 -11.85
CA LYS H 96 -46.87 -3.02 -13.28
C LYS H 96 -46.69 -1.75 -14.11
N LYS H 97 -47.23 -0.63 -13.65
CA LYS H 97 -47.04 0.64 -14.33
C LYS H 97 -45.59 1.09 -14.23
N LEU H 98 -44.96 0.94 -13.05
CA LEU H 98 -43.57 1.31 -12.89
C LEU H 98 -42.67 0.48 -13.80
N ALA H 99 -42.89 -0.85 -13.82
CA ALA H 99 -42.05 -1.71 -14.65
C ALA H 99 -42.22 -1.40 -16.13
N THR H 100 -43.45 -1.12 -16.55
CA THR H 100 -43.68 -0.77 -17.95
C THR H 100 -42.99 0.55 -18.32
N ASP H 101 -43.09 1.55 -17.45
CA ASP H 101 -42.43 2.82 -17.72
C ASP H 101 -40.91 2.69 -17.67
N GLU H 102 -40.41 1.86 -16.75
CA GLU H 102 -38.96 1.65 -16.68
C GLU H 102 -38.46 0.91 -17.91
N LEU H 103 -39.18 -0.13 -18.35
CA LEU H 103 -38.79 -0.85 -19.56
C LEU H 103 -38.85 0.06 -20.79
N GLU H 104 -39.77 1.03 -20.81
CA GLU H 104 -39.78 2.02 -21.88
C GLU H 104 -38.52 2.87 -21.83
N LYS H 105 -38.12 3.29 -20.63
CA LYS H 105 -36.86 4.05 -20.51
C LYS H 105 -35.66 3.19 -20.86
N TYR H 106 -35.72 1.89 -20.57
CA TYR H 106 -34.62 1.00 -20.95
C TYR H 106 -34.47 0.93 -22.47
N ALA H 107 -35.56 0.67 -23.18
CA ALA H 107 -35.50 0.53 -24.63
C ALA H 107 -35.12 1.84 -25.31
N LYS H 108 -35.58 2.97 -24.77
CA LYS H 108 -35.22 4.28 -25.29
C LYS H 108 -33.83 4.72 -24.84
N ASN H 109 -33.11 3.87 -24.10
CA ASN H 109 -31.79 4.21 -23.56
C ASN H 109 -31.86 5.51 -22.75
N GLU H 110 -32.95 5.69 -22.02
CA GLU H 110 -33.13 6.79 -21.07
C GLU H 110 -32.62 6.36 -19.70
N PRO H 111 -32.10 7.30 -18.91
CA PRO H 111 -31.75 6.99 -17.52
C PRO H 111 -32.98 6.54 -16.75
N THR H 112 -32.96 5.28 -16.30
CA THR H 112 -34.09 4.75 -15.57
C THR H 112 -34.11 5.26 -14.13
N LEU H 113 -35.28 5.21 -13.52
CA LEU H 113 -35.42 5.61 -12.12
C LEU H 113 -34.51 4.76 -11.24
N ILE H 114 -34.47 3.45 -11.48
CA ILE H 114 -33.63 2.57 -10.67
C ILE H 114 -32.15 2.89 -10.87
N ARG H 115 -31.79 3.40 -12.05
CA ARG H 115 -30.42 3.87 -12.24
C ARG H 115 -30.18 5.17 -11.49
N ILE H 116 -31.13 6.09 -11.54
CA ILE H 116 -30.98 7.37 -10.86
C ILE H 116 -30.87 7.16 -9.35
N TRP H 117 -31.63 6.20 -8.82
CA TRP H 117 -31.50 5.86 -7.41
C TRP H 117 -30.12 5.27 -7.11
N GLY H 118 -29.68 4.32 -7.93
CA GLY H 118 -28.39 3.68 -7.69
C GLY H 118 -27.24 4.68 -7.69
N ASP H 119 -27.24 5.61 -8.64
CA ASP H 119 -26.20 6.62 -8.68
C ASP H 119 -26.20 7.46 -7.42
N ALA H 120 -27.38 7.94 -7.02
CA ALA H 120 -27.48 8.76 -5.82
C ALA H 120 -27.11 7.98 -4.57
N LEU H 121 -27.40 6.68 -4.54
CA LEU H 121 -27.12 5.87 -3.37
C LEU H 121 -25.65 5.44 -3.31
N PHE H 122 -25.09 5.00 -4.44
CA PHE H 122 -23.70 4.56 -4.44
C PHE H 122 -22.75 5.72 -4.17
N ASP H 123 -23.15 6.94 -4.49
CA ASP H 123 -22.37 8.10 -4.09
C ASP H 123 -22.28 8.23 -2.58
N ILE H 124 -23.30 7.72 -1.88
CA ILE H 124 -23.30 7.71 -0.42
C ILE H 124 -22.62 6.48 0.15
N VAL H 125 -22.95 5.30 -0.39
CA VAL H 125 -22.48 4.05 0.19
C VAL H 125 -20.98 3.88 -0.02
N ASP H 126 -20.48 4.30 -1.18
CA ASP H 126 -19.05 4.22 -1.45
C ASP H 126 -18.32 5.35 -0.74
N LYS H 127 -17.36 4.99 0.12
CA LYS H 127 -16.59 6.01 0.84
C LYS H 127 -15.78 6.88 -0.11
N ASP H 128 -15.27 6.30 -1.20
CA ASP H 128 -14.51 7.07 -2.17
C ASP H 128 -15.39 7.91 -3.07
N GLN H 129 -16.69 7.60 -3.14
CA GLN H 129 -17.66 8.36 -3.93
C GLN H 129 -17.26 8.40 -5.41
N ASN H 130 -17.07 7.20 -5.98
CA ASN H 130 -16.76 7.07 -7.40
C ASN H 130 -17.73 6.14 -8.12
N GLY H 131 -18.79 5.68 -7.45
CA GLY H 131 -19.78 4.84 -8.09
C GLY H 131 -19.55 3.36 -7.98
N ALA H 132 -18.68 2.91 -7.08
CA ALA H 132 -18.39 1.50 -6.91
C ALA H 132 -18.26 1.19 -5.43
N ILE H 133 -19.04 0.21 -4.94
CA ILE H 133 -19.04 -0.14 -3.53
C ILE H 133 -18.46 -1.54 -3.37
N THR H 134 -17.77 -1.73 -2.25
CA THR H 134 -17.19 -3.04 -1.92
C THR H 134 -18.27 -3.95 -1.33
N LEU H 135 -17.88 -5.18 -1.00
CA LEU H 135 -18.81 -6.11 -0.38
C LEU H 135 -19.19 -5.65 1.02
N ASP H 136 -18.24 -5.11 1.77
CA ASP H 136 -18.54 -4.62 3.11
C ASP H 136 -19.51 -3.45 3.07
N GLU H 137 -19.39 -2.59 2.05
CA GLU H 137 -20.33 -1.49 1.89
C GLU H 137 -21.67 -1.97 1.37
N TRP H 138 -21.69 -3.07 0.63
CA TRP H 138 -22.96 -3.67 0.23
C TRP H 138 -23.63 -4.36 1.41
N LYS H 139 -22.85 -5.06 2.23
CA LYS H 139 -23.38 -5.60 3.48
C LYS H 139 -23.88 -4.49 4.39
N ALA H 140 -23.15 -3.37 4.44
CA ALA H 140 -23.54 -2.28 5.31
C ALA H 140 -24.88 -1.69 4.92
N TYR H 141 -25.10 -1.43 3.63
CA TYR H 141 -26.34 -0.79 3.21
C TYR H 141 -27.52 -1.76 3.31
N THR H 142 -27.36 -2.98 2.80
CA THR H 142 -28.49 -3.90 2.73
C THR H 142 -28.93 -4.36 4.12
N LYS H 143 -27.97 -4.54 5.04
CA LYS H 143 -28.34 -4.89 6.40
C LYS H 143 -28.96 -3.71 7.14
N ALA H 144 -28.57 -2.49 6.79
CA ALA H 144 -29.20 -1.31 7.38
C ALA H 144 -30.61 -1.11 6.83
N ALA H 145 -30.79 -1.33 5.52
CA ALA H 145 -32.13 -1.28 4.95
C ALA H 145 -32.97 -2.47 5.40
N GLY H 146 -32.33 -3.58 5.78
CA GLY H 146 -33.04 -4.79 6.15
C GLY H 146 -33.43 -5.68 5.00
N ILE H 147 -33.15 -5.28 3.76
CA ILE H 147 -33.53 -6.10 2.62
C ILE H 147 -32.75 -7.40 2.60
N ILE H 148 -31.52 -7.38 3.11
CA ILE H 148 -30.72 -8.59 3.32
C ILE H 148 -30.33 -8.64 4.80
N GLN H 149 -30.46 -9.82 5.40
CA GLN H 149 -30.14 -10.01 6.81
C GLN H 149 -28.78 -10.66 7.02
N SER H 150 -28.51 -11.77 6.34
CA SER H 150 -27.31 -12.55 6.56
C SER H 150 -26.22 -12.17 5.56
N SER H 151 -24.97 -12.30 6.00
CA SER H 151 -23.83 -11.99 5.14
C SER H 151 -23.69 -12.96 3.97
N GLU H 152 -24.30 -14.15 4.07
CA GLU H 152 -24.21 -15.11 2.96
C GLU H 152 -24.97 -14.64 1.73
N ASP H 153 -26.07 -13.91 1.92
CA ASP H 153 -26.84 -13.43 0.78
C ASP H 153 -26.17 -12.23 0.10
N CYS H 154 -25.45 -11.41 0.87
CA CYS H 154 -24.71 -10.30 0.26
C CYS H 154 -23.59 -10.81 -0.64
N GLU H 155 -22.90 -11.87 -0.20
CA GLU H 155 -21.88 -12.48 -1.04
C GLU H 155 -22.49 -13.08 -2.29
N GLU H 156 -23.73 -13.57 -2.20
CA GLU H 156 -24.41 -14.09 -3.38
C GLU H 156 -24.66 -13.01 -4.43
N THR H 157 -24.86 -11.77 -3.99
CA THR H 157 -25.04 -10.66 -4.93
C THR H 157 -23.82 -10.50 -5.83
N PHE H 158 -22.62 -10.47 -5.24
CA PHE H 158 -21.41 -10.33 -6.03
C PHE H 158 -21.16 -11.55 -6.91
N ARG H 159 -21.65 -12.72 -6.50
CA ARG H 159 -21.51 -13.92 -7.32
C ARG H 159 -22.40 -13.83 -8.56
N VAL H 160 -23.59 -13.24 -8.42
CA VAL H 160 -24.49 -13.08 -9.55
C VAL H 160 -23.98 -12.00 -10.50
N CYS H 161 -23.43 -10.92 -9.95
CA CYS H 161 -22.85 -9.86 -10.76
C CYS H 161 -21.46 -10.20 -11.29
N ASP H 162 -20.93 -11.38 -10.96
CA ASP H 162 -19.62 -11.84 -11.42
C ASP H 162 -18.51 -10.90 -10.93
N ILE H 163 -18.51 -10.63 -9.62
CA ILE H 163 -17.52 -9.78 -8.99
C ILE H 163 -16.96 -10.50 -7.76
N ASP H 164 -15.65 -10.46 -7.61
CA ASP H 164 -15.02 -11.00 -6.41
C ASP H 164 -15.34 -10.13 -5.20
N GLU H 165 -15.28 -10.74 -4.02
CA GLU H 165 -15.57 -10.00 -2.79
C GLU H 165 -14.57 -8.87 -2.57
N SER H 166 -13.35 -9.03 -3.09
CA SER H 166 -12.38 -7.95 -3.05
C SER H 166 -12.68 -6.87 -4.06
N GLY H 167 -13.45 -7.18 -5.11
CA GLY H 167 -13.82 -6.21 -6.11
C GLY H 167 -14.92 -5.28 -5.63
N GLN H 168 -15.42 -4.49 -6.57
CA GLN H 168 -16.46 -3.50 -6.28
C GLN H 168 -17.64 -3.70 -7.21
N LEU H 169 -18.81 -3.29 -6.74
CA LEU H 169 -20.05 -3.38 -7.50
C LEU H 169 -20.37 -2.02 -8.11
N ASP H 170 -20.75 -2.03 -9.38
CA ASP H 170 -20.98 -0.82 -10.15
C ASP H 170 -22.48 -0.59 -10.35
N VAL H 171 -22.87 0.69 -10.46
CA VAL H 171 -24.26 1.01 -10.75
C VAL H 171 -24.66 0.50 -12.13
N ASP H 172 -23.74 0.55 -13.09
CA ASP H 172 -24.01 0.04 -14.43
C ASP H 172 -24.33 -1.45 -14.37
N GLU H 173 -23.49 -2.23 -13.70
CA GLU H 173 -23.73 -3.67 -13.59
C GLU H 173 -24.98 -3.95 -12.76
N MET H 174 -25.18 -3.20 -11.68
CA MET H 174 -26.34 -3.46 -10.82
C MET H 174 -27.64 -3.06 -11.49
N THR H 175 -27.62 -2.00 -12.31
CA THR H 175 -28.83 -1.62 -13.04
C THR H 175 -29.24 -2.70 -14.03
N ARG H 176 -28.26 -3.34 -14.67
CA ARG H 176 -28.56 -4.47 -15.54
C ARG H 176 -29.17 -5.62 -14.74
N GLN H 177 -28.62 -5.90 -13.55
CA GLN H 177 -29.16 -6.96 -12.72
C GLN H 177 -30.57 -6.63 -12.23
N HIS H 178 -30.79 -5.38 -11.82
CA HIS H 178 -32.12 -4.99 -11.35
C HIS H 178 -33.15 -5.01 -12.46
N LEU H 179 -32.72 -4.72 -13.69
CA LEU H 179 -33.60 -4.89 -14.85
C LEU H 179 -34.19 -6.29 -14.88
N GLY H 180 -33.35 -7.32 -14.75
CA GLY H 180 -33.84 -8.68 -14.79
C GLY H 180 -34.50 -9.12 -13.51
N PHE H 181 -34.12 -8.54 -12.37
CA PHE H 181 -34.64 -9.00 -11.09
C PHE H 181 -35.99 -8.37 -10.76
N TRP H 182 -36.11 -7.04 -10.88
CA TRP H 182 -37.34 -6.37 -10.49
C TRP H 182 -38.36 -6.27 -11.61
N TYR H 183 -37.93 -6.27 -12.87
CA TYR H 183 -38.80 -5.88 -13.97
C TYR H 183 -39.18 -7.02 -14.92
N THR H 184 -38.24 -7.90 -15.28
CA THR H 184 -38.47 -8.82 -16.39
C THR H 184 -38.40 -10.29 -16.01
N MET H 185 -37.95 -10.64 -14.80
CA MET H 185 -37.77 -12.04 -14.39
C MET H 185 -36.76 -12.75 -15.29
N ASP H 186 -35.58 -12.14 -15.44
CA ASP H 186 -34.52 -12.75 -16.22
C ASP H 186 -33.90 -13.91 -15.45
N PRO H 187 -33.83 -15.10 -16.04
CA PRO H 187 -33.24 -16.24 -15.31
C PRO H 187 -31.82 -16.00 -14.84
N ALA H 188 -31.03 -15.22 -15.60
CA ALA H 188 -29.64 -14.96 -15.21
C ALA H 188 -29.54 -14.10 -13.97
N CYS H 189 -30.59 -13.37 -13.61
CA CYS H 189 -30.56 -12.45 -12.48
C CYS H 189 -31.16 -13.04 -11.21
N GLU H 190 -31.45 -14.34 -11.21
CA GLU H 190 -31.99 -14.98 -10.02
C GLU H 190 -30.96 -14.95 -8.88
N LYS H 191 -31.47 -14.96 -7.65
CA LYS H 191 -30.66 -14.98 -6.44
C LYS H 191 -29.77 -13.74 -6.33
N LEU H 192 -30.20 -12.64 -6.95
CA LEU H 192 -29.43 -11.39 -6.86
C LEU H 192 -29.31 -10.91 -5.42
N TYR H 193 -30.33 -11.16 -4.60
CA TYR H 193 -30.30 -10.87 -3.18
C TYR H 193 -30.21 -12.15 -2.35
N GLY H 194 -29.57 -13.18 -2.90
CA GLY H 194 -29.46 -14.45 -2.20
C GLY H 194 -30.82 -15.04 -1.94
N GLY H 195 -30.96 -15.71 -0.79
CA GLY H 195 -32.24 -16.20 -0.36
C GLY H 195 -33.10 -15.20 0.36
N ALA H 196 -32.65 -13.94 0.45
CA ALA H 196 -33.40 -12.93 1.19
C ALA H 196 -34.64 -12.47 0.43
N VAL H 197 -34.60 -12.51 -0.91
CA VAL H 197 -35.71 -12.08 -1.74
C VAL H 197 -36.01 -13.18 -2.75
N PRO H 198 -37.24 -13.74 -2.78
CA PRO H 198 -37.62 -14.82 -3.67
C PRO H 198 -37.63 -14.40 -5.13
N HIS I 9 -9.50 42.69 -70.82
CA HIS I 9 -10.11 41.39 -71.03
C HIS I 9 -9.84 40.45 -69.85
N GLY I 10 -8.64 40.54 -69.29
CA GLY I 10 -8.28 39.69 -68.18
C GLY I 10 -6.90 40.05 -67.65
N LYS I 11 -6.50 39.31 -66.62
CA LYS I 11 -5.23 39.53 -65.94
C LYS I 11 -4.48 38.20 -65.88
N LEU I 12 -3.24 38.19 -66.36
CA LEU I 12 -2.42 36.98 -66.37
C LEU I 12 -1.18 37.11 -65.49
N THR I 13 -1.14 38.08 -64.59
CA THR I 13 -0.02 38.26 -63.68
C THR I 13 -0.42 37.82 -62.27
N SER I 14 0.48 37.10 -61.61
CA SER I 14 0.22 36.62 -60.27
C SER I 14 0.40 37.76 -59.26
N ASP I 15 -0.17 37.55 -58.07
CA ASP I 15 -0.12 38.54 -57.00
C ASP I 15 -0.04 37.82 -55.65
N PHE I 16 0.96 36.93 -55.52
CA PHE I 16 1.02 36.01 -54.39
C PHE I 16 1.42 36.70 -53.09
N ASP I 17 2.06 37.86 -53.16
CA ASP I 17 2.43 38.61 -51.96
C ASP I 17 1.31 39.53 -51.48
N ASN I 18 0.22 39.63 -52.22
CA ASN I 18 -0.92 40.41 -51.79
C ASN I 18 -1.59 39.72 -50.61
N PRO I 19 -1.65 40.35 -49.43
CA PRO I 19 -2.32 39.70 -48.29
C PRO I 19 -3.76 39.32 -48.55
N ARG I 20 -4.45 39.99 -49.48
CA ARG I 20 -5.82 39.59 -49.80
C ARG I 20 -5.86 38.29 -50.59
N TRP I 21 -4.81 37.98 -51.35
CA TRP I 21 -4.73 36.67 -51.99
C TRP I 21 -4.46 35.58 -50.96
N ILE I 22 -3.49 35.81 -50.09
CA ILE I 22 -3.21 34.88 -49.00
C ILE I 22 -4.44 34.72 -48.12
N GLY I 23 -5.11 35.83 -47.79
CA GLY I 23 -6.27 35.76 -46.92
C GLY I 23 -7.47 35.12 -47.58
N ARG I 24 -7.57 35.21 -48.90
CA ARG I 24 -8.66 34.55 -49.62
C ARG I 24 -8.52 33.03 -49.51
N HIS I 25 -7.32 32.52 -49.75
CA HIS I 25 -7.12 31.08 -49.67
C HIS I 25 -6.98 30.58 -48.23
N LYS I 26 -6.56 31.45 -47.32
CA LYS I 26 -6.61 31.08 -45.90
C LYS I 26 -8.05 30.90 -45.46
N HIS I 27 -8.93 31.82 -45.85
CA HIS I 27 -10.36 31.65 -45.61
C HIS I 27 -10.86 30.32 -46.15
N MET I 28 -10.47 29.99 -47.39
CA MET I 28 -10.88 28.72 -47.98
C MET I 28 -10.26 27.55 -47.22
N PHE I 29 -8.99 27.66 -46.84
CA PHE I 29 -8.34 26.59 -46.08
C PHE I 29 -9.08 26.33 -44.78
N ASN I 30 -9.46 27.38 -44.06
CA ASN I 30 -10.19 27.19 -42.81
C ASN I 30 -11.60 26.67 -43.05
N PHE I 31 -12.22 27.06 -44.17
CA PHE I 31 -13.53 26.54 -44.52
C PHE I 31 -13.47 25.07 -44.92
N LEU I 32 -12.35 24.65 -45.52
CA LEU I 32 -12.19 23.23 -45.85
C LEU I 32 -11.81 22.40 -44.63
N ASP I 33 -11.11 23.00 -43.66
CA ASP I 33 -10.66 22.30 -42.47
C ASP I 33 -11.79 22.29 -41.44
N VAL I 34 -12.84 21.53 -41.77
CA VAL I 34 -14.06 21.53 -40.96
C VAL I 34 -13.84 20.95 -39.58
N ASN I 35 -12.85 20.07 -39.40
CA ASN I 35 -12.58 19.46 -38.11
C ASN I 35 -11.48 20.17 -37.34
N HIS I 36 -11.02 21.33 -37.83
CA HIS I 36 -10.08 22.18 -37.12
C HIS I 36 -8.79 21.44 -36.77
N ASN I 37 -8.27 20.68 -37.72
CA ASN I 37 -7.01 19.97 -37.52
C ASN I 37 -5.79 20.79 -37.95
N GLY I 38 -6.00 21.93 -38.61
CA GLY I 38 -4.90 22.61 -39.26
C GLY I 38 -4.34 21.87 -40.47
N LYS I 39 -4.97 20.77 -40.87
CA LYS I 39 -4.51 19.93 -41.96
C LYS I 39 -5.70 19.45 -42.76
N ILE I 40 -5.54 19.42 -44.09
CA ILE I 40 -6.52 18.81 -44.97
C ILE I 40 -5.80 17.86 -45.92
N SER I 41 -6.52 16.84 -46.36
CA SER I 41 -5.96 15.80 -47.21
C SER I 41 -6.73 15.74 -48.52
N LEU I 42 -6.08 15.16 -49.53
CA LEU I 42 -6.76 14.95 -50.81
C LEU I 42 -7.95 14.02 -50.64
N ASP I 43 -7.83 13.04 -49.73
CA ASP I 43 -8.96 12.15 -49.42
C ASP I 43 -10.19 12.96 -49.01
N GLU I 44 -10.00 13.92 -48.12
CA GLU I 44 -11.12 14.71 -47.62
C GLU I 44 -11.72 15.59 -48.72
N MET I 45 -10.86 16.21 -49.55
CA MET I 45 -11.36 17.14 -50.56
C MET I 45 -12.17 16.39 -51.62
N VAL I 46 -11.64 15.27 -52.11
CA VAL I 46 -12.35 14.50 -53.13
C VAL I 46 -13.61 13.88 -52.54
N TYR I 47 -13.57 13.47 -51.28
CA TYR I 47 -14.78 12.96 -50.64
C TYR I 47 -15.86 14.03 -50.60
N LYS I 48 -15.52 15.22 -50.11
CA LYS I 48 -16.47 16.33 -50.06
C LYS I 48 -17.04 16.62 -51.45
N ALA I 49 -16.18 16.66 -52.46
CA ALA I 49 -16.64 16.98 -53.82
C ALA I 49 -17.56 15.90 -54.36
N SER I 50 -17.16 14.64 -54.24
CA SER I 50 -17.98 13.55 -54.76
C SER I 50 -19.29 13.41 -53.98
N ASP I 51 -19.24 13.62 -52.66
CA ASP I 51 -20.43 13.49 -51.84
C ASP I 51 -21.50 14.49 -52.28
N ILE I 52 -21.09 15.69 -52.68
CA ILE I 52 -22.04 16.70 -53.13
C ILE I 52 -22.78 16.23 -54.38
N VAL I 53 -22.03 15.84 -55.41
CA VAL I 53 -22.65 15.57 -56.71
C VAL I 53 -23.42 14.26 -56.67
N ILE I 54 -22.89 13.25 -55.97
CA ILE I 54 -23.56 11.94 -55.93
C ILE I 54 -24.78 11.99 -55.01
N ASN I 55 -24.59 12.48 -53.79
CA ASN I 55 -25.61 12.35 -52.75
C ASN I 55 -26.52 13.55 -52.61
N ASN I 56 -26.16 14.71 -53.15
CA ASN I 56 -27.00 15.89 -53.06
C ASN I 56 -27.56 16.35 -54.39
N LEU I 57 -26.83 16.15 -55.50
CA LEU I 57 -27.28 16.61 -56.81
C LEU I 57 -27.57 15.48 -57.77
N GLY I 58 -27.54 14.23 -57.31
CA GLY I 58 -27.94 13.09 -58.11
C GLY I 58 -27.13 12.86 -59.37
N ALA I 59 -25.80 12.87 -59.26
CA ALA I 59 -24.95 12.63 -60.41
C ALA I 59 -24.96 11.15 -60.77
N THR I 60 -24.93 10.86 -62.06
CA THR I 60 -24.79 9.49 -62.53
C THR I 60 -23.38 9.00 -62.23
N PRO I 61 -23.19 7.68 -62.18
CA PRO I 61 -21.84 7.14 -61.92
C PRO I 61 -20.79 7.66 -62.89
N GLU I 62 -21.14 7.87 -64.16
CA GLU I 62 -20.17 8.39 -65.11
C GLU I 62 -19.93 9.88 -64.90
N GLN I 63 -20.99 10.64 -64.61
CA GLN I 63 -20.81 12.06 -64.29
C GLN I 63 -19.93 12.24 -63.05
N ALA I 64 -20.14 11.39 -62.04
CA ALA I 64 -19.35 11.50 -60.82
C ALA I 64 -17.90 11.12 -61.04
N LYS I 65 -17.63 10.17 -61.95
CA LYS I 65 -16.24 9.80 -62.23
C LYS I 65 -15.52 10.90 -62.96
N ARG I 66 -16.16 11.50 -63.96
CA ARG I 66 -15.56 12.63 -64.66
C ARG I 66 -15.35 13.81 -63.72
N HIS I 67 -16.28 14.00 -62.78
CA HIS I 67 -16.15 15.07 -61.80
C HIS I 67 -15.06 14.74 -60.78
N LYS I 68 -15.00 13.49 -60.31
CA LYS I 68 -13.99 13.10 -59.35
C LYS I 68 -12.59 13.30 -59.90
N ASP I 69 -12.36 12.90 -61.15
CA ASP I 69 -11.05 13.11 -61.77
C ASP I 69 -10.70 14.59 -61.81
N ALA I 70 -11.67 15.45 -62.12
CA ALA I 70 -11.39 16.87 -62.28
C ALA I 70 -11.06 17.53 -60.96
N VAL I 71 -11.80 17.21 -59.89
CA VAL I 71 -11.51 17.76 -58.58
C VAL I 71 -10.17 17.23 -58.08
N GLU I 72 -9.95 15.93 -58.20
CA GLU I 72 -8.69 15.31 -57.81
C GLU I 72 -7.50 16.00 -58.47
N ALA I 73 -7.61 16.29 -59.77
CA ALA I 73 -6.53 16.99 -60.47
C ALA I 73 -6.39 18.43 -60.00
N PHE I 74 -7.51 19.08 -59.69
CA PHE I 74 -7.47 20.47 -59.26
C PHE I 74 -6.72 20.64 -57.94
N PHE I 75 -7.17 19.94 -56.90
CA PHE I 75 -6.46 19.99 -55.63
C PHE I 75 -5.10 19.31 -55.71
N GLY I 76 -4.96 18.30 -56.57
CA GLY I 76 -3.64 17.74 -56.81
C GLY I 76 -2.66 18.76 -57.38
N GLY I 77 -3.18 19.71 -58.15
CA GLY I 77 -2.34 20.78 -58.66
C GLY I 77 -1.79 21.69 -57.58
N ALA I 78 -2.39 21.67 -56.39
CA ALA I 78 -1.90 22.41 -55.25
C ALA I 78 -1.01 21.56 -54.35
N GLY I 79 -0.54 20.42 -54.83
CA GLY I 79 0.38 19.58 -54.09
C GLY I 79 -0.25 18.63 -53.10
N MET I 80 -1.58 18.58 -53.01
CA MET I 80 -2.24 17.66 -52.10
C MET I 80 -2.23 16.24 -52.67
N LYS I 81 -2.11 15.27 -51.78
CA LYS I 81 -1.96 13.86 -52.17
C LYS I 81 -2.80 12.98 -51.25
N TYR I 82 -3.22 11.83 -51.79
CA TYR I 82 -3.95 10.87 -50.97
C TYR I 82 -3.06 10.33 -49.87
N GLY I 83 -3.59 10.27 -48.65
CA GLY I 83 -2.84 9.81 -47.51
C GLY I 83 -1.89 10.82 -46.91
N VAL I 84 -1.87 12.05 -47.42
CA VAL I 84 -0.99 13.11 -46.92
C VAL I 84 -1.84 14.21 -46.31
N GLU I 85 -1.43 14.68 -45.13
CA GLU I 85 -2.10 15.78 -44.45
C GLU I 85 -1.37 17.07 -44.79
N THR I 86 -2.05 17.97 -45.49
CA THR I 86 -1.46 19.24 -45.93
C THR I 86 -1.75 20.31 -44.89
N ASP I 87 -0.69 20.86 -44.28
CA ASP I 87 -0.85 21.96 -43.36
C ASP I 87 -0.90 23.29 -44.13
N TRP I 88 -1.12 24.39 -43.40
CA TRP I 88 -1.31 25.67 -44.05
C TRP I 88 -0.09 26.11 -44.87
N PRO I 89 1.15 26.05 -44.36
CA PRO I 89 2.28 26.49 -45.20
C PRO I 89 2.45 25.67 -46.47
N ALA I 90 2.35 24.35 -46.39
CA ALA I 90 2.40 23.53 -47.59
C ALA I 90 1.24 23.86 -48.53
N TYR I 91 0.08 24.17 -47.97
CA TYR I 91 -1.10 24.47 -48.78
C TYR I 91 -0.91 25.73 -49.60
N ILE I 92 -0.51 26.83 -48.95
CA ILE I 92 -0.43 28.11 -49.65
C ILE I 92 0.71 28.11 -50.66
N GLU I 93 1.81 27.41 -50.36
CA GLU I 93 2.87 27.28 -51.35
C GLU I 93 2.43 26.42 -52.52
N GLY I 94 1.65 25.37 -52.24
CA GLY I 94 1.07 24.59 -53.33
C GLY I 94 0.13 25.42 -54.19
N TRP I 95 -0.62 26.33 -53.57
CA TRP I 95 -1.51 27.19 -54.34
C TRP I 95 -0.74 28.19 -55.19
N LYS I 96 0.43 28.63 -54.74
CA LYS I 96 1.31 29.41 -55.61
C LYS I 96 1.65 28.62 -56.87
N LYS I 97 2.01 27.34 -56.71
CA LYS I 97 2.34 26.50 -57.84
C LYS I 97 1.10 26.20 -58.70
N LEU I 98 -0.03 25.91 -58.06
CA LEU I 98 -1.26 25.68 -58.82
C LEU I 98 -1.62 26.90 -59.65
N ALA I 99 -1.60 28.08 -59.04
CA ALA I 99 -1.95 29.30 -59.76
C ALA I 99 -0.98 29.59 -60.89
N THR I 100 0.31 29.29 -60.69
CA THR I 100 1.28 29.48 -61.76
C THR I 100 1.00 28.54 -62.93
N ASP I 101 0.80 27.24 -62.63
CA ASP I 101 0.49 26.28 -63.69
C ASP I 101 -0.79 26.66 -64.42
N GLU I 102 -1.82 27.06 -63.68
CA GLU I 102 -3.07 27.48 -64.30
C GLU I 102 -2.86 28.70 -65.19
N LEU I 103 -2.10 29.68 -64.72
CA LEU I 103 -1.86 30.89 -65.50
C LEU I 103 -1.13 30.57 -66.80
N GLU I 104 -0.21 29.59 -66.77
CA GLU I 104 0.46 29.17 -67.98
C GLU I 104 -0.52 28.53 -68.95
N LYS I 105 -1.49 27.76 -68.43
CA LYS I 105 -2.49 27.15 -69.31
C LYS I 105 -3.45 28.20 -69.85
N TYR I 106 -3.67 29.29 -69.12
CA TYR I 106 -4.48 30.38 -69.65
C TYR I 106 -3.79 31.02 -70.86
N ALA I 107 -2.49 31.30 -70.74
CA ALA I 107 -1.77 32.00 -71.79
C ALA I 107 -1.60 31.12 -73.03
N LYS I 108 -1.35 29.83 -72.84
CA LYS I 108 -1.26 28.88 -73.94
C LYS I 108 -2.62 28.48 -74.48
N ASN I 109 -3.70 29.04 -73.93
CA ASN I 109 -5.07 28.67 -74.32
C ASN I 109 -5.29 27.17 -74.20
N GLU I 110 -4.67 26.57 -73.19
CA GLU I 110 -4.77 25.17 -72.82
C GLU I 110 -5.88 25.00 -71.78
N PRO I 111 -6.70 23.94 -71.88
CA PRO I 111 -7.77 23.75 -70.90
C PRO I 111 -7.25 23.71 -69.47
N THR I 112 -7.64 24.71 -68.67
CA THR I 112 -7.16 24.82 -67.31
C THR I 112 -7.84 23.79 -66.41
N LEU I 113 -7.22 23.55 -65.25
CA LEU I 113 -7.79 22.63 -64.27
C LEU I 113 -9.13 23.13 -63.76
N ILE I 114 -9.26 24.45 -63.59
CA ILE I 114 -10.51 25.00 -63.07
C ILE I 114 -11.61 24.92 -64.12
N ARG I 115 -11.24 24.92 -65.40
CA ARG I 115 -12.25 24.77 -66.44
C ARG I 115 -12.76 23.33 -66.54
N ILE I 116 -11.84 22.35 -66.45
CA ILE I 116 -12.23 20.95 -66.52
C ILE I 116 -13.18 20.61 -65.39
N TRP I 117 -12.89 21.11 -64.19
CA TRP I 117 -13.82 20.96 -63.08
C TRP I 117 -15.16 21.63 -63.39
N GLY I 118 -15.11 22.83 -63.95
CA GLY I 118 -16.35 23.54 -64.26
C GLY I 118 -17.23 22.77 -65.22
N ASP I 119 -16.64 22.28 -66.32
CA ASP I 119 -17.41 21.51 -67.28
C ASP I 119 -17.99 20.25 -66.64
N ALA I 120 -17.18 19.53 -65.88
CA ALA I 120 -17.66 18.31 -65.24
C ALA I 120 -18.71 18.60 -64.18
N LEU I 121 -18.61 19.75 -63.51
CA LEU I 121 -19.58 20.08 -62.47
C LEU I 121 -20.88 20.61 -63.06
N PHE I 122 -20.78 21.52 -64.03
CA PHE I 122 -21.98 22.11 -64.62
C PHE I 122 -22.81 21.10 -65.40
N ASP I 123 -22.20 20.01 -65.87
CA ASP I 123 -22.98 18.95 -66.50
C ASP I 123 -23.93 18.29 -65.50
N ILE I 124 -23.58 18.30 -64.22
CA ILE I 124 -24.42 17.72 -63.18
C ILE I 124 -25.40 18.75 -62.63
N VAL I 125 -24.90 19.96 -62.36
CA VAL I 125 -25.73 20.98 -61.72
C VAL I 125 -26.83 21.44 -62.66
N ASP I 126 -26.52 21.57 -63.95
CA ASP I 126 -27.52 21.96 -64.93
C ASP I 126 -28.34 20.74 -65.33
N LYS I 127 -29.66 20.81 -65.13
CA LYS I 127 -30.52 19.65 -65.40
C LYS I 127 -30.67 19.42 -66.90
N ASP I 128 -30.52 20.46 -67.72
CA ASP I 128 -30.57 20.29 -69.17
C ASP I 128 -29.26 19.79 -69.75
N GLN I 129 -28.17 19.87 -68.99
CA GLN I 129 -26.84 19.39 -69.42
C GLN I 129 -26.38 20.11 -70.68
N ASN I 130 -26.53 21.44 -70.69
CA ASN I 130 -26.01 22.27 -71.77
C ASN I 130 -24.97 23.26 -71.27
N GLY I 131 -24.39 23.03 -70.09
CA GLY I 131 -23.32 23.87 -69.59
C GLY I 131 -23.76 25.24 -69.13
N ALA I 132 -25.00 25.37 -68.67
CA ALA I 132 -25.50 26.66 -68.18
C ALA I 132 -26.46 26.39 -67.04
N ILE I 133 -26.20 27.00 -65.88
CA ILE I 133 -27.00 26.75 -64.69
C ILE I 133 -27.77 28.01 -64.32
N THR I 134 -28.97 27.81 -63.77
CA THR I 134 -29.81 28.91 -63.33
C THR I 134 -29.37 29.39 -61.95
N LEU I 135 -30.01 30.48 -61.50
CA LEU I 135 -29.70 31.01 -60.17
C LEU I 135 -30.05 30.01 -59.08
N ASP I 136 -31.18 29.32 -59.23
CA ASP I 136 -31.57 28.31 -58.25
C ASP I 136 -30.55 27.17 -58.22
N GLU I 137 -30.07 26.73 -59.39
CA GLU I 137 -29.10 25.66 -59.43
C GLU I 137 -27.76 26.10 -58.83
N TRP I 138 -27.38 27.36 -59.06
CA TRP I 138 -26.17 27.88 -58.43
C TRP I 138 -26.34 27.99 -56.92
N LYS I 139 -27.53 28.40 -56.47
CA LYS I 139 -27.81 28.42 -55.03
C LYS I 139 -27.74 27.02 -54.44
N ALA I 140 -28.23 26.02 -55.18
CA ALA I 140 -28.29 24.66 -54.65
C ALA I 140 -26.89 24.06 -54.50
N TYR I 141 -26.00 24.31 -55.46
CA TYR I 141 -24.67 23.73 -55.37
C TYR I 141 -23.83 24.44 -54.32
N THR I 142 -23.81 25.77 -54.34
CA THR I 142 -22.95 26.51 -53.41
C THR I 142 -23.43 26.34 -51.97
N LYS I 143 -24.73 26.16 -51.75
CA LYS I 143 -25.20 25.90 -50.39
C LYS I 143 -24.89 24.48 -49.95
N ALA I 144 -24.95 23.51 -50.86
CA ALA I 144 -24.57 22.15 -50.51
C ALA I 144 -23.08 22.05 -50.22
N ALA I 145 -22.26 22.75 -51.01
CA ALA I 145 -20.82 22.78 -50.73
C ALA I 145 -20.51 23.56 -49.47
N GLY I 146 -21.34 24.55 -49.13
CA GLY I 146 -21.08 25.42 -48.01
C GLY I 146 -20.22 26.62 -48.32
N ILE I 147 -19.74 26.76 -49.57
CA ILE I 147 -18.91 27.92 -49.90
C ILE I 147 -19.73 29.20 -49.87
N ILE I 148 -21.04 29.10 -50.13
CA ILE I 148 -21.96 30.21 -49.93
C ILE I 148 -23.08 29.73 -49.03
N GLN I 149 -23.49 30.58 -48.08
CA GLN I 149 -24.57 30.27 -47.17
C GLN I 149 -25.85 31.02 -47.48
N SER I 150 -25.78 32.34 -47.65
CA SER I 150 -26.97 33.16 -47.85
C SER I 150 -27.32 33.25 -49.32
N SER I 151 -28.63 33.32 -49.59
CA SER I 151 -29.09 33.46 -50.97
C SER I 151 -28.69 34.79 -51.58
N GLU I 152 -28.46 35.81 -50.73
CA GLU I 152 -28.02 37.11 -51.23
C GLU I 152 -26.67 37.00 -51.93
N ASP I 153 -25.74 36.21 -51.37
CA ASP I 153 -24.41 36.12 -51.94
C ASP I 153 -24.41 35.37 -53.26
N CYS I 154 -25.32 34.41 -53.45
CA CYS I 154 -25.44 33.74 -54.74
C CYS I 154 -25.88 34.71 -55.83
N GLU I 155 -26.74 35.66 -55.47
CA GLU I 155 -27.19 36.65 -56.45
C GLU I 155 -26.06 37.62 -56.81
N GLU I 156 -25.10 37.83 -55.90
CA GLU I 156 -23.94 38.64 -56.21
C GLU I 156 -23.09 38.00 -57.31
N THR I 157 -23.06 36.66 -57.37
CA THR I 157 -22.30 35.98 -58.41
C THR I 157 -22.85 36.33 -59.79
N PHE I 158 -24.16 36.25 -59.96
CA PHE I 158 -24.77 36.63 -61.24
C PHE I 158 -24.59 38.11 -61.53
N ARG I 159 -24.56 38.94 -60.50
CA ARG I 159 -24.30 40.37 -60.70
C ARG I 159 -22.89 40.60 -61.24
N VAL I 160 -21.89 40.00 -60.58
CA VAL I 160 -20.51 40.17 -61.01
C VAL I 160 -20.27 39.57 -62.38
N CYS I 161 -20.99 38.49 -62.72
CA CYS I 161 -20.88 37.88 -64.03
C CYS I 161 -21.69 38.60 -65.10
N ASP I 162 -22.40 39.67 -64.73
CA ASP I 162 -23.24 40.45 -65.66
C ASP I 162 -24.33 39.57 -66.28
N ILE I 163 -25.02 38.82 -65.43
CA ILE I 163 -26.12 37.95 -65.83
C ILE I 163 -27.27 38.17 -64.86
N ASP I 164 -28.46 38.42 -65.39
CA ASP I 164 -29.62 38.63 -64.54
C ASP I 164 -30.03 37.32 -63.87
N GLU I 165 -30.87 37.45 -62.84
CA GLU I 165 -31.29 36.28 -62.06
C GLU I 165 -32.07 35.27 -62.87
N SER I 166 -32.68 35.70 -63.99
CA SER I 166 -33.38 34.78 -64.87
C SER I 166 -32.46 34.12 -65.88
N GLY I 167 -31.26 34.66 -66.10
CA GLY I 167 -30.33 34.10 -67.05
C GLY I 167 -29.66 32.84 -66.53
N GLN I 168 -28.61 32.43 -67.23
CA GLN I 168 -27.88 31.23 -66.90
C GLN I 168 -26.38 31.52 -66.85
N LEU I 169 -25.69 30.87 -65.92
CA LEU I 169 -24.26 31.05 -65.74
C LEU I 169 -23.50 30.02 -66.57
N ASP I 170 -22.49 30.47 -67.29
CA ASP I 170 -21.73 29.65 -68.21
C ASP I 170 -20.36 29.32 -67.62
N VAL I 171 -19.80 28.18 -68.04
CA VAL I 171 -18.47 27.79 -67.58
C VAL I 171 -17.42 28.72 -68.16
N ASP I 172 -17.60 29.16 -69.41
CA ASP I 172 -16.67 30.11 -70.00
C ASP I 172 -16.63 31.41 -69.21
N GLU I 173 -17.79 31.92 -68.81
CA GLU I 173 -17.83 33.15 -68.02
C GLU I 173 -17.27 32.91 -66.63
N MET I 174 -17.59 31.77 -66.01
CA MET I 174 -17.10 31.51 -64.66
C MET I 174 -15.60 31.25 -64.65
N THR I 175 -15.08 30.60 -65.70
CA THR I 175 -13.64 30.38 -65.79
C THR I 175 -12.89 31.70 -65.86
N ARG I 176 -13.45 32.69 -66.54
CA ARG I 176 -12.84 34.00 -66.59
C ARG I 176 -12.91 34.71 -65.24
N GLN I 177 -14.05 34.60 -64.55
CA GLN I 177 -14.15 35.18 -63.22
C GLN I 177 -13.21 34.47 -62.24
N HIS I 178 -13.11 33.14 -62.34
CA HIS I 178 -12.20 32.40 -61.47
C HIS I 178 -10.74 32.75 -61.74
N LEU I 179 -10.41 33.12 -62.98
CA LEU I 179 -9.07 33.60 -63.28
C LEU I 179 -8.70 34.78 -62.40
N GLY I 180 -9.57 35.79 -62.34
CA GLY I 180 -9.31 36.95 -61.50
C GLY I 180 -9.59 36.75 -60.03
N PHE I 181 -10.43 35.78 -59.67
CA PHE I 181 -10.81 35.62 -58.27
C PHE I 181 -9.86 34.69 -57.52
N TRP I 182 -9.56 33.53 -58.09
CA TRP I 182 -8.67 32.58 -57.40
C TRP I 182 -7.19 32.81 -57.69
N TYR I 183 -6.84 33.26 -58.89
CA TYR I 183 -5.44 33.23 -59.32
C TYR I 183 -4.77 34.60 -59.30
N THR I 184 -5.41 35.65 -59.81
CA THR I 184 -4.71 36.90 -60.09
C THR I 184 -5.16 38.11 -59.26
N MET I 185 -6.19 37.98 -58.43
CA MET I 185 -6.67 39.10 -57.62
C MET I 185 -7.08 40.29 -58.49
N ASP I 186 -7.80 40.02 -59.56
CA ASP I 186 -8.34 41.08 -60.40
C ASP I 186 -9.43 41.82 -59.61
N PRO I 187 -9.26 43.12 -59.36
CA PRO I 187 -10.30 43.85 -58.59
C PRO I 187 -11.66 43.85 -59.26
N ALA I 188 -11.73 43.52 -60.55
CA ALA I 188 -13.01 43.42 -61.24
C ALA I 188 -13.78 42.16 -60.89
N CYS I 189 -13.16 41.22 -60.17
CA CYS I 189 -13.80 39.97 -59.79
C CYS I 189 -14.13 39.90 -58.31
N GLU I 190 -14.03 41.02 -57.59
CA GLU I 190 -14.43 41.03 -56.19
C GLU I 190 -15.91 40.70 -56.06
N LYS I 191 -16.28 40.14 -54.91
CA LYS I 191 -17.64 39.75 -54.58
C LYS I 191 -18.19 38.70 -55.54
N LEU I 192 -17.31 37.91 -56.17
CA LEU I 192 -17.77 36.83 -57.04
C LEU I 192 -18.62 35.83 -56.28
N TYR I 193 -18.29 35.59 -55.00
CA TYR I 193 -19.09 34.77 -54.11
C TYR I 193 -19.74 35.62 -53.02
N GLY I 194 -20.00 36.90 -53.32
CA GLY I 194 -20.60 37.81 -52.37
C GLY I 194 -19.71 38.04 -51.16
N GLY I 195 -20.35 38.18 -50.00
CA GLY I 195 -19.62 38.32 -48.76
C GLY I 195 -19.15 37.02 -48.15
N ALA I 196 -19.51 35.89 -48.74
CA ALA I 196 -19.14 34.59 -48.18
C ALA I 196 -17.64 34.35 -48.25
N VAL I 197 -17.00 34.79 -49.34
CA VAL I 197 -15.58 34.61 -49.56
C VAL I 197 -14.93 35.98 -49.70
N PRO I 198 -14.00 36.36 -48.83
CA PRO I 198 -13.27 37.63 -48.92
C PRO I 198 -12.41 37.70 -50.17
N HIS J 6 19.45 8.53 -66.31
CA HIS J 6 19.74 7.32 -65.53
C HIS J 6 18.49 6.82 -64.80
N HIS J 7 18.01 5.65 -65.18
CA HIS J 7 16.88 5.00 -64.52
C HIS J 7 17.39 3.88 -63.62
N HIS J 8 16.88 3.85 -62.38
CA HIS J 8 17.32 2.88 -61.38
C HIS J 8 16.42 1.66 -61.46
N HIS J 9 16.96 0.54 -61.96
CA HIS J 9 16.22 -0.71 -62.01
C HIS J 9 16.49 -1.59 -60.78
N GLY J 10 17.65 -1.43 -60.16
CA GLY J 10 17.98 -2.22 -58.99
C GLY J 10 19.36 -1.86 -58.48
N LYS J 11 19.77 -2.56 -57.43
CA LYS J 11 21.04 -2.32 -56.77
C LYS J 11 21.75 -3.65 -56.57
N LEU J 12 22.98 -3.74 -57.05
CA LEU J 12 23.77 -4.96 -56.95
C LEU J 12 24.96 -4.83 -55.99
N THR J 13 25.08 -3.70 -55.30
CA THR J 13 26.16 -3.50 -54.36
C THR J 13 25.69 -3.87 -52.95
N SER J 14 26.52 -4.63 -52.24
CA SER J 14 26.19 -5.00 -50.87
C SER J 14 26.33 -3.80 -49.94
N ASP J 15 25.74 -3.93 -48.76
CA ASP J 15 25.77 -2.88 -47.75
C ASP J 15 25.87 -3.52 -46.37
N PHE J 16 26.81 -4.45 -46.20
CA PHE J 16 26.83 -5.34 -45.05
C PHE J 16 27.19 -4.62 -43.75
N ASP J 17 27.86 -3.48 -43.81
CA ASP J 17 28.20 -2.73 -42.61
C ASP J 17 27.11 -1.76 -42.19
N ASN J 18 26.05 -1.64 -42.96
CA ASN J 18 24.90 -0.81 -42.60
C ASN J 18 24.20 -1.42 -41.39
N PRO J 19 24.16 -0.75 -40.24
CA PRO J 19 23.49 -1.34 -39.08
C PRO J 19 22.02 -1.66 -39.33
N ARG J 20 21.37 -0.98 -40.28
CA ARG J 20 20.00 -1.34 -40.62
C ARG J 20 19.93 -2.65 -41.39
N TRP J 21 20.99 -3.01 -42.12
CA TRP J 21 21.02 -4.34 -42.73
C TRP J 21 21.23 -5.42 -41.67
N ILE J 22 22.17 -5.19 -40.75
CA ILE J 22 22.34 -6.10 -39.63
C ILE J 22 21.06 -6.15 -38.80
N GLY J 23 20.46 -4.99 -38.53
CA GLY J 23 19.27 -4.95 -37.70
C GLY J 23 18.05 -5.56 -38.38
N ARG J 24 17.98 -5.51 -39.71
CA ARG J 24 16.89 -6.15 -40.43
C ARG J 24 16.96 -7.66 -40.25
N HIS J 25 18.14 -8.24 -40.43
CA HIS J 25 18.28 -9.68 -40.25
C HIS J 25 18.33 -10.09 -38.79
N LYS J 26 18.70 -9.17 -37.89
CA LYS J 26 18.57 -9.46 -36.46
C LYS J 26 17.11 -9.54 -36.05
N HIS J 27 16.28 -8.63 -36.56
CA HIS J 27 14.84 -8.73 -36.37
C HIS J 27 14.33 -10.10 -36.83
N MET J 28 14.76 -10.53 -38.01
CA MET J 28 14.31 -11.82 -38.52
C MET J 28 14.84 -12.97 -37.68
N PHE J 29 16.11 -12.92 -37.28
CA PHE J 29 16.67 -13.94 -36.40
C PHE J 29 15.85 -14.06 -35.11
N ASN J 30 15.52 -12.93 -34.50
CA ASN J 30 14.74 -12.96 -33.27
C ASN J 30 13.33 -13.47 -33.52
N PHE J 31 12.73 -13.07 -34.65
CA PHE J 31 11.41 -13.57 -35.01
C PHE J 31 11.44 -15.08 -35.27
N LEU J 32 12.55 -15.57 -35.81
CA LEU J 32 12.69 -17.01 -36.05
C LEU J 32 12.99 -17.79 -34.78
N ASP J 33 13.66 -17.17 -33.81
CA ASP J 33 14.03 -17.81 -32.56
C ASP J 33 12.86 -17.74 -31.58
N VAL J 34 11.79 -18.49 -31.91
CA VAL J 34 10.55 -18.39 -31.15
C VAL J 34 10.73 -18.91 -29.72
N ASN J 35 11.69 -19.81 -29.51
CA ASN J 35 11.92 -20.38 -28.18
C ASN J 35 13.05 -19.70 -27.42
N HIS J 36 13.56 -18.58 -27.94
CA HIS J 36 14.54 -17.75 -27.26
C HIS J 36 15.74 -18.57 -26.81
N ASN J 37 16.26 -19.38 -27.72
CA ASN J 37 17.47 -20.15 -27.48
C ASN J 37 18.73 -19.42 -27.90
N GLY J 38 18.60 -18.29 -28.59
CA GLY J 38 19.76 -17.61 -29.15
C GLY J 38 20.35 -18.39 -30.30
N LYS J 39 19.65 -19.43 -30.76
CA LYS J 39 20.13 -20.32 -31.79
C LYS J 39 18.94 -20.90 -32.55
N ILE J 40 19.10 -21.05 -33.87
CA ILE J 40 18.10 -21.70 -34.72
C ILE J 40 18.82 -22.69 -35.61
N SER J 41 18.06 -23.69 -36.06
CA SER J 41 18.58 -24.77 -36.89
C SER J 41 17.85 -24.82 -38.21
N LEU J 42 18.49 -25.44 -39.20
CA LEU J 42 17.83 -25.67 -40.48
C LEU J 42 16.61 -26.57 -40.30
N ASP J 43 16.69 -27.55 -39.39
CA ASP J 43 15.54 -28.39 -39.08
C ASP J 43 14.32 -27.54 -38.74
N GLU J 44 14.51 -26.55 -37.87
CA GLU J 44 13.40 -25.69 -37.47
C GLU J 44 12.90 -24.85 -38.65
N MET J 45 13.82 -24.31 -39.44
CA MET J 45 13.41 -23.43 -40.54
C MET J 45 12.62 -24.18 -41.60
N VAL J 46 13.08 -25.36 -41.98
CA VAL J 46 12.38 -26.12 -43.01
C VAL J 46 11.08 -26.71 -42.45
N TYR J 47 11.04 -27.01 -41.15
CA TYR J 47 9.78 -27.43 -40.54
C TYR J 47 8.75 -26.32 -40.62
N LYS J 48 9.12 -25.11 -40.17
CA LYS J 48 8.20 -23.99 -40.20
C LYS J 48 7.71 -23.71 -41.62
N ALA J 49 8.62 -23.71 -42.59
CA ALA J 49 8.24 -23.44 -43.97
C ALA J 49 7.26 -24.49 -44.49
N SER J 50 7.56 -25.77 -44.25
CA SER J 50 6.69 -26.83 -44.75
C SER J 50 5.36 -26.87 -44.00
N ASP J 51 5.39 -26.58 -42.70
CA ASP J 51 4.14 -26.59 -41.93
C ASP J 51 3.14 -25.60 -42.50
N ILE J 52 3.59 -24.42 -42.92
CA ILE J 52 2.69 -23.42 -43.48
C ILE J 52 2.01 -23.95 -44.74
N VAL J 53 2.79 -24.40 -45.71
CA VAL J 53 2.21 -24.74 -47.01
C VAL J 53 1.39 -26.02 -46.92
N ILE J 54 1.78 -26.97 -46.08
CA ILE J 54 1.08 -28.25 -46.01
C ILE J 54 -0.17 -28.13 -45.14
N ASN J 55 -0.03 -27.51 -43.96
CA ASN J 55 -1.09 -27.53 -42.97
C ASN J 55 -1.95 -26.27 -42.95
N ASN J 56 -1.50 -25.18 -43.54
CA ASN J 56 -2.29 -23.96 -43.63
C ASN J 56 -2.78 -23.65 -45.03
N LEU J 57 -1.97 -23.92 -46.05
CA LEU J 57 -2.30 -23.54 -47.43
C LEU J 57 -2.61 -24.74 -48.31
N GLY J 58 -2.67 -25.95 -47.76
CA GLY J 58 -3.10 -27.12 -48.49
C GLY J 58 -2.27 -27.48 -49.71
N ALA J 59 -0.95 -27.53 -49.55
CA ALA J 59 -0.08 -27.88 -50.66
C ALA J 59 -0.10 -29.38 -50.91
N THR J 60 -0.06 -29.76 -52.18
CA THR J 60 0.04 -31.16 -52.55
C THR J 60 1.43 -31.69 -52.19
N PRO J 61 1.57 -33.00 -52.03
CA PRO J 61 2.91 -33.55 -51.77
C PRO J 61 3.94 -33.18 -52.82
N GLU J 62 3.52 -33.01 -54.07
CA GLU J 62 4.45 -32.59 -55.11
C GLU J 62 4.87 -31.14 -54.91
N GLN J 63 3.91 -30.26 -54.64
CA GLN J 63 4.24 -28.86 -54.37
C GLN J 63 5.08 -28.73 -53.11
N ALA J 64 4.71 -29.46 -52.05
CA ALA J 64 5.43 -29.35 -50.78
C ALA J 64 6.88 -29.79 -50.91
N LYS J 65 7.16 -30.79 -51.76
CA LYS J 65 8.53 -31.26 -51.93
C LYS J 65 9.37 -30.24 -52.70
N ARG J 66 8.77 -29.62 -53.73
CA ARG J 66 9.49 -28.58 -54.47
C ARG J 66 9.74 -27.36 -53.61
N HIS J 67 8.74 -26.96 -52.83
CA HIS J 67 8.91 -25.84 -51.91
C HIS J 67 9.93 -26.18 -50.82
N LYS J 68 9.92 -27.41 -50.33
CA LYS J 68 10.84 -27.80 -49.27
C LYS J 68 12.29 -27.68 -49.74
N ASP J 69 12.59 -28.19 -50.95
CA ASP J 69 13.94 -28.10 -51.48
C ASP J 69 14.39 -26.66 -51.62
N ALA J 70 13.46 -25.76 -51.96
CA ALA J 70 13.80 -24.35 -52.18
C ALA J 70 14.14 -23.66 -50.86
N VAL J 71 13.30 -23.85 -49.82
CA VAL J 71 13.59 -23.23 -48.54
C VAL J 71 14.85 -23.83 -47.92
N GLU J 72 15.01 -25.15 -48.08
CA GLU J 72 16.24 -25.79 -47.61
C GLU J 72 17.47 -25.18 -48.25
N ALA J 73 17.43 -24.93 -49.56
CA ALA J 73 18.58 -24.34 -50.23
C ALA J 73 18.78 -22.88 -49.82
N PHE J 74 17.69 -22.15 -49.57
CA PHE J 74 17.80 -20.74 -49.21
C PHE J 74 18.53 -20.58 -47.88
N PHE J 75 17.96 -21.13 -46.80
CA PHE J 75 18.62 -21.06 -45.51
C PHE J 75 19.94 -21.82 -45.49
N GLY J 76 20.04 -22.89 -46.28
CA GLY J 76 21.33 -23.55 -46.44
C GLY J 76 22.37 -22.65 -47.08
N GLY J 77 21.93 -21.70 -47.91
CA GLY J 77 22.85 -20.74 -48.48
C GLY J 77 23.41 -19.76 -47.48
N ALA J 78 22.77 -19.61 -46.32
CA ALA J 78 23.30 -18.79 -45.24
C ALA J 78 24.09 -19.62 -44.23
N GLY J 79 24.56 -20.81 -44.62
CA GLY J 79 25.41 -21.62 -43.77
C GLY J 79 24.68 -22.55 -42.83
N MET J 80 23.36 -22.51 -42.77
CA MET J 80 22.63 -23.35 -41.83
C MET J 80 22.59 -24.80 -42.33
N LYS J 81 22.55 -25.73 -41.38
CA LYS J 81 22.65 -27.15 -41.68
C LYS J 81 21.76 -27.95 -40.73
N TYR J 82 21.27 -29.08 -41.22
CA TYR J 82 20.51 -29.98 -40.36
C TYR J 82 21.38 -30.48 -39.22
N GLY J 83 20.81 -30.47 -38.02
CA GLY J 83 21.53 -30.90 -36.83
C GLY J 83 22.43 -29.86 -36.22
N VAL J 84 22.53 -28.67 -36.80
CA VAL J 84 23.42 -27.61 -36.33
C VAL J 84 22.58 -26.48 -35.77
N GLU J 85 22.95 -26.00 -34.59
CA GLU J 85 22.33 -24.82 -34.00
C GLU J 85 23.15 -23.59 -34.36
N THR J 86 22.56 -22.68 -35.14
CA THR J 86 23.24 -21.48 -35.60
C THR J 86 22.96 -20.33 -34.63
N ASP J 87 24.00 -19.83 -33.97
CA ASP J 87 23.83 -18.65 -33.12
C ASP J 87 23.83 -17.38 -33.97
N TRP J 88 23.63 -16.24 -33.31
CA TRP J 88 23.51 -14.99 -34.08
C TRP J 88 24.77 -14.64 -34.84
N PRO J 89 25.99 -14.69 -34.26
CA PRO J 89 27.17 -14.37 -35.07
C PRO J 89 27.36 -15.28 -36.27
N ALA J 90 27.16 -16.59 -36.10
CA ALA J 90 27.22 -17.48 -37.27
C ALA J 90 26.13 -17.13 -38.27
N TYR J 91 24.96 -16.73 -37.79
CA TYR J 91 23.85 -16.42 -38.67
C TYR J 91 24.17 -15.23 -39.58
N ILE J 92 24.55 -14.09 -38.99
CA ILE J 92 24.78 -12.90 -39.79
C ILE J 92 25.98 -13.08 -40.71
N GLU J 93 27.00 -13.81 -40.26
CA GLU J 93 28.13 -14.10 -41.13
C GLU J 93 27.71 -14.99 -42.30
N GLY J 94 26.82 -15.95 -42.04
CA GLY J 94 26.29 -16.75 -43.12
C GLY J 94 25.41 -15.95 -44.06
N TRP J 95 24.72 -14.94 -43.53
CA TRP J 95 23.87 -14.13 -44.40
C TRP J 95 24.69 -13.22 -45.31
N LYS J 96 25.87 -12.78 -44.85
CA LYS J 96 26.76 -12.07 -45.76
C LYS J 96 27.17 -12.95 -46.93
N LYS J 97 27.40 -14.24 -46.66
CA LYS J 97 27.76 -15.16 -47.73
C LYS J 97 26.59 -15.42 -48.66
N LEU J 98 25.41 -15.67 -48.10
CA LEU J 98 24.22 -15.87 -48.92
C LEU J 98 23.94 -14.67 -49.80
N ALA J 99 24.03 -13.47 -49.23
CA ALA J 99 23.81 -12.26 -50.02
C ALA J 99 24.87 -12.12 -51.11
N THR J 100 26.11 -12.50 -50.81
CA THR J 100 27.17 -12.42 -51.80
C THR J 100 26.95 -13.39 -52.95
N ASP J 101 26.60 -14.64 -52.62
CA ASP J 101 26.36 -15.63 -53.67
C ASP J 101 25.11 -15.29 -54.47
N GLU J 102 24.06 -14.79 -53.81
CA GLU J 102 22.86 -14.38 -54.53
C GLU J 102 23.16 -13.22 -55.46
N LEU J 103 23.95 -12.24 -54.99
CA LEU J 103 24.26 -11.09 -55.83
C LEU J 103 25.06 -11.49 -57.06
N GLU J 104 25.97 -12.46 -56.91
CA GLU J 104 26.68 -12.99 -58.06
C GLU J 104 25.71 -13.65 -59.05
N LYS J 105 24.65 -14.28 -58.55
CA LYS J 105 23.67 -14.89 -59.43
C LYS J 105 22.81 -13.84 -60.14
N TYR J 106 22.43 -12.78 -59.42
CA TYR J 106 21.75 -11.65 -60.06
C TYR J 106 22.58 -11.10 -61.20
N ALA J 107 23.87 -10.84 -60.96
CA ALA J 107 24.73 -10.24 -61.97
C ALA J 107 24.92 -11.18 -63.16
N LYS J 108 25.17 -12.47 -62.91
CA LYS J 108 25.29 -13.46 -63.97
C LYS J 108 23.95 -13.87 -64.55
N ASN J 109 22.84 -13.30 -64.05
CA ASN J 109 21.50 -13.65 -64.50
C ASN J 109 21.23 -15.16 -64.32
N GLU J 110 21.79 -15.72 -63.25
CA GLU J 110 21.47 -17.08 -62.85
C GLU J 110 20.26 -17.08 -61.90
N PRO J 111 19.44 -18.12 -61.96
CA PRO J 111 18.31 -18.22 -61.02
C PRO J 111 18.78 -18.19 -59.58
N THR J 112 18.35 -17.16 -58.85
CA THR J 112 18.71 -17.00 -57.46
C THR J 112 17.94 -17.96 -56.58
N LEU J 113 18.48 -18.20 -55.38
CA LEU J 113 17.78 -19.04 -54.41
C LEU J 113 16.44 -18.42 -53.99
N ILE J 114 16.41 -17.08 -53.88
CA ILE J 114 15.18 -16.43 -53.44
C ILE J 114 14.11 -16.50 -54.53
N ARG J 115 14.53 -16.51 -55.81
CA ARG J 115 13.55 -16.69 -56.88
C ARG J 115 13.02 -18.11 -56.91
N ILE J 116 13.90 -19.10 -56.70
CA ILE J 116 13.47 -20.49 -56.71
C ILE J 116 12.47 -20.74 -55.59
N TRP J 117 12.72 -20.18 -54.41
CA TRP J 117 11.74 -20.25 -53.34
C TRP J 117 10.43 -19.55 -53.73
N GLY J 118 10.55 -18.37 -54.34
CA GLY J 118 9.35 -17.64 -54.76
C GLY J 118 8.48 -18.43 -55.72
N ASP J 119 9.08 -18.98 -56.78
CA ASP J 119 8.31 -19.75 -57.75
C ASP J 119 7.66 -20.96 -57.08
N ALA J 120 8.39 -21.66 -56.21
CA ALA J 120 7.83 -22.81 -55.54
C ALA J 120 6.72 -22.42 -54.58
N LEU J 121 6.86 -21.28 -53.91
CA LEU J 121 5.86 -20.86 -52.94
C LEU J 121 4.60 -20.35 -53.65
N PHE J 122 4.77 -19.48 -54.65
CA PHE J 122 3.62 -18.88 -55.30
C PHE J 122 2.78 -19.89 -56.06
N ASP J 123 3.35 -21.04 -56.43
CA ASP J 123 2.53 -22.11 -57.00
C ASP J 123 1.58 -22.70 -55.98
N ILE J 124 1.90 -22.58 -54.69
CA ILE J 124 1.03 -23.04 -53.62
C ILE J 124 0.05 -21.94 -53.20
N VAL J 125 0.55 -20.71 -53.03
CA VAL J 125 -0.28 -19.63 -52.53
C VAL J 125 -1.31 -19.21 -53.56
N ASP J 126 -0.94 -19.23 -54.84
CA ASP J 126 -1.89 -18.92 -55.91
C ASP J 126 -2.80 -20.11 -56.14
N LYS J 127 -4.10 -19.93 -55.92
CA LYS J 127 -5.06 -21.01 -56.17
C LYS J 127 -5.16 -21.33 -57.66
N ASP J 128 -4.97 -20.34 -58.52
CA ASP J 128 -4.97 -20.57 -59.96
C ASP J 128 -3.65 -21.14 -60.48
N GLN J 129 -2.58 -21.02 -59.68
CA GLN J 129 -1.27 -21.56 -60.03
C GLN J 129 -0.73 -20.93 -61.33
N ASN J 130 -0.65 -19.60 -61.31
CA ASN J 130 -0.10 -18.85 -62.44
C ASN J 130 1.01 -17.91 -62.00
N GLY J 131 1.65 -18.18 -60.87
CA GLY J 131 2.70 -17.30 -60.37
C GLY J 131 2.23 -15.90 -60.05
N ALA J 132 0.99 -15.76 -59.61
CA ALA J 132 0.44 -14.45 -59.26
C ALA J 132 -0.56 -14.63 -58.13
N ILE J 133 -0.31 -13.98 -57.00
CA ILE J 133 -1.15 -14.13 -55.81
C ILE J 133 -1.88 -12.82 -55.55
N THR J 134 -3.11 -12.95 -55.06
CA THR J 134 -3.92 -11.79 -54.72
C THR J 134 -3.51 -11.24 -53.36
N LEU J 135 -4.12 -10.12 -52.98
CA LEU J 135 -3.84 -9.51 -51.68
C LEU J 135 -4.23 -10.44 -50.54
N ASP J 136 -5.43 -11.01 -50.61
CA ASP J 136 -5.89 -11.92 -49.56
C ASP J 136 -4.98 -13.15 -49.46
N GLU J 137 -4.45 -13.62 -50.58
CA GLU J 137 -3.52 -14.75 -50.54
C GLU J 137 -2.19 -14.34 -49.94
N TRP J 138 -1.72 -13.13 -50.23
CA TRP J 138 -0.51 -12.64 -49.59
C TRP J 138 -0.71 -12.43 -48.10
N LYS J 139 -1.87 -11.89 -47.71
CA LYS J 139 -2.19 -11.80 -46.29
C LYS J 139 -2.21 -13.17 -45.64
N ALA J 140 -2.80 -14.16 -46.31
CA ALA J 140 -2.91 -15.50 -45.74
C ALA J 140 -1.54 -16.13 -45.50
N TYR J 141 -0.63 -15.99 -46.46
CA TYR J 141 0.70 -16.60 -46.26
C TYR J 141 1.48 -15.87 -45.19
N THR J 142 1.56 -14.54 -45.28
CA THR J 142 2.40 -13.79 -44.33
C THR J 142 1.91 -13.94 -42.90
N LYS J 143 0.58 -13.93 -42.70
CA LYS J 143 0.06 -14.10 -41.35
C LYS J 143 0.26 -15.52 -40.84
N ALA J 144 0.17 -16.52 -41.72
CA ALA J 144 0.48 -17.88 -41.31
C ALA J 144 1.96 -18.05 -41.01
N ALA J 145 2.81 -17.33 -41.75
CA ALA J 145 4.24 -17.34 -41.44
C ALA J 145 4.55 -16.51 -40.21
N GLY J 146 3.72 -15.51 -39.92
CA GLY J 146 3.96 -14.60 -38.81
C GLY J 146 4.89 -13.45 -39.13
N ILE J 147 5.41 -13.38 -40.35
CA ILE J 147 6.32 -12.28 -40.71
C ILE J 147 5.57 -10.96 -40.75
N ILE J 148 4.27 -10.99 -41.03
CA ILE J 148 3.41 -9.81 -40.94
C ILE J 148 2.23 -10.15 -40.05
N GLN J 149 1.88 -9.23 -39.14
CA GLN J 149 0.79 -9.43 -38.21
C GLN J 149 -0.49 -8.71 -38.62
N SER J 150 -0.39 -7.44 -39.00
CA SER J 150 -1.56 -6.64 -39.34
C SER J 150 -1.76 -6.59 -40.85
N SER J 151 -3.04 -6.56 -41.27
CA SER J 151 -3.35 -6.52 -42.69
C SER J 151 -2.85 -5.23 -43.34
N GLU J 152 -2.68 -4.16 -42.56
CA GLU J 152 -2.21 -2.90 -43.12
C GLU J 152 -0.81 -3.06 -43.71
N ASP J 153 0.04 -3.87 -43.08
CA ASP J 153 1.39 -4.05 -43.59
C ASP J 153 1.42 -4.87 -44.88
N CYS J 154 0.49 -5.82 -45.04
CA CYS J 154 0.42 -6.58 -46.27
C CYS J 154 0.07 -5.69 -47.46
N GLU J 155 -0.72 -4.65 -47.22
CA GLU J 155 -1.04 -3.70 -48.29
C GLU J 155 0.18 -2.89 -48.69
N GLU J 156 1.11 -2.65 -47.75
CA GLU J 156 2.34 -1.96 -48.09
C GLU J 156 3.16 -2.73 -49.12
N THR J 157 3.10 -4.06 -49.08
CA THR J 157 3.82 -4.87 -50.06
C THR J 157 3.37 -4.53 -51.47
N PHE J 158 2.06 -4.47 -51.68
CA PHE J 158 1.55 -4.11 -53.01
C PHE J 158 1.89 -2.67 -53.36
N ARG J 159 1.93 -1.77 -52.37
CA ARG J 159 2.31 -0.38 -52.66
C ARG J 159 3.78 -0.30 -53.11
N VAL J 160 4.67 -1.00 -52.40
CA VAL J 160 6.08 -0.96 -52.76
C VAL J 160 6.30 -1.62 -54.12
N CYS J 161 5.57 -2.69 -54.41
CA CYS J 161 5.65 -3.35 -55.70
C CYS J 161 4.94 -2.58 -56.81
N ASP J 162 4.27 -1.46 -56.47
CA ASP J 162 3.55 -0.63 -57.43
C ASP J 162 2.50 -1.45 -58.18
N ILE J 163 1.69 -2.18 -57.41
CA ILE J 163 0.63 -3.02 -57.96
C ILE J 163 -0.65 -2.74 -57.17
N ASP J 164 -1.74 -2.48 -57.90
CA ASP J 164 -3.00 -2.17 -57.26
C ASP J 164 -3.46 -3.33 -56.38
N GLU J 165 -4.13 -2.99 -55.27
CA GLU J 165 -4.55 -4.00 -54.31
C GLU J 165 -5.56 -4.98 -54.90
N SER J 166 -6.19 -4.64 -56.02
CA SER J 166 -7.05 -5.58 -56.73
C SER J 166 -6.26 -6.47 -57.67
N GLY J 167 -5.02 -6.10 -57.99
CA GLY J 167 -4.19 -6.88 -58.87
C GLY J 167 -3.55 -8.06 -58.17
N GLN J 168 -2.46 -8.57 -58.77
CA GLN J 168 -1.78 -9.73 -58.24
C GLN J 168 -0.28 -9.47 -58.17
N LEU J 169 0.36 -10.13 -57.21
CA LEU J 169 1.80 -10.02 -57.00
C LEU J 169 2.50 -11.22 -57.61
N ASP J 170 3.58 -10.98 -58.33
CA ASP J 170 4.29 -12.02 -59.06
C ASP J 170 5.72 -12.16 -58.55
N VAL J 171 6.30 -13.33 -58.79
CA VAL J 171 7.64 -13.63 -58.30
C VAL J 171 8.68 -12.73 -58.96
N ASP J 172 8.47 -12.36 -60.23
CA ASP J 172 9.41 -11.48 -60.92
C ASP J 172 9.59 -10.17 -60.16
N GLU J 173 8.49 -9.46 -59.93
CA GLU J 173 8.55 -8.19 -59.21
C GLU J 173 9.01 -8.39 -57.78
N MET J 174 8.59 -9.49 -57.16
CA MET J 174 8.96 -9.73 -55.76
C MET J 174 10.44 -10.07 -55.62
N THR J 175 11.02 -10.74 -56.62
CA THR J 175 12.45 -11.04 -56.58
C THR J 175 13.28 -9.77 -56.67
N ARG J 176 12.82 -8.78 -57.43
CA ARG J 176 13.52 -7.49 -57.45
C ARG J 176 13.41 -6.79 -56.10
N GLN J 177 12.25 -6.83 -55.48
CA GLN J 177 12.08 -6.19 -54.18
C GLN J 177 12.93 -6.89 -53.12
N HIS J 178 12.93 -8.23 -53.12
CA HIS J 178 13.76 -8.95 -52.16
C HIS J 178 15.24 -8.75 -52.41
N LEU J 179 15.63 -8.52 -53.67
CA LEU J 179 17.01 -8.11 -53.95
C LEU J 179 17.39 -6.90 -53.10
N GLY J 180 16.56 -5.85 -53.13
CA GLY J 180 16.87 -4.66 -52.37
C GLY J 180 16.53 -4.74 -50.90
N PHE J 181 15.56 -5.58 -50.54
CA PHE J 181 15.13 -5.64 -49.14
C PHE J 181 16.04 -6.53 -48.31
N TRP J 182 16.34 -7.73 -48.79
CA TRP J 182 17.15 -8.65 -48.01
C TRP J 182 18.65 -8.53 -48.27
N TYR J 183 19.05 -8.15 -49.49
CA TYR J 183 20.44 -8.26 -49.89
C TYR J 183 21.20 -6.94 -49.97
N THR J 184 20.60 -5.89 -50.55
CA THR J 184 21.39 -4.71 -50.92
C THR J 184 20.95 -3.42 -50.22
N MET J 185 19.88 -3.45 -49.44
CA MET J 185 19.40 -2.25 -48.73
C MET J 185 19.06 -1.12 -49.72
N ASP J 186 18.30 -1.47 -50.74
CA ASP J 186 17.85 -0.47 -51.70
C ASP J 186 16.81 0.44 -51.05
N PRO J 187 17.04 1.75 -50.98
CA PRO J 187 16.04 2.64 -50.36
C PRO J 187 14.67 2.56 -51.02
N ALA J 188 14.61 2.19 -52.31
CA ALA J 188 13.33 2.08 -53.00
C ALA J 188 12.53 0.85 -52.56
N CYS J 189 13.15 -0.08 -51.82
CA CYS J 189 12.48 -1.29 -51.37
C CYS J 189 12.13 -1.25 -49.89
N GLU J 190 12.24 -0.08 -49.26
CA GLU J 190 11.87 0.04 -47.86
C GLU J 190 10.39 -0.23 -47.67
N LYS J 191 10.03 -0.72 -46.48
CA LYS J 191 8.65 -1.00 -46.11
C LYS J 191 8.00 -2.05 -47.00
N LEU J 192 8.81 -2.95 -47.56
CA LEU J 192 8.28 -4.03 -48.39
C LEU J 192 7.33 -4.92 -47.59
N TYR J 193 7.55 -5.04 -46.29
CA TYR J 193 6.66 -5.77 -45.40
C TYR J 193 5.99 -4.82 -44.40
N GLY J 194 5.73 -3.59 -44.81
CA GLY J 194 5.12 -2.60 -43.94
C GLY J 194 5.98 -2.31 -42.74
N GLY J 195 5.32 -2.05 -41.61
CA GLY J 195 6.03 -1.87 -40.36
C GLY J 195 6.47 -3.15 -39.68
N ALA J 196 6.13 -4.30 -40.26
CA ALA J 196 6.41 -5.57 -39.59
C ALA J 196 7.90 -5.88 -39.54
N VAL J 197 8.66 -5.46 -40.56
CA VAL J 197 10.08 -5.75 -40.65
C VAL J 197 10.84 -4.45 -40.88
N PRO J 198 11.75 -4.06 -39.99
CA PRO J 198 12.52 -2.82 -40.11
C PRO J 198 13.52 -2.88 -41.25
N LYS K 11 28.59 -0.75 57.65
CA LYS K 11 27.32 -0.23 57.16
C LYS K 11 26.38 -1.38 56.81
N LEU K 12 26.95 -2.46 56.28
CA LEU K 12 26.22 -3.72 56.08
C LEU K 12 26.76 -4.81 57.01
N THR K 13 27.28 -4.42 58.17
CA THR K 13 27.84 -5.35 59.14
C THR K 13 27.06 -5.26 60.44
N SER K 14 26.83 -6.40 61.07
CA SER K 14 26.09 -6.43 62.32
C SER K 14 26.98 -5.98 63.48
N ASP K 15 26.33 -5.71 64.61
CA ASP K 15 27.02 -5.28 65.83
C ASP K 15 26.18 -5.67 67.04
N PHE K 16 25.89 -6.96 67.19
CA PHE K 16 24.92 -7.41 68.18
C PHE K 16 25.50 -7.40 69.60
N ASP K 17 26.82 -7.29 69.75
CA ASP K 17 27.43 -7.17 71.07
C ASP K 17 27.53 -5.74 71.54
N ASN K 18 27.21 -4.77 70.69
CA ASN K 18 27.17 -3.37 71.09
C ASN K 18 26.13 -3.19 72.19
N PRO K 19 26.50 -2.70 73.37
CA PRO K 19 25.52 -2.54 74.45
C PRO K 19 24.42 -1.56 74.13
N ARG K 20 24.65 -0.63 73.20
CA ARG K 20 23.60 0.31 72.80
C ARG K 20 22.64 -0.29 71.78
N TRP K 21 23.04 -1.37 71.09
CA TRP K 21 22.10 -2.09 70.25
C TRP K 21 21.15 -2.94 71.08
N ILE K 22 21.68 -3.64 72.07
CA ILE K 22 20.83 -4.37 73.01
C ILE K 22 19.94 -3.41 73.76
N GLY K 23 20.49 -2.27 74.21
CA GLY K 23 19.69 -1.30 74.93
C GLY K 23 18.62 -0.64 74.08
N ARG K 24 18.87 -0.50 72.78
CA ARG K 24 17.87 0.07 71.89
C ARG K 24 16.66 -0.86 71.77
N HIS K 25 16.90 -2.16 71.61
CA HIS K 25 15.79 -3.10 71.51
C HIS K 25 15.22 -3.45 72.88
N LYS K 26 16.02 -3.33 73.94
CA LYS K 26 15.47 -3.48 75.28
C LYS K 26 14.49 -2.35 75.60
N HIS K 27 14.79 -1.13 75.13
CA HIS K 27 13.84 -0.03 75.27
C HIS K 27 12.55 -0.34 74.52
N MET K 28 12.66 -0.91 73.31
CA MET K 28 11.47 -1.23 72.55
C MET K 28 10.70 -2.38 73.19
N PHE K 29 11.42 -3.37 73.74
CA PHE K 29 10.76 -4.50 74.39
C PHE K 29 9.93 -4.03 75.59
N ASN K 30 10.50 -3.16 76.42
CA ASN K 30 9.74 -2.63 77.56
C ASN K 30 8.60 -1.74 77.08
N PHE K 31 8.84 -0.97 76.02
CA PHE K 31 7.78 -0.14 75.45
C PHE K 31 6.62 -0.99 74.94
N LEU K 32 6.93 -2.15 74.35
CA LEU K 32 5.89 -3.01 73.80
C LEU K 32 5.19 -3.84 74.87
N ASP K 33 5.87 -4.15 75.97
CA ASP K 33 5.27 -4.90 77.08
C ASP K 33 4.51 -3.92 77.98
N VAL K 34 3.35 -3.48 77.49
CA VAL K 34 2.57 -2.46 78.19
C VAL K 34 1.94 -2.99 79.47
N ASN K 35 1.77 -4.30 79.60
CA ASN K 35 1.18 -4.89 80.80
C ASN K 35 2.24 -5.43 81.76
N HIS K 36 3.51 -5.16 81.49
CA HIS K 36 4.62 -5.50 82.39
C HIS K 36 4.61 -6.99 82.74
N ASN K 37 4.42 -7.83 81.72
CA ASN K 37 4.48 -9.27 81.89
C ASN K 37 5.86 -9.84 81.65
N GLY K 38 6.82 -9.02 81.23
CA GLY K 38 8.12 -9.54 80.84
C GLY K 38 8.08 -10.45 79.64
N LYS K 39 6.98 -10.42 78.89
CA LYS K 39 6.78 -11.31 77.76
C LYS K 39 5.74 -10.68 76.83
N ILE K 40 5.98 -10.80 75.53
CA ILE K 40 5.07 -10.27 74.52
C ILE K 40 4.83 -11.34 73.47
N SER K 41 3.65 -11.30 72.86
CA SER K 41 3.25 -12.29 71.88
C SER K 41 3.02 -11.62 70.53
N LEU K 42 3.10 -12.42 69.47
CA LEU K 42 2.80 -11.91 68.14
C LEU K 42 1.35 -11.46 68.03
N ASP K 43 0.45 -12.11 68.77
CA ASP K 43 -0.94 -11.65 68.82
C ASP K 43 -1.00 -10.19 69.23
N GLU K 44 -0.21 -9.82 70.26
CA GLU K 44 -0.24 -8.45 70.77
C GLU K 44 0.33 -7.48 69.75
N MET K 45 1.49 -7.81 69.18
CA MET K 45 2.16 -6.91 68.26
C MET K 45 1.31 -6.62 67.03
N VAL K 46 0.76 -7.68 66.43
CA VAL K 46 -0.09 -7.50 65.26
C VAL K 46 -1.37 -6.76 65.63
N TYR K 47 -1.91 -7.03 66.83
CA TYR K 47 -3.09 -6.29 67.26
C TYR K 47 -2.78 -4.80 67.35
N LYS K 48 -1.68 -4.45 68.03
CA LYS K 48 -1.31 -3.04 68.17
C LYS K 48 -1.11 -2.40 66.81
N ALA K 49 -0.38 -3.08 65.92
CA ALA K 49 -0.14 -2.54 64.58
C ALA K 49 -1.44 -2.30 63.83
N SER K 50 -2.29 -3.34 63.75
CA SER K 50 -3.52 -3.21 62.99
C SER K 50 -4.47 -2.21 63.62
N ASP K 51 -4.52 -2.16 64.95
CA ASP K 51 -5.42 -1.21 65.62
C ASP K 51 -5.04 0.23 65.27
N ILE K 52 -3.75 0.52 65.15
CA ILE K 52 -3.29 1.86 64.79
C ILE K 52 -3.85 2.26 63.42
N VAL K 53 -3.59 1.42 62.41
CA VAL K 53 -3.92 1.81 61.05
C VAL K 53 -5.42 1.77 60.81
N ILE K 54 -6.13 0.82 61.43
CA ILE K 54 -7.56 0.70 61.22
C ILE K 54 -8.32 1.76 62.02
N ASN K 55 -8.04 1.85 63.32
CA ASN K 55 -8.87 2.64 64.22
C ASN K 55 -8.38 4.09 64.40
N ASN K 56 -7.11 4.37 64.14
CA ASN K 56 -6.60 5.72 64.27
C ASN K 56 -6.30 6.41 62.94
N LEU K 57 -5.93 5.65 61.90
CA LEU K 57 -5.53 6.23 60.62
C LEU K 57 -6.53 5.96 59.51
N GLY K 58 -7.63 5.27 59.78
CA GLY K 58 -8.67 5.05 58.79
C GLY K 58 -8.28 4.23 57.58
N ALA K 59 -7.48 3.20 57.78
CA ALA K 59 -7.05 2.36 56.66
C ALA K 59 -8.23 1.57 56.09
N THR K 60 -8.19 1.37 54.78
CA THR K 60 -9.16 0.50 54.13
C THR K 60 -8.87 -0.95 54.47
N PRO K 61 -9.87 -1.83 54.33
CA PRO K 61 -9.61 -3.27 54.55
C PRO K 61 -8.46 -3.81 53.71
N GLU K 62 -8.34 -3.36 52.47
CA GLU K 62 -7.23 -3.79 51.63
C GLU K 62 -5.89 -3.30 52.18
N GLN K 63 -5.85 -2.02 52.57
CA GLN K 63 -4.62 -1.46 53.14
C GLN K 63 -4.27 -2.15 54.46
N ALA K 64 -5.28 -2.41 55.29
CA ALA K 64 -5.01 -3.05 56.58
C ALA K 64 -4.46 -4.46 56.40
N LYS K 65 -4.99 -5.20 55.42
CA LYS K 65 -4.54 -6.57 55.19
C LYS K 65 -3.09 -6.60 54.71
N ARG K 66 -2.75 -5.73 53.76
CA ARG K 66 -1.37 -5.63 53.31
C ARG K 66 -0.44 -5.25 54.47
N HIS K 67 -0.87 -4.27 55.28
CA HIS K 67 -0.08 -3.87 56.44
C HIS K 67 0.01 -4.98 57.47
N LYS K 68 -1.08 -5.75 57.64
CA LYS K 68 -1.08 -6.82 58.63
C LYS K 68 -0.03 -7.87 58.30
N ASP K 69 -0.01 -8.33 57.04
CA ASP K 69 0.97 -9.33 56.65
C ASP K 69 2.39 -8.81 56.82
N ALA K 70 2.61 -7.53 56.53
CA ALA K 70 3.95 -6.95 56.62
C ALA K 70 4.44 -6.91 58.06
N VAL K 71 3.60 -6.43 58.98
CA VAL K 71 3.98 -6.41 60.39
C VAL K 71 4.15 -7.82 60.91
N GLU K 72 3.23 -8.72 60.52
CA GLU K 72 3.30 -10.11 60.95
C GLU K 72 4.63 -10.75 60.55
N ALA K 73 5.02 -10.55 59.28
CA ALA K 73 6.31 -11.07 58.82
C ALA K 73 7.48 -10.43 59.55
N PHE K 74 7.35 -9.15 59.91
CA PHE K 74 8.44 -8.44 60.57
C PHE K 74 8.72 -9.02 61.95
N PHE K 75 7.73 -8.95 62.85
CA PHE K 75 7.93 -9.54 64.17
C PHE K 75 8.07 -11.06 64.11
N GLY K 76 7.43 -11.69 63.13
CA GLY K 76 7.67 -13.11 62.91
C GLY K 76 9.10 -13.41 62.54
N GLY K 77 9.78 -12.46 61.89
CA GLY K 77 11.20 -12.62 61.59
C GLY K 77 12.05 -12.70 62.84
N ALA K 78 11.59 -12.09 63.94
CA ALA K 78 12.27 -12.15 65.22
C ALA K 78 11.86 -13.35 66.05
N GLY K 79 11.22 -14.34 65.44
CA GLY K 79 10.88 -15.57 66.14
C GLY K 79 9.57 -15.54 66.91
N MET K 80 8.87 -14.41 66.94
CA MET K 80 7.60 -14.36 67.64
C MET K 80 6.52 -15.10 66.86
N LYS K 81 5.63 -15.76 67.59
CA LYS K 81 4.57 -16.56 66.99
C LYS K 81 3.28 -16.36 67.76
N TYR K 82 2.16 -16.63 67.09
CA TYR K 82 0.86 -16.54 67.73
C TYR K 82 0.73 -17.59 68.82
N GLY K 83 0.12 -17.20 69.93
CA GLY K 83 -0.04 -18.10 71.05
C GLY K 83 1.22 -18.37 71.85
N VAL K 84 2.35 -17.81 71.46
CA VAL K 84 3.61 -17.99 72.15
C VAL K 84 3.98 -16.68 72.84
N GLU K 85 4.38 -16.76 74.10
CA GLU K 85 4.86 -15.60 74.85
C GLU K 85 6.37 -15.54 74.75
N THR K 86 6.90 -14.41 74.28
CA THR K 86 8.33 -14.25 74.04
C THR K 86 8.91 -13.36 75.15
N ASP K 87 9.76 -13.95 75.98
CA ASP K 87 10.41 -13.18 77.02
C ASP K 87 11.64 -12.47 76.45
N TRP K 88 12.30 -11.67 77.29
CA TRP K 88 13.43 -10.87 76.82
C TRP K 88 14.59 -11.70 76.28
N PRO K 89 15.04 -12.79 76.92
CA PRO K 89 16.13 -13.57 76.32
C PRO K 89 15.79 -14.10 74.94
N ALA K 90 14.64 -14.75 74.78
CA ALA K 90 14.23 -15.24 73.47
C ALA K 90 13.94 -14.11 72.50
N TYR K 91 13.60 -12.92 73.00
CA TYR K 91 13.28 -11.80 72.12
C TYR K 91 14.52 -11.20 71.49
N ILE K 92 15.53 -10.88 72.32
CA ILE K 92 16.75 -10.27 71.79
C ILE K 92 17.51 -11.26 70.92
N GLU K 93 17.50 -12.55 71.29
CA GLU K 93 18.10 -13.56 70.43
C GLU K 93 17.33 -13.68 69.11
N GLY K 94 16.00 -13.58 69.18
CA GLY K 94 15.21 -13.56 67.96
C GLY K 94 15.49 -12.32 67.12
N TRP K 95 15.74 -11.19 67.77
CA TRP K 95 16.05 -9.98 67.03
C TRP K 95 17.43 -10.03 66.36
N LYS K 96 18.31 -10.92 66.83
CA LYS K 96 19.57 -11.13 66.13
C LYS K 96 19.34 -11.88 64.82
N LYS K 97 18.43 -12.85 64.82
CA LYS K 97 18.10 -13.57 63.59
C LYS K 97 17.37 -12.66 62.61
N LEU K 98 16.49 -11.79 63.10
CA LEU K 98 15.80 -10.86 62.21
C LEU K 98 16.78 -9.90 61.54
N ALA K 99 17.65 -9.28 62.34
CA ALA K 99 18.64 -8.37 61.77
C ALA K 99 19.59 -9.09 60.84
N THR K 100 19.92 -10.35 61.14
CA THR K 100 20.78 -11.12 60.25
C THR K 100 20.08 -11.39 58.92
N ASP K 101 18.80 -11.78 58.96
CA ASP K 101 18.07 -12.05 57.74
C ASP K 101 17.83 -10.77 56.94
N GLU K 102 17.58 -9.65 57.63
CA GLU K 102 17.37 -8.39 56.94
C GLU K 102 18.65 -7.91 56.27
N LEU K 103 19.78 -8.02 56.96
CA LEU K 103 21.06 -7.62 56.36
C LEU K 103 21.41 -8.48 55.15
N GLU K 104 21.00 -9.75 55.17
CA GLU K 104 21.22 -10.62 54.01
C GLU K 104 20.38 -10.16 52.82
N LYS K 105 19.09 -9.87 53.06
CA LYS K 105 18.26 -9.32 51.99
C LYS K 105 18.76 -7.97 51.55
N TYR K 106 19.25 -7.15 52.49
CA TYR K 106 19.89 -5.89 52.13
C TYR K 106 21.06 -6.13 51.19
N ALA K 107 21.96 -7.04 51.56
CA ALA K 107 23.16 -7.28 50.77
C ALA K 107 22.82 -7.82 49.38
N LYS K 108 21.82 -8.69 49.30
CA LYS K 108 21.40 -9.27 48.02
C LYS K 108 20.49 -8.35 47.22
N ASN K 109 20.32 -7.10 47.65
CA ASN K 109 19.43 -6.14 46.99
C ASN K 109 18.02 -6.73 46.86
N GLU K 110 17.58 -7.39 47.92
CA GLU K 110 16.32 -8.09 48.02
C GLU K 110 15.35 -7.32 48.90
N PRO K 111 14.06 -7.26 48.53
CA PRO K 111 13.09 -6.52 49.37
C PRO K 111 13.08 -7.03 50.80
N THR K 112 13.40 -6.13 51.72
CA THR K 112 13.49 -6.48 53.13
C THR K 112 12.14 -6.35 53.81
N LEU K 113 12.02 -7.00 54.98
CA LEU K 113 10.77 -6.93 55.74
C LEU K 113 10.48 -5.50 56.18
N ILE K 114 11.51 -4.75 56.57
CA ILE K 114 11.29 -3.38 57.03
C ILE K 114 10.86 -2.49 55.86
N ARG K 115 11.32 -2.77 54.64
CA ARG K 115 10.84 -2.01 53.50
C ARG K 115 9.38 -2.35 53.20
N ILE K 116 9.04 -3.64 53.21
CA ILE K 116 7.69 -4.07 52.89
C ILE K 116 6.70 -3.49 53.89
N TRP K 117 7.10 -3.42 55.17
CA TRP K 117 6.25 -2.78 56.17
C TRP K 117 6.08 -1.30 55.87
N GLY K 118 7.19 -0.62 55.56
CA GLY K 118 7.10 0.81 55.28
C GLY K 118 6.21 1.13 54.10
N ASP K 119 6.39 0.39 53.01
CA ASP K 119 5.55 0.60 51.83
C ASP K 119 4.08 0.40 52.15
N ALA K 120 3.76 -0.67 52.87
CA ALA K 120 2.37 -0.91 53.27
C ALA K 120 1.88 0.18 54.22
N LEU K 121 2.75 0.62 55.13
CA LEU K 121 2.34 1.61 56.12
C LEU K 121 2.20 3.00 55.50
N PHE K 122 3.19 3.43 54.72
CA PHE K 122 3.15 4.79 54.18
C PHE K 122 2.00 4.99 53.21
N ASP K 123 1.53 3.91 52.56
CA ASP K 123 0.34 4.02 51.72
C ASP K 123 -0.87 4.43 52.56
N ILE K 124 -0.88 4.10 53.84
CA ILE K 124 -1.97 4.47 54.74
C ILE K 124 -1.75 5.86 55.32
N VAL K 125 -0.54 6.12 55.81
CA VAL K 125 -0.26 7.39 56.51
C VAL K 125 -0.32 8.56 55.53
N ASP K 126 0.18 8.37 54.31
CA ASP K 126 0.12 9.39 53.28
C ASP K 126 -1.29 9.47 52.71
N LYS K 127 -1.95 10.62 52.91
CA LYS K 127 -3.31 10.78 52.38
C LYS K 127 -3.32 10.74 50.86
N ASP K 128 -2.25 11.25 50.22
CA ASP K 128 -2.15 11.20 48.76
C ASP K 128 -1.78 9.82 48.24
N GLN K 129 -1.27 8.94 49.11
CA GLN K 129 -0.93 7.57 48.76
C GLN K 129 0.08 7.52 47.61
N ASN K 130 1.18 8.25 47.77
CA ASN K 130 2.29 8.21 46.82
C ASN K 130 3.61 7.86 47.51
N GLY K 131 3.54 7.27 48.70
CA GLY K 131 4.75 6.86 49.41
C GLY K 131 5.59 8.00 49.94
N ALA K 132 4.96 9.02 50.52
CA ALA K 132 5.68 10.13 51.13
C ALA K 132 4.77 10.81 52.12
N ILE K 133 5.24 10.96 53.36
CA ILE K 133 4.42 11.51 54.44
C ILE K 133 5.00 12.84 54.90
N THR K 134 4.11 13.73 55.33
CA THR K 134 4.52 15.01 55.88
C THR K 134 4.94 14.85 57.34
N LEU K 135 5.38 15.96 57.94
CA LEU K 135 5.71 15.94 59.37
C LEU K 135 4.47 15.67 60.21
N ASP K 136 3.36 16.31 59.88
CA ASP K 136 2.13 16.12 60.65
C ASP K 136 1.67 14.66 60.60
N GLU K 137 1.76 14.03 59.42
CA GLU K 137 1.36 12.62 59.31
C GLU K 137 2.32 11.70 60.05
N TRP K 138 3.61 12.03 60.07
CA TRP K 138 4.56 11.27 60.88
C TRP K 138 4.26 11.45 62.36
N LYS K 139 3.89 12.68 62.76
CA LYS K 139 3.50 12.91 64.15
C LYS K 139 2.25 12.10 64.51
N ALA K 140 1.31 11.97 63.57
CA ALA K 140 0.08 11.25 63.86
C ALA K 140 0.35 9.76 64.05
N TYR K 141 1.24 9.19 63.24
CA TYR K 141 1.49 7.75 63.34
C TYR K 141 2.30 7.41 64.59
N THR K 142 3.38 8.14 64.84
CA THR K 142 4.25 7.79 65.97
C THR K 142 3.55 8.05 67.30
N LYS K 143 2.76 9.12 67.40
CA LYS K 143 2.04 9.39 68.64
C LYS K 143 0.92 8.38 68.86
N ALA K 144 0.24 7.96 67.78
CA ALA K 144 -0.73 6.88 67.91
C ALA K 144 -0.05 5.57 68.29
N ALA K 145 1.10 5.28 67.68
CA ALA K 145 1.87 4.11 68.05
C ALA K 145 2.51 4.25 69.42
N GLY K 146 2.72 5.48 69.89
CA GLY K 146 3.39 5.72 71.14
C GLY K 146 4.90 5.65 71.09
N ILE K 147 5.48 5.27 69.95
CA ILE K 147 6.93 5.15 69.83
C ILE K 147 7.62 6.50 69.97
N ILE K 148 6.91 7.59 69.68
CA ILE K 148 7.37 8.94 69.97
C ILE K 148 6.25 9.68 70.68
N GLN K 149 6.61 10.47 71.69
CA GLN K 149 5.62 11.20 72.49
C GLN K 149 5.57 12.68 72.16
N SER K 150 6.72 13.33 72.05
CA SER K 150 6.80 14.77 71.86
C SER K 150 6.93 15.12 70.38
N SER K 151 6.40 16.29 70.02
CA SER K 151 6.55 16.78 68.65
C SER K 151 7.99 17.11 68.33
N GLU K 152 8.77 17.54 69.34
CA GLU K 152 10.18 17.86 69.10
C GLU K 152 10.98 16.65 68.68
N ASP K 153 10.62 15.46 69.19
CA ASP K 153 11.29 14.24 68.74
C ASP K 153 10.85 13.86 67.33
N CYS K 154 9.59 14.11 66.97
CA CYS K 154 9.14 13.86 65.61
C CYS K 154 9.87 14.76 64.63
N GLU K 155 10.21 15.99 65.03
CA GLU K 155 10.92 16.89 64.16
C GLU K 155 12.37 16.46 63.95
N GLU K 156 12.94 15.75 64.92
CA GLU K 156 14.30 15.22 64.74
C GLU K 156 14.36 14.18 63.63
N THR K 157 13.27 13.41 63.44
CA THR K 157 13.24 12.44 62.36
C THR K 157 13.43 13.12 61.01
N PHE K 158 12.71 14.21 60.76
CA PHE K 158 12.83 14.94 59.51
C PHE K 158 14.13 15.72 59.41
N ARG K 159 14.88 15.85 60.52
CA ARG K 159 16.21 16.42 60.45
C ARG K 159 17.25 15.35 60.10
N VAL K 160 17.12 14.16 60.69
CA VAL K 160 18.06 13.08 60.40
C VAL K 160 17.85 12.54 59.00
N CYS K 161 16.60 12.47 58.55
CA CYS K 161 16.28 11.90 57.25
C CYS K 161 16.44 12.95 56.15
N ASP K 162 16.67 12.46 54.93
CA ASP K 162 16.84 13.33 53.76
C ASP K 162 15.49 13.48 53.07
N ILE K 163 14.71 14.46 53.53
CA ILE K 163 13.40 14.70 52.95
C ILE K 163 13.55 15.41 51.60
N ASP K 164 12.48 15.36 50.80
CA ASP K 164 12.51 15.92 49.46
C ASP K 164 12.26 17.43 49.52
N GLU K 165 12.12 18.06 48.34
CA GLU K 165 11.93 19.50 48.30
C GLU K 165 10.60 19.92 48.92
N SER K 166 9.60 19.03 48.90
CA SER K 166 8.32 19.33 49.52
C SER K 166 8.35 19.16 51.03
N GLY K 167 9.42 18.58 51.59
CA GLY K 167 9.50 18.35 53.01
C GLY K 167 8.92 17.03 53.47
N GLN K 168 8.74 16.06 52.57
CA GLN K 168 8.11 14.79 52.89
C GLN K 168 9.16 13.69 52.96
N LEU K 169 8.84 12.64 53.72
CA LEU K 169 9.71 11.49 53.91
C LEU K 169 9.13 10.29 53.17
N ASP K 170 9.98 9.58 52.43
CA ASP K 170 9.56 8.41 51.67
C ASP K 170 10.17 7.15 52.26
N VAL K 171 9.65 6.01 51.81
CA VAL K 171 10.09 4.71 52.32
C VAL K 171 11.55 4.45 51.97
N ASP K 172 12.00 4.92 50.80
CA ASP K 172 13.39 4.73 50.41
C ASP K 172 14.34 5.33 51.43
N GLU K 173 14.12 6.58 51.81
CA GLU K 173 14.97 7.24 52.79
C GLU K 173 14.84 6.61 54.17
N MET K 174 13.61 6.27 54.57
CA MET K 174 13.41 5.68 55.88
C MET K 174 13.97 4.26 55.95
N THR K 175 13.97 3.54 54.82
CA THR K 175 14.53 2.20 54.82
C THR K 175 16.04 2.24 55.08
N ARG K 176 16.72 3.24 54.52
CA ARG K 176 18.15 3.39 54.80
C ARG K 176 18.38 3.75 56.27
N GLN K 177 17.60 4.69 56.79
CA GLN K 177 17.75 5.08 58.20
C GLN K 177 17.48 3.91 59.13
N HIS K 178 16.45 3.11 58.82
CA HIS K 178 16.14 1.94 59.65
C HIS K 178 17.22 0.88 59.55
N LEU K 179 17.90 0.79 58.40
CA LEU K 179 19.04 -0.12 58.28
C LEU K 179 20.08 0.17 59.34
N GLY K 180 20.39 1.44 59.55
CA GLY K 180 21.39 1.83 60.53
C GLY K 180 20.85 1.96 61.94
N PHE K 181 19.55 2.27 62.08
CA PHE K 181 19.01 2.51 63.41
C PHE K 181 18.64 1.19 64.11
N TRP K 182 18.05 0.24 63.39
CA TRP K 182 17.65 -1.01 64.02
C TRP K 182 18.70 -2.11 63.89
N TYR K 183 19.46 -2.14 62.79
CA TYR K 183 20.27 -3.30 62.46
C TYR K 183 21.76 -3.12 62.75
N THR K 184 22.36 -2.04 62.26
CA THR K 184 23.82 -1.92 62.23
C THR K 184 24.39 -0.89 63.18
N MET K 185 23.55 -0.09 63.86
CA MET K 185 24.02 0.94 64.78
C MET K 185 24.89 1.98 64.06
N ASP K 186 24.44 2.40 62.90
CA ASP K 186 25.15 3.44 62.15
C ASP K 186 25.08 4.76 62.92
N PRO K 187 26.22 5.36 63.30
CA PRO K 187 26.16 6.62 64.05
C PRO K 187 25.45 7.74 63.32
N ALA K 188 25.35 7.67 61.99
CA ALA K 188 24.62 8.68 61.23
C ALA K 188 23.11 8.56 61.38
N CYS K 189 22.62 7.50 62.00
CA CYS K 189 21.19 7.30 62.19
C CYS K 189 20.74 7.59 63.62
N GLU K 190 21.61 8.13 64.46
CA GLU K 190 21.21 8.48 65.81
C GLU K 190 20.12 9.53 65.80
N LYS K 191 19.32 9.54 66.86
CA LYS K 191 18.21 10.49 67.04
C LYS K 191 17.15 10.35 65.95
N LEU K 192 17.07 9.18 65.31
CA LEU K 192 16.05 8.98 64.27
C LEU K 192 14.64 9.15 64.84
N TYR K 193 14.44 8.74 66.08
CA TYR K 193 13.18 8.98 66.79
C TYR K 193 13.37 9.99 67.92
N GLY K 194 14.28 10.95 67.73
CA GLY K 194 14.53 11.98 68.72
C GLY K 194 15.10 11.38 69.99
N GLY K 195 14.70 11.96 71.13
CA GLY K 195 15.04 11.40 72.41
C GLY K 195 14.10 10.32 72.88
N ALA K 196 13.18 9.86 72.03
CA ALA K 196 12.19 8.88 72.43
C ALA K 196 12.75 7.46 72.43
N VAL K 197 13.64 7.16 71.50
CA VAL K 197 14.28 5.85 71.41
C VAL K 197 15.79 6.04 71.50
N PRO K 198 16.47 5.41 72.46
CA PRO K 198 17.93 5.51 72.61
C PRO K 198 18.68 4.90 71.42
N LYS L 11 2.86 38.15 45.61
CA LYS L 11 3.34 37.00 46.36
C LYS L 11 2.28 35.89 46.41
N LEU L 12 2.69 34.67 46.07
CA LEU L 12 1.80 33.51 46.07
C LEU L 12 2.28 32.44 47.05
N THR L 13 2.86 32.87 48.17
CA THR L 13 3.36 31.94 49.19
C THR L 13 2.57 32.14 50.48
N SER L 14 2.23 31.02 51.12
CA SER L 14 1.48 31.06 52.37
C SER L 14 2.39 31.49 53.52
N ASP L 15 1.74 31.87 54.62
CA ASP L 15 2.44 32.31 55.82
C ASP L 15 1.58 31.94 57.03
N PHE L 16 1.27 30.65 57.15
CA PHE L 16 0.31 30.17 58.16
C PHE L 16 0.89 30.16 59.57
N ASP L 17 2.21 30.19 59.72
CA ASP L 17 2.83 30.27 61.03
C ASP L 17 2.97 31.71 61.52
N ASN L 18 2.71 32.69 60.66
CA ASN L 18 2.72 34.09 61.06
C ASN L 18 1.66 34.32 62.14
N PRO L 19 2.04 34.79 63.33
CA PRO L 19 1.04 35.02 64.38
C PRO L 19 0.00 36.07 64.01
N ARG L 20 0.31 36.99 63.09
CA ARG L 20 -0.68 37.97 62.69
C ARG L 20 -1.65 37.43 61.65
N TRP L 21 -1.29 36.34 60.95
CA TRP L 21 -2.26 35.67 60.10
C TRP L 21 -3.24 34.86 60.93
N ILE L 22 -2.73 34.13 61.93
CA ILE L 22 -3.60 33.40 62.86
C ILE L 22 -4.49 34.37 63.61
N GLY L 23 -3.91 35.48 64.09
CA GLY L 23 -4.70 36.46 64.83
C GLY L 23 -5.70 37.19 63.98
N ARG L 24 -5.43 37.32 62.67
CA ARG L 24 -6.38 37.97 61.78
C ARG L 24 -7.66 37.15 61.65
N HIS L 25 -7.52 35.85 61.42
CA HIS L 25 -8.69 34.99 61.31
C HIS L 25 -9.28 34.64 62.66
N LYS L 26 -8.49 34.73 63.73
CA LYS L 26 -9.07 34.59 65.06
C LYS L 26 -9.99 35.77 65.38
N HIS L 27 -9.58 36.98 65.00
CA HIS L 27 -10.49 38.13 65.11
C HIS L 27 -11.77 37.87 64.34
N MET L 28 -11.65 37.39 63.09
CA MET L 28 -12.83 37.13 62.28
C MET L 28 -13.70 36.04 62.91
N PHE L 29 -13.07 34.99 63.44
CA PHE L 29 -13.82 33.91 64.05
C PHE L 29 -14.64 34.41 65.24
N ASN L 30 -14.01 35.20 66.12
CA ASN L 30 -14.74 35.75 67.25
C ASN L 30 -15.81 36.74 66.80
N PHE L 31 -15.55 37.49 65.73
CA PHE L 31 -16.57 38.40 65.20
C PHE L 31 -17.75 37.63 64.63
N LEU L 32 -17.49 36.50 63.98
CA LEU L 32 -18.56 35.67 63.43
C LEU L 32 -19.28 34.86 64.48
N ASP L 33 -18.65 34.62 65.64
CA ASP L 33 -19.26 33.87 66.73
C ASP L 33 -20.02 34.83 67.64
N VAL L 34 -21.10 35.40 67.08
CA VAL L 34 -21.84 36.45 67.77
C VAL L 34 -22.54 35.92 69.02
N ASN L 35 -22.73 34.62 69.14
CA ASN L 35 -23.38 34.05 70.32
C ASN L 35 -22.39 33.42 71.29
N HIS L 36 -21.09 33.62 71.07
CA HIS L 36 -20.05 33.17 71.98
C HIS L 36 -20.17 31.68 72.30
N ASN L 37 -20.37 30.89 71.26
CA ASN L 37 -20.44 29.44 71.41
C ASN L 37 -19.08 28.77 71.22
N GLY L 38 -18.06 29.51 70.81
CA GLY L 38 -16.80 28.90 70.44
C GLY L 38 -16.86 28.05 69.20
N LYS L 39 -18.01 28.01 68.53
CA LYS L 39 -18.21 27.21 67.34
C LYS L 39 -19.19 27.94 66.43
N ILE L 40 -18.98 27.79 65.11
CA ILE L 40 -19.86 28.38 64.12
C ILE L 40 -20.13 27.35 63.04
N SER L 41 -21.22 27.58 62.29
CA SER L 41 -21.70 26.62 61.30
C SER L 41 -21.86 27.30 59.96
N LEU L 42 -21.84 26.49 58.90
CA LEU L 42 -22.11 27.02 57.56
C LEU L 42 -23.53 27.57 57.47
N ASP L 43 -24.47 26.99 58.24
CA ASP L 43 -25.82 27.53 58.27
C ASP L 43 -25.81 28.99 58.72
N GLU L 44 -25.07 29.29 59.79
CA GLU L 44 -25.02 30.66 60.31
C GLU L 44 -24.34 31.60 59.32
N MET L 45 -23.21 31.17 58.76
CA MET L 45 -22.50 32.03 57.81
C MET L 45 -23.36 32.36 56.59
N VAL L 46 -23.94 31.33 55.98
CA VAL L 46 -24.76 31.56 54.79
C VAL L 46 -26.02 32.33 55.12
N TYR L 47 -26.58 32.13 56.31
CA TYR L 47 -27.73 32.94 56.72
C TYR L 47 -27.33 34.41 56.83
N LYS L 48 -26.26 34.69 57.58
CA LYS L 48 -25.80 36.06 57.73
C LYS L 48 -25.56 36.71 56.37
N ALA L 49 -24.88 36.00 55.48
CA ALA L 49 -24.57 36.56 54.16
C ALA L 49 -25.84 36.92 53.39
N SER L 50 -26.79 35.98 53.31
CA SER L 50 -27.99 36.24 52.52
C SER L 50 -28.90 37.25 53.19
N ASP L 51 -28.94 37.28 54.52
CA ASP L 51 -29.74 38.29 55.22
C ASP L 51 -29.30 39.70 54.83
N ILE L 52 -27.99 39.91 54.71
CA ILE L 52 -27.47 41.22 54.34
C ILE L 52 -28.00 41.64 52.97
N VAL L 53 -27.74 40.81 51.95
CA VAL L 53 -28.05 41.25 50.59
C VAL L 53 -29.56 41.30 50.35
N ILE L 54 -30.32 40.40 50.96
CA ILE L 54 -31.76 40.37 50.73
C ILE L 54 -32.47 41.45 51.53
N ASN L 55 -32.23 41.49 52.84
CA ASN L 55 -33.03 42.32 53.74
C ASN L 55 -32.45 43.70 53.98
N ASN L 56 -31.16 43.91 53.70
CA ASN L 56 -30.57 45.23 53.84
C ASN L 56 -30.23 45.89 52.51
N LEU L 57 -29.89 45.12 51.48
CA LEU L 57 -29.40 45.67 50.22
C LEU L 57 -30.36 45.46 49.06
N GLY L 58 -31.54 44.88 49.30
CA GLY L 58 -32.55 44.76 48.26
C GLY L 58 -32.16 43.90 47.08
N ALA L 59 -31.44 42.80 47.33
CA ALA L 59 -31.06 41.90 46.25
C ALA L 59 -32.27 41.20 45.67
N THR L 60 -32.29 41.05 44.35
CA THR L 60 -33.30 40.26 43.69
C THR L 60 -33.11 38.79 44.05
N PRO L 61 -34.14 37.96 43.88
CA PRO L 61 -33.97 36.52 44.16
C PRO L 61 -32.89 35.88 43.31
N GLU L 62 -32.71 36.34 42.06
CA GLU L 62 -31.64 35.80 41.22
C GLU L 62 -30.27 36.22 41.76
N GLN L 63 -30.10 37.51 42.06
CA GLN L 63 -28.84 37.97 42.62
C GLN L 63 -28.51 37.27 43.93
N ALA L 64 -29.52 37.07 44.78
CA ALA L 64 -29.29 36.45 46.08
C ALA L 64 -28.85 35.00 45.92
N LYS L 65 -29.43 34.29 44.93
CA LYS L 65 -29.04 32.90 44.71
C LYS L 65 -27.59 32.80 44.24
N ARG L 66 -27.19 33.67 43.32
CA ARG L 66 -25.80 33.69 42.87
C ARG L 66 -24.87 34.03 44.02
N HIS L 67 -25.22 35.04 44.81
CA HIS L 67 -24.44 35.39 46.00
C HIS L 67 -24.41 34.23 47.00
N LYS L 68 -25.55 33.56 47.19
CA LYS L 68 -25.61 32.46 48.14
C LYS L 68 -24.66 31.34 47.77
N ASP L 69 -24.64 30.95 46.48
CA ASP L 69 -23.75 29.88 46.06
C ASP L 69 -22.29 30.24 46.28
N ALA L 70 -21.94 31.52 46.08
CA ALA L 70 -20.56 31.94 46.23
C ALA L 70 -20.12 31.90 47.70
N VAL L 71 -20.90 32.50 48.59
CA VAL L 71 -20.58 32.47 50.02
C VAL L 71 -20.50 31.04 50.52
N GLU L 72 -21.44 30.20 50.07
CA GLU L 72 -21.45 28.79 50.47
C GLU L 72 -20.15 28.11 50.08
N ALA L 73 -19.70 28.33 48.84
CA ALA L 73 -18.45 27.72 48.39
C ALA L 73 -17.26 28.28 49.14
N PHE L 74 -17.27 29.59 49.42
CA PHE L 74 -16.15 30.22 50.12
C PHE L 74 -15.94 29.58 51.50
N PHE L 75 -16.96 29.65 52.35
CA PHE L 75 -16.82 29.06 53.68
C PHE L 75 -16.77 27.54 53.62
N GLY L 76 -17.40 26.93 52.61
CA GLY L 76 -17.23 25.50 52.42
C GLY L 76 -15.80 25.13 52.09
N GLY L 77 -15.11 25.97 51.32
CA GLY L 77 -13.70 25.75 51.05
C GLY L 77 -12.84 25.78 52.31
N ALA L 78 -13.33 26.40 53.37
CA ALA L 78 -12.63 26.42 54.65
C ALA L 78 -13.03 25.24 55.55
N GLY L 79 -13.72 24.24 55.01
CA GLY L 79 -14.05 23.05 55.75
C GLY L 79 -15.38 23.09 56.48
N MET L 80 -16.10 24.20 56.41
CA MET L 80 -17.38 24.32 57.11
C MET L 80 -18.48 23.62 56.32
N LYS L 81 -19.43 23.02 57.04
CA LYS L 81 -20.48 22.22 56.43
C LYS L 81 -21.80 22.51 57.12
N TYR L 82 -22.90 22.33 56.38
CA TYR L 82 -24.22 22.49 56.96
C TYR L 82 -24.46 21.45 58.05
N GLY L 83 -25.06 21.88 59.16
CA GLY L 83 -25.32 21.01 60.28
C GLY L 83 -24.12 20.70 61.14
N VAL L 84 -22.96 21.29 60.83
CA VAL L 84 -21.71 21.01 61.55
C VAL L 84 -21.26 22.29 62.23
N GLU L 85 -20.87 22.17 63.51
CA GLU L 85 -20.34 23.29 64.28
C GLU L 85 -18.82 23.22 64.25
N THR L 86 -18.20 24.25 63.69
CA THR L 86 -16.75 24.30 63.51
C THR L 86 -16.14 25.11 64.65
N ASP L 87 -15.37 24.45 65.51
CA ASP L 87 -14.65 25.16 66.56
C ASP L 87 -13.38 25.80 66.00
N TRP L 88 -12.71 26.58 66.85
CA TRP L 88 -11.54 27.33 66.39
C TRP L 88 -10.42 26.45 65.87
N PRO L 89 -10.02 25.35 66.54
CA PRO L 89 -8.96 24.50 65.96
C PRO L 89 -9.31 23.98 64.57
N ALA L 90 -10.50 23.41 64.39
CA ALA L 90 -10.89 22.96 63.06
C ALA L 90 -11.09 24.12 62.11
N TYR L 91 -11.46 25.29 62.63
CA TYR L 91 -11.67 26.45 61.78
C TYR L 91 -10.36 26.96 61.18
N ILE L 92 -9.34 27.17 62.02
CA ILE L 92 -8.09 27.72 61.53
C ILE L 92 -7.37 26.70 60.65
N GLU L 93 -7.48 25.41 60.96
CA GLU L 93 -6.88 24.40 60.11
C GLU L 93 -7.61 24.32 58.78
N GLY L 94 -8.94 24.47 58.79
CA GLY L 94 -9.68 24.55 57.55
C GLY L 94 -9.34 25.79 56.75
N TRP L 95 -9.07 26.91 57.43
CA TRP L 95 -8.68 28.11 56.71
C TRP L 95 -7.30 27.98 56.09
N LYS L 96 -6.46 27.08 56.59
CA LYS L 96 -5.22 26.77 55.88
C LYS L 96 -5.51 26.08 54.57
N LYS L 97 -6.49 25.16 54.56
CA LYS L 97 -6.86 24.48 53.32
C LYS L 97 -7.48 25.45 52.32
N LEU L 98 -8.32 26.38 52.79
CA LEU L 98 -8.90 27.36 51.90
C LEU L 98 -7.83 28.24 51.27
N ALA L 99 -6.90 28.75 52.09
CA ALA L 99 -5.85 29.61 51.56
C ALA L 99 -4.97 28.86 50.56
N THR L 100 -4.61 27.61 50.87
CA THR L 100 -3.82 26.81 49.93
C THR L 100 -4.54 26.62 48.61
N ASP L 101 -5.84 26.26 48.67
CA ASP L 101 -6.61 26.06 47.46
C ASP L 101 -6.76 27.36 46.67
N GLU L 102 -6.99 28.48 47.38
CA GLU L 102 -7.12 29.76 46.71
C GLU L 102 -5.82 30.16 46.02
N LEU L 103 -4.69 29.98 46.71
CA LEU L 103 -3.40 30.31 46.12
C LEU L 103 -3.10 29.45 44.90
N GLU L 104 -3.57 28.20 44.89
CA GLU L 104 -3.44 27.37 43.69
C GLU L 104 -4.23 27.97 42.53
N LYS L 105 -5.44 28.46 42.80
CA LYS L 105 -6.24 29.05 41.74
C LYS L 105 -5.66 30.38 41.27
N TYR L 106 -5.06 31.15 42.18
CA TYR L 106 -4.38 32.38 41.78
C TYR L 106 -3.27 32.07 40.78
N ALA L 107 -2.39 31.12 41.12
CA ALA L 107 -1.23 30.84 40.27
C ALA L 107 -1.64 30.23 38.94
N LYS L 108 -2.67 29.39 38.95
CA LYS L 108 -3.20 28.84 37.71
C LYS L 108 -4.06 29.83 36.94
N ASN L 109 -4.26 31.04 37.48
CA ASN L 109 -5.09 32.06 36.85
C ASN L 109 -6.51 31.55 36.64
N GLU L 110 -7.00 30.77 37.60
CA GLU L 110 -8.31 30.16 37.77
C GLU L 110 -9.19 31.07 38.63
N PRO L 111 -10.47 31.21 38.31
CA PRO L 111 -11.36 32.02 39.14
C PRO L 111 -11.38 31.52 40.59
N THR L 112 -10.97 32.38 41.50
CA THR L 112 -10.91 32.02 42.90
C THR L 112 -12.29 32.15 43.56
N LEU L 113 -12.42 31.54 44.73
CA LEU L 113 -13.68 31.63 45.47
C LEU L 113 -13.92 33.05 45.97
N ILE L 114 -12.86 33.73 46.40
CA ILE L 114 -13.02 35.10 46.88
C ILE L 114 -13.41 36.02 45.74
N ARG L 115 -12.96 35.74 44.52
CA ARG L 115 -13.39 36.54 43.38
C ARG L 115 -14.84 36.26 43.02
N ILE L 116 -15.23 34.99 43.01
CA ILE L 116 -16.61 34.64 42.67
C ILE L 116 -17.58 35.27 43.66
N TRP L 117 -17.22 35.27 44.94
CA TRP L 117 -18.04 35.95 45.94
C TRP L 117 -18.12 37.45 45.63
N GLY L 118 -16.97 38.07 45.35
CA GLY L 118 -16.97 39.50 45.06
C GLY L 118 -17.83 39.86 43.86
N ASP L 119 -17.69 39.11 42.77
CA ASP L 119 -18.50 39.37 41.58
C ASP L 119 -19.99 39.26 41.90
N ALA L 120 -20.37 38.21 42.63
CA ALA L 120 -21.76 38.07 43.02
C ALA L 120 -22.20 39.19 43.96
N LEU L 121 -21.32 39.56 44.91
CA LEU L 121 -21.69 40.58 45.88
C LEU L 121 -21.77 41.96 45.23
N PHE L 122 -20.76 42.34 44.46
CA PHE L 122 -20.72 43.69 43.90
C PHE L 122 -21.86 43.95 42.93
N ASP L 123 -22.42 42.90 42.32
CA ASP L 123 -23.60 43.08 41.48
C ASP L 123 -24.78 43.58 42.29
N ILE L 124 -24.87 43.18 43.56
CA ILE L 124 -25.92 43.67 44.43
C ILE L 124 -25.57 45.05 44.99
N VAL L 125 -24.33 45.21 45.46
CA VAL L 125 -23.94 46.45 46.16
C VAL L 125 -23.90 47.63 45.20
N ASP L 126 -23.54 47.40 43.94
CA ASP L 126 -23.54 48.46 42.93
C ASP L 126 -24.96 48.64 42.42
N LYS L 127 -25.54 49.82 42.68
CA LYS L 127 -26.90 50.09 42.20
C LYS L 127 -26.96 50.09 40.68
N ASP L 128 -25.86 50.44 40.02
CA ASP L 128 -25.78 50.36 38.57
C ASP L 128 -25.51 48.94 38.08
N GLN L 129 -25.09 48.04 38.97
CA GLN L 129 -24.80 46.65 38.63
C GLN L 129 -23.75 46.56 37.51
N ASN L 130 -22.66 47.31 37.68
CA ASN L 130 -21.55 47.31 36.75
C ASN L 130 -20.25 46.83 37.39
N GLY L 131 -20.33 46.11 38.50
CA GLY L 131 -19.16 45.56 39.14
C GLY L 131 -18.25 46.56 39.80
N ALA L 132 -18.75 47.74 40.18
CA ALA L 132 -17.94 48.75 40.85
C ALA L 132 -18.82 49.51 41.83
N ILE L 133 -18.31 49.71 43.05
CA ILE L 133 -19.13 50.27 44.12
C ILE L 133 -18.50 51.58 44.61
N THR L 134 -19.37 52.48 45.04
CA THR L 134 -18.95 53.75 45.62
C THR L 134 -18.54 53.55 47.08
N LEU L 135 -17.95 54.61 47.66
CA LEU L 135 -17.60 54.57 49.08
C LEU L 135 -18.85 54.44 49.95
N ASP L 136 -19.92 55.15 49.60
CA ASP L 136 -21.17 55.02 50.34
C ASP L 136 -21.72 53.60 50.27
N GLU L 137 -21.59 52.96 49.10
CA GLU L 137 -22.04 51.58 48.97
C GLU L 137 -21.16 50.62 49.75
N TRP L 138 -19.85 50.91 49.83
CA TRP L 138 -18.97 50.09 50.67
C TRP L 138 -19.30 50.29 52.15
N LYS L 139 -19.61 51.52 52.55
CA LYS L 139 -20.06 51.77 53.91
C LYS L 139 -21.34 51.02 54.22
N ALA L 140 -22.29 51.01 53.27
CA ALA L 140 -23.57 50.36 53.51
C ALA L 140 -23.39 48.86 53.71
N TYR L 141 -22.55 48.21 52.90
CA TYR L 141 -22.39 46.77 53.03
C TYR L 141 -21.62 46.40 54.28
N THR L 142 -20.45 47.02 54.50
CA THR L 142 -19.60 46.59 55.60
C THR L 142 -20.22 46.93 56.96
N LYS L 143 -21.00 48.01 57.04
CA LYS L 143 -21.68 48.31 58.29
C LYS L 143 -22.88 47.39 58.52
N ALA L 144 -23.54 46.95 57.45
CA ALA L 144 -24.59 45.95 57.60
C ALA L 144 -24.01 44.59 57.99
N ALA L 145 -22.86 44.24 57.41
CA ALA L 145 -22.19 42.99 57.79
C ALA L 145 -21.57 43.10 59.17
N GLY L 146 -21.21 44.30 59.60
CA GLY L 146 -20.53 44.49 60.86
C GLY L 146 -19.03 44.30 60.82
N ILE L 147 -18.45 43.96 59.66
CA ILE L 147 -17.01 43.77 59.58
C ILE L 147 -16.30 45.11 59.75
N ILE L 148 -16.94 46.22 59.41
CA ILE L 148 -16.46 47.55 59.71
C ILE L 148 -17.58 48.33 60.41
N GLN L 149 -17.22 49.07 61.45
CA GLN L 149 -18.19 49.86 62.21
C GLN L 149 -18.15 51.34 61.89
N SER L 150 -16.97 51.92 61.73
CA SER L 150 -16.81 53.36 61.58
C SER L 150 -16.60 53.73 60.12
N SER L 151 -17.08 54.94 59.76
CA SER L 151 -16.88 55.44 58.41
C SER L 151 -15.40 55.68 58.12
N GLU L 152 -14.61 56.00 59.17
CA GLU L 152 -13.19 56.25 58.98
C GLU L 152 -12.48 55.00 58.45
N ASP L 153 -12.85 53.83 58.95
CA ASP L 153 -12.23 52.60 58.46
C ASP L 153 -12.70 52.25 57.05
N CYS L 154 -13.94 52.58 56.71
CA CYS L 154 -14.41 52.36 55.35
C CYS L 154 -13.63 53.25 54.36
N GLU L 155 -13.34 54.49 54.75
CA GLU L 155 -12.53 55.36 53.90
C GLU L 155 -11.12 54.82 53.73
N GLU L 156 -10.60 54.11 54.73
CA GLU L 156 -9.27 53.52 54.62
C GLU L 156 -9.21 52.49 53.50
N THR L 157 -10.31 51.77 53.26
CA THR L 157 -10.34 50.80 52.17
C THR L 157 -10.07 51.46 50.83
N PHE L 158 -10.71 52.61 50.58
CA PHE L 158 -10.51 53.32 49.32
C PHE L 158 -9.16 54.01 49.25
N ARG L 159 -8.47 54.16 50.39
CA ARG L 159 -7.10 54.61 50.37
C ARG L 159 -6.15 53.48 50.00
N VAL L 160 -6.37 52.29 50.56
CA VAL L 160 -5.51 51.16 50.27
C VAL L 160 -5.73 50.66 48.84
N CYS L 161 -6.98 50.66 48.37
CA CYS L 161 -7.31 50.11 47.06
C CYS L 161 -7.06 51.13 45.95
N ASP L 162 -6.61 50.62 44.80
CA ASP L 162 -6.44 51.44 43.59
C ASP L 162 -7.78 51.57 42.89
N ILE L 163 -8.61 52.49 43.40
CA ILE L 163 -9.92 52.71 42.80
C ILE L 163 -9.78 53.39 41.44
N ASP L 164 -10.80 53.23 40.60
CA ASP L 164 -10.75 53.75 39.24
C ASP L 164 -11.01 55.26 39.25
N GLU L 165 -11.20 55.85 38.07
CA GLU L 165 -11.30 57.29 37.94
C GLU L 165 -12.67 57.84 38.34
N SER L 166 -13.67 56.98 38.54
CA SER L 166 -15.04 57.47 38.78
C SER L 166 -15.16 58.27 40.09
N GLY L 167 -14.64 57.76 41.22
CA GLY L 167 -13.86 56.54 41.39
C GLY L 167 -14.50 55.49 42.29
N GLN L 168 -14.60 54.27 41.76
CA GLN L 168 -15.27 53.18 42.45
C GLN L 168 -14.32 52.00 42.60
N LEU L 169 -14.69 51.11 43.52
CA LEU L 169 -13.93 49.90 43.81
C LEU L 169 -14.54 48.73 43.05
N ASP L 170 -13.71 47.99 42.32
CA ASP L 170 -14.19 46.86 41.54
C ASP L 170 -13.59 45.56 42.09
N VAL L 171 -14.09 44.45 41.56
CA VAL L 171 -13.69 43.13 42.06
C VAL L 171 -12.23 42.83 41.71
N ASP L 172 -11.76 43.29 40.55
CA ASP L 172 -10.36 43.09 40.18
C ASP L 172 -9.43 43.62 41.26
N GLU L 173 -9.62 44.88 41.67
CA GLU L 173 -8.75 45.47 42.67
C GLU L 173 -8.94 44.80 44.03
N MET L 174 -10.18 44.52 44.41
CA MET L 174 -10.42 43.94 45.74
C MET L 174 -9.92 42.51 45.83
N THR L 175 -9.99 41.75 44.73
CA THR L 175 -9.43 40.40 44.73
C THR L 175 -7.93 40.43 44.96
N ARG L 176 -7.23 41.41 44.38
CA ARG L 176 -5.80 41.53 44.63
C ARG L 176 -5.53 41.89 46.08
N GLN L 177 -6.29 42.82 46.63
CA GLN L 177 -6.12 43.16 48.05
C GLN L 177 -6.40 41.98 48.95
N HIS L 178 -7.48 41.24 48.66
CA HIS L 178 -7.83 40.09 49.50
C HIS L 178 -6.81 38.98 49.41
N LEU L 179 -6.13 38.85 48.27
CA LEU L 179 -5.02 37.90 48.16
C LEU L 179 -3.99 38.14 49.25
N GLY L 180 -3.56 39.39 49.41
CA GLY L 180 -2.58 39.71 50.43
C GLY L 180 -3.15 39.88 51.83
N PHE L 181 -4.43 40.17 51.94
CA PHE L 181 -5.01 40.42 53.26
C PHE L 181 -5.45 39.14 53.96
N TRP L 182 -6.16 38.26 53.24
CA TRP L 182 -6.64 37.04 53.87
C TRP L 182 -5.65 35.89 53.77
N TYR L 183 -4.86 35.81 52.70
CA TYR L 183 -4.10 34.61 52.37
C TYR L 183 -2.61 34.71 52.64
N THR L 184 -1.94 35.77 52.17
CA THR L 184 -0.48 35.78 52.14
C THR L 184 0.16 36.78 53.12
N MET L 185 -0.63 37.61 53.80
CA MET L 185 -0.10 38.61 54.74
C MET L 185 0.84 39.59 54.05
N ASP L 186 0.41 40.10 52.90
CA ASP L 186 1.18 41.11 52.19
C ASP L 186 1.13 42.42 52.97
N PRO L 187 2.28 42.95 53.40
CA PRO L 187 2.25 44.21 54.17
C PRO L 187 1.62 45.37 53.41
N ALA L 188 1.64 45.34 52.07
CA ALA L 188 1.02 46.39 51.28
C ALA L 188 -0.50 46.37 51.37
N CYS L 189 -1.09 45.29 51.90
CA CYS L 189 -2.53 45.18 52.05
C CYS L 189 -3.01 45.47 53.46
N GLU L 190 -2.11 45.91 54.35
CA GLU L 190 -2.50 46.19 55.73
C GLU L 190 -3.58 47.28 55.77
N LYS L 191 -4.46 47.16 56.76
CA LYS L 191 -5.55 48.11 57.01
C LYS L 191 -6.51 48.21 55.83
N LEU L 192 -6.64 47.11 55.08
CA LEU L 192 -7.63 47.02 54.01
C LEU L 192 -9.03 47.30 54.53
N TYR L 193 -9.31 46.90 55.77
CA TYR L 193 -10.56 47.24 56.44
C TYR L 193 -10.34 48.26 57.55
N GLY L 194 -9.33 49.11 57.38
CA GLY L 194 -9.04 50.13 58.38
C GLY L 194 -8.51 49.50 59.66
N GLY L 195 -8.93 50.05 60.79
CA GLY L 195 -8.60 49.48 62.07
C GLY L 195 -9.52 48.38 62.54
N ALA L 196 -10.57 48.08 61.78
CA ALA L 196 -11.60 47.15 62.23
C ALA L 196 -11.13 45.70 62.19
N VAL L 197 -10.24 45.36 61.26
CA VAL L 197 -9.68 44.01 61.16
C VAL L 197 -8.17 44.13 61.31
N PRO L 198 -7.55 43.51 62.33
CA PRO L 198 -6.10 43.56 62.51
C PRO L 198 -5.36 42.75 61.45
N HIS M 9 -7.39 -28.36 55.03
CA HIS M 9 -7.99 -29.48 54.32
C HIS M 9 -8.51 -29.03 52.95
N GLY M 10 -9.08 -27.84 52.90
CA GLY M 10 -9.59 -27.32 51.65
C GLY M 10 -10.17 -25.94 51.84
N LYS M 11 -10.82 -25.46 50.78
CA LYS M 11 -11.41 -24.12 50.74
C LYS M 11 -12.76 -24.22 50.07
N LEU M 12 -13.83 -23.86 50.80
CA LEU M 12 -15.19 -23.91 50.28
C LEU M 12 -15.75 -22.53 49.98
N THR M 13 -14.91 -21.50 49.92
CA THR M 13 -15.35 -20.14 49.63
C THR M 13 -15.09 -19.84 48.16
N SER M 14 -16.12 -19.31 47.49
CA SER M 14 -15.98 -18.96 46.08
C SER M 14 -15.12 -17.69 45.93
N ASP M 15 -14.63 -17.48 44.71
CA ASP M 15 -13.80 -16.34 44.39
C ASP M 15 -14.04 -15.96 42.92
N PHE M 16 -15.31 -15.69 42.60
CA PHE M 16 -15.70 -15.49 41.21
C PHE M 16 -15.21 -14.16 40.64
N ASP M 17 -14.96 -13.16 41.49
CA ASP M 17 -14.43 -11.88 41.04
C ASP M 17 -12.92 -11.88 40.92
N ASN M 18 -12.26 -12.97 41.24
CA ASN M 18 -10.82 -13.08 41.06
C ASN M 18 -10.50 -13.02 39.57
N PRO M 19 -9.67 -12.08 39.11
CA PRO M 19 -9.34 -12.03 37.68
C PRO M 19 -8.64 -13.28 37.18
N ARG M 20 -7.81 -13.91 38.01
CA ARG M 20 -7.15 -15.14 37.59
C ARG M 20 -8.11 -16.33 37.54
N TRP M 21 -9.25 -16.24 38.22
CA TRP M 21 -10.30 -17.25 38.05
C TRP M 21 -11.06 -17.04 36.76
N ILE M 22 -11.28 -15.78 36.39
CA ILE M 22 -11.90 -15.48 35.10
C ILE M 22 -10.97 -15.88 33.96
N GLY M 23 -9.66 -15.64 34.12
CA GLY M 23 -8.70 -16.00 33.09
C GLY M 23 -8.39 -17.49 33.04
N ARG M 24 -8.62 -18.21 34.14
CA ARG M 24 -8.41 -19.65 34.12
C ARG M 24 -9.43 -20.34 33.22
N HIS M 25 -10.71 -19.96 33.34
CA HIS M 25 -11.74 -20.50 32.48
C HIS M 25 -11.78 -19.82 31.12
N LYS M 26 -11.26 -18.59 31.02
CA LYS M 26 -11.08 -17.97 29.72
C LYS M 26 -10.09 -18.74 28.88
N HIS M 27 -9.00 -19.20 29.50
CA HIS M 27 -8.06 -20.09 28.81
C HIS M 27 -8.73 -21.38 28.38
N MET M 28 -9.57 -21.95 29.25
CA MET M 28 -10.25 -23.18 28.91
C MET M 28 -11.29 -22.96 27.81
N PHE M 29 -11.97 -21.81 27.83
CA PHE M 29 -12.98 -21.52 26.82
C PHE M 29 -12.35 -21.47 25.42
N ASN M 30 -11.25 -20.74 25.29
CA ASN M 30 -10.58 -20.63 23.98
C ASN M 30 -10.00 -21.98 23.57
N PHE M 31 -9.44 -22.74 24.53
CA PHE M 31 -8.96 -24.08 24.23
C PHE M 31 -10.09 -24.98 23.74
N LEU M 32 -11.28 -24.84 24.33
CA LEU M 32 -12.43 -25.62 23.89
C LEU M 32 -12.98 -25.13 22.56
N ASP M 33 -12.72 -23.87 22.20
CA ASP M 33 -13.21 -23.31 20.94
C ASP M 33 -12.14 -23.51 19.87
N VAL M 34 -12.06 -24.74 19.36
CA VAL M 34 -11.01 -25.07 18.39
C VAL M 34 -11.31 -24.44 17.03
N ASN M 35 -12.58 -24.21 16.72
CA ASN M 35 -12.96 -23.63 15.44
C ASN M 35 -13.07 -22.11 15.49
N HIS M 36 -12.83 -21.49 16.64
CA HIS M 36 -12.77 -20.04 16.78
C HIS M 36 -14.10 -19.38 16.40
N ASN M 37 -15.20 -19.98 16.84
CA ASN M 37 -16.53 -19.43 16.61
C ASN M 37 -16.97 -18.47 17.70
N GLY M 38 -16.17 -18.29 18.74
CA GLY M 38 -16.59 -17.47 19.87
C GLY M 38 -17.70 -18.06 20.70
N LYS M 39 -18.11 -19.29 20.41
CA LYS M 39 -19.19 -19.94 21.14
C LYS M 39 -19.08 -21.45 20.95
N ILE M 40 -19.43 -22.20 22.00
CA ILE M 40 -19.34 -23.65 21.99
C ILE M 40 -20.68 -24.22 22.43
N SER M 41 -20.92 -25.46 22.03
CA SER M 41 -22.16 -26.15 22.33
C SER M 41 -21.88 -27.38 23.20
N LEU M 42 -22.91 -27.82 23.92
CA LEU M 42 -22.81 -29.07 24.66
C LEU M 42 -22.57 -30.25 23.73
N ASP M 43 -23.08 -30.17 22.50
CA ASP M 43 -22.81 -31.21 21.51
C ASP M 43 -21.31 -31.37 21.29
N GLU M 44 -20.59 -30.26 21.16
CA GLU M 44 -19.15 -30.32 20.90
C GLU M 44 -18.38 -30.86 22.10
N MET M 45 -18.76 -30.43 23.30
CA MET M 45 -18.03 -30.87 24.49
C MET M 45 -18.22 -32.36 24.74
N VAL M 46 -19.48 -32.82 24.68
CA VAL M 46 -19.75 -34.24 24.89
C VAL M 46 -19.13 -35.08 23.78
N TYR M 47 -19.16 -34.59 22.54
CA TYR M 47 -18.51 -35.31 21.45
C TYR M 47 -17.03 -35.44 21.72
N LYS M 48 -16.37 -34.34 22.07
CA LYS M 48 -14.94 -34.38 22.35
C LYS M 48 -14.61 -35.36 23.46
N ALA M 49 -15.38 -35.32 24.55
CA ALA M 49 -15.10 -36.18 25.69
C ALA M 49 -15.27 -37.65 25.34
N SER M 50 -16.35 -37.99 24.65
CA SER M 50 -16.59 -39.39 24.28
C SER M 50 -15.59 -39.85 23.23
N ASP M 51 -15.22 -38.97 22.30
CA ASP M 51 -14.23 -39.34 21.29
C ASP M 51 -12.91 -39.75 21.94
N ILE M 52 -12.51 -39.04 23.00
CA ILE M 52 -11.25 -39.35 23.67
C ILE M 52 -11.30 -40.75 24.29
N VAL M 53 -12.34 -41.02 25.08
CA VAL M 53 -12.36 -42.29 25.80
C VAL M 53 -12.65 -43.47 24.86
N ILE M 54 -13.43 -43.26 23.82
CA ILE M 54 -13.77 -44.36 22.93
C ILE M 54 -12.67 -44.59 21.89
N ASN M 55 -12.26 -43.53 21.19
CA ASN M 55 -11.39 -43.65 20.04
C ASN M 55 -9.91 -43.52 20.39
N ASN M 56 -9.56 -43.12 21.60
CA ASN M 56 -8.17 -43.00 22.00
C ASN M 56 -7.79 -43.88 23.19
N LEU M 57 -8.71 -44.11 24.13
CA LEU M 57 -8.40 -44.85 25.35
C LEU M 57 -9.05 -46.21 25.43
N GLY M 58 -9.81 -46.62 24.41
CA GLY M 58 -10.35 -47.96 24.35
C GLY M 58 -11.37 -48.29 25.41
N ALA M 59 -12.33 -47.38 25.63
CA ALA M 59 -13.38 -47.63 26.61
C ALA M 59 -14.46 -48.55 26.03
N THR M 60 -15.03 -49.37 26.90
CA THR M 60 -16.14 -50.23 26.52
C THR M 60 -17.40 -49.39 26.31
N PRO M 61 -18.40 -49.93 25.62
CA PRO M 61 -19.67 -49.18 25.50
C PRO M 61 -20.30 -48.84 26.84
N GLU M 62 -20.15 -49.71 27.85
CA GLU M 62 -20.70 -49.41 29.17
C GLU M 62 -19.90 -48.28 29.83
N GLN M 63 -18.59 -48.30 29.71
CA GLN M 63 -17.77 -47.23 30.28
C GLN M 63 -18.03 -45.90 29.58
N ALA M 64 -18.27 -45.95 28.27
CA ALA M 64 -18.49 -44.71 27.52
C ALA M 64 -19.83 -44.07 27.86
N LYS M 65 -20.85 -44.91 28.12
CA LYS M 65 -22.16 -44.38 28.49
C LYS M 65 -22.10 -43.69 29.85
N ARG M 66 -21.50 -44.36 30.84
CA ARG M 66 -21.33 -43.75 32.15
C ARG M 66 -20.47 -42.49 32.06
N HIS M 67 -19.42 -42.53 31.25
CA HIS M 67 -18.59 -41.35 31.08
C HIS M 67 -19.34 -40.24 30.37
N LYS M 68 -20.19 -40.59 29.39
CA LYS M 68 -20.93 -39.57 28.64
C LYS M 68 -21.92 -38.85 29.54
N ASP M 69 -22.66 -39.59 30.37
CA ASP M 69 -23.59 -38.96 31.30
C ASP M 69 -22.87 -37.98 32.22
N ALA M 70 -21.69 -38.36 32.71
CA ALA M 70 -20.96 -37.51 33.65
C ALA M 70 -20.54 -36.20 32.99
N VAL M 71 -19.95 -36.28 31.79
CA VAL M 71 -19.52 -35.07 31.10
C VAL M 71 -20.72 -34.20 30.74
N GLU M 72 -21.80 -34.84 30.26
CA GLU M 72 -23.03 -34.12 29.96
C GLU M 72 -23.52 -33.32 31.15
N ALA M 73 -23.54 -33.94 32.33
CA ALA M 73 -24.01 -33.25 33.53
C ALA M 73 -23.06 -32.14 33.94
N PHE M 74 -21.75 -32.35 33.75
CA PHE M 74 -20.76 -31.36 34.17
C PHE M 74 -20.92 -30.07 33.36
N PHE M 75 -20.86 -30.19 32.03
CA PHE M 75 -21.05 -29.00 31.19
C PHE M 75 -22.49 -28.53 31.20
N GLY M 76 -23.44 -29.45 31.42
CA GLY M 76 -24.82 -29.02 31.63
C GLY M 76 -24.98 -28.17 32.87
N GLY M 77 -24.23 -28.50 33.93
CA GLY M 77 -24.24 -27.67 35.13
C GLY M 77 -23.69 -26.28 34.91
N ALA M 78 -22.94 -26.08 33.82
CA ALA M 78 -22.45 -24.76 33.46
C ALA M 78 -23.41 -24.00 32.54
N GLY M 79 -24.62 -24.50 32.36
CA GLY M 79 -25.61 -23.86 31.53
C GLY M 79 -25.61 -24.28 30.08
N MET M 80 -24.65 -25.10 29.65
CA MET M 80 -24.60 -25.52 28.26
C MET M 80 -25.67 -26.58 27.99
N LYS M 81 -26.32 -26.45 26.83
CA LYS M 81 -27.37 -27.38 26.42
C LYS M 81 -27.12 -27.81 24.98
N TYR M 82 -27.78 -28.90 24.59
CA TYR M 82 -27.67 -29.39 23.22
C TYR M 82 -28.39 -28.46 22.26
N GLY M 83 -27.79 -28.24 21.10
CA GLY M 83 -28.35 -27.33 20.11
C GLY M 83 -28.23 -25.86 20.45
N VAL M 84 -27.57 -25.52 21.55
CA VAL M 84 -27.38 -24.13 21.97
C VAL M 84 -25.89 -23.82 21.92
N GLU M 85 -25.54 -22.69 21.32
CA GLU M 85 -24.16 -22.23 21.24
C GLU M 85 -23.92 -21.21 22.35
N THR M 86 -22.98 -21.51 23.24
CA THR M 86 -22.73 -20.70 24.43
C THR M 86 -21.52 -19.80 24.17
N ASP M 87 -21.76 -18.50 24.14
CA ASP M 87 -20.67 -17.54 23.99
C ASP M 87 -20.00 -17.28 25.34
N TRP M 88 -18.91 -16.53 25.30
CA TRP M 88 -18.13 -16.27 26.50
C TRP M 88 -18.92 -15.60 27.62
N PRO M 89 -19.76 -14.58 27.37
CA PRO M 89 -20.53 -13.99 28.49
C PRO M 89 -21.45 -14.99 29.18
N ALA M 90 -22.24 -15.74 28.41
CA ALA M 90 -23.11 -16.75 29.01
C ALA M 90 -22.34 -17.94 29.56
N TYR M 91 -21.09 -18.12 29.13
CA TYR M 91 -20.29 -19.25 29.60
C TYR M 91 -19.72 -18.98 31.00
N ILE M 92 -19.04 -17.85 31.17
CA ILE M 92 -18.46 -17.54 32.47
C ILE M 92 -19.56 -17.30 33.50
N GLU M 93 -20.74 -16.86 33.06
CA GLU M 93 -21.86 -16.70 33.97
C GLU M 93 -22.40 -18.06 34.41
N GLY M 94 -22.44 -19.02 33.49
CA GLY M 94 -22.87 -20.37 33.85
C GLY M 94 -21.85 -21.13 34.66
N TRP M 95 -20.57 -20.77 34.55
CA TRP M 95 -19.56 -21.42 35.37
C TRP M 95 -19.63 -20.94 36.82
N LYS M 96 -20.13 -19.73 37.04
CA LYS M 96 -20.37 -19.27 38.40
C LYS M 96 -21.48 -20.07 39.06
N LYS M 97 -22.51 -20.44 38.31
CA LYS M 97 -23.57 -21.27 38.85
C LYS M 97 -23.10 -22.72 39.03
N LEU M 98 -22.26 -23.20 38.13
CA LEU M 98 -21.71 -24.55 38.27
C LEU M 98 -20.86 -24.66 39.53
N ALA M 99 -19.91 -23.73 39.68
CA ALA M 99 -19.05 -23.74 40.86
C ALA M 99 -19.86 -23.56 42.14
N THR M 100 -20.94 -22.78 42.08
CA THR M 100 -21.79 -22.61 43.26
C THR M 100 -22.48 -23.91 43.64
N ASP M 101 -23.11 -24.57 42.67
CA ASP M 101 -23.78 -25.84 42.94
C ASP M 101 -22.78 -26.93 43.32
N GLU M 102 -21.55 -26.84 42.82
CA GLU M 102 -20.53 -27.82 43.20
C GLU M 102 -20.07 -27.60 44.63
N LEU M 103 -19.76 -26.34 44.98
CA LEU M 103 -19.42 -26.02 46.36
C LEU M 103 -20.55 -26.39 47.31
N GLU M 104 -21.79 -26.23 46.87
CA GLU M 104 -22.93 -26.61 47.70
C GLU M 104 -22.93 -28.12 47.95
N LYS M 105 -22.52 -28.91 46.95
CA LYS M 105 -22.48 -30.35 47.13
C LYS M 105 -21.30 -30.81 47.98
N TYR M 106 -20.18 -30.06 47.93
CA TYR M 106 -19.05 -30.36 48.81
C TYR M 106 -19.45 -30.26 50.27
N ALA M 107 -20.07 -29.13 50.66
CA ALA M 107 -20.45 -28.94 52.06
C ALA M 107 -21.50 -29.95 52.50
N LYS M 108 -22.45 -30.26 51.63
CA LYS M 108 -23.45 -31.29 51.91
C LYS M 108 -22.89 -32.70 51.80
N ASN M 109 -21.61 -32.84 51.43
CA ASN M 109 -21.00 -34.15 51.20
C ASN M 109 -21.78 -34.96 50.17
N GLU M 110 -22.39 -34.27 49.18
CA GLU M 110 -23.06 -34.87 48.03
C GLU M 110 -22.04 -35.19 46.94
N PRO M 111 -22.23 -36.30 46.23
CA PRO M 111 -21.38 -36.58 45.06
C PRO M 111 -21.45 -35.44 44.06
N THR M 112 -20.31 -34.78 43.86
CA THR M 112 -20.22 -33.64 42.96
C THR M 112 -20.13 -34.10 41.52
N LEU M 113 -20.43 -33.18 40.60
CA LEU M 113 -20.35 -33.50 39.18
C LEU M 113 -18.92 -33.79 38.75
N ILE M 114 -17.96 -33.03 39.28
CA ILE M 114 -16.56 -33.24 38.92
C ILE M 114 -16.06 -34.57 39.48
N ARG M 115 -16.62 -35.03 40.60
CA ARG M 115 -16.25 -36.34 41.12
C ARG M 115 -16.81 -37.46 40.26
N ILE M 116 -18.10 -37.37 39.91
CA ILE M 116 -18.73 -38.38 39.08
C ILE M 116 -18.01 -38.52 37.75
N TRP M 117 -17.56 -37.39 37.18
CA TRP M 117 -16.77 -37.45 35.96
C TRP M 117 -15.45 -38.19 36.21
N GLY M 118 -14.78 -37.87 37.31
CA GLY M 118 -13.50 -38.50 37.60
C GLY M 118 -13.61 -40.00 37.75
N ASP M 119 -14.62 -40.46 38.51
CA ASP M 119 -14.79 -41.90 38.71
C ASP M 119 -15.12 -42.60 37.40
N ALA M 120 -15.93 -41.96 36.55
CA ALA M 120 -16.26 -42.57 35.26
C ALA M 120 -15.04 -42.56 34.34
N LEU M 121 -14.22 -41.51 34.41
CA LEU M 121 -13.06 -41.40 33.55
C LEU M 121 -11.93 -42.30 34.02
N PHE M 122 -11.65 -42.31 35.33
CA PHE M 122 -10.52 -43.11 35.84
C PHE M 122 -10.77 -44.60 35.67
N ASP M 123 -12.03 -45.03 35.69
CA ASP M 123 -12.32 -46.43 35.37
C ASP M 123 -11.89 -46.78 33.96
N ILE M 124 -11.78 -45.80 33.07
CA ILE M 124 -11.31 -46.02 31.71
C ILE M 124 -9.80 -45.87 31.63
N VAL M 125 -9.25 -44.81 32.20
CA VAL M 125 -7.83 -44.54 32.08
C VAL M 125 -7.01 -45.58 32.84
N ASP M 126 -7.54 -46.09 33.96
CA ASP M 126 -6.88 -47.16 34.69
C ASP M 126 -7.20 -48.49 34.01
N LYS M 127 -6.15 -49.19 33.57
CA LYS M 127 -6.34 -50.52 33.01
C LYS M 127 -6.71 -51.54 34.07
N ASP M 128 -6.35 -51.29 35.33
CA ASP M 128 -6.75 -52.17 36.43
C ASP M 128 -8.18 -51.92 36.88
N GLN M 129 -8.76 -50.78 36.52
CA GLN M 129 -10.13 -50.43 36.88
C GLN M 129 -10.31 -50.39 38.39
N ASN M 130 -9.39 -49.69 39.07
CA ASN M 130 -9.43 -49.54 40.52
C ASN M 130 -9.41 -48.08 40.94
N GLY M 131 -9.72 -47.16 40.02
CA GLY M 131 -9.76 -45.76 40.36
C GLY M 131 -8.42 -45.13 40.64
N ALA M 132 -7.33 -45.72 40.13
CA ALA M 132 -6.00 -45.18 40.32
C ALA M 132 -5.23 -45.24 39.00
N ILE M 133 -4.71 -44.11 38.56
CA ILE M 133 -4.03 -44.02 37.27
C ILE M 133 -2.57 -43.66 37.48
N THR M 134 -1.72 -44.22 36.62
CA THR M 134 -0.29 -43.96 36.70
C THR M 134 0.03 -42.61 36.05
N LEU M 135 1.33 -42.26 36.05
CA LEU M 135 1.75 -41.05 35.37
C LEU M 135 1.62 -41.19 33.86
N ASP M 136 2.01 -42.35 33.32
CA ASP M 136 1.87 -42.58 31.89
C ASP M 136 0.41 -42.51 31.45
N GLU M 137 -0.48 -43.10 32.24
CA GLU M 137 -1.91 -43.03 31.92
C GLU M 137 -2.42 -41.60 32.03
N TRP M 138 -1.91 -40.84 33.01
CA TRP M 138 -2.27 -39.42 33.10
C TRP M 138 -1.75 -38.65 31.90
N LYS M 139 -0.53 -38.96 31.46
CA LYS M 139 -0.02 -38.36 30.23
C LYS M 139 -0.86 -38.78 29.03
N ALA M 140 -1.35 -40.03 29.04
CA ALA M 140 -2.14 -40.52 27.92
C ALA M 140 -3.42 -39.70 27.75
N TYR M 141 -4.17 -39.51 28.84
CA TYR M 141 -5.46 -38.84 28.73
C TYR M 141 -5.29 -37.35 28.42
N THR M 142 -4.49 -36.65 29.23
CA THR M 142 -4.40 -35.20 29.10
C THR M 142 -3.81 -34.78 27.76
N LYS M 143 -2.89 -35.60 27.21
CA LYS M 143 -2.40 -35.30 25.86
C LYS M 143 -3.43 -35.64 24.80
N ALA M 144 -4.24 -36.68 25.04
CA ALA M 144 -5.32 -36.98 24.10
C ALA M 144 -6.41 -35.91 24.16
N ALA M 145 -6.69 -35.38 25.35
CA ALA M 145 -7.66 -34.31 25.47
C ALA M 145 -7.09 -32.99 24.98
N GLY M 146 -5.77 -32.82 25.04
CA GLY M 146 -5.13 -31.58 24.67
C GLY M 146 -4.99 -30.56 25.79
N ILE M 147 -5.54 -30.85 26.97
CA ILE M 147 -5.44 -29.90 28.07
C ILE M 147 -4.00 -29.74 28.53
N ILE M 148 -3.17 -30.78 28.34
CA ILE M 148 -1.75 -30.71 28.62
C ILE M 148 -0.99 -31.21 27.39
N GLN M 149 0.02 -30.45 26.96
CA GLN M 149 0.80 -30.78 25.77
C GLN M 149 2.13 -31.45 26.11
N SER M 150 2.88 -30.90 27.08
CA SER M 150 4.20 -31.40 27.40
C SER M 150 4.16 -32.32 28.61
N SER M 151 5.07 -33.30 28.62
CA SER M 151 5.12 -34.28 29.70
C SER M 151 5.54 -33.67 31.03
N GLU M 152 6.20 -32.50 31.02
CA GLU M 152 6.63 -31.88 32.26
C GLU M 152 5.44 -31.34 33.06
N ASP M 153 4.38 -30.92 32.38
CA ASP M 153 3.19 -30.44 33.09
C ASP M 153 2.41 -31.60 33.71
N CYS M 154 2.45 -32.78 33.08
CA CYS M 154 1.82 -33.94 33.69
C CYS M 154 2.52 -34.34 34.98
N GLU M 155 3.85 -34.27 35.00
CA GLU M 155 4.60 -34.57 36.21
C GLU M 155 4.33 -33.53 37.31
N GLU M 156 4.02 -32.30 36.92
CA GLU M 156 3.64 -31.28 37.90
C GLU M 156 2.33 -31.65 38.59
N THR M 157 1.43 -32.33 37.89
CA THR M 157 0.18 -32.79 38.51
C THR M 157 0.47 -33.72 39.67
N PHE M 158 1.36 -34.70 39.47
CA PHE M 158 1.70 -35.63 40.53
C PHE M 158 2.45 -34.95 41.67
N ARG M 159 3.22 -33.91 41.37
CA ARG M 159 3.91 -33.17 42.43
C ARG M 159 2.92 -32.41 43.30
N VAL M 160 1.91 -31.79 42.69
CA VAL M 160 0.92 -31.03 43.46
C VAL M 160 0.07 -31.95 44.32
N CYS M 161 -0.22 -33.15 43.82
CA CYS M 161 -0.99 -34.12 44.58
C CYS M 161 -0.13 -34.90 45.58
N ASP M 162 1.15 -34.57 45.71
CA ASP M 162 2.06 -35.25 46.63
C ASP M 162 2.14 -36.75 46.32
N ILE M 163 2.40 -37.06 45.06
CA ILE M 163 2.54 -38.43 44.59
C ILE M 163 3.74 -38.51 43.67
N ASP M 164 4.61 -39.50 43.90
CA ASP M 164 5.80 -39.64 43.08
C ASP M 164 5.44 -40.21 41.70
N GLU M 165 6.44 -40.31 40.83
CA GLU M 165 6.20 -40.80 39.48
C GLU M 165 5.75 -42.25 39.48
N SER M 166 6.29 -43.06 40.39
CA SER M 166 5.95 -44.47 40.45
C SER M 166 4.59 -44.74 41.08
N GLY M 167 4.00 -43.76 41.77
CA GLY M 167 2.72 -43.94 42.40
C GLY M 167 1.56 -43.77 41.43
N GLN M 168 0.36 -43.74 41.99
CA GLN M 168 -0.85 -43.59 41.21
C GLN M 168 -1.69 -42.44 41.76
N LEU M 169 -2.47 -41.82 40.88
CA LEU M 169 -3.36 -40.73 41.25
C LEU M 169 -4.78 -41.25 41.40
N ASP M 170 -5.46 -40.81 42.44
CA ASP M 170 -6.80 -41.26 42.77
C ASP M 170 -7.82 -40.14 42.57
N VAL M 171 -9.07 -40.53 42.33
CA VAL M 171 -10.14 -39.55 42.13
C VAL M 171 -10.36 -38.73 43.39
N ASP M 172 -10.22 -39.34 44.56
CA ASP M 172 -10.40 -38.62 45.81
C ASP M 172 -9.43 -37.45 45.91
N GLU M 173 -8.14 -37.71 45.72
CA GLU M 173 -7.15 -36.65 45.78
C GLU M 173 -7.39 -35.61 44.68
N MET M 174 -7.70 -36.06 43.46
CA MET M 174 -7.91 -35.13 42.37
C MET M 174 -9.15 -34.28 42.59
N THR M 175 -10.19 -34.85 43.20
CA THR M 175 -11.39 -34.08 43.50
C THR M 175 -11.11 -32.96 44.48
N ARG M 176 -10.20 -33.20 45.43
CA ARG M 176 -9.78 -32.13 46.33
C ARG M 176 -8.98 -31.07 45.57
N GLN M 177 -8.13 -31.50 44.64
CA GLN M 177 -7.34 -30.55 43.87
C GLN M 177 -8.21 -29.75 42.92
N HIS M 178 -9.19 -30.41 42.28
CA HIS M 178 -10.09 -29.70 41.38
C HIS M 178 -10.99 -28.72 42.13
N LEU M 179 -11.30 -29.03 43.40
CA LEU M 179 -12.02 -28.08 44.23
C LEU M 179 -11.31 -26.74 44.29
N GLY M 180 -10.01 -26.76 44.59
CA GLY M 180 -9.25 -25.53 44.69
C GLY M 180 -8.79 -24.96 43.37
N PHE M 181 -8.77 -25.78 42.31
CA PHE M 181 -8.26 -25.31 41.02
C PHE M 181 -9.37 -24.72 40.16
N TRP M 182 -10.49 -25.42 40.02
CA TRP M 182 -11.56 -24.94 39.16
C TRP M 182 -12.58 -24.06 39.88
N TYR M 183 -12.71 -24.17 41.20
CA TYR M 183 -13.82 -23.56 41.91
C TYR M 183 -13.43 -22.40 42.82
N THR M 184 -12.40 -22.56 43.65
CA THR M 184 -12.15 -21.62 44.73
C THR M 184 -10.84 -20.86 44.64
N MET M 185 -9.97 -21.17 43.67
CA MET M 185 -8.66 -20.53 43.55
C MET M 185 -7.83 -20.73 44.81
N ASP M 186 -7.77 -21.97 45.27
CA ASP M 186 -6.93 -22.30 46.42
C ASP M 186 -5.47 -22.21 46.03
N PRO M 187 -4.66 -21.38 46.68
CA PRO M 187 -3.24 -21.30 46.31
C PRO M 187 -2.51 -22.62 46.40
N ALA M 188 -2.92 -23.51 47.30
CA ALA M 188 -2.30 -24.83 47.40
C ALA M 188 -2.55 -25.71 46.18
N CYS M 189 -3.46 -25.31 45.29
CA CYS M 189 -3.79 -26.08 44.10
C CYS M 189 -3.28 -25.44 42.82
N GLU M 190 -2.31 -24.54 42.92
CA GLU M 190 -1.73 -23.93 41.73
C GLU M 190 -0.91 -24.95 40.95
N LYS M 191 -0.81 -24.72 39.64
CA LYS M 191 -0.01 -25.55 38.74
C LYS M 191 -0.45 -27.01 38.76
N LEU M 192 -1.73 -27.25 39.05
CA LEU M 192 -2.27 -28.61 39.01
C LEU M 192 -2.12 -29.22 37.62
N TYR M 193 -2.24 -28.40 36.57
CA TYR M 193 -2.00 -28.83 35.21
C TYR M 193 -0.73 -28.21 34.64
N GLY M 194 0.23 -27.89 35.52
CA GLY M 194 1.48 -27.29 35.14
C GLY M 194 1.28 -25.94 34.47
N GLY M 195 2.16 -25.63 33.53
CA GLY M 195 2.03 -24.42 32.76
C GLY M 195 0.96 -24.46 31.69
N ALA M 196 0.28 -25.60 31.54
CA ALA M 196 -0.71 -25.74 30.47
C ALA M 196 -1.97 -24.93 30.75
N VAL M 197 -2.33 -24.75 32.03
CA VAL M 197 -3.53 -24.01 32.41
C VAL M 197 -3.13 -22.94 33.42
N PRO M 198 -3.42 -21.66 33.16
CA PRO M 198 -3.07 -20.55 34.05
C PRO M 198 -3.84 -20.61 35.37
N HIS N 9 -33.03 10.93 45.12
CA HIS N 9 -33.33 9.76 44.30
C HIS N 9 -33.73 10.17 42.88
N GLY N 10 -34.30 11.35 42.76
CA GLY N 10 -34.72 11.84 41.46
C GLY N 10 -35.41 13.18 41.57
N LYS N 11 -36.09 13.56 40.49
CA LYS N 11 -36.77 14.84 40.38
C LYS N 11 -38.16 14.61 39.82
N LEU N 12 -39.15 15.36 40.35
CA LEU N 12 -40.53 15.21 39.92
C LEU N 12 -41.19 16.56 39.63
N THR N 13 -40.39 17.57 39.31
CA THR N 13 -40.92 18.89 38.96
C THR N 13 -40.53 19.22 37.53
N SER N 14 -41.51 19.67 36.75
CA SER N 14 -41.27 20.02 35.36
C SER N 14 -40.42 21.28 35.27
N ASP N 15 -39.81 21.47 34.11
CA ASP N 15 -38.96 22.62 33.83
C ASP N 15 -39.09 22.96 32.34
N PHE N 16 -40.34 23.22 31.92
CA PHE N 16 -40.62 23.41 30.50
C PHE N 16 -40.13 24.75 29.97
N ASP N 17 -39.98 25.75 30.82
CA ASP N 17 -39.43 27.04 30.41
C ASP N 17 -37.92 27.04 30.33
N ASN N 18 -37.28 25.93 30.68
CA ASN N 18 -35.83 25.81 30.55
C ASN N 18 -35.46 25.80 29.07
N PRO N 19 -34.61 26.73 28.60
CA PRO N 19 -34.22 26.70 27.18
C PRO N 19 -33.43 25.47 26.79
N ARG N 20 -32.76 24.80 27.73
CA ARG N 20 -32.04 23.57 27.41
C ARG N 20 -32.96 22.36 27.33
N TRP N 21 -34.17 22.46 27.89
CA TRP N 21 -35.16 21.41 27.68
C TRP N 21 -35.83 21.56 26.32
N ILE N 22 -36.14 22.80 25.94
CA ILE N 22 -36.69 23.06 24.61
C ILE N 22 -35.68 22.63 23.54
N GLY N 23 -34.42 23.02 23.71
CA GLY N 23 -33.39 22.66 22.76
C GLY N 23 -33.05 21.18 22.73
N ARG N 24 -33.28 20.47 23.84
CA ARG N 24 -33.06 19.03 23.83
C ARG N 24 -34.06 18.33 22.93
N HIS N 25 -35.34 18.68 23.04
CA HIS N 25 -36.37 18.11 22.19
C HIS N 25 -36.43 18.78 20.83
N LYS N 26 -35.86 19.98 20.69
CA LYS N 26 -35.69 20.57 19.36
C LYS N 26 -34.66 19.79 18.56
N HIS N 27 -33.54 19.41 19.20
CA HIS N 27 -32.56 18.56 18.55
C HIS N 27 -33.16 17.22 18.16
N MET N 28 -33.97 16.62 19.04
CA MET N 28 -34.63 15.36 18.72
C MET N 28 -35.60 15.53 17.56
N PHE N 29 -36.36 16.64 17.56
CA PHE N 29 -37.32 16.88 16.48
C PHE N 29 -36.62 16.92 15.13
N ASN N 30 -35.55 17.72 15.02
CA ASN N 30 -34.80 17.79 13.76
C ASN N 30 -34.20 16.44 13.40
N PHE N 31 -33.76 15.68 14.40
CA PHE N 31 -33.25 14.34 14.14
C PHE N 31 -34.34 13.42 13.59
N LEU N 32 -35.57 13.58 14.09
CA LEU N 32 -36.67 12.76 13.59
C LEU N 32 -37.17 13.22 12.22
N ASP N 33 -36.98 14.51 11.90
CA ASP N 33 -37.40 15.04 10.60
C ASP N 33 -36.27 14.83 9.60
N VAL N 34 -36.18 13.58 9.11
CA VAL N 34 -35.07 13.23 8.22
C VAL N 34 -35.27 13.83 6.83
N ASN N 35 -36.51 14.09 6.43
CA ASN N 35 -36.80 14.63 5.11
C ASN N 35 -36.92 16.16 5.11
N HIS N 36 -36.65 16.81 6.24
CA HIS N 36 -36.66 18.27 6.33
C HIS N 36 -37.99 18.86 5.85
N ASN N 37 -39.08 18.28 6.34
CA ASN N 37 -40.41 18.76 6.02
C ASN N 37 -40.95 19.75 7.05
N GLY N 38 -40.25 19.95 8.16
CA GLY N 38 -40.77 20.74 9.25
C GLY N 38 -41.91 20.10 10.01
N LYS N 39 -42.35 18.91 9.62
CA LYS N 39 -43.45 18.22 10.27
C LYS N 39 -43.16 16.73 10.31
N ILE N 40 -43.60 16.08 11.39
CA ILE N 40 -43.47 14.63 11.53
C ILE N 40 -44.82 14.06 11.97
N SER N 41 -45.03 12.79 11.62
CA SER N 41 -46.28 12.10 11.88
C SER N 41 -46.04 10.88 12.75
N LEU N 42 -47.11 10.38 13.35
CA LEU N 42 -47.01 9.13 14.09
C LEU N 42 -46.64 7.98 13.16
N ASP N 43 -47.16 8.01 11.92
CA ASP N 43 -46.82 7.00 10.93
C ASP N 43 -45.31 6.85 10.78
N GLU N 44 -44.59 7.98 10.75
CA GLU N 44 -43.15 7.95 10.56
C GLU N 44 -42.42 7.44 11.79
N MET N 45 -42.87 7.85 12.98
CA MET N 45 -42.21 7.42 14.21
C MET N 45 -42.39 5.92 14.43
N VAL N 46 -43.62 5.43 14.27
CA VAL N 46 -43.89 4.01 14.49
C VAL N 46 -43.18 3.18 13.42
N TYR N 47 -43.13 3.67 12.18
CA TYR N 47 -42.42 2.94 11.14
C TYR N 47 -40.94 2.81 11.49
N LYS N 48 -40.30 3.93 11.83
CA LYS N 48 -38.90 3.92 12.20
C LYS N 48 -38.63 2.95 13.34
N ALA N 49 -39.44 3.03 14.40
CA ALA N 49 -39.21 2.18 15.57
C ALA N 49 -39.38 0.70 15.23
N SER N 50 -40.39 0.37 14.43
CA SER N 50 -40.60 -1.03 14.06
C SER N 50 -39.54 -1.50 13.08
N ASP N 51 -39.15 -0.65 12.13
CA ASP N 51 -38.10 -1.02 11.18
C ASP N 51 -36.83 -1.44 11.91
N ILE N 52 -36.46 -0.72 12.97
CA ILE N 52 -35.23 -1.01 13.71
C ILE N 52 -35.31 -2.41 14.32
N VAL N 53 -36.37 -2.66 15.11
CA VAL N 53 -36.43 -3.91 15.86
C VAL N 53 -36.66 -5.10 14.93
N ILE N 54 -37.45 -4.91 13.87
CA ILE N 54 -37.77 -6.02 12.97
C ILE N 54 -36.64 -6.27 12.00
N ASN N 55 -36.18 -5.24 11.30
CA ASN N 55 -35.27 -5.41 10.18
C ASN N 55 -33.80 -5.31 10.58
N ASN N 56 -33.48 -4.78 11.75
CA ASN N 56 -32.11 -4.68 12.22
C ASN N 56 -31.79 -5.57 13.41
N LEU N 57 -32.73 -5.76 14.33
CA LEU N 57 -32.47 -6.46 15.59
C LEU N 57 -33.22 -7.79 15.69
N GLY N 58 -33.86 -8.25 14.63
CA GLY N 58 -34.44 -9.58 14.58
C GLY N 58 -35.54 -9.87 15.58
N ALA N 59 -36.43 -8.91 15.82
CA ALA N 59 -37.54 -9.14 16.74
C ALA N 59 -38.55 -10.11 16.15
N THR N 60 -39.14 -10.93 17.01
CA THR N 60 -40.23 -11.80 16.59
C THR N 60 -41.47 -10.96 16.35
N PRO N 61 -42.45 -11.48 15.59
CA PRO N 61 -43.69 -10.74 15.40
C PRO N 61 -44.39 -10.39 16.71
N GLU N 62 -44.31 -11.27 17.72
CA GLU N 62 -44.90 -10.95 19.02
C GLU N 62 -44.15 -9.80 19.69
N GLN N 63 -42.82 -9.86 19.69
CA GLN N 63 -42.03 -8.77 20.27
C GLN N 63 -42.29 -7.46 19.54
N ALA N 64 -42.39 -7.51 18.21
CA ALA N 64 -42.60 -6.30 17.43
C ALA N 64 -43.98 -5.70 17.68
N LYS N 65 -44.98 -6.54 17.92
CA LYS N 65 -46.32 -6.04 18.22
C LYS N 65 -46.35 -5.34 19.57
N ARG N 66 -45.76 -5.97 20.59
CA ARG N 66 -45.68 -5.34 21.91
C ARG N 66 -44.84 -4.07 21.85
N HIS N 67 -43.77 -4.07 21.06
CA HIS N 67 -42.94 -2.89 20.92
C HIS N 67 -43.67 -1.79 20.15
N LYS N 68 -44.42 -2.16 19.11
CA LYS N 68 -45.16 -1.17 18.34
C LYS N 68 -46.17 -0.43 19.21
N ASP N 69 -46.91 -1.17 20.05
CA ASP N 69 -47.91 -0.54 20.90
C ASP N 69 -47.27 0.47 21.84
N ALA N 70 -46.10 0.14 22.38
CA ALA N 70 -45.45 1.03 23.35
C ALA N 70 -44.95 2.30 22.67
N VAL N 71 -44.36 2.18 21.48
CA VAL N 71 -43.88 3.36 20.76
C VAL N 71 -45.04 4.20 20.28
N GLU N 72 -46.12 3.55 19.81
CA GLU N 72 -47.31 4.26 19.40
C GLU N 72 -47.89 5.09 20.54
N ALA N 73 -48.04 4.47 21.72
CA ALA N 73 -48.57 5.19 22.87
C ALA N 73 -47.62 6.28 23.35
N PHE N 74 -46.32 6.06 23.22
CA PHE N 74 -45.36 7.05 23.69
C PHE N 74 -45.49 8.35 22.91
N PHE N 75 -45.34 8.28 21.57
CA PHE N 75 -45.51 9.48 20.76
C PHE N 75 -46.96 9.93 20.72
N GLY N 76 -47.91 9.00 20.84
CA GLY N 76 -49.30 9.39 20.96
C GLY N 76 -49.56 10.24 22.19
N GLY N 77 -48.82 10.01 23.27
CA GLY N 77 -48.92 10.85 24.45
C GLY N 77 -48.38 12.26 24.23
N ALA N 78 -47.56 12.45 23.20
CA ALA N 78 -47.08 13.77 22.83
C ALA N 78 -47.99 14.47 21.83
N GLY N 79 -49.21 13.95 21.63
CA GLY N 79 -50.16 14.58 20.73
C GLY N 79 -50.05 14.19 19.28
N MET N 80 -49.14 13.27 18.93
CA MET N 80 -49.00 12.84 17.56
C MET N 80 -50.05 11.78 17.22
N LYS N 81 -50.56 11.83 15.99
CA LYS N 81 -51.60 10.91 15.55
C LYS N 81 -51.27 10.41 14.15
N TYR N 82 -51.92 9.32 13.76
CA TYR N 82 -51.73 8.77 12.43
C TYR N 82 -52.41 9.67 11.39
N GLY N 83 -51.73 9.89 10.28
CA GLY N 83 -52.25 10.74 9.23
C GLY N 83 -52.22 12.22 9.52
N VAL N 84 -51.61 12.62 10.64
CA VAL N 84 -51.52 14.02 11.04
C VAL N 84 -50.06 14.41 11.08
N GLU N 85 -49.73 15.53 10.43
CA GLU N 85 -48.37 16.05 10.42
C GLU N 85 -48.21 17.06 11.56
N THR N 86 -47.31 16.76 12.49
CA THR N 86 -47.09 17.59 13.67
C THR N 86 -45.91 18.51 13.43
N ASP N 87 -46.17 19.82 13.35
CA ASP N 87 -45.10 20.79 13.22
C ASP N 87 -44.45 21.07 14.57
N TRP N 88 -43.37 21.84 14.55
CA TRP N 88 -42.63 22.09 15.78
C TRP N 88 -43.45 22.80 16.87
N PRO N 89 -44.27 23.82 16.59
CA PRO N 89 -45.04 24.43 17.69
C PRO N 89 -45.99 23.46 18.38
N ALA N 90 -46.77 22.70 17.60
CA ALA N 90 -47.65 21.70 18.20
C ALA N 90 -46.88 20.54 18.81
N TYR N 91 -45.63 20.34 18.38
CA TYR N 91 -44.83 19.24 18.90
C TYR N 91 -44.31 19.53 20.31
N ILE N 92 -43.69 20.69 20.49
CA ILE N 92 -43.14 21.01 21.81
C ILE N 92 -44.25 21.19 22.84
N GLU N 93 -45.42 21.70 22.41
CA GLU N 93 -46.54 21.81 23.33
C GLU N 93 -47.09 20.44 23.69
N GLY N 94 -47.10 19.51 22.73
CA GLY N 94 -47.48 18.15 23.04
C GLY N 94 -46.49 17.43 23.92
N TRP N 95 -45.21 17.79 23.82
CA TRP N 95 -44.21 17.18 24.69
C TRP N 95 -44.32 17.70 26.11
N LYS N 96 -44.81 18.92 26.30
CA LYS N 96 -45.15 19.38 27.64
C LYS N 96 -46.25 18.52 28.24
N LYS N 97 -47.26 18.19 27.45
CA LYS N 97 -48.32 17.30 27.91
C LYS N 97 -47.79 15.90 28.20
N LEU N 98 -46.91 15.40 27.32
CA LEU N 98 -46.33 14.07 27.54
C LEU N 98 -45.52 14.02 28.83
N ALA N 99 -44.61 14.99 29.01
CA ALA N 99 -43.80 15.01 30.22
C ALA N 99 -44.67 15.20 31.47
N THR N 100 -45.73 16.01 31.36
CA THR N 100 -46.63 16.19 32.50
C THR N 100 -47.33 14.89 32.85
N ASP N 101 -47.91 14.22 31.85
CA ASP N 101 -48.58 12.94 32.10
C ASP N 101 -47.61 11.89 32.63
N GLU N 102 -46.36 11.92 32.15
CA GLU N 102 -45.38 10.94 32.63
C GLU N 102 -44.99 11.23 34.08
N LEU N 103 -44.85 12.51 34.44
CA LEU N 103 -44.51 12.85 35.83
C LEU N 103 -45.64 12.47 36.77
N GLU N 104 -46.89 12.60 36.32
CA GLU N 104 -48.02 12.12 37.11
C GLU N 104 -47.90 10.63 37.38
N LYS N 105 -47.49 9.86 36.35
CA LYS N 105 -47.37 8.41 36.51
C LYS N 105 -46.19 8.04 37.40
N TYR N 106 -45.05 8.75 37.26
CA TYR N 106 -43.95 8.58 38.20
C TYR N 106 -44.42 8.82 39.64
N ALA N 107 -45.11 9.94 39.86
CA ALA N 107 -45.54 10.31 41.20
C ALA N 107 -46.56 9.32 41.75
N LYS N 108 -47.53 8.92 40.93
CA LYS N 108 -48.53 7.94 41.34
C LYS N 108 -48.00 6.51 41.31
N ASN N 109 -46.73 6.33 40.98
CA ASN N 109 -46.13 4.99 40.86
C ASN N 109 -46.89 4.12 39.86
N GLU N 110 -47.40 4.75 38.79
CA GLU N 110 -48.04 4.12 37.65
C GLU N 110 -46.98 3.77 36.60
N PRO N 111 -47.13 2.64 35.91
CA PRO N 111 -46.21 2.32 34.81
C PRO N 111 -46.22 3.42 33.77
N THR N 112 -45.05 4.03 33.56
CA THR N 112 -44.92 5.13 32.62
C THR N 112 -44.84 4.62 31.19
N LEU N 113 -45.14 5.51 30.25
CA LEU N 113 -45.00 5.16 28.84
C LEU N 113 -43.56 4.85 28.48
N ILE N 114 -42.60 5.53 29.12
CA ILE N 114 -41.20 5.31 28.79
C ILE N 114 -40.70 3.99 29.39
N ARG N 115 -41.28 3.57 30.52
CA ARG N 115 -40.91 2.27 31.08
C ARG N 115 -41.48 1.13 30.24
N ILE N 116 -42.71 1.29 29.75
CA ILE N 116 -43.33 0.26 28.92
C ILE N 116 -42.56 0.09 27.61
N TRP N 117 -42.13 1.20 27.01
CA TRP N 117 -41.30 1.11 25.81
C TRP N 117 -40.00 0.39 26.11
N GLY N 118 -39.34 0.75 27.21
CA GLY N 118 -38.08 0.11 27.55
C GLY N 118 -38.20 -1.38 27.76
N ASP N 119 -39.21 -1.81 28.51
CA ASP N 119 -39.39 -3.24 28.76
C ASP N 119 -39.65 -3.99 27.46
N ALA N 120 -40.48 -3.43 26.57
CA ALA N 120 -40.72 -4.07 25.28
C ALA N 120 -39.51 -4.00 24.37
N LEU N 121 -38.73 -2.92 24.46
CA LEU N 121 -37.54 -2.80 23.64
C LEU N 121 -36.41 -3.70 24.14
N PHE N 122 -36.15 -3.67 25.45
CA PHE N 122 -35.03 -4.45 25.99
C PHE N 122 -35.28 -5.95 25.88
N ASP N 123 -36.53 -6.39 25.78
CA ASP N 123 -36.78 -7.80 25.52
C ASP N 123 -36.25 -8.20 24.15
N ILE N 124 -36.18 -7.26 23.22
CA ILE N 124 -35.64 -7.51 21.88
C ILE N 124 -34.13 -7.33 21.86
N VAL N 125 -33.64 -6.20 22.38
CA VAL N 125 -32.22 -5.89 22.31
C VAL N 125 -31.40 -6.89 23.11
N ASP N 126 -31.96 -7.42 24.20
CA ASP N 126 -31.30 -8.45 24.98
C ASP N 126 -31.60 -9.81 24.40
N LYS N 127 -30.56 -10.51 23.95
CA LYS N 127 -30.75 -11.83 23.35
C LYS N 127 -31.29 -12.83 24.37
N ASP N 128 -30.91 -12.70 25.64
CA ASP N 128 -31.38 -13.60 26.68
C ASP N 128 -32.80 -13.31 27.13
N GLN N 129 -33.36 -12.15 26.76
CA GLN N 129 -34.72 -11.78 27.10
C GLN N 129 -34.94 -11.75 28.61
N ASN N 130 -33.99 -11.17 29.34
CA ASN N 130 -34.10 -10.99 30.78
C ASN N 130 -34.19 -9.53 31.18
N GLY N 131 -34.32 -8.62 30.22
CA GLY N 131 -34.45 -7.21 30.53
C GLY N 131 -33.15 -6.52 30.86
N ALA N 132 -32.03 -7.01 30.33
CA ALA N 132 -30.72 -6.42 30.59
C ALA N 132 -29.88 -6.53 29.33
N ILE N 133 -29.41 -5.39 28.83
CA ILE N 133 -28.65 -5.35 27.58
C ILE N 133 -27.21 -5.00 27.87
N THR N 134 -26.31 -5.52 27.04
CA THR N 134 -24.89 -5.24 27.19
C THR N 134 -24.54 -3.92 26.50
N LEU N 135 -23.26 -3.54 26.56
CA LEU N 135 -22.81 -2.34 25.87
C LEU N 135 -22.87 -2.51 24.36
N ASP N 136 -22.45 -3.67 23.86
CA ASP N 136 -22.53 -3.93 22.42
C ASP N 136 -23.97 -3.88 21.94
N GLU N 137 -24.89 -4.46 22.71
CA GLU N 137 -26.31 -4.40 22.35
C GLU N 137 -26.84 -2.98 22.41
N TRP N 138 -26.40 -2.19 23.39
CA TRP N 138 -26.76 -0.78 23.44
C TRP N 138 -26.22 -0.04 22.22
N LYS N 139 -24.96 -0.30 21.86
CA LYS N 139 -24.43 0.24 20.61
C LYS N 139 -25.25 -0.22 19.42
N ALA N 140 -25.65 -1.50 19.41
CA ALA N 140 -26.39 -2.04 18.28
C ALA N 140 -27.71 -1.29 18.06
N TYR N 141 -28.44 -1.01 19.15
CA TYR N 141 -29.73 -0.35 18.98
C TYR N 141 -29.56 1.13 18.65
N THR N 142 -28.80 1.87 19.48
CA THR N 142 -28.71 3.31 19.31
C THR N 142 -28.10 3.70 17.98
N LYS N 143 -27.17 2.90 17.45
CA LYS N 143 -26.64 3.17 16.13
C LYS N 143 -27.65 2.83 15.03
N ALA N 144 -28.46 1.80 15.26
CA ALA N 144 -29.52 1.49 14.30
C ALA N 144 -30.60 2.57 14.31
N ALA N 145 -30.94 3.09 15.49
CA ALA N 145 -31.89 4.20 15.56
C ALA N 145 -31.28 5.49 15.04
N GLY N 146 -29.96 5.62 15.11
CA GLY N 146 -29.28 6.85 14.74
C GLY N 146 -29.21 7.89 15.84
N ILE N 147 -29.83 7.64 16.99
CA ILE N 147 -29.80 8.61 18.08
C ILE N 147 -28.37 8.79 18.59
N ILE N 148 -27.54 7.76 18.48
CA ILE N 148 -26.12 7.84 18.80
C ILE N 148 -25.33 7.33 17.61
N GLN N 149 -24.31 8.09 17.20
CA GLN N 149 -23.46 7.74 16.07
C GLN N 149 -22.14 7.11 16.47
N SER N 150 -21.48 7.64 17.50
CA SER N 150 -20.16 7.20 17.89
C SER N 150 -20.23 6.22 19.08
N SER N 151 -19.26 5.31 19.13
CA SER N 151 -19.23 4.31 20.19
C SER N 151 -18.87 4.91 21.54
N GLU N 152 -18.21 6.07 21.57
CA GLU N 152 -17.85 6.69 22.83
C GLU N 152 -19.09 7.22 23.55
N ASP N 153 -20.08 7.71 22.80
CA ASP N 153 -21.31 8.18 23.42
C ASP N 153 -22.10 7.04 24.04
N CYS N 154 -22.05 5.84 23.43
CA CYS N 154 -22.70 4.69 24.02
C CYS N 154 -22.05 4.29 25.34
N GLU N 155 -20.71 4.37 25.40
CA GLU N 155 -20.02 4.10 26.66
C GLU N 155 -20.28 5.18 27.69
N GLU N 156 -20.61 6.39 27.25
CA GLU N 156 -20.99 7.46 28.17
C GLU N 156 -22.30 7.14 28.86
N THR N 157 -23.19 6.40 28.18
CA THR N 157 -24.44 5.98 28.81
C THR N 157 -24.17 5.08 30.01
N PHE N 158 -23.29 4.10 29.85
CA PHE N 158 -22.97 3.19 30.94
C PHE N 158 -22.25 3.91 32.07
N ARG N 159 -21.52 5.00 31.76
CA ARG N 159 -20.85 5.76 32.80
C ARG N 159 -21.84 6.56 33.63
N VAL N 160 -22.87 7.11 32.99
CA VAL N 160 -23.87 7.88 33.72
C VAL N 160 -24.73 6.95 34.57
N CYS N 161 -25.04 5.76 34.07
CA CYS N 161 -25.82 4.78 34.83
C CYS N 161 -25.01 4.07 35.89
N ASP N 162 -23.71 4.34 35.99
CA ASP N 162 -22.82 3.73 36.97
C ASP N 162 -22.84 2.20 36.86
N ILE N 163 -22.51 1.74 35.65
CA ILE N 163 -22.43 0.31 35.37
C ILE N 163 -21.19 0.04 34.53
N ASP N 164 -20.59 -1.12 34.74
CA ASP N 164 -19.38 -1.50 34.03
C ASP N 164 -19.67 -1.75 32.56
N GLU N 165 -18.63 -1.62 31.74
CA GLU N 165 -18.77 -1.88 30.31
C GLU N 165 -19.12 -3.32 30.02
N SER N 166 -18.68 -4.25 30.88
CA SER N 166 -19.08 -5.64 30.76
C SER N 166 -20.42 -5.92 31.43
N GLY N 167 -20.85 -5.06 32.35
CA GLY N 167 -22.14 -5.20 32.97
C GLY N 167 -23.28 -4.91 31.99
N GLN N 168 -24.49 -5.02 32.51
CA GLN N 168 -25.69 -4.85 31.69
C GLN N 168 -26.53 -3.70 32.22
N LEU N 169 -27.30 -3.10 31.32
CA LEU N 169 -28.22 -2.02 31.64
C LEU N 169 -29.64 -2.53 31.60
N ASP N 170 -30.42 -2.23 32.64
CA ASP N 170 -31.81 -2.66 32.72
C ASP N 170 -32.74 -1.46 32.57
N VAL N 171 -34.02 -1.77 32.33
CA VAL N 171 -35.03 -0.74 32.12
C VAL N 171 -35.27 0.06 33.41
N ASP N 172 -35.14 -0.59 34.56
CA ASP N 172 -35.34 0.12 35.83
C ASP N 172 -34.36 1.28 35.97
N GLU N 173 -33.08 1.02 35.75
CA GLU N 173 -32.09 2.09 35.85
C GLU N 173 -32.25 3.10 34.73
N MET N 174 -32.60 2.64 33.53
CA MET N 174 -32.76 3.56 32.41
C MET N 174 -34.03 4.40 32.56
N THR N 175 -35.06 3.84 33.19
CA THR N 175 -36.27 4.62 33.46
C THR N 175 -35.98 5.76 34.43
N ARG N 176 -35.10 5.52 35.41
CA ARG N 176 -34.68 6.60 36.31
C ARG N 176 -33.90 7.67 35.56
N GLN N 177 -32.98 7.25 34.69
CA GLN N 177 -32.20 8.21 33.92
C GLN N 177 -33.08 9.01 32.97
N HIS N 178 -34.03 8.34 32.32
CA HIS N 178 -34.92 9.03 31.38
C HIS N 178 -35.85 10.00 32.10
N LEU N 179 -36.17 9.73 33.36
CA LEU N 179 -36.95 10.68 34.15
C LEU N 179 -36.25 12.04 34.21
N GLY N 180 -34.94 12.05 34.44
CA GLY N 180 -34.22 13.29 34.55
C GLY N 180 -33.71 13.84 33.24
N PHE N 181 -33.63 13.00 32.21
CA PHE N 181 -33.04 13.43 30.95
C PHE N 181 -34.09 13.97 29.98
N TRP N 182 -35.22 13.27 29.83
CA TRP N 182 -36.25 13.72 28.91
C TRP N 182 -37.29 14.62 29.57
N TYR N 183 -37.49 14.50 30.89
CA TYR N 183 -38.64 15.10 31.55
C TYR N 183 -38.30 16.28 32.45
N THR N 184 -37.32 16.15 33.34
CA THR N 184 -37.12 17.14 34.39
C THR N 184 -35.78 17.88 34.34
N MET N 185 -34.93 17.59 33.37
CA MET N 185 -33.63 18.25 33.24
C MET N 185 -32.80 18.10 34.51
N ASP N 186 -32.70 16.87 34.99
CA ASP N 186 -31.88 16.59 36.16
C ASP N 186 -30.41 16.72 35.81
N PRO N 187 -29.65 17.59 36.50
CA PRO N 187 -28.22 17.70 36.20
C PRO N 187 -27.46 16.39 36.34
N ALA N 188 -27.92 15.48 37.20
CA ALA N 188 -27.26 14.19 37.36
C ALA N 188 -27.47 13.25 36.19
N CYS N 189 -28.36 13.59 35.26
CA CYS N 189 -28.64 12.76 34.10
C CYS N 189 -28.06 13.32 32.81
N GLU N 190 -27.22 14.35 32.91
CA GLU N 190 -26.59 14.92 31.71
C GLU N 190 -25.68 13.90 31.05
N LYS N 191 -25.52 14.05 29.73
CA LYS N 191 -24.68 13.17 28.92
C LYS N 191 -25.14 11.71 28.98
N LEU N 192 -26.45 11.49 29.18
CA LEU N 192 -26.97 10.14 29.16
C LEU N 192 -26.78 9.47 27.81
N TYR N 193 -26.81 10.26 26.73
CA TYR N 193 -26.52 9.77 25.39
C TYR N 193 -25.23 10.38 24.84
N GLY N 194 -24.28 10.71 25.73
CA GLY N 194 -23.03 11.32 25.35
C GLY N 194 -23.24 12.69 24.73
N GLY N 195 -22.40 13.00 23.74
CA GLY N 195 -22.54 14.25 23.01
C GLY N 195 -23.56 14.22 21.91
N ALA N 196 -24.19 13.06 21.66
CA ALA N 196 -25.15 12.94 20.58
C ALA N 196 -26.42 13.74 20.84
N VAL N 197 -26.80 13.90 22.11
CA VAL N 197 -28.01 14.60 22.48
C VAL N 197 -27.67 15.69 23.48
N PRO N 198 -27.92 16.97 23.18
CA PRO N 198 -27.65 18.10 24.09
C PRO N 198 -28.53 18.02 25.33
N HIS O 7 20.92 -8.43 -14.63
CA HIS O 7 21.85 -8.02 -15.67
C HIS O 7 22.87 -9.13 -15.95
N HIS O 8 23.32 -9.20 -17.19
CA HIS O 8 24.25 -10.24 -17.64
C HIS O 8 25.68 -9.75 -17.43
N HIS O 9 26.38 -10.35 -16.46
CA HIS O 9 27.77 -10.02 -16.21
C HIS O 9 28.73 -10.97 -16.93
N GLY O 10 28.27 -12.16 -17.31
CA GLY O 10 29.13 -13.11 -17.97
C GLY O 10 28.38 -14.40 -18.22
N LYS O 11 29.11 -15.39 -18.73
CA LYS O 11 28.55 -16.68 -19.08
C LYS O 11 29.45 -17.78 -18.55
N LEU O 12 28.87 -18.73 -17.81
CA LEU O 12 29.61 -19.84 -17.23
C LEU O 12 29.23 -21.19 -17.82
N THR O 13 28.40 -21.21 -18.85
CA THR O 13 28.00 -22.45 -19.49
C THR O 13 28.87 -22.70 -20.71
N SER O 14 29.34 -23.94 -20.86
CA SER O 14 30.12 -24.30 -22.03
C SER O 14 29.23 -24.40 -23.27
N ASP O 15 29.87 -24.37 -24.43
CA ASP O 15 29.17 -24.45 -25.70
C ASP O 15 30.06 -25.19 -26.69
N PHE O 16 30.46 -26.41 -26.32
CA PHE O 16 31.48 -27.14 -27.06
C PHE O 16 30.97 -27.68 -28.39
N ASP O 17 29.65 -27.84 -28.56
CA ASP O 17 29.09 -28.31 -29.82
C ASP O 17 28.85 -27.18 -30.81
N ASN O 18 28.94 -25.93 -30.38
CA ASN O 18 28.85 -24.80 -31.30
C ASN O 18 29.98 -24.88 -32.31
N PRO O 19 29.70 -24.96 -33.61
CA PRO O 19 30.78 -25.03 -34.60
C PRO O 19 31.70 -23.83 -34.59
N ARG O 20 31.24 -22.66 -34.12
CA ARG O 20 32.14 -21.52 -34.02
C ARG O 20 33.13 -21.67 -32.87
N TRP O 21 32.76 -22.42 -31.83
CA TRP O 21 33.76 -22.73 -30.79
C TRP O 21 34.82 -23.68 -31.33
N ILE O 22 34.38 -24.70 -32.06
CA ILE O 22 35.34 -25.59 -32.70
C ILE O 22 36.17 -24.83 -33.73
N GLY O 23 35.52 -24.01 -34.54
CA GLY O 23 36.23 -23.25 -35.57
C GLY O 23 37.15 -22.19 -35.02
N ARG O 24 36.81 -21.60 -33.87
CA ARG O 24 37.70 -20.61 -33.26
C ARG O 24 39.01 -21.24 -32.85
N HIS O 25 38.95 -22.36 -32.14
CA HIS O 25 40.17 -23.07 -31.76
C HIS O 25 40.80 -23.82 -32.91
N LYS O 26 40.02 -24.13 -33.96
CA LYS O 26 40.61 -24.67 -35.17
C LYS O 26 41.46 -23.63 -35.88
N HIS O 27 40.96 -22.40 -35.98
CA HIS O 27 41.76 -21.29 -36.50
C HIS O 27 43.03 -21.12 -35.68
N MET O 28 42.90 -21.14 -34.35
CA MET O 28 44.09 -21.01 -33.50
C MET O 28 45.04 -22.18 -33.68
N PHE O 29 44.50 -23.39 -33.87
CA PHE O 29 45.35 -24.56 -34.07
C PHE O 29 46.20 -24.41 -35.33
N ASN O 30 45.57 -23.99 -36.43
CA ASN O 30 46.31 -23.80 -37.67
C ASN O 30 47.28 -22.63 -37.57
N PHE O 31 46.91 -21.60 -36.82
CA PHE O 31 47.83 -20.49 -36.58
C PHE O 31 49.07 -20.95 -35.82
N LEU O 32 48.87 -21.85 -34.83
CA LEU O 32 50.01 -22.36 -34.07
C LEU O 32 50.82 -23.38 -34.87
N ASP O 33 50.19 -24.07 -35.82
CA ASP O 33 50.86 -25.08 -36.63
C ASP O 33 51.54 -24.41 -37.83
N VAL O 34 52.62 -23.68 -37.52
CA VAL O 34 53.26 -22.85 -38.54
C VAL O 34 53.92 -23.71 -39.62
N ASN O 35 54.32 -24.93 -39.29
CA ASN O 35 55.00 -25.79 -40.24
C ASN O 35 54.06 -26.80 -40.90
N HIS O 36 52.75 -26.66 -40.68
CA HIS O 36 51.73 -27.46 -41.37
C HIS O 36 51.97 -28.95 -41.15
N ASN O 37 52.27 -29.33 -39.92
CA ASN O 37 52.41 -30.73 -39.54
C ASN O 37 51.10 -31.36 -39.09
N GLY O 38 50.05 -30.56 -38.89
CA GLY O 38 48.81 -31.06 -38.34
C GLY O 38 48.97 -31.48 -36.89
N LYS O 39 50.09 -31.07 -36.29
CA LYS O 39 50.42 -31.43 -34.92
C LYS O 39 51.23 -30.31 -34.29
N ILE O 40 50.96 -30.02 -33.02
CA ILE O 40 51.76 -29.07 -32.25
C ILE O 40 52.10 -29.71 -30.91
N SER O 41 53.23 -29.31 -30.35
CA SER O 41 53.73 -29.84 -29.10
C SER O 41 53.84 -28.72 -28.07
N LEU O 42 53.82 -29.12 -26.79
CA LEU O 42 54.02 -28.15 -25.72
C LEU O 42 55.38 -27.47 -25.85
N ASP O 43 56.39 -28.22 -26.33
CA ASP O 43 57.69 -27.63 -26.58
C ASP O 43 57.59 -26.41 -27.50
N GLU O 44 56.87 -26.58 -28.62
CA GLU O 44 56.73 -25.49 -29.58
C GLU O 44 55.96 -24.32 -28.99
N MET O 45 54.93 -24.60 -28.20
CA MET O 45 54.09 -23.53 -27.66
C MET O 45 54.85 -22.72 -26.62
N VAL O 46 55.50 -23.39 -25.66
CA VAL O 46 56.27 -22.67 -24.66
C VAL O 46 57.47 -21.98 -25.28
N TYR O 47 58.04 -22.54 -26.35
CA TYR O 47 59.11 -21.85 -27.05
C TYR O 47 58.63 -20.53 -27.64
N LYS O 48 57.53 -20.58 -28.40
CA LYS O 48 56.97 -19.39 -29.00
C LYS O 48 56.63 -18.35 -27.93
N ALA O 49 56.01 -18.78 -26.83
CA ALA O 49 55.61 -17.85 -25.77
C ALA O 49 56.81 -17.18 -25.15
N SER O 50 57.85 -17.95 -24.83
CA SER O 50 59.05 -17.37 -24.21
C SER O 50 59.89 -16.58 -25.20
N ASP O 51 59.87 -16.96 -26.48
CA ASP O 51 60.61 -16.21 -27.49
C ASP O 51 60.09 -14.78 -27.59
N ILE O 52 58.78 -14.59 -27.45
CA ILE O 52 58.19 -13.26 -27.55
C ILE O 52 58.66 -12.38 -26.39
N VAL O 53 58.53 -12.89 -25.16
CA VAL O 53 58.78 -12.02 -24.02
C VAL O 53 60.28 -11.76 -23.81
N ILE O 54 61.13 -12.73 -24.14
CA ILE O 54 62.56 -12.56 -23.91
C ILE O 54 63.20 -11.77 -25.06
N ASN O 55 62.91 -12.15 -26.30
CA ASN O 55 63.64 -11.63 -27.44
C ASN O 55 62.93 -10.47 -28.14
N ASN O 56 61.63 -10.28 -27.90
CA ASN O 56 60.90 -9.16 -28.50
C ASN O 56 60.49 -8.10 -27.48
N LEU O 57 60.09 -8.50 -26.27
CA LEU O 57 59.56 -7.57 -25.28
C LEU O 57 60.53 -7.29 -24.15
N GLY O 58 61.72 -7.91 -24.15
CA GLY O 58 62.75 -7.59 -23.18
C GLY O 58 62.41 -7.92 -21.74
N ALA O 59 61.89 -9.11 -21.50
CA ALA O 59 61.56 -9.54 -20.15
C ALA O 59 62.81 -9.94 -19.39
N THR O 60 62.82 -9.64 -18.09
CA THR O 60 63.89 -10.09 -17.23
C THR O 60 63.80 -11.60 -17.04
N PRO O 61 64.90 -12.26 -16.64
CA PRO O 61 64.83 -13.71 -16.41
C PRO O 61 63.79 -14.10 -15.39
N GLU O 62 63.50 -13.24 -14.41
CA GLU O 62 62.45 -13.54 -13.45
C GLU O 62 61.07 -13.39 -14.08
N GLN O 63 60.86 -12.32 -14.86
CA GLN O 63 59.60 -12.15 -15.57
C GLN O 63 59.37 -13.30 -16.55
N ALA O 64 60.42 -13.71 -17.26
CA ALA O 64 60.28 -14.77 -18.24
C ALA O 64 59.98 -16.12 -17.59
N LYS O 65 60.47 -16.34 -16.37
CA LYS O 65 60.20 -17.58 -15.67
C LYS O 65 58.75 -17.64 -15.20
N ARG O 66 58.25 -16.55 -14.62
CA ARG O 66 56.86 -16.50 -14.19
C ARG O 66 55.91 -16.63 -15.38
N HIS O 67 56.27 -16.01 -16.50
CA HIS O 67 55.46 -16.11 -17.71
C HIS O 67 55.52 -17.52 -18.29
N LYS O 68 56.70 -18.15 -18.24
CA LYS O 68 56.86 -19.49 -18.81
C LYS O 68 55.98 -20.51 -18.08
N ASP O 69 55.98 -20.45 -16.75
CA ASP O 69 55.15 -21.37 -15.97
C ASP O 69 53.67 -21.20 -16.30
N ALA O 70 53.24 -19.96 -16.53
CA ALA O 70 51.82 -19.70 -16.78
C ALA O 70 51.40 -20.23 -18.14
N VAL O 71 52.19 -19.99 -19.18
CA VAL O 71 51.88 -20.53 -20.51
C VAL O 71 51.96 -22.05 -20.48
N GLU O 72 52.96 -22.58 -19.77
CA GLU O 72 53.12 -24.04 -19.68
C GLU O 72 51.91 -24.69 -19.03
N ALA O 73 51.43 -24.11 -17.93
CA ALA O 73 50.24 -24.64 -17.27
C ALA O 73 48.99 -24.45 -18.11
N PHE O 74 48.97 -23.41 -18.96
CA PHE O 74 47.78 -23.12 -19.75
C PHE O 74 47.59 -24.16 -20.85
N PHE O 75 48.59 -24.33 -21.71
CA PHE O 75 48.49 -25.35 -22.76
C PHE O 75 48.51 -26.75 -22.15
N GLY O 76 49.25 -26.93 -21.06
CA GLY O 76 49.20 -28.19 -20.35
C GLY O 76 47.79 -28.54 -19.87
N GLY O 77 47.02 -27.51 -19.48
CA GLY O 77 45.64 -27.73 -19.11
C GLY O 77 44.78 -28.24 -20.26
N ALA O 78 45.21 -28.01 -21.50
CA ALA O 78 44.55 -28.56 -22.67
C ALA O 78 45.13 -29.91 -23.09
N GLY O 79 45.85 -30.58 -22.20
CA GLY O 79 46.36 -31.91 -22.46
C GLY O 79 47.70 -31.98 -23.15
N MET O 80 48.24 -30.85 -23.60
CA MET O 80 49.52 -30.87 -24.30
C MET O 80 50.65 -31.17 -23.32
N LYS O 81 51.64 -31.93 -23.79
CA LYS O 81 52.76 -32.36 -22.97
C LYS O 81 54.05 -32.21 -23.74
N TYR O 82 55.15 -32.09 -22.99
CA TYR O 82 56.47 -32.05 -23.62
C TYR O 82 56.79 -33.39 -24.27
N GLY O 83 57.35 -33.34 -25.47
CA GLY O 83 57.67 -34.53 -26.22
C GLY O 83 56.49 -35.20 -26.91
N VAL O 84 55.29 -34.65 -26.79
CA VAL O 84 54.09 -35.22 -27.39
C VAL O 84 53.63 -34.29 -28.51
N GLU O 85 53.35 -34.87 -29.67
CA GLU O 85 52.78 -34.14 -30.79
C GLU O 85 51.27 -34.27 -30.72
N THR O 86 50.59 -33.16 -30.45
CA THR O 86 49.13 -33.15 -30.30
C THR O 86 48.48 -32.89 -31.66
N ASP O 87 47.71 -33.85 -32.16
CA ASP O 87 46.99 -33.61 -33.39
C ASP O 87 45.70 -32.85 -33.08
N TRP O 88 44.96 -32.51 -34.14
CA TRP O 88 43.75 -31.70 -33.96
C TRP O 88 42.72 -32.39 -33.07
N PRO O 89 42.35 -33.67 -33.26
CA PRO O 89 41.33 -34.25 -32.38
C PRO O 89 41.72 -34.28 -30.91
N ALA O 90 42.96 -34.68 -30.60
CA ALA O 90 43.43 -34.60 -29.22
C ALA O 90 43.42 -33.17 -28.72
N TYR O 91 43.71 -32.22 -29.61
CA TYR O 91 43.77 -30.81 -29.23
C TYR O 91 42.39 -30.31 -28.79
N ILE O 92 41.38 -30.48 -29.65
CA ILE O 92 40.06 -29.95 -29.34
C ILE O 92 39.42 -30.70 -28.17
N GLU O 93 39.74 -31.99 -28.02
CA GLU O 93 39.29 -32.73 -26.85
C GLU O 93 39.95 -32.20 -25.59
N GLY O 94 41.25 -31.94 -25.64
CA GLY O 94 41.93 -31.32 -24.52
C GLY O 94 41.40 -29.94 -24.20
N TRP O 95 40.96 -29.20 -25.22
CA TRP O 95 40.44 -27.86 -24.97
C TRP O 95 39.07 -27.89 -24.30
N LYS O 96 38.28 -28.94 -24.53
CA LYS O 96 37.07 -29.12 -23.74
C LYS O 96 37.40 -29.29 -22.27
N LYS O 97 38.46 -30.05 -21.97
CA LYS O 97 38.90 -30.22 -20.58
C LYS O 97 39.40 -28.92 -20.00
N LEU O 98 40.24 -28.19 -20.75
CA LEU O 98 40.74 -26.90 -20.28
C LEU O 98 39.58 -25.96 -19.97
N ALA O 99 38.63 -25.84 -20.90
CA ALA O 99 37.48 -24.96 -20.67
C ALA O 99 36.68 -25.42 -19.46
N THR O 100 36.49 -26.72 -19.29
CA THR O 100 35.76 -27.23 -18.14
C THR O 100 36.47 -26.90 -16.84
N ASP O 101 37.77 -27.19 -16.77
CA ASP O 101 38.52 -26.90 -15.56
C ASP O 101 38.56 -25.41 -15.25
N GLU O 102 38.68 -24.58 -16.30
CA GLU O 102 38.68 -23.13 -16.09
C GLU O 102 37.34 -22.63 -15.59
N LEU O 103 36.25 -23.11 -16.19
CA LEU O 103 34.92 -22.67 -15.75
C LEU O 103 34.64 -23.04 -14.31
N GLU O 104 35.14 -24.18 -13.84
CA GLU O 104 35.03 -24.51 -12.43
C GLU O 104 35.80 -23.52 -11.57
N LYS O 105 36.95 -23.04 -12.06
CA LYS O 105 37.71 -22.05 -11.33
C LYS O 105 36.99 -20.71 -11.30
N TYR O 106 36.36 -20.33 -12.41
CA TYR O 106 35.53 -19.12 -12.43
C TYR O 106 34.43 -19.21 -11.38
N ALA O 107 33.73 -20.34 -11.34
CA ALA O 107 32.60 -20.49 -10.41
C ALA O 107 33.07 -20.40 -8.96
N LYS O 108 34.18 -21.07 -8.63
CA LYS O 108 34.72 -21.04 -7.28
C LYS O 108 35.48 -19.76 -6.97
N ASN O 109 35.57 -18.83 -7.92
CA ASN O 109 36.37 -17.60 -7.76
C ASN O 109 37.82 -17.94 -7.44
N GLU O 110 38.34 -19.02 -8.08
CA GLU O 110 39.73 -19.42 -8.04
C GLU O 110 40.50 -18.76 -9.18
N PRO O 111 41.77 -18.44 -8.97
CA PRO O 111 42.57 -17.87 -10.07
C PRO O 111 42.67 -18.84 -11.24
N THR O 112 42.11 -18.44 -12.38
CA THR O 112 42.12 -19.29 -13.55
C THR O 112 43.51 -19.29 -14.19
N LEU O 113 43.73 -20.25 -15.08
CA LEU O 113 44.99 -20.32 -15.80
C LEU O 113 45.15 -19.14 -16.76
N ILE O 114 44.05 -18.62 -17.30
CA ILE O 114 44.13 -17.52 -18.24
C ILE O 114 44.38 -16.19 -17.53
N ARG O 115 43.94 -16.07 -16.27
CA ARG O 115 44.30 -14.88 -15.50
C ARG O 115 45.77 -14.90 -15.12
N ILE O 116 46.26 -16.06 -14.67
CA ILE O 116 47.64 -16.18 -14.23
C ILE O 116 48.58 -15.88 -15.39
N TRP O 117 48.23 -16.33 -16.60
CA TRP O 117 49.00 -15.95 -17.78
C TRP O 117 48.93 -14.46 -18.02
N GLY O 118 47.74 -13.87 -17.90
CA GLY O 118 47.58 -12.45 -18.15
C GLY O 118 48.42 -11.59 -17.20
N ASP O 119 48.37 -11.92 -15.91
CA ASP O 119 49.14 -11.15 -14.92
C ASP O 119 50.64 -11.23 -15.20
N ALA O 120 51.14 -12.43 -15.50
CA ALA O 120 52.56 -12.58 -15.78
C ALA O 120 52.96 -11.90 -17.09
N LEU O 121 52.05 -11.87 -18.06
CA LEU O 121 52.36 -11.26 -19.35
C LEU O 121 52.26 -9.73 -19.29
N PHE O 122 51.19 -9.22 -18.68
CA PHE O 122 51.01 -7.78 -18.61
C PHE O 122 52.08 -7.09 -17.77
N ASP O 123 52.77 -7.84 -16.90
CA ASP O 123 53.90 -7.28 -16.18
C ASP O 123 55.07 -7.03 -17.13
N ILE O 124 55.20 -7.84 -18.18
CA ILE O 124 56.26 -7.64 -19.16
C ILE O 124 55.86 -6.59 -20.19
N VAL O 125 54.62 -6.64 -20.68
CA VAL O 125 54.19 -5.75 -21.74
C VAL O 125 54.09 -4.32 -21.22
N ASP O 126 53.59 -4.15 -20.00
CA ASP O 126 53.50 -2.81 -19.41
C ASP O 126 54.87 -2.38 -18.91
N LYS O 127 55.37 -1.26 -19.45
CA LYS O 127 56.68 -0.77 -19.02
C LYS O 127 56.63 -0.22 -17.60
N ASP O 128 55.49 0.29 -17.17
CA ASP O 128 55.32 0.73 -15.79
C ASP O 128 55.13 -0.44 -14.84
N GLN O 129 54.69 -1.60 -15.35
CA GLN O 129 54.54 -2.83 -14.57
C GLN O 129 53.51 -2.67 -13.45
N ASN O 130 52.33 -2.16 -13.82
CA ASN O 130 51.22 -2.04 -12.88
C ASN O 130 49.98 -2.79 -13.37
N GLY O 131 50.14 -3.71 -14.31
CA GLY O 131 49.03 -4.53 -14.78
C GLY O 131 48.08 -3.84 -15.72
N ALA O 132 48.55 -2.83 -16.45
CA ALA O 132 47.72 -2.14 -17.44
C ALA O 132 48.59 -1.74 -18.61
N ILE O 133 48.17 -2.08 -19.83
CA ILE O 133 48.97 -1.84 -21.01
C ILE O 133 48.24 -0.87 -21.94
N THR O 134 49.02 -0.08 -22.67
CA THR O 134 48.47 0.89 -23.61
C THR O 134 48.12 0.20 -24.93
N LEU O 135 47.55 0.98 -25.84
CA LEU O 135 47.18 0.44 -27.16
C LEU O 135 48.42 0.04 -27.95
N ASP O 136 49.47 0.86 -27.94
CA ASP O 136 50.69 0.51 -28.64
C ASP O 136 51.34 -0.73 -28.04
N GLU O 137 51.25 -0.89 -26.71
CA GLU O 137 51.84 -2.07 -26.08
C GLU O 137 51.04 -3.33 -26.42
N TRP O 138 49.72 -3.22 -26.49
CA TRP O 138 48.90 -4.35 -26.94
C TRP O 138 49.17 -4.63 -28.42
N LYS O 139 49.33 -3.59 -29.23
CA LYS O 139 49.71 -3.78 -30.63
C LYS O 139 51.05 -4.50 -30.73
N ALA O 140 52.01 -4.13 -29.89
CA ALA O 140 53.34 -4.72 -29.98
C ALA O 140 53.31 -6.21 -29.65
N TYR O 141 52.63 -6.59 -28.57
CA TYR O 141 52.61 -8.00 -28.19
C TYR O 141 51.88 -8.84 -29.24
N THR O 142 50.65 -8.44 -29.58
CA THR O 142 49.84 -9.27 -30.48
C THR O 142 50.47 -9.37 -31.87
N LYS O 143 51.14 -8.31 -32.33
CA LYS O 143 51.88 -8.40 -33.59
C LYS O 143 53.10 -9.31 -33.45
N ALA O 144 53.79 -9.23 -32.31
CA ALA O 144 54.92 -10.11 -32.08
C ALA O 144 54.48 -11.56 -31.98
N ALA O 145 53.36 -11.81 -31.29
CA ALA O 145 52.81 -13.16 -31.23
C ALA O 145 52.27 -13.60 -32.58
N GLY O 146 51.77 -12.66 -33.39
CA GLY O 146 51.14 -12.99 -34.65
C GLY O 146 49.67 -13.32 -34.56
N ILE O 147 49.08 -13.28 -33.36
CA ILE O 147 47.66 -13.53 -33.22
C ILE O 147 46.86 -12.41 -33.89
N ILE O 148 47.44 -11.22 -33.98
CA ILE O 148 46.86 -10.09 -34.72
C ILE O 148 47.92 -9.57 -35.67
N GLN O 149 47.52 -9.29 -36.91
CA GLN O 149 48.43 -8.79 -37.93
C GLN O 149 48.28 -7.29 -38.16
N SER O 150 47.05 -6.81 -38.37
CA SER O 150 46.81 -5.40 -38.65
C SER O 150 46.46 -4.65 -37.38
N SER O 151 46.87 -3.38 -37.34
CA SER O 151 46.59 -2.53 -36.19
C SER O 151 45.10 -2.28 -35.99
N GLU O 152 44.31 -2.38 -37.06
CA GLU O 152 42.87 -2.17 -36.95
C GLU O 152 42.24 -3.14 -35.96
N ASP O 153 42.67 -4.40 -35.97
CA ASP O 153 42.08 -5.40 -35.08
C ASP O 153 42.46 -5.16 -33.63
N CYS O 154 43.63 -4.60 -33.36
CA CYS O 154 44.01 -4.29 -31.98
C CYS O 154 43.09 -3.23 -31.37
N GLU O 155 42.64 -2.27 -32.19
CA GLU O 155 41.71 -1.27 -31.69
C GLU O 155 40.34 -1.87 -31.38
N GLU O 156 39.96 -2.93 -32.09
CA GLU O 156 38.71 -3.62 -31.77
C GLU O 156 38.76 -4.24 -30.39
N THR O 157 39.95 -4.66 -29.93
CA THR O 157 40.08 -5.22 -28.59
C THR O 157 39.66 -4.21 -27.53
N PHE O 158 40.12 -2.96 -27.68
CA PHE O 158 39.76 -1.92 -26.72
C PHE O 158 38.28 -1.58 -26.79
N ARG O 159 37.71 -1.58 -28.00
CA ARG O 159 36.28 -1.31 -28.14
C ARG O 159 35.45 -2.36 -27.43
N VAL O 160 35.78 -3.65 -27.63
CA VAL O 160 35.03 -4.73 -27.00
C VAL O 160 35.17 -4.66 -25.48
N CYS O 161 36.37 -4.31 -24.99
CA CYS O 161 36.60 -4.18 -23.56
C CYS O 161 36.07 -2.88 -22.99
N ASP O 162 35.44 -2.03 -23.81
CA ASP O 162 34.88 -0.75 -23.37
C ASP O 162 35.96 0.13 -22.73
N ILE O 163 37.07 0.28 -23.43
CA ILE O 163 38.18 1.14 -23.01
C ILE O 163 38.63 1.95 -24.21
N ASP O 164 38.68 3.27 -24.04
CA ASP O 164 39.08 4.15 -25.13
C ASP O 164 40.55 3.92 -25.48
N GLU O 165 40.90 4.29 -26.71
CA GLU O 165 42.24 4.04 -27.23
C GLU O 165 43.32 4.78 -26.44
N SER O 166 42.96 5.87 -25.75
CA SER O 166 43.92 6.57 -24.90
C SER O 166 44.06 5.93 -23.52
N GLY O 167 43.14 5.05 -23.14
CA GLY O 167 43.21 4.38 -21.86
C GLY O 167 44.14 3.19 -21.88
N GLN O 168 44.01 2.35 -20.85
CA GLN O 168 44.83 1.17 -20.70
C GLN O 168 43.96 -0.08 -20.54
N LEU O 169 44.49 -1.21 -21.01
CA LEU O 169 43.83 -2.50 -20.89
C LEU O 169 44.37 -3.23 -19.68
N ASP O 170 43.47 -3.80 -18.88
CA ASP O 170 43.83 -4.46 -17.64
C ASP O 170 43.49 -5.94 -17.69
N VAL O 171 44.13 -6.71 -16.79
CA VAL O 171 43.95 -8.16 -16.80
C VAL O 171 42.57 -8.55 -16.32
N ASP O 172 41.99 -7.78 -15.39
CA ASP O 172 40.66 -8.08 -14.88
C ASP O 172 39.63 -8.08 -16.01
N GLU O 173 39.63 -7.01 -16.82
CA GLU O 173 38.69 -6.94 -17.92
C GLU O 173 39.00 -7.99 -18.98
N MET O 174 40.29 -8.21 -19.26
CA MET O 174 40.66 -9.17 -20.29
C MET O 174 40.34 -10.60 -19.87
N THR O 175 40.43 -10.91 -18.58
CA THR O 175 40.04 -12.23 -18.11
C THR O 175 38.55 -12.47 -18.30
N ARG O 176 37.74 -11.41 -18.17
CA ARG O 176 36.30 -11.54 -18.40
C ARG O 176 36.00 -11.75 -19.88
N GLN O 177 36.70 -11.03 -20.75
CA GLN O 177 36.50 -11.23 -22.19
C GLN O 177 36.96 -12.60 -22.64
N HIS O 178 38.10 -13.07 -22.13
CA HIS O 178 38.60 -14.38 -22.51
C HIS O 178 37.68 -15.50 -22.02
N LEU O 179 36.98 -15.28 -20.91
CA LEU O 179 35.93 -16.19 -20.48
C LEU O 179 34.94 -16.45 -21.60
N GLY O 180 34.33 -15.38 -22.12
CA GLY O 180 33.38 -15.52 -23.20
C GLY O 180 33.98 -15.83 -24.55
N PHE O 181 35.23 -15.46 -24.78
CA PHE O 181 35.83 -15.62 -26.09
C PHE O 181 36.43 -17.01 -26.30
N TRP O 182 37.22 -17.48 -25.33
CA TRP O 182 37.84 -18.79 -25.47
C TRP O 182 37.00 -19.92 -24.92
N TYR O 183 36.19 -19.69 -23.88
CA TYR O 183 35.57 -20.78 -23.14
C TYR O 183 34.08 -20.97 -23.44
N THR O 184 33.29 -19.90 -23.42
CA THR O 184 31.83 -20.04 -23.37
C THR O 184 31.10 -19.53 -24.61
N MET O 185 31.80 -18.92 -25.57
CA MET O 185 31.17 -18.38 -26.78
C MET O 185 30.08 -17.37 -26.43
N ASP O 186 30.41 -16.46 -25.52
CA ASP O 186 29.50 -15.37 -25.18
C ASP O 186 29.42 -14.42 -26.37
N PRO O 187 28.25 -14.23 -26.98
CA PRO O 187 28.15 -13.34 -28.15
C PRO O 187 28.53 -11.90 -27.85
N ALA O 188 28.54 -11.50 -26.58
CA ALA O 188 28.98 -10.16 -26.22
C ALA O 188 30.49 -9.97 -26.32
N CYS O 189 31.24 -11.05 -26.55
CA CYS O 189 32.69 -10.99 -26.59
C CYS O 189 33.25 -11.17 -28.00
N GLU O 190 32.39 -11.11 -29.02
CA GLU O 190 32.86 -11.22 -30.40
C GLU O 190 33.83 -10.09 -30.73
N LYS O 191 34.64 -10.33 -31.77
CA LYS O 191 35.60 -9.35 -32.27
C LYS O 191 36.60 -8.92 -31.20
N LEU O 192 36.82 -9.78 -30.20
CA LEU O 192 37.79 -9.46 -29.14
C LEU O 192 39.19 -9.25 -29.71
N TYR O 193 39.55 -10.02 -30.73
CA TYR O 193 40.80 -9.82 -31.46
C TYR O 193 40.54 -9.29 -32.87
N GLY O 194 39.47 -8.50 -33.03
CA GLY O 194 39.16 -7.94 -34.34
C GLY O 194 38.74 -9.01 -35.32
N GLY O 195 39.10 -8.81 -36.59
CA GLY O 195 38.88 -9.83 -37.59
C GLY O 195 39.93 -10.91 -37.63
N ALA O 196 40.95 -10.82 -36.78
CA ALA O 196 42.06 -11.76 -36.84
C ALA O 196 41.68 -13.15 -36.36
N VAL O 197 40.77 -13.24 -35.38
CA VAL O 197 40.36 -14.53 -34.82
C VAL O 197 38.84 -14.64 -34.92
N PRO O 198 38.32 -15.61 -35.69
CA PRO O 198 36.87 -15.80 -35.87
C PRO O 198 36.19 -16.27 -34.58
N HIS P 7 -1.42 34.47 -27.08
CA HIS P 7 -1.08 33.72 -25.86
C HIS P 7 -0.52 32.35 -26.22
N HIS P 8 0.08 32.25 -27.40
CA HIS P 8 0.74 31.04 -27.86
C HIS P 8 2.24 31.20 -27.63
N HIS P 9 2.79 30.45 -26.68
CA HIS P 9 4.21 30.57 -26.35
C HIS P 9 5.08 29.56 -27.08
N GLY P 10 4.52 28.40 -27.44
CA GLY P 10 5.31 27.39 -28.12
C GLY P 10 4.44 26.22 -28.50
N LYS P 11 5.10 25.20 -29.04
CA LYS P 11 4.43 23.98 -29.49
C LYS P 11 5.24 22.79 -29.01
N LEU P 12 4.59 21.87 -28.29
CA LEU P 12 5.25 20.70 -27.75
C LEU P 12 4.78 19.39 -28.37
N THR P 13 3.90 19.45 -29.36
CA THR P 13 3.41 18.24 -30.02
C THR P 13 4.24 17.94 -31.26
N SER P 14 4.56 16.66 -31.46
CA SER P 14 5.34 16.26 -32.61
C SER P 14 4.46 16.24 -33.86
N ASP P 15 5.12 16.27 -35.01
CA ASP P 15 4.45 16.27 -36.31
C ASP P 15 5.27 15.45 -37.30
N PHE P 16 5.61 14.23 -36.90
CA PHE P 16 6.60 13.43 -37.64
C PHE P 16 6.08 12.92 -38.97
N ASP P 17 4.76 12.89 -39.18
CA ASP P 17 4.19 12.49 -40.45
C ASP P 17 4.02 13.65 -41.42
N ASN P 18 4.35 14.86 -41.00
CA ASN P 18 4.26 16.02 -41.88
C ASN P 18 5.36 15.95 -42.93
N PRO P 19 5.03 15.93 -44.22
CA PRO P 19 6.08 15.89 -45.24
C PRO P 19 6.99 17.11 -45.22
N ARG P 20 6.54 18.24 -44.67
CA ARG P 20 7.45 19.38 -44.53
C ARG P 20 8.45 19.17 -43.41
N TRP P 21 8.10 18.38 -42.40
CA TRP P 21 9.09 18.03 -41.37
C TRP P 21 10.10 17.04 -41.93
N ILE P 22 9.63 16.03 -42.65
CA ILE P 22 10.54 15.09 -43.30
C ILE P 22 11.41 15.81 -44.32
N GLY P 23 10.80 16.68 -45.13
CA GLY P 23 11.54 17.41 -46.13
C GLY P 23 12.53 18.40 -45.56
N ARG P 24 12.21 18.97 -44.41
CA ARG P 24 13.15 19.89 -43.76
C ARG P 24 14.44 19.18 -43.38
N HIS P 25 14.32 17.98 -42.80
CA HIS P 25 15.52 17.24 -42.42
C HIS P 25 16.14 16.50 -43.60
N LYS P 26 15.36 16.19 -44.63
CA LYS P 26 15.93 15.66 -45.86
C LYS P 26 16.86 16.69 -46.51
N HIS P 27 16.40 17.95 -46.57
CA HIS P 27 17.26 19.04 -47.02
C HIS P 27 18.54 19.08 -46.21
N MET P 28 18.42 19.04 -44.87
CA MET P 28 19.60 19.09 -44.02
C MET P 28 20.49 17.87 -44.25
N PHE P 29 19.89 16.69 -44.41
CA PHE P 29 20.67 15.48 -44.66
C PHE P 29 21.48 15.61 -45.95
N ASN P 30 20.85 16.11 -47.02
CA ASN P 30 21.56 16.26 -48.28
C ASN P 30 22.62 17.35 -48.19
N PHE P 31 22.36 18.41 -47.42
CA PHE P 31 23.35 19.45 -47.22
C PHE P 31 24.55 18.95 -46.43
N LEU P 32 24.31 18.04 -45.49
CA LEU P 32 25.40 17.47 -44.69
C LEU P 32 26.14 16.37 -45.45
N ASP P 33 25.49 15.73 -46.42
CA ASP P 33 26.11 14.68 -47.23
C ASP P 33 26.85 15.33 -48.40
N VAL P 34 27.97 15.99 -48.06
CA VAL P 34 28.68 16.79 -49.06
C VAL P 34 29.36 15.94 -50.12
N ASN P 35 29.67 14.68 -49.82
CA ASN P 35 30.31 13.79 -50.78
C ASN P 35 29.32 12.89 -51.49
N HIS P 36 28.02 13.10 -51.29
CA HIS P 36 26.96 12.40 -52.02
C HIS P 36 27.06 10.89 -51.84
N ASN P 37 27.39 10.46 -50.63
CA ASN P 37 27.47 9.04 -50.33
C ASN P 37 26.14 8.44 -49.91
N GLY P 38 25.10 9.25 -49.73
CA GLY P 38 23.87 8.76 -49.13
C GLY P 38 24.02 8.31 -47.70
N LYS P 39 25.16 8.63 -47.06
CA LYS P 39 25.45 8.26 -45.69
C LYS P 39 26.26 9.39 -45.06
N ILE P 40 26.02 9.64 -43.78
CA ILE P 40 26.86 10.55 -43.00
C ILE P 40 27.15 9.91 -41.66
N SER P 41 28.29 10.27 -41.08
CA SER P 41 28.76 9.68 -39.84
C SER P 41 28.91 10.75 -38.77
N LEU P 42 28.84 10.31 -37.51
CA LEU P 42 29.12 11.23 -36.41
C LEU P 42 30.52 11.82 -36.52
N ASP P 43 31.47 11.06 -37.06
CA ASP P 43 32.81 11.58 -37.27
C ASP P 43 32.78 12.80 -38.17
N GLU P 44 32.01 12.75 -39.25
CA GLU P 44 31.96 13.87 -40.19
C GLU P 44 31.24 15.07 -39.58
N MET P 45 30.18 14.83 -38.80
CA MET P 45 29.42 15.94 -38.23
C MET P 45 30.23 16.68 -37.17
N VAL P 46 30.88 15.94 -36.28
CA VAL P 46 31.66 16.59 -35.23
C VAL P 46 32.93 17.21 -35.82
N TYR P 47 33.49 16.62 -36.88
CA TYR P 47 34.60 17.27 -37.56
C TYR P 47 34.16 18.61 -38.15
N LYS P 48 33.08 18.59 -38.94
CA LYS P 48 32.55 19.82 -39.51
C LYS P 48 32.30 20.87 -38.43
N ALA P 49 31.65 20.47 -37.34
CA ALA P 49 31.30 21.42 -36.29
C ALA P 49 32.54 22.03 -35.65
N SER P 50 33.51 21.19 -35.27
CA SER P 50 34.71 21.69 -34.61
C SER P 50 35.60 22.47 -35.58
N ASP P 51 35.59 22.12 -36.86
CA ASP P 51 36.41 22.84 -37.83
C ASP P 51 35.95 24.29 -37.97
N ILE P 52 34.64 24.51 -37.93
CA ILE P 52 34.10 25.87 -38.00
C ILE P 52 34.60 26.70 -36.82
N VAL P 53 34.38 26.21 -35.60
CA VAL P 53 34.62 27.05 -34.43
C VAL P 53 36.11 27.22 -34.17
N ILE P 54 36.92 26.19 -34.45
CA ILE P 54 38.35 26.29 -34.19
C ILE P 54 39.06 27.06 -35.29
N ASN P 55 38.83 26.69 -36.55
CA ASN P 55 39.60 27.21 -37.67
C ASN P 55 38.97 28.41 -38.37
N ASN P 56 37.68 28.66 -38.18
CA ASN P 56 37.04 29.83 -38.76
C ASN P 56 36.65 30.88 -37.74
N LEU P 57 36.31 30.48 -36.51
CA LEU P 57 35.86 31.42 -35.49
C LEU P 57 36.84 31.58 -34.33
N GLY P 58 38.00 30.95 -34.39
CA GLY P 58 39.04 31.17 -33.39
C GLY P 58 38.65 30.77 -31.98
N ALA P 59 38.02 29.62 -31.82
CA ALA P 59 37.63 29.16 -30.49
C ALA P 59 38.85 28.69 -29.71
N THR P 60 38.83 28.94 -28.41
CA THR P 60 39.89 28.46 -27.53
C THR P 60 39.79 26.94 -27.38
N PRO P 61 40.87 26.29 -26.96
CA PRO P 61 40.78 24.84 -26.71
C PRO P 61 39.70 24.48 -25.70
N GLU P 62 39.49 25.34 -24.70
CA GLU P 62 38.43 25.08 -23.72
C GLU P 62 37.05 25.23 -24.35
N GLN P 63 36.83 26.34 -25.07
CA GLN P 63 35.56 26.53 -25.76
C GLN P 63 35.30 25.41 -26.78
N ALA P 64 36.35 24.98 -27.48
CA ALA P 64 36.20 23.94 -28.48
C ALA P 64 35.80 22.61 -27.87
N LYS P 65 36.27 22.33 -26.66
CA LYS P 65 35.92 21.07 -25.99
C LYS P 65 34.45 21.07 -25.56
N ARG P 66 34.01 22.17 -24.93
CA ARG P 66 32.61 22.29 -24.55
C ARG P 66 31.70 22.19 -25.77
N HIS P 67 32.08 22.84 -26.87
CA HIS P 67 31.26 22.81 -28.08
C HIS P 67 31.26 21.43 -28.72
N LYS P 68 32.42 20.76 -28.72
CA LYS P 68 32.49 19.42 -29.31
C LYS P 68 31.59 18.44 -28.57
N ASP P 69 31.60 18.49 -27.24
CA ASP P 69 30.74 17.61 -26.45
C ASP P 69 29.26 17.86 -26.76
N ALA P 70 28.88 19.12 -26.92
CA ALA P 70 27.47 19.44 -27.15
C ALA P 70 27.01 18.99 -28.53
N VAL P 71 27.82 19.22 -29.57
CA VAL P 71 27.48 18.76 -30.91
C VAL P 71 27.45 17.24 -30.95
N GLU P 72 28.46 16.60 -30.37
CA GLU P 72 28.49 15.16 -30.27
C GLU P 72 27.23 14.60 -29.63
N ALA P 73 26.75 15.27 -28.57
CA ALA P 73 25.54 14.81 -27.90
C ALA P 73 24.30 15.06 -28.76
N PHE P 74 24.29 16.16 -29.51
CA PHE P 74 23.13 16.50 -30.32
C PHE P 74 22.90 15.48 -31.44
N PHE P 75 23.92 15.30 -32.30
CA PHE P 75 23.80 14.31 -33.36
C PHE P 75 23.78 12.89 -32.81
N GLY P 76 24.48 12.65 -31.69
CA GLY P 76 24.37 11.38 -31.01
C GLY P 76 22.95 11.10 -30.56
N GLY P 77 22.19 12.14 -30.22
CA GLY P 77 20.81 11.97 -29.84
C GLY P 77 19.91 11.57 -30.99
N ALA P 78 20.35 11.79 -32.22
CA ALA P 78 19.64 11.32 -33.41
C ALA P 78 20.11 9.94 -33.87
N GLY P 79 20.85 9.22 -33.03
CA GLY P 79 21.27 7.87 -33.32
C GLY P 79 22.61 7.73 -34.01
N MET P 80 23.25 8.83 -34.41
CA MET P 80 24.54 8.72 -35.09
C MET P 80 25.63 8.36 -34.10
N LYS P 81 26.62 7.61 -34.59
CA LYS P 81 27.70 7.11 -33.75
C LYS P 81 29.02 7.20 -34.52
N TYR P 82 30.12 7.26 -33.78
CA TYR P 82 31.43 7.24 -34.41
C TYR P 82 31.68 5.91 -35.10
N GLY P 83 32.21 5.97 -36.32
CA GLY P 83 32.47 4.78 -37.09
C GLY P 83 31.27 4.16 -37.76
N VAL P 84 30.11 4.82 -37.69
CA VAL P 84 28.88 4.30 -38.26
C VAL P 84 28.42 5.25 -39.37
N GLU P 85 28.11 4.68 -40.53
CA GLU P 85 27.55 5.45 -41.63
C GLU P 85 26.03 5.38 -41.57
N THR P 86 25.40 6.53 -41.34
CA THR P 86 23.97 6.64 -41.16
C THR P 86 23.31 6.99 -42.49
N ASP P 87 22.49 6.09 -43.01
CA ASP P 87 21.78 6.40 -44.25
C ASP P 87 20.50 7.16 -43.94
N TRP P 88 19.80 7.58 -44.99
CA TRP P 88 18.63 8.45 -44.81
C TRP P 88 17.54 7.81 -43.96
N PRO P 89 17.15 6.54 -44.16
CA PRO P 89 16.08 5.98 -43.31
C PRO P 89 16.46 5.89 -41.84
N ALA P 90 17.70 5.49 -41.54
CA ALA P 90 18.15 5.53 -40.14
C ALA P 90 18.17 6.96 -39.62
N TYR P 91 18.53 7.91 -40.48
CA TYR P 91 18.66 9.30 -40.05
C TYR P 91 17.31 9.88 -39.64
N ILE P 92 16.30 9.75 -40.50
CA ILE P 92 15.01 10.35 -40.18
C ILE P 92 14.33 9.61 -39.04
N GLU P 93 14.60 8.31 -38.89
CA GLU P 93 14.09 7.58 -37.73
C GLU P 93 14.80 8.02 -36.45
N GLY P 94 16.12 8.20 -36.53
CA GLY P 94 16.85 8.71 -35.38
C GLY P 94 16.40 10.12 -35.01
N TRP P 95 16.09 10.95 -36.01
CA TRP P 95 15.61 12.29 -35.72
C TRP P 95 14.24 12.29 -35.07
N LYS P 96 13.39 11.30 -35.39
CA LYS P 96 12.15 11.15 -34.63
C LYS P 96 12.45 10.92 -33.16
N LYS P 97 13.48 10.13 -32.85
CA LYS P 97 13.83 9.88 -31.46
C LYS P 97 14.45 11.11 -30.82
N LEU P 98 15.33 11.81 -31.53
CA LEU P 98 15.93 13.02 -30.98
C LEU P 98 14.86 14.05 -30.62
N ALA P 99 13.94 14.30 -31.55
CA ALA P 99 12.87 15.26 -31.29
C ALA P 99 12.00 14.82 -30.12
N THR P 100 11.74 13.51 -29.99
CA THR P 100 10.93 13.03 -28.88
C THR P 100 11.62 13.28 -27.54
N ASP P 101 12.88 12.90 -27.43
CA ASP P 101 13.61 13.12 -26.18
C ASP P 101 13.74 14.60 -25.88
N GLU P 102 14.01 15.41 -26.91
CA GLU P 102 14.10 16.86 -26.72
C GLU P 102 12.78 17.43 -26.22
N LEU P 103 11.65 16.97 -26.78
CA LEU P 103 10.35 17.49 -26.38
C LEU P 103 10.01 17.10 -24.94
N GLU P 104 10.42 15.91 -24.51
CA GLU P 104 10.28 15.54 -23.10
C GLU P 104 11.09 16.47 -22.21
N LYS P 105 12.29 16.85 -22.65
CA LYS P 105 13.11 17.77 -21.87
C LYS P 105 12.49 19.16 -21.85
N TYR P 106 11.95 19.62 -22.98
CA TYR P 106 11.20 20.88 -23.00
C TYR P 106 10.06 20.84 -21.99
N ALA P 107 9.28 19.75 -21.98
CA ALA P 107 8.12 19.67 -21.10
C ALA P 107 8.53 19.58 -19.64
N LYS P 108 9.61 18.86 -19.35
CA LYS P 108 10.11 18.76 -17.98
C LYS P 108 10.98 19.95 -17.59
N ASN P 109 11.10 20.95 -18.46
CA ASN P 109 11.95 22.12 -18.20
C ASN P 109 13.36 21.68 -17.83
N GLU P 110 13.88 20.74 -18.60
CA GLU P 110 15.20 20.15 -18.52
C GLU P 110 16.07 20.68 -19.65
N PRO P 111 17.35 20.96 -19.41
CA PRO P 111 18.20 21.49 -20.49
C PRO P 111 18.22 20.56 -21.69
N THR P 112 17.76 21.08 -22.82
CA THR P 112 17.72 20.32 -24.06
C THR P 112 19.10 20.26 -24.70
N LEU P 113 19.29 19.26 -25.56
CA LEU P 113 20.54 19.15 -26.31
C LEU P 113 20.76 20.38 -27.19
N ILE P 114 19.68 20.92 -27.77
CA ILE P 114 19.83 22.07 -28.65
C ILE P 114 20.19 23.32 -27.86
N ARG P 115 19.75 23.42 -26.60
CA ARG P 115 20.17 24.54 -25.77
C ARG P 115 21.65 24.42 -25.40
N ILE P 116 22.10 23.21 -25.04
CA ILE P 116 23.48 23.03 -24.62
C ILE P 116 24.43 23.33 -25.77
N TRP P 117 24.05 22.94 -27.00
CA TRP P 117 24.83 23.33 -28.17
C TRP P 117 24.85 24.84 -28.34
N GLY P 118 23.67 25.47 -28.23
CA GLY P 118 23.60 26.90 -28.42
C GLY P 118 24.44 27.68 -27.44
N ASP P 119 24.31 27.35 -26.15
CA ASP P 119 25.14 28.01 -25.13
C ASP P 119 26.62 27.87 -25.45
N ALA P 120 27.05 26.64 -25.77
CA ALA P 120 28.46 26.41 -26.08
C ALA P 120 28.89 27.14 -27.34
N LEU P 121 27.99 27.25 -28.33
CA LEU P 121 28.34 27.88 -29.59
C LEU P 121 28.37 29.41 -29.47
N PHE P 122 27.34 29.99 -28.84
CA PHE P 122 27.27 31.45 -28.74
C PHE P 122 28.40 32.01 -27.88
N ASP P 123 28.95 31.23 -26.96
CA ASP P 123 30.12 31.69 -26.22
C ASP P 123 31.31 31.86 -27.14
N ILE P 124 31.35 31.13 -28.25
CA ILE P 124 32.40 31.29 -29.25
C ILE P 124 32.06 32.39 -30.24
N VAL P 125 30.80 32.43 -30.71
CA VAL P 125 30.42 33.37 -31.76
C VAL P 125 30.35 34.80 -31.20
N ASP P 126 29.94 34.95 -29.94
CA ASP P 126 29.89 36.28 -29.33
C ASP P 126 31.28 36.71 -28.90
N LYS P 127 31.77 37.81 -29.47
CA LYS P 127 33.07 38.34 -29.08
C LYS P 127 33.06 38.76 -27.61
N ASP P 128 31.95 39.31 -27.13
CA ASP P 128 31.82 39.70 -25.74
C ASP P 128 31.60 38.52 -24.81
N GLN P 129 31.27 37.35 -25.35
CA GLN P 129 30.99 36.14 -24.56
C GLN P 129 29.88 36.40 -23.54
N ASN P 130 28.80 37.04 -24.00
CA ASN P 130 27.64 37.32 -23.17
C ASN P 130 26.41 36.57 -23.64
N GLY P 131 26.59 35.52 -24.44
CA GLY P 131 25.46 34.76 -24.93
C GLY P 131 24.54 35.54 -25.85
N ALA P 132 25.06 36.52 -26.57
CA ALA P 132 24.26 37.32 -27.49
C ALA P 132 25.12 37.69 -28.69
N ILE P 133 24.67 37.30 -29.88
CA ILE P 133 25.45 37.51 -31.09
C ILE P 133 24.75 38.54 -31.97
N THR P 134 25.56 39.33 -32.68
CA THR P 134 25.02 40.34 -33.58
C THR P 134 24.68 39.70 -34.93
N LEU P 135 24.15 40.53 -35.83
CA LEU P 135 23.79 40.04 -37.16
C LEU P 135 25.03 39.63 -37.94
N ASP P 136 26.10 40.43 -37.89
CA ASP P 136 27.34 40.08 -38.59
C ASP P 136 27.91 38.78 -38.05
N GLU P 137 27.84 38.56 -36.73
CA GLU P 137 28.33 37.33 -36.15
C GLU P 137 27.49 36.13 -36.59
N TRP P 138 26.16 36.30 -36.63
CA TRP P 138 25.29 35.23 -37.10
C TRP P 138 25.50 34.97 -38.59
N LYS P 139 25.76 36.04 -39.36
CA LYS P 139 26.12 35.86 -40.76
C LYS P 139 27.40 35.06 -40.91
N ALA P 140 28.39 35.34 -40.05
CA ALA P 140 29.69 34.69 -40.18
C ALA P 140 29.60 33.20 -39.86
N TYR P 141 28.86 32.83 -38.81
CA TYR P 141 28.77 31.41 -38.46
C TYR P 141 28.00 30.63 -39.52
N THR P 142 26.79 31.10 -39.86
CA THR P 142 25.95 30.35 -40.78
C THR P 142 26.60 30.20 -42.15
N LYS P 143 27.34 31.21 -42.59
CA LYS P 143 28.05 31.09 -43.86
C LYS P 143 29.28 30.20 -43.74
N ALA P 144 29.93 30.17 -42.57
CA ALA P 144 31.01 29.21 -42.36
C ALA P 144 30.48 27.79 -42.22
N ALA P 145 29.28 27.64 -41.64
CA ALA P 145 28.63 26.34 -41.62
C ALA P 145 28.04 25.97 -42.97
N GLY P 146 27.69 26.97 -43.78
CA GLY P 146 27.04 26.74 -45.05
C GLY P 146 25.55 26.54 -44.98
N ILE P 147 24.96 26.54 -43.78
CA ILE P 147 23.52 26.33 -43.66
C ILE P 147 22.75 27.50 -44.28
N ILE P 148 23.35 28.69 -44.28
CA ILE P 148 22.80 29.85 -44.98
C ILE P 148 23.87 30.38 -45.92
N GLN P 149 23.47 30.71 -47.14
CA GLN P 149 24.38 31.25 -48.15
C GLN P 149 24.25 32.75 -48.34
N SER P 150 23.03 33.28 -48.39
CA SER P 150 22.79 34.68 -48.66
C SER P 150 22.62 35.46 -47.36
N SER P 151 23.15 36.69 -47.35
CA SER P 151 22.99 37.54 -46.17
C SER P 151 21.53 37.88 -45.92
N GLU P 152 20.71 37.90 -46.97
CA GLU P 152 19.29 38.18 -46.80
C GLU P 152 18.62 37.14 -45.90
N ASP P 153 19.00 35.87 -46.05
CA ASP P 153 18.41 34.82 -45.21
C ASP P 153 18.82 34.98 -43.76
N CYS P 154 20.05 35.44 -43.51
CA CYS P 154 20.47 35.72 -42.13
C CYS P 154 19.62 36.80 -41.50
N GLU P 155 19.17 37.78 -42.30
CA GLU P 155 18.31 38.83 -41.77
C GLU P 155 16.92 38.30 -41.44
N GLU P 156 16.47 37.27 -42.17
CA GLU P 156 15.19 36.65 -41.84
C GLU P 156 15.21 36.03 -40.45
N THR P 157 16.36 35.51 -40.03
CA THR P 157 16.47 34.94 -38.68
C THR P 157 16.13 35.96 -37.62
N PHE P 158 16.68 37.17 -37.73
CA PHE P 158 16.38 38.21 -36.76
C PHE P 158 14.93 38.65 -36.82
N ARG P 159 14.34 38.65 -38.02
CA ARG P 159 12.94 39.01 -38.16
C ARG P 159 12.03 38.00 -37.46
N VAL P 160 12.30 36.70 -37.68
CA VAL P 160 11.47 35.67 -37.05
C VAL P 160 11.66 35.68 -35.54
N CYS P 161 12.86 36.02 -35.05
CA CYS P 161 13.10 36.14 -33.62
C CYS P 161 12.63 37.48 -33.06
N ASP P 162 12.08 38.36 -33.90
CA ASP P 162 11.63 39.69 -33.50
C ASP P 162 12.76 40.47 -32.84
N ILE P 163 13.89 40.55 -33.54
CA ILE P 163 15.07 41.27 -33.07
C ILE P 163 15.51 42.21 -34.18
N ASP P 164 15.79 43.46 -33.82
CA ASP P 164 16.33 44.41 -34.79
C ASP P 164 17.70 43.96 -35.27
N GLU P 165 18.01 44.29 -36.52
CA GLU P 165 19.31 43.94 -37.09
C GLU P 165 20.45 44.56 -36.30
N SER P 166 20.21 45.66 -35.60
CA SER P 166 21.21 46.23 -34.70
C SER P 166 21.24 45.50 -33.36
N GLY P 167 20.22 44.72 -33.04
CA GLY P 167 20.16 43.99 -31.80
C GLY P 167 21.02 42.75 -31.81
N GLN P 168 20.81 41.91 -30.79
CA GLN P 168 21.57 40.68 -30.62
C GLN P 168 20.62 39.50 -30.47
N LEU P 169 21.14 38.31 -30.80
CA LEU P 169 20.38 37.08 -30.73
C LEU P 169 20.91 36.22 -29.59
N ASP P 170 20.00 35.75 -28.73
CA ASP P 170 20.36 34.99 -27.54
C ASP P 170 19.90 33.53 -27.68
N VAL P 171 20.50 32.68 -26.86
CA VAL P 171 20.19 31.25 -26.91
C VAL P 171 18.77 30.98 -26.44
N ASP P 172 18.26 31.77 -25.50
CA ASP P 172 16.90 31.57 -24.99
C ASP P 172 15.88 31.67 -26.12
N GLU P 173 15.88 32.79 -26.83
CA GLU P 173 14.93 32.98 -27.93
C GLU P 173 15.18 31.99 -29.05
N MET P 174 16.46 31.68 -29.33
CA MET P 174 16.78 30.75 -30.40
C MET P 174 16.39 29.32 -30.04
N THR P 175 16.44 28.97 -28.76
CA THR P 175 16.01 27.64 -28.34
C THR P 175 14.51 27.47 -28.55
N ARG P 176 13.73 28.53 -28.35
CA ARG P 176 12.30 28.47 -28.63
C ARG P 176 12.03 28.35 -30.12
N GLN P 177 12.79 29.08 -30.94
CA GLN P 177 12.61 29.00 -32.39
C GLN P 177 13.00 27.62 -32.90
N HIS P 178 14.14 27.10 -32.45
CA HIS P 178 14.54 25.76 -32.85
C HIS P 178 13.56 24.70 -32.36
N LEU P 179 12.89 24.95 -31.24
CA LEU P 179 11.80 24.08 -30.82
C LEU P 179 10.77 23.92 -31.92
N GLY P 180 10.31 25.04 -32.48
CA GLY P 180 9.30 24.99 -33.52
C GLY P 180 9.84 24.71 -34.90
N PHE P 181 11.11 25.00 -35.16
CA PHE P 181 11.66 24.81 -36.50
C PHE P 181 12.17 23.40 -36.72
N TRP P 182 12.93 22.86 -35.77
CA TRP P 182 13.50 21.52 -35.96
C TRP P 182 12.63 20.40 -35.43
N TYR P 183 11.80 20.65 -34.41
CA TYR P 183 11.13 19.59 -33.68
C TYR P 183 9.64 19.50 -33.95
N THR P 184 8.90 20.61 -33.91
CA THR P 184 7.45 20.55 -33.85
C THR P 184 6.72 21.15 -35.04
N MET P 185 7.44 21.78 -35.98
CA MET P 185 6.81 22.43 -37.13
C MET P 185 5.81 23.48 -36.70
N ASP P 186 6.26 24.39 -35.84
CA ASP P 186 5.44 25.51 -35.41
C ASP P 186 5.31 26.49 -36.56
N PRO P 187 4.08 26.80 -37.02
CA PRO P 187 3.94 27.74 -38.15
C PRO P 187 4.56 29.10 -37.91
N ALA P 188 4.65 29.54 -36.65
CA ALA P 188 5.24 30.82 -36.32
C ALA P 188 6.76 30.83 -36.40
N CYS P 189 7.38 29.69 -36.72
CA CYS P 189 8.83 29.58 -36.80
C CYS P 189 9.33 29.38 -38.23
N GLU P 190 8.46 29.53 -39.22
CA GLU P 190 8.87 29.37 -40.61
C GLU P 190 9.88 30.44 -41.01
N LYS P 191 10.70 30.11 -42.00
CA LYS P 191 11.72 31.02 -42.52
C LYS P 191 12.71 31.45 -41.44
N LEU P 192 12.94 30.60 -40.44
CA LEU P 192 13.92 30.91 -39.41
C LEU P 192 15.32 31.01 -39.98
N TYR P 193 15.62 30.24 -41.03
CA TYR P 193 16.85 30.36 -41.77
C TYR P 193 16.60 30.93 -43.16
N GLY P 194 15.58 31.77 -43.29
CA GLY P 194 15.23 32.36 -44.57
C GLY P 194 14.79 31.30 -45.57
N GLY P 195 15.10 31.54 -46.84
CA GLY P 195 14.84 30.55 -47.86
C GLY P 195 15.87 29.47 -47.99
N ALA P 196 16.92 29.49 -47.15
CA ALA P 196 17.98 28.51 -47.27
C ALA P 196 17.54 27.12 -46.79
N VAL P 197 16.62 27.05 -45.83
CA VAL P 197 16.14 25.79 -45.29
C VAL P 197 14.62 25.76 -45.40
N PRO P 198 14.04 24.81 -46.15
CA PRO P 198 12.58 24.69 -46.27
C PRO P 198 11.93 24.33 -44.95
C17 J2U Q . 2.56 -29.70 -31.72
C12 J2U Q . -3.32 -29.52 -29.60
C13 J2U Q . -1.60 -31.17 -31.18
C14 J2U Q . -1.20 -30.16 -32.26
C15 J2U Q . 0.16 -29.53 -31.89
C16 J2U Q . 1.34 -30.27 -32.06
C19 J2U Q . 1.44 -27.69 -31.05
C20 J2U Q . 0.21 -28.26 -31.39
C21 J2U Q . -1.10 -32.41 -31.25
C22 J2U Q . -1.41 -33.29 -30.35
C23 J2U Q . -2.21 -33.11 -29.31
C24 J2U Q . -0.82 -34.71 -30.46
C10 J2U Q . -2.92 -31.73 -29.03
C11 J2U Q . -2.59 -30.63 -30.05
C18 J2U Q . 2.61 -28.42 -31.22
C01 J2U Q . -3.98 -30.97 -27.93
C02 J2U Q . -4.15 -29.53 -28.48
C03 J2U Q . -3.65 -28.48 -27.42
C04 J2U Q . -4.54 -28.58 -26.15
C05 J2U Q . -5.81 -28.01 -26.14
C06 J2U Q . -6.58 -28.10 -25.00
C07 J2U Q . -6.11 -28.74 -23.87
C08 J2U Q . -4.84 -29.30 -23.88
C09 J2U Q . -4.05 -29.21 -25.02
C25 J2U Q . -1.64 -35.77 -30.10
C26 J2U Q . -1.19 -37.08 -30.19
C27 J2U Q . 0.10 -37.31 -30.66
C28 J2U Q . 0.91 -36.24 -31.03
C29 J2U Q . 0.45 -34.94 -30.94
O01 J2U Q . -4.53 -31.57 -26.81
O02 J2U Q . -6.91 -28.81 -22.73
O03 J2U Q . 0.57 -38.62 -30.76
C17 J2U R . -21.54 9.75 -41.90
C12 J2U R . -27.48 9.45 -39.61
C13 J2U R . -25.64 7.96 -41.25
C14 J2U R . -25.28 9.04 -42.30
C15 J2U R . -23.95 9.75 -41.95
C16 J2U R . -22.73 9.11 -42.22
C19 J2U R . -22.76 11.64 -41.09
C20 J2U R . -23.96 11.00 -41.39
C21 J2U R . -25.10 6.76 -41.37
C22 J2U R . -25.37 5.82 -40.53
C23 J2U R . -26.20 5.90 -39.49
C24 J2U R . -24.71 4.43 -40.69
C10 J2U R . -26.98 7.23 -39.15
C11 J2U R . -26.69 8.39 -40.11
C18 J2U R . -21.55 11.02 -41.34
C01 J2U R . -28.09 7.89 -38.02
C02 J2U R . -28.27 9.37 -38.48
C03 J2U R . -27.71 10.33 -37.35
C04 J2U R . -28.55 10.12 -36.06
C05 J2U R . -29.86 10.59 -36.01
C06 J2U R . -30.62 10.40 -34.85
C07 J2U R . -30.07 9.74 -33.77
C08 J2U R . -28.77 9.27 -33.83
C09 J2U R . -28.00 9.46 -34.98
C25 J2U R . -25.45 3.30 -40.31
C26 J2U R . -24.89 2.04 -40.45
C27 J2U R . -23.61 1.91 -40.98
C28 J2U R . -22.90 3.05 -41.36
C29 J2U R . -23.45 4.31 -41.22
O01 J2U R . -28.68 7.22 -36.95
O02 J2U R . -30.82 9.55 -32.61
O03 J2U R . -23.03 0.64 -41.12
C17 J2U S . 27.09 -10.48 10.50
C12 J2U S . 28.16 -16.01 7.46
C13 J2U S . 26.15 -14.01 7.91
C14 J2U S . 26.09 -14.02 9.45
C15 J2U S . 26.89 -12.83 10.02
C16 J2U S . 26.36 -11.54 9.98
C19 J2U S . 28.87 -11.98 11.09
C20 J2U S . 28.14 -13.05 10.57
C21 J2U S . 25.35 -13.17 7.27
C22 J2U S . 25.35 -13.11 5.98
C23 J2U S . 26.10 -13.84 5.14
C24 J2U S . 24.38 -12.13 5.30
C10 J2U S . 27.14 -14.91 5.68
C11 J2U S . 27.18 -15.02 7.22
C18 J2U S . 28.34 -10.70 11.05
C01 J2U S . 28.30 -16.06 5.16
C02 J2U S . 28.81 -16.72 6.47
C03 J2U S . 30.36 -16.53 6.61
C04 J2U S . 31.11 -17.16 5.41
C05 J2U S . 31.24 -18.55 5.32
C06 J2U S . 31.91 -19.11 4.24
C07 J2U S . 32.43 -18.29 3.26
C08 J2U S . 32.29 -16.92 3.34
C09 J2U S . 31.63 -16.35 4.42
C25 J2U S . 23.60 -12.60 4.25
C26 J2U S . 22.70 -11.74 3.63
C27 J2U S . 22.59 -10.43 4.06
C28 J2U S . 23.37 -9.98 5.11
C29 J2U S . 24.26 -10.83 5.74
O01 J2U S . 28.68 -16.30 3.84
O02 J2U S . 33.11 -18.85 2.17
O03 J2U S . 21.67 -9.58 3.43
C17 J2U T . 3.21 28.78 0.37
C12 J2U T . 3.62 23.58 -3.05
C13 J2U T . 1.72 25.67 -2.54
C14 J2U T . 1.62 25.57 -1.01
C15 J2U T . 2.61 26.55 -0.32
C16 J2U T . 2.32 27.91 -0.26
C19 J2U T . 4.66 26.94 0.85
C20 J2U T . 3.78 26.06 0.24
C21 J2U T . 0.99 26.59 -3.15
C22 J2U T . 1.04 26.73 -4.44
C23 J2U T . 1.76 26.00 -5.28
C24 J2U T . 0.15 27.79 -5.10
C10 J2U T . 2.72 24.85 -4.78
C11 J2U T . 2.71 24.64 -3.26
C18 J2U T . 4.38 28.30 0.92
C01 J2U T . 3.83 23.65 -5.34
C02 J2U T . 4.27 22.90 -4.06
C03 J2U T . 5.83 23.03 -3.86
C04 J2U T . 6.55 22.32 -5.06
C05 J2U T . 6.56 20.94 -5.13
C06 J2U T . 7.19 20.31 -6.18
C07 J2U T . 7.81 21.07 -7.16
C08 J2U T . 7.80 22.46 -7.09
C09 J2U T . 7.17 23.08 -6.02
C25 J2U T . -0.52 27.46 -6.26
C26 J2U T . -1.35 28.38 -6.89
C27 J2U T . -1.51 29.64 -6.33
C28 J2U T . -0.84 29.96 -5.16
C29 J2U T . -0.01 29.06 -4.53
O01 J2U T . 4.22 23.47 -6.67
O02 J2U T . 8.46 20.45 -8.23
O03 J2U T . -2.35 30.57 -6.96
C17 J2U U . 27.61 -6.63 26.99
C12 J2U U . 27.37 -10.33 32.16
C13 J2U U . 29.12 -8.48 30.83
C14 J2U U . 29.19 -9.12 29.43
C15 J2U U . 28.19 -8.44 28.48
C16 J2U U . 28.52 -7.24 27.84
C19 J2U U . 26.05 -8.42 27.37
C20 J2U U . 26.95 -9.03 28.23
C21 J2U U . 29.82 -7.36 31.03
C22 J2U U . 29.80 -6.76 32.18
C23 J2U U . 29.14 -7.18 33.27
C24 J2U U . 30.62 -5.48 32.39
C10 J2U U . 28.24 -8.48 33.27
C11 J2U U . 28.23 -9.22 31.92
C18 J2U U . 26.38 -7.22 26.76
C01 J2U U . 27.23 -9.44 34.28
C02 J2U U . 26.75 -10.59 33.37
C03 J2U U . 25.17 -10.54 33.21
C04 J2U U . 24.52 -10.77 34.61
C05 J2U U . 24.52 -12.05 35.17
C06 J2U U . 23.94 -12.24 36.41
C07 J2U U . 23.37 -11.18 37.10
C08 J2U U . 23.40 -9.91 36.54
C09 J2U U . 23.97 -9.71 35.29
C25 J2U U . 31.13 -5.22 33.64
C26 J2U U . 31.89 -4.08 33.87
C27 J2U U . 32.14 -3.20 32.83
C28 J2U U . 31.63 -3.48 31.56
C29 J2U U . 30.88 -4.62 31.33
O01 J2U U . 26.94 -9.19 35.62
O02 J2U U . 22.79 -11.38 38.36
O03 J2U U . 32.90 -2.06 33.06
C17 J2U V . 3.65 31.76 17.07
C12 J2U V . 2.98 27.87 22.06
C13 J2U V . 4.90 29.61 20.83
C14 J2U V . 4.95 29.02 19.40
C15 J2U V . 4.03 29.83 18.46
C16 J2U V . 4.47 31.04 17.92
C19 J2U V . 1.94 30.08 17.30
C20 J2U V . 2.77 29.35 18.15
C21 J2U V . 5.70 30.65 21.08
C22 J2U V . 5.71 31.19 22.27
C23 J2U V . 5.00 30.80 23.33
C24 J2U V . 6.64 32.38 22.54
C10 J2U V . 4.00 29.58 23.25
C11 J2U V . 3.93 28.91 21.87
C18 J2U V . 2.38 31.28 16.76
C01 J2U V . 2.88 28.70 24.21
C02 J2U V . 2.36 27.60 23.27
C03 J2U V . 0.79 27.73 23.10
C04 J2U V . 0.08 27.54 24.47
C05 J2U V . -0.05 26.27 25.02
C06 J2U V . -0.69 26.11 26.25
C07 J2U V . -1.20 27.22 26.91
C08 J2U V . -1.06 28.48 26.36
C09 J2U V . -0.42 28.65 25.14
C25 J2U V . 7.21 32.47 23.80
C26 J2U V . 8.07 33.51 24.11
C27 J2U V . 8.38 34.44 23.13
C28 J2U V . 7.81 34.34 21.87
C29 J2U V . 6.94 33.30 21.56
O01 J2U V . 2.59 28.98 25.54
O02 J2U V . -1.84 27.05 28.14
O03 J2U V . 9.25 35.50 23.43
C17 J2U W . -13.53 -36.59 11.14
C12 J2U W . -9.01 -39.48 7.73
C13 J2U W . -11.67 -39.89 8.73
C14 J2U W . -11.43 -39.64 10.24
C15 J2U W . -11.83 -38.21 10.62
C16 J2U W . -13.18 -37.88 10.79
C19 J2U W . -11.21 -35.95 11.17
C20 J2U W . -10.86 -37.25 10.82
C21 J2U W . -12.90 -40.21 8.34
C22 J2U W . -13.16 -40.42 7.09
C23 J2U W . -12.29 -40.38 6.08
C24 J2U W . -14.58 -40.79 6.65
C10 J2U W . -10.76 -40.02 6.30
C11 J2U W . -10.39 -39.76 7.77
C18 J2U W . -12.55 -35.62 11.33
C01 J2U W . -9.29 -39.83 5.45
C02 J2U W . -8.25 -39.49 6.57
C03 J2U W . -7.61 -38.07 6.30
C04 J2U W . -6.80 -38.10 4.97
C05 J2U W . -5.57 -38.74 4.92
C06 J2U W . -4.84 -38.78 3.73
C07 J2U W . -5.36 -38.16 2.61
C08 J2U W . -6.58 -37.52 2.66
C09 J2U W . -7.31 -37.49 3.84
C25 J2U W . -14.73 -41.72 5.62
C26 J2U W . -15.99 -42.10 5.19
C27 J2U W . -17.11 -41.54 5.78
C28 J2U W . -16.95 -40.60 6.80
C29 J2U W . -15.70 -40.22 7.23
O01 J2U W . -9.12 -39.96 4.08
O02 J2U W . -4.63 -38.18 1.41
O03 J2U W . -18.39 -41.92 5.34
C17 J2U X . -37.33 1.47 1.04
C12 J2U X . -32.53 -1.20 -2.30
C13 J2U X . -35.21 -1.72 -1.38
C14 J2U X . -35.04 -1.46 0.13
C15 J2U X . -35.53 -0.04 0.51
C16 J2U X . -36.89 0.20 0.69
C19 J2U X . -35.05 2.26 1.03
C20 J2U X . -34.62 0.98 0.69
C21 J2U X . -36.41 -2.08 -1.83
C22 J2U X . -36.61 -2.31 -3.08
C23 J2U X . -35.70 -2.25 -4.05
C24 J2U X . -38.00 -2.75 -3.56
C10 J2U X . -34.20 -1.84 -3.78
C11 J2U X . -33.90 -1.54 -2.30
C18 J2U X . -36.41 2.50 1.21
C01 J2U X . -32.71 -1.59 -4.57
C02 J2U X . -31.72 -1.22 -3.43
C03 J2U X . -31.08 0.20 -3.67
C04 J2U X . -30.34 0.22 -5.03
C05 J2U X . -29.09 -0.40 -5.15
C06 J2U X . -28.42 -0.39 -6.37
C07 J2U X . -29.00 0.23 -7.47
C08 J2U X . -30.24 0.84 -7.35
C09 J2U X . -30.90 0.84 -6.12
C25 J2U X . -38.06 -3.62 -4.65
C26 J2U X . -39.29 -4.06 -5.11
C27 J2U X . -40.44 -3.65 -4.48
C28 J2U X . -40.38 -2.78 -3.40
C29 J2U X . -39.16 -2.33 -2.92
O01 J2U X . -32.50 -1.70 -5.94
O02 J2U X . -28.33 0.24 -8.69
O03 J2U X . -41.69 -4.09 -4.96
C17 J2U Y . -14.20 21.07 -52.30
C12 J2U Y . -16.58 25.45 -56.01
C13 J2U Y . -14.93 25.26 -53.67
C14 J2U Y . -15.88 24.49 -52.73
C15 J2U Y . -15.59 22.96 -52.82
C16 J2U Y . -14.45 22.43 -52.21
C19 J2U Y . -16.20 20.78 -53.58
C20 J2U Y . -16.46 22.14 -53.50
C21 J2U Y . -13.73 25.60 -53.20
C22 J2U Y . -12.88 26.24 -53.95
C23 J2U Y . -13.09 26.65 -55.19
C24 J2U Y . -11.53 26.63 -53.34
C10 J2U Y . -14.43 26.37 -55.96
C11 J2U Y . -15.48 25.59 -55.14
C18 J2U Y . -15.08 20.24 -52.97
C01 J2U Y . -15.22 26.62 -57.46
C02 J2U Y . -16.61 25.96 -57.29
C03 J2U Y . -16.77 24.81 -58.36
C04 J2U Y . -16.73 25.44 -59.77
C05 J2U Y . -17.80 26.22 -60.21
C06 J2U Y . -17.77 26.80 -61.47
C07 J2U Y . -16.68 26.58 -62.29
C08 J2U Y . -15.61 25.81 -61.86
C09 J2U Y . -15.64 25.23 -60.60
C25 J2U Y . -10.95 27.84 -53.73
C26 J2U Y . -9.74 28.23 -53.19
C27 J2U Y . -9.12 27.42 -52.25
C28 J2U Y . -9.71 26.23 -51.86
C29 J2U Y . -10.92 25.82 -52.40
O01 J2U Y . -14.66 27.26 -58.56
O02 J2U Y . -16.65 27.15 -63.57
O03 J2U Y . -7.91 27.81 -51.69
C17 J2U Z . 10.84 -19.39 -42.31
C12 J2U Z . 8.88 -15.17 -46.68
C13 J2U Z . 10.43 -15.34 -44.27
C14 J2U Z . 9.41 -15.98 -43.31
C15 J2U Z . 9.65 -17.50 -43.22
C16 J2U Z . 10.64 -18.02 -42.38
C19 J2U Z . 9.06 -19.75 -43.88
C20 J2U Z . 8.86 -18.37 -43.96
C21 J2U Z . 11.63 -15.04 -43.77
C22 J2U Z . 12.54 -14.51 -44.52
C23 J2U Z . 12.42 -14.16 -45.80
C24 J2U Z . 13.89 -14.17 -43.87
C10 J2U Z . 11.09 -14.40 -46.59
C11 J2U Z . 9.97 -15.05 -45.76
C18 J2U Z . 10.06 -20.26 -43.05
C01 J2U Z . 10.38 -14.19 -48.14
C02 J2U Z . 8.92 -14.70 -47.98
C03 J2U Z . 8.66 -15.90 -48.98
C04 J2U Z . 8.85 -15.39 -50.43
C05 J2U Z . 7.87 -14.57 -51.01
C06 J2U Z . 8.05 -14.12 -52.31
C07 J2U Z . 9.18 -14.48 -53.02
C08 J2U Z . 10.14 -15.29 -52.44
C09 J2U Z . 9.97 -15.74 -51.14
C25 J2U Z . 14.55 -13.01 -44.27
C26 J2U Z . 15.76 -12.67 -43.69
C27 J2U Z . 16.30 -13.50 -42.72
C28 J2U Z . 15.63 -14.65 -42.33
C29 J2U Z . 14.42 -15.00 -42.90
O01 J2U Z . 11.04 -13.68 -49.23
O02 J2U Z . 9.34 -14.02 -54.33
O03 J2U Z . 17.52 -13.17 -42.13
C17 J2U AA . 4.15 -2.46 67.08
C12 J2U AA . 7.30 1.77 63.57
C13 J2U AA . 7.58 0.28 66.01
C14 J2U AA . 6.28 0.70 66.72
C15 J2U AA . 5.17 -0.36 66.51
C16 J2U AA . 5.15 -1.52 67.28
C19 J2U AA . 3.18 -1.09 65.37
C20 J2U AA . 4.19 -0.15 65.56
C21 J2U AA . 8.40 -0.56 66.63
C22 J2U AA . 9.51 -0.94 66.08
C23 J2U AA . 9.96 -0.56 64.88
C24 J2U AA . 10.43 -1.91 66.83
C10 J2U AA . 9.15 0.43 63.96
C11 J2U AA . 7.82 0.91 64.56
C18 J2U AA . 3.16 -2.25 66.13
C01 J2U AA . 9.23 1.21 62.43
C02 J2U AA . 7.94 2.07 62.38
C03 J2U AA . 7.05 1.61 61.17
C04 J2U AA . 7.84 1.92 59.86
C05 J2U AA . 7.94 3.23 59.42
C06 J2U AA . 8.64 3.53 58.26
C07 J2U AA . 9.25 2.50 57.55
C08 J2U AA . 9.16 1.19 58.00
C09 J2U AA . 8.45 0.91 59.15
C25 J2U AA . 11.81 -1.67 66.77
C26 J2U AA . 12.68 -2.49 67.44
C27 J2U AA . 12.19 -3.55 68.18
C28 J2U AA . 10.82 -3.79 68.24
C29 J2U AA . 9.93 -2.96 67.57
O01 J2U AA . 10.25 1.06 61.50
O02 J2U AA . 9.96 2.80 56.38
O03 J2U AA . 13.07 -4.40 68.87
C17 J2U BA . -20.22 36.25 56.68
C12 J2U BA . -16.86 40.41 53.38
C13 J2U BA . -16.67 38.86 55.79
C14 J2U BA . -17.94 39.33 56.51
C15 J2U BA . -19.12 38.36 56.26
C16 J2U BA . -19.15 37.11 56.91
C19 J2U BA . -21.20 37.85 55.19
C20 J2U BA . -20.14 38.73 55.41
C21 J2U BA . -15.89 37.98 56.40
C22 J2U BA . -14.81 37.54 55.85
C23 J2U BA . -14.32 37.91 54.67
C24 J2U BA . -13.92 36.53 56.59
C10 J2U BA . -15.07 38.96 53.76
C11 J2U BA . -16.38 39.51 54.36
C18 J2U BA . -21.24 36.61 55.82
C01 J2U BA . -14.95 39.76 52.26
C02 J2U BA . -16.19 40.69 52.20
C03 J2U BA . -17.07 40.33 50.94
C04 J2U BA . -16.25 40.59 49.65
C05 J2U BA . -16.05 41.90 49.22
C06 J2U BA . -15.31 42.14 48.07
C07 J2U BA . -14.79 41.08 47.35
C08 J2U BA . -14.99 39.78 47.78
C09 J2U BA . -15.73 39.54 48.94
C25 J2U BA . -12.55 36.66 56.46
C26 J2U BA . -11.69 35.80 57.13
C27 J2U BA . -12.21 34.82 57.93
C28 J2U BA . -13.59 34.69 58.08
C29 J2U BA . -14.45 35.55 57.41
O01 J2U BA . -13.94 39.55 51.33
O02 J2U BA . -14.05 41.32 46.19
O03 J2U BA . -11.36 33.94 58.61
C17 J2U CA . -13.76 -31.44 27.12
C12 J2U CA . -10.15 -32.96 32.20
C13 J2U CA . -10.98 -30.75 30.57
C14 J2U CA . -10.53 -31.25 29.18
C15 J2U CA . -11.74 -31.80 28.39
C16 J2U CA . -12.67 -30.93 27.82
C19 J2U CA . -12.98 -33.67 27.52
C20 J2U CA . -11.90 -33.17 28.24
C21 J2U CA . -11.56 -29.54 30.64
C22 J2U CA . -11.95 -29.08 31.78
C23 J2U CA . -11.83 -29.66 32.97
C24 J2U CA . -12.60 -27.68 31.82
C10 J2U CA . -11.18 -31.09 33.14
C11 J2U CA . -10.70 -31.71 31.82
C18 J2U CA . -13.91 -32.80 26.96
C01 J2U CA . -10.78 -32.26 34.31
C02 J2U CA . -10.13 -33.42 33.52
C03 J2U CA . -11.00 -34.73 33.64
C04 J2U CA . -11.02 -35.18 35.12
C05 J2U CA . -9.91 -35.79 35.69
C06 J2U CA . -9.94 -36.19 37.01
C07 J2U CA . -11.08 -35.99 37.76
C08 J2U CA . -12.19 -35.39 37.20
C09 J2U CA . -12.16 -34.99 35.88
C25 J2U CA . -12.20 -26.79 32.81
C26 J2U CA . -12.75 -25.52 32.87
C27 J2U CA . -13.71 -25.16 31.94
C28 J2U CA . -14.11 -26.04 30.94
C29 J2U CA . -13.55 -27.31 30.89
O01 J2U CA . -11.04 -32.17 35.68
O02 J2U CA . -11.12 -36.40 39.11
O03 J2U CA . -14.28 -23.87 32.00
C17 J2U DA . -38.06 6.88 16.95
C12 J2U DA . -34.67 5.72 22.17
C13 J2U DA . -35.45 7.88 20.49
C14 J2U DA . -34.95 7.34 19.13
C15 J2U DA . -36.10 6.69 18.34
C16 J2U DA . -37.02 7.48 17.67
C19 J2U DA . -37.23 4.72 17.60
C20 J2U DA . -36.21 5.31 18.31
C21 J2U DA . -36.03 9.07 20.52
C22 J2U DA . -36.48 9.56 21.64
C23 J2U DA . -36.41 9.01 22.84
C24 J2U DA . -37.14 10.96 21.60
C10 J2U DA . -35.74 7.58 23.05
C11 J2U DA . -35.20 6.95 21.76
C18 J2U DA . -38.16 5.50 16.93
C01 J2U DA . -35.38 6.42 24.25
C02 J2U DA . -34.70 5.26 23.48
C03 J2U DA . -35.61 3.97 23.58
C04 J2U DA . -35.60 3.49 25.05
C05 J2U DA . -34.45 2.91 25.58
C06 J2U DA . -34.44 2.49 26.90
C07 J2U DA . -35.56 2.64 27.69
C08 J2U DA . -36.70 3.22 27.16
C09 J2U DA . -36.72 3.65 25.84
C25 J2U DA . -36.77 11.87 22.59
C26 J2U DA . -37.31 13.14 22.60
C27 J2U DA . -38.22 13.49 21.62
C28 J2U DA . -38.59 12.59 20.63
C29 J2U DA . -38.04 11.31 20.61
O01 J2U DA . -35.65 6.54 25.62
O02 J2U DA . -35.55 2.21 29.02
O03 J2U DA . -38.78 14.79 21.62
C17 J2U EA . 51.31 -19.19 -28.18
C12 J2U EA . 47.47 -14.48 -26.30
C13 J2U EA . 47.51 -16.75 -28.03
C14 J2U EA . 48.76 -16.43 -28.87
C15 J2U EA . 50.00 -17.19 -28.34
C16 J2U EA . 50.19 -18.52 -28.65
C19 J2U EA . 52.03 -17.18 -27.06
C20 J2U EA . 50.91 -16.52 -27.55
C21 J2U EA . 46.84 -17.88 -28.30
C22 J2U EA . 45.78 -18.20 -27.61
C23 J2U EA . 45.23 -17.50 -26.62
C24 J2U EA . 45.03 -19.50 -27.96
C10 J2U EA . 45.85 -16.13 -26.13
C11 J2U EA . 47.11 -15.70 -26.90
C18 J2U EA . 52.22 -18.53 -27.38
C01 J2U EA . 45.61 -14.88 -25.00
C02 J2U EA . 46.76 -13.88 -25.27
C03 J2U EA . 47.67 -13.73 -23.99
C04 J2U EA . 46.82 -13.08 -22.88
C05 J2U EA . 46.50 -11.73 -22.95
C06 J2U EA . 45.74 -11.14 -21.96
C07 J2U EA . 45.27 -11.92 -20.89
C08 J2U EA . 45.58 -13.26 -20.83
C09 J2U EA . 46.36 -13.86 -21.82
C25 J2U EA . 43.64 -19.47 -27.95
C26 J2U EA . 42.92 -20.60 -28.28
C27 J2U EA . 43.60 -21.76 -28.63
C28 J2U EA . 44.99 -21.77 -28.65
C29 J2U EA . 45.72 -20.64 -28.32
O01 J2U EA . 44.58 -14.84 -24.07
O02 J2U EA . 44.50 -11.33 -19.90
O03 J2U EA . 42.88 -22.91 -28.96
C17 J2U FA . 26.94 20.37 -38.42
C12 J2U FA . 23.46 25.31 -36.71
C13 J2U FA . 23.32 23.04 -38.46
C14 J2U FA . 24.60 23.26 -39.30
C15 J2U FA . 25.77 22.45 -38.71
C16 J2U FA . 25.88 21.09 -38.96
C19 J2U FA . 27.79 22.38 -37.40
C20 J2U FA . 26.73 23.10 -37.94
C21 J2U FA . 22.57 21.99 -38.74
C22 J2U FA . 21.48 21.74 -38.07
C23 J2U FA . 20.99 22.47 -37.07
C24 J2U FA . 20.65 20.51 -38.44
C10 J2U FA . 21.72 23.78 -36.57
C11 J2U FA . 23.01 24.12 -37.33
C18 J2U FA . 27.89 21.02 -37.64
C01 J2U FA . 21.57 25.04 -35.43
C02 J2U FA . 22.78 25.97 -35.69
C03 J2U FA . 23.66 26.07 -34.38
C04 J2U FA . 22.80 26.65 -33.23
C05 J2U FA . 22.48 28.01 -33.23
C06 J2U FA . 21.71 28.53 -32.20
C07 J2U FA . 21.25 27.71 -31.18
C08 J2U FA . 21.56 26.36 -31.19
C09 J2U FA . 22.35 25.83 -32.22
C25 J2U FA . 19.26 20.61 -38.34
C26 J2U FA . 18.47 19.52 -38.70
C27 J2U FA . 19.07 18.36 -39.16
C28 J2U FA . 20.46 18.29 -39.26
C29 J2U FA . 21.25 19.37 -38.91
O01 J2U FA . 20.55 25.11 -34.50
O02 J2U FA . 20.48 28.24 -30.16
O03 J2U FA . 18.30 17.25 -39.52
#